data_6VBW
#
_entry.id   6VBW
#
loop_
_entity.id
_entity.type
_entity.pdbx_description
1 polymer "DNA (5'-D(*GP*CP*AP*GP*TP*CP*AP*TP*CP*AP*CP*CP*AP*AP*TP*TP*TP*AP*TP*TP*TP*A)-3')"
2 polymer 'DNA (100-MER)'
3 polymer 'RNA (61-MER)'
4 polymer Cas8
5 polymer Cas7
6 polymer Cas6
7 polymer TniQ
8 non-polymer 'ZINC ION'
#
loop_
_entity_poly.entity_id
_entity_poly.type
_entity_poly.pdbx_seq_one_letter_code
_entity_poly.pdbx_strand_id
1 'polydeoxyribonucleotide'
;(DG)(DC)(DA)(DG)(DT)(DC)(DA)(DT)(DC)(DA)(DC)(DC)(DA)(DA)(DT)(DT)(DT)(DA)(DT)(DT)
(DT)(DA)
;
M
2 'polydeoxyribonucleotide'
;(DA)(DC)(DA)(DT)(DA)(DT)(DG)(DG)(DC)(DA)(DG)(DA)(DT)(DC)(DT)(DC)(DA)(DA)(DT)(DT)
(DG)(DG)(DA)(DT)(DA)(DT)(DC)(DG)(DG)(DC)(DC)(DG)(DG)(DC)(DC)(DA)(DC)(DG)(DC)(DG)
(DA)(DT)(DC)(DG)(DC)(DT)(DG)(DA)(DC)(DG)(DT)(DT)(DT)(DC)(DA)(DC)(DC)(DT)(DG)(DA)
(DA)(DA)(DA)(DG)(DC)(DA)(DA)(DT)(DG)(DA)(DA)(DG)(DC)(DC)(DA)(DA)(DA)(DG)(DC)(DG)
(DT)(DC)(DC)(DT)(DG)(DT)(DA)(DA)(DG)(DG)(DT)(DG)(DA)(DT)(DG)(DA)(DC)(DT)(DG)(DC)
;
L
3 'polyribonucleotide' CUGAUAACUUACAGGACGCUUUGGCUUCAUUGCUUUUCAGGUGAACUGCCGAGUAGGUAGA K
4 'polypeptide(L)'
;MQTLKELIASNPDDLTTELKRAFRPLTPHIAIDGNELDALTILVNLTDKTDDQKDLLDRAKCKQKLRDEKWWASCINCVN
YRQSHNPKFPDIRSEGVIRTQALGELPSFLLSSSKIPPYHWSYSHDSKYVNKSAFLTNEFCWDGEISCLGELLKDADHPL
WNTLKKLGCSQKTCKAMAKQLADITLTTINVTLAPNYLTQISLPDSDTSYISLSPVASLSMQSHFHQRLQDENRHSAITR
FSRTTNMGVTAMTCGGAFRMLKSGAKFSSPPHHRLNSKRSWLTSEHVQSLKQYQRLNKSLIPENSRIALRRKYKIELQNM
VRSWFAMQDHTLDSNILIQHLNHDLSYLGATKRFAYDPAMTKLFTELLKRELSNSINNGEQHTNGSFLVLPNIRVCGATA
LSSPVTVGIPSLTAFFGFVHAFERNINRTTSSFRVESFAICVHQLHVEKRGLTAEFVEKGDGTISAPATRDDWQCDVVFS
LILNTNFAQHIDQDTLVTSLPKRLARGSAKIAIDDFKHINSFSTLETAIESLPIEAGRWLSLYAQSNNNLSDLLAAMTED
HQLMASCVGYHLLEEPKDKPNSLRGYKHAIAECIIGLINSITFSSETDPNTIFWSLKNYQNYLVVQPRSINDETTDKSSL
;
A
5 'polypeptide(L)'
;MKLPTNLAYERSIDPSDVCFFVVWPDDRKTPLTYNSRTLLGQMEAASLAYDVSGQPIKSATAEALAQGNPHQVDFCHVPY
GASHIECSFSVSFSSELRQPYKCNSSKVKQTLVQLVELYETKIGWTELATRYLMNICNGKWLWKNTRKAYCWNIVLTPWP
WNGEKVGFEDIRTNYTSRQDFKNNKNWSAIVEMIKTAFSSTDGLAIFEVRATLHLPTNAMVRPSQVFTEKESGSKSKSKT
QNSRVFQSTTIDGERSPILGAFKTGAAIATIDDWYPEATEPLRVGRFGVHREDVTCYRHPSTGKDFFSILQQAEHYIEVL
SANKTPAQETINDMHFLMANLIKGGMFQHKGD
;
B,C,D,F,E,G
6 'polypeptide(L)'
;MKWYYKTITFLPELCNNESLAAKCLRVLHGFNYQYETRNIGVSFPLWCDATVGKKISFVSKNKIELDLLLKQHYFVQMEQ
LQYFHISNTVLVPEDCTYVSFRRCQSIDKLTAAGLARKIRRLEKRALSRGEQFDPSSFAQKEHTAIAHYHSLGESSKQTN
RNFRLNIRMLSEQPREGNSIFSSYGLSNSENSFQPVPLI
;
H
7 'polypeptide(L)'
;MFLQRPKPYSDESLESFFIRVANKNGYGDVHRFLEATKRFLQDIDHNGYQTFPTDITRINPYSAKNSSSARTASFLKLAQ
LTFNEPPELLGLAINRTNMKYSPSTSAVVRGAEVFPRSLLRTHSIPCCPLCLRENGYASYLWHFQGYEYCHSHNVPLITT
CSCGKEFDYRVSGLKGICCKCKEPITLTSRENGHEAACTVSNWLAGHESKPLPNLPKSYRWGLVHWWMGIKDSEFDHFSF
VQFFSNWPRSFHSIIEDEVEFNLEHAVVSTSELRLKDLLGRLFFGSIRLPERNLQHNIILGELLCYLENRLWQDKGLIAN
LKMNALEATVMLNCSLDQIASMVEQRILKPNRKSKPNSPLDVTDYLFHFGDIFCLWLAEFQSDEFNRSFYVSRW
;
I,J
#
# COMPACT_ATOMS: atom_id res chain seq x y z
N THR D 16 72.20 -20.86 10.18
CA THR D 16 72.57 -21.17 8.81
C THR D 16 71.35 -21.40 7.93
N THR D 17 70.16 -21.16 8.46
CA THR D 17 68.95 -21.28 7.67
C THR D 17 68.65 -20.04 6.88
N GLU D 18 69.08 -18.87 7.37
CA GLU D 18 68.81 -17.64 6.64
C GLU D 18 69.82 -17.42 5.52
N LEU D 19 71.01 -18.01 5.65
CA LEU D 19 71.94 -18.02 4.53
C LEU D 19 71.50 -18.98 3.45
N LYS D 20 70.82 -20.07 3.85
CA LYS D 20 70.32 -21.05 2.89
C LYS D 20 69.18 -20.48 2.05
N ARG D 21 68.23 -19.78 2.68
CA ARG D 21 67.11 -19.21 1.95
C ARG D 21 67.53 -18.04 1.06
N ALA D 22 68.61 -17.34 1.40
CA ALA D 22 68.96 -16.12 0.69
C ALA D 22 69.51 -16.41 -0.70
N PHE D 23 70.15 -17.57 -0.88
CA PHE D 23 70.64 -17.98 -2.20
C PHE D 23 69.61 -18.77 -2.99
N ARG D 24 68.59 -19.31 -2.34
CA ARG D 24 67.57 -20.15 -2.94
C ARG D 24 66.46 -19.31 -3.57
N PRO D 25 65.91 -19.73 -4.71
CA PRO D 25 65.27 -18.79 -5.63
C PRO D 25 63.90 -18.27 -5.23
N LEU D 26 63.49 -18.37 -3.97
CA LEU D 26 62.22 -17.78 -3.55
C LEU D 26 62.42 -16.71 -2.50
N THR D 27 63.62 -16.13 -2.41
CA THR D 27 63.94 -14.92 -1.69
C THR D 27 64.72 -14.00 -2.62
N PRO D 28 64.55 -12.68 -2.50
CA PRO D 28 65.31 -11.77 -3.34
C PRO D 28 66.79 -11.77 -2.96
N HIS D 29 67.58 -11.13 -3.82
CA HIS D 29 69.00 -11.41 -3.89
C HIS D 29 69.81 -10.50 -2.97
N ILE D 30 71.13 -10.61 -3.10
CA ILE D 30 72.08 -9.99 -2.20
C ILE D 30 73.08 -9.14 -2.96
N ASN D 35 84.18 -8.62 0.45
CA ASN D 35 82.87 -9.23 0.63
C ASN D 35 82.61 -10.27 -0.45
N GLU D 36 83.69 -10.88 -0.93
CA GLU D 36 83.64 -11.86 -2.01
C GLU D 36 84.34 -13.17 -1.66
N LEU D 37 84.71 -13.35 -0.40
CA LEU D 37 85.30 -14.60 0.06
C LEU D 37 84.40 -15.39 0.99
N ASP D 38 83.57 -14.68 1.78
CA ASP D 38 82.59 -15.35 2.61
C ASP D 38 81.53 -16.06 1.78
N ALA D 39 81.19 -15.49 0.62
CA ALA D 39 80.12 -16.02 -0.19
C ALA D 39 80.51 -17.36 -0.82
N LEU D 40 81.60 -17.39 -1.58
CA LEU D 40 81.91 -18.61 -2.32
C LEU D 40 82.46 -19.73 -1.45
N THR D 41 82.85 -19.45 -0.20
CA THR D 41 83.14 -20.52 0.74
C THR D 41 81.92 -20.93 1.55
N ILE D 42 80.82 -20.19 1.42
CA ILE D 42 79.50 -20.69 1.81
C ILE D 42 78.90 -21.50 0.67
N LEU D 43 79.11 -21.05 -0.58
CA LEU D 43 78.58 -21.74 -1.75
C LEU D 43 79.17 -23.14 -1.95
N VAL D 44 80.40 -23.38 -1.49
CA VAL D 44 80.90 -24.74 -1.41
C VAL D 44 80.08 -25.53 -0.40
N ASN D 45 79.77 -24.92 0.72
CA ASN D 45 79.18 -25.63 1.84
C ASN D 45 77.66 -25.71 1.76
N LEU D 46 77.07 -25.46 0.59
CA LEU D 46 75.66 -25.74 0.41
C LEU D 46 75.40 -27.04 -0.34
N THR D 47 76.44 -27.84 -0.59
CA THR D 47 76.20 -29.21 -1.01
C THR D 47 76.01 -30.15 0.17
N ASP D 48 76.25 -29.67 1.39
CA ASP D 48 76.00 -30.45 2.59
C ASP D 48 74.51 -30.62 2.82
N LYS D 49 74.15 -31.72 3.46
CA LYS D 49 72.78 -32.17 3.48
C LYS D 49 72.16 -32.12 4.88
N ALA D 60 83.14 -22.30 6.54
CA ALA D 60 83.62 -23.47 7.28
C ALA D 60 85.10 -23.68 7.02
N LYS D 61 85.49 -23.52 5.76
CA LYS D 61 86.87 -23.40 5.27
C LYS D 61 87.64 -24.73 5.32
N CYS D 62 87.10 -25.74 5.99
CA CYS D 62 87.78 -27.01 6.19
C CYS D 62 87.46 -28.03 5.11
N LYS D 63 86.17 -28.36 4.93
CA LYS D 63 85.75 -29.20 3.81
C LYS D 63 85.65 -28.41 2.52
N GLN D 64 85.79 -27.08 2.59
CA GLN D 64 85.98 -26.25 1.40
C GLN D 64 87.30 -26.58 0.70
N LYS D 65 88.27 -27.13 1.43
CA LYS D 65 89.53 -27.52 0.83
C LYS D 65 89.48 -28.86 0.11
N LEU D 66 88.53 -29.73 0.44
CA LEU D 66 88.53 -31.08 -0.11
C LEU D 66 88.01 -31.07 -1.54
N ARG D 67 88.83 -31.56 -2.47
CA ARG D 67 88.58 -31.47 -3.91
C ARG D 67 88.48 -32.89 -4.47
N ASP D 68 87.28 -33.44 -4.47
CA ASP D 68 87.05 -34.71 -5.17
C ASP D 68 86.89 -34.42 -6.65
N GLU D 69 87.60 -35.21 -7.47
CA GLU D 69 87.43 -35.13 -8.91
C GLU D 69 86.05 -35.59 -9.35
N LYS D 70 85.40 -36.44 -8.54
CA LYS D 70 84.02 -36.83 -8.80
C LYS D 70 83.02 -35.81 -8.27
N TRP D 71 83.44 -34.88 -7.43
CA TRP D 71 82.57 -33.79 -7.01
C TRP D 71 82.58 -32.64 -8.01
N TRP D 72 83.73 -32.36 -8.62
CA TRP D 72 83.81 -31.36 -9.67
C TRP D 72 83.15 -31.77 -10.97
N ALA D 73 83.21 -33.04 -11.36
CA ALA D 73 82.60 -33.46 -12.60
C ALA D 73 81.10 -33.70 -12.47
N SER D 74 80.61 -33.97 -11.26
CA SER D 74 79.17 -34.16 -11.08
C SER D 74 78.46 -32.85 -10.83
N CYS D 75 79.18 -31.82 -10.38
CA CYS D 75 78.56 -30.51 -10.19
C CYS D 75 78.30 -29.81 -11.52
N ILE D 76 78.99 -30.22 -12.58
CA ILE D 76 78.71 -29.72 -13.90
C ILE D 76 77.39 -30.29 -14.44
N ASN D 77 76.96 -31.45 -13.95
CA ASN D 77 75.69 -32.02 -14.40
C ASN D 77 74.49 -31.21 -13.92
N CYS D 78 74.65 -30.44 -12.86
CA CYS D 78 73.51 -29.70 -12.33
C CYS D 78 73.18 -28.46 -13.15
N VAL D 79 74.19 -27.78 -13.71
CA VAL D 79 73.89 -26.69 -14.62
C VAL D 79 73.39 -27.22 -15.95
N ASN D 80 73.69 -28.48 -16.27
CA ASN D 80 73.23 -29.10 -17.50
C ASN D 80 71.72 -29.38 -17.45
N TYR D 81 71.14 -29.43 -16.26
CA TYR D 81 69.70 -29.54 -16.05
C TYR D 81 69.12 -28.35 -15.30
N ARG D 82 69.85 -27.24 -15.23
CA ARG D 82 69.26 -25.95 -14.85
C ARG D 82 68.15 -25.60 -15.82
N GLN D 83 66.98 -25.22 -15.30
CA GLN D 83 65.86 -25.05 -16.26
C GLN D 83 65.11 -23.73 -16.09
N SER D 84 64.79 -23.11 -17.23
CA SER D 84 64.01 -21.88 -17.32
C SER D 84 62.58 -22.11 -16.89
N HIS D 85 61.87 -22.96 -17.63
CA HIS D 85 60.45 -23.21 -17.43
C HIS D 85 60.33 -24.69 -17.07
N ASN D 86 59.67 -24.98 -15.97
CA ASN D 86 59.69 -26.34 -15.43
C ASN D 86 58.61 -27.16 -16.10
N PRO D 87 58.94 -28.21 -16.86
CA PRO D 87 57.90 -29.05 -17.44
C PRO D 87 57.29 -30.02 -16.45
N LYS D 88 57.87 -30.16 -15.27
CA LYS D 88 57.46 -31.15 -14.30
C LYS D 88 56.53 -30.59 -13.25
N PHE D 89 55.80 -29.53 -13.58
CA PHE D 89 55.18 -28.77 -12.50
C PHE D 89 53.89 -29.39 -11.95
N PRO D 90 52.85 -29.74 -12.74
CA PRO D 90 51.81 -30.56 -12.12
C PRO D 90 52.30 -31.98 -11.91
N ASP D 91 52.76 -32.57 -13.00
CA ASP D 91 53.07 -33.99 -13.06
C ASP D 91 54.59 -34.15 -13.01
N ILE D 92 55.09 -34.74 -11.93
CA ILE D 92 56.52 -34.93 -11.73
C ILE D 92 57.06 -36.11 -12.54
N ARG D 93 56.17 -36.79 -13.26
CA ARG D 93 56.60 -37.89 -14.12
C ARG D 93 57.13 -37.43 -15.46
N SER D 94 56.96 -36.16 -15.82
CA SER D 94 57.30 -35.72 -17.16
C SER D 94 58.81 -35.61 -17.33
N GLU D 95 59.22 -35.26 -18.55
CA GLU D 95 60.58 -35.53 -18.99
C GLU D 95 60.98 -34.56 -20.08
N GLY D 96 61.87 -33.62 -19.74
CA GLY D 96 62.26 -32.58 -20.68
C GLY D 96 63.02 -31.43 -20.04
N VAL D 97 63.82 -30.71 -20.83
CA VAL D 97 64.71 -29.67 -20.34
C VAL D 97 64.47 -28.40 -21.15
N ILE D 98 64.28 -27.27 -20.47
CA ILE D 98 63.94 -25.99 -21.09
C ILE D 98 64.82 -24.88 -20.49
N ARG D 99 65.65 -24.24 -21.32
CA ARG D 99 66.50 -23.12 -20.90
C ARG D 99 66.24 -21.89 -21.77
N THR D 100 64.99 -21.63 -22.13
CA THR D 100 64.73 -20.58 -23.10
C THR D 100 64.00 -19.40 -22.47
N GLN D 101 63.82 -18.37 -23.28
CA GLN D 101 63.33 -17.06 -22.88
C GLN D 101 61.96 -16.88 -23.51
N ALA D 102 61.12 -16.06 -22.87
CA ALA D 102 59.79 -15.79 -23.39
C ALA D 102 59.87 -15.05 -24.71
N LEU D 103 59.34 -15.66 -25.76
CA LEU D 103 59.60 -15.24 -27.13
C LEU D 103 58.67 -14.10 -27.53
N GLY D 104 59.25 -12.97 -27.92
CA GLY D 104 58.49 -11.91 -28.53
C GLY D 104 58.21 -10.73 -27.61
N GLU D 105 57.08 -10.09 -27.87
CA GLU D 105 56.57 -8.99 -27.08
C GLU D 105 55.08 -8.85 -27.32
N LEU D 106 54.38 -8.26 -26.35
CA LEU D 106 52.93 -8.32 -26.27
C LEU D 106 52.40 -7.09 -25.54
N PRO D 107 51.16 -6.63 -25.84
CA PRO D 107 50.74 -5.29 -25.38
C PRO D 107 50.55 -5.13 -23.89
N SER D 108 50.07 -3.95 -23.51
CA SER D 108 50.15 -3.49 -22.12
C SER D 108 49.20 -4.22 -21.20
N PHE D 109 48.01 -4.56 -21.69
CA PHE D 109 46.99 -5.17 -20.86
C PHE D 109 47.20 -6.68 -20.64
N LEU D 110 48.19 -7.27 -21.29
CA LEU D 110 48.52 -8.68 -21.16
C LEU D 110 49.77 -8.83 -20.31
N LEU D 111 50.03 -10.04 -19.84
CA LEU D 111 51.10 -10.22 -18.86
C LEU D 111 51.64 -11.63 -18.90
N SER D 112 52.95 -11.75 -19.13
CA SER D 112 53.59 -13.05 -19.29
C SER D 112 54.93 -13.00 -18.57
N SER D 113 55.76 -14.01 -18.80
CA SER D 113 57.10 -14.07 -18.24
C SER D 113 58.13 -13.29 -19.04
N SER D 114 57.68 -12.39 -19.92
CA SER D 114 58.59 -11.46 -20.57
C SER D 114 58.69 -10.15 -19.79
N LYS D 115 57.55 -9.65 -19.31
CA LYS D 115 57.48 -8.32 -18.73
C LYS D 115 58.12 -8.24 -17.35
N ILE D 116 58.38 -9.37 -16.73
CA ILE D 116 59.06 -9.44 -15.45
C ILE D 116 60.50 -9.82 -15.76
N PRO D 117 61.50 -9.22 -15.10
CA PRO D 117 62.91 -9.46 -15.48
C PRO D 117 63.33 -10.90 -15.23
N PRO D 118 63.81 -11.59 -16.26
CA PRO D 118 63.98 -13.06 -16.26
C PRO D 118 65.27 -13.64 -15.68
N TYR D 119 65.34 -13.79 -14.37
CA TYR D 119 66.54 -14.33 -13.74
C TYR D 119 66.32 -15.40 -12.68
N HIS D 120 65.14 -15.51 -12.07
CA HIS D 120 64.88 -16.61 -11.14
C HIS D 120 64.69 -17.90 -11.94
N TRP D 121 65.78 -18.65 -12.11
CA TRP D 121 65.71 -19.99 -12.67
C TRP D 121 66.13 -21.01 -11.63
N SER D 122 65.98 -22.30 -11.95
CA SER D 122 66.16 -23.32 -10.93
C SER D 122 66.65 -24.62 -11.56
N TYR D 123 66.57 -25.70 -10.77
CA TYR D 123 67.00 -27.07 -11.16
C TYR D 123 65.75 -27.95 -11.26
N SER D 124 65.55 -28.60 -12.41
CA SER D 124 64.34 -29.42 -12.66
C SER D 124 64.66 -30.93 -12.76
N HIS D 125 65.84 -31.38 -12.32
CA HIS D 125 66.16 -32.83 -12.49
C HIS D 125 65.89 -33.64 -11.21
N ASP D 126 66.75 -34.63 -10.94
CA ASP D 126 66.62 -35.59 -9.81
C ASP D 126 66.83 -34.94 -8.44
N SER D 127 66.25 -35.58 -7.42
CA SER D 127 66.32 -35.23 -6.02
C SER D 127 67.64 -35.61 -5.39
N LYS D 128 68.46 -36.42 -6.08
CA LYS D 128 69.80 -36.72 -5.60
C LYS D 128 70.66 -35.47 -5.57
N TYR D 129 70.48 -34.57 -6.54
CA TYR D 129 71.40 -33.47 -6.76
C TYR D 129 70.78 -32.11 -6.45
N VAL D 130 69.77 -32.07 -5.58
CA VAL D 130 69.15 -30.79 -5.30
C VAL D 130 69.99 -29.93 -4.36
N ASN D 131 70.88 -30.54 -3.60
CA ASN D 131 71.83 -29.78 -2.79
C ASN D 131 73.15 -29.57 -3.52
N LYS D 132 73.55 -30.53 -4.35
CA LYS D 132 74.75 -30.35 -5.18
C LYS D 132 74.52 -29.42 -6.36
N SER D 133 73.31 -28.91 -6.55
CA SER D 133 73.06 -27.87 -7.54
C SER D 133 73.17 -26.49 -6.94
N ALA D 134 73.44 -26.38 -5.65
CA ALA D 134 73.56 -25.08 -5.00
C ALA D 134 74.94 -24.47 -5.15
N PHE D 135 75.85 -25.12 -5.87
CA PHE D 135 77.18 -24.55 -6.05
C PHE D 135 77.28 -23.75 -7.35
N LEU D 136 76.51 -24.11 -8.38
CA LEU D 136 76.61 -23.42 -9.66
C LEU D 136 75.29 -22.98 -10.24
N THR D 137 74.17 -23.07 -9.51
CA THR D 137 72.89 -22.61 -10.03
C THR D 137 72.13 -21.75 -9.03
N ASN D 138 72.82 -21.12 -8.08
CA ASN D 138 72.10 -20.31 -7.10
C ASN D 138 71.90 -18.86 -7.49
N GLU D 139 72.55 -18.40 -8.57
CA GLU D 139 72.46 -17.03 -9.14
C GLU D 139 72.38 -15.83 -8.17
N ILE D 146 73.04 -8.90 -11.21
CA ILE D 146 72.53 -10.16 -10.67
C ILE D 146 72.55 -11.21 -11.76
N SER D 147 73.40 -12.22 -11.61
CA SER D 147 73.49 -13.29 -12.58
C SER D 147 73.98 -14.54 -11.88
N CYS D 148 74.23 -15.59 -12.66
CA CYS D 148 74.56 -16.90 -12.12
C CYS D 148 76.03 -17.21 -12.30
N LEU D 149 76.43 -18.35 -11.71
CA LEU D 149 77.77 -18.85 -11.92
C LEU D 149 77.88 -19.75 -13.14
N GLY D 150 76.87 -19.76 -14.00
CA GLY D 150 76.96 -20.45 -15.27
C GLY D 150 77.40 -19.49 -16.36
N LYS D 172 92.70 -26.99 -10.94
CA LYS D 172 92.53 -27.08 -12.41
C LYS D 172 91.14 -26.54 -12.79
N THR D 173 90.86 -25.29 -12.41
CA THR D 173 89.56 -24.62 -12.69
C THR D 173 89.39 -24.46 -14.20
N CYS D 174 90.47 -24.16 -14.90
CA CYS D 174 90.46 -23.95 -16.38
C CYS D 174 89.96 -25.22 -17.09
N LYS D 175 90.39 -26.40 -16.63
CA LYS D 175 89.97 -27.67 -17.26
C LYS D 175 88.44 -27.81 -17.17
N ALA D 176 87.86 -27.48 -16.02
CA ALA D 176 86.39 -27.56 -15.82
C ALA D 176 85.68 -26.58 -16.77
N MET D 177 86.21 -25.37 -16.86
CA MET D 177 85.62 -24.25 -17.66
C MET D 177 85.56 -24.62 -19.15
N ALA D 178 86.61 -25.25 -19.69
CA ALA D 178 86.62 -25.57 -21.14
C ALA D 178 85.43 -26.48 -21.49
N LYS D 179 85.19 -27.51 -20.69
CA LYS D 179 84.06 -28.44 -20.95
C LYS D 179 82.72 -27.71 -20.79
N GLN D 180 82.60 -26.90 -19.73
CA GLN D 180 81.34 -26.16 -19.41
C GLN D 180 80.97 -25.15 -20.49
N LEU D 181 81.94 -24.38 -20.99
CA LEU D 181 81.65 -23.33 -22.01
C LEU D 181 81.10 -23.95 -23.30
N ALA D 182 81.72 -25.04 -23.77
CA ALA D 182 81.29 -25.69 -25.02
C ALA D 182 79.87 -26.24 -24.89
N ASP D 183 79.56 -26.87 -23.75
CA ASP D 183 78.23 -27.51 -23.53
C ASP D 183 77.27 -26.59 -22.75
N ILE D 184 77.68 -25.35 -22.43
CA ILE D 184 76.78 -24.52 -21.65
C ILE D 184 75.39 -24.52 -22.26
N THR D 185 75.31 -24.47 -23.61
CA THR D 185 74.14 -24.64 -24.47
C THR D 185 72.89 -23.93 -23.99
N LEU D 186 72.96 -22.60 -23.83
CA LEU D 186 71.79 -21.84 -23.42
C LEU D 186 70.79 -21.80 -24.58
N THR D 187 69.54 -21.47 -24.24
CA THR D 187 68.39 -21.45 -25.16
C THR D 187 68.20 -22.85 -25.78
N THR D 188 67.78 -23.76 -24.90
CA THR D 188 67.67 -25.17 -25.25
C THR D 188 66.26 -25.69 -24.99
N ILE D 189 65.71 -26.37 -25.99
CA ILE D 189 64.46 -27.12 -25.87
C ILE D 189 64.82 -28.58 -26.17
N ASN D 190 64.70 -29.44 -25.17
CA ASN D 190 64.87 -30.89 -25.35
C ASN D 190 63.64 -31.57 -24.77
N VAL D 191 62.60 -31.68 -25.58
CA VAL D 191 61.42 -32.46 -25.23
C VAL D 191 61.10 -33.41 -26.37
N THR D 192 60.83 -34.66 -26.03
CA THR D 192 60.24 -35.62 -26.94
C THR D 192 58.84 -35.90 -26.42
N LEU D 193 57.87 -35.90 -27.34
CA LEU D 193 56.48 -35.83 -26.92
C LEU D 193 55.87 -37.19 -26.63
N ALA D 194 56.47 -38.28 -27.10
CA ALA D 194 55.74 -39.53 -27.06
C ALA D 194 55.70 -40.20 -25.68
N PRO D 195 56.86 -40.59 -24.99
CA PRO D 195 56.75 -41.34 -23.74
C PRO D 195 56.81 -40.47 -22.47
N ASN D 196 55.96 -39.43 -22.42
CA ASN D 196 55.91 -38.61 -21.22
C ASN D 196 54.50 -38.08 -21.04
N TYR D 197 54.35 -37.04 -20.23
CA TYR D 197 53.08 -36.67 -19.64
C TYR D 197 52.92 -35.16 -19.80
N LEU D 198 52.49 -34.72 -20.97
CA LEU D 198 52.41 -33.31 -21.27
C LEU D 198 51.01 -32.97 -21.77
N THR D 199 50.58 -31.74 -21.53
CA THR D 199 49.32 -31.28 -22.08
C THR D 199 49.55 -30.85 -23.52
N GLN D 200 48.46 -30.82 -24.28
CA GLN D 200 48.46 -30.71 -25.73
C GLN D 200 47.12 -30.09 -26.14
N ILE D 201 47.15 -29.05 -26.95
CA ILE D 201 45.96 -28.26 -27.26
C ILE D 201 45.98 -27.88 -28.74
N SER D 202 44.91 -28.15 -29.46
CA SER D 202 44.78 -27.70 -30.84
C SER D 202 44.05 -26.37 -30.90
N LEU D 203 44.69 -25.37 -31.53
CA LEU D 203 44.10 -24.02 -31.71
C LEU D 203 44.35 -23.58 -33.16
N PRO D 204 43.32 -23.06 -33.86
CA PRO D 204 43.46 -22.69 -35.27
C PRO D 204 44.40 -21.50 -35.54
N ASP D 205 45.21 -21.64 -36.59
CA ASP D 205 46.13 -20.59 -37.07
C ASP D 205 45.61 -20.13 -38.44
N SER D 206 45.31 -18.82 -38.56
CA SER D 206 44.76 -18.24 -39.81
C SER D 206 43.41 -18.87 -40.15
N ASP D 207 43.09 -18.99 -41.44
CA ASP D 207 41.77 -19.55 -41.89
C ASP D 207 41.60 -21.03 -41.53
N THR D 208 42.62 -21.86 -41.77
CA THR D 208 42.50 -23.33 -41.52
C THR D 208 43.83 -23.92 -41.06
N SER D 209 43.80 -25.13 -40.48
CA SER D 209 45.03 -25.80 -39.98
C SER D 209 45.35 -25.34 -38.54
N TYR D 210 45.15 -26.23 -37.57
CA TYR D 210 45.40 -25.97 -36.13
C TYR D 210 46.88 -26.14 -35.77
N ILE D 211 47.28 -25.59 -34.62
CA ILE D 211 48.67 -25.69 -34.10
C ILE D 211 48.60 -26.34 -32.70
N SER D 212 49.49 -27.30 -32.42
CA SER D 212 49.45 -27.98 -31.13
C SER D 212 50.33 -27.24 -30.15
N LEU D 213 49.82 -27.04 -28.94
CA LEU D 213 50.51 -26.22 -27.95
C LEU D 213 50.64 -26.97 -26.65
N SER D 214 51.84 -26.99 -26.08
CA SER D 214 52.07 -27.64 -24.79
C SER D 214 52.51 -26.59 -23.81
N PRO D 215 51.60 -26.04 -22.99
CA PRO D 215 51.99 -25.01 -22.03
C PRO D 215 52.89 -25.57 -20.93
N VAL D 216 53.92 -24.81 -20.58
CA VAL D 216 54.90 -25.20 -19.58
C VAL D 216 55.04 -24.06 -18.57
N ALA D 217 55.00 -24.38 -17.29
CA ALA D 217 55.05 -23.36 -16.25
C ALA D 217 56.44 -22.72 -16.17
N SER D 218 56.47 -21.41 -16.30
CA SER D 218 57.67 -20.62 -16.14
C SER D 218 58.02 -20.51 -14.66
N LEU D 219 59.31 -20.50 -14.36
CA LEU D 219 59.72 -20.42 -12.97
C LEU D 219 59.81 -18.98 -12.47
N SER D 220 60.12 -18.04 -13.36
CA SER D 220 60.24 -16.65 -12.95
C SER D 220 58.90 -16.01 -12.66
N MET D 221 57.80 -16.60 -13.11
CA MET D 221 56.48 -16.12 -12.72
C MET D 221 56.03 -16.72 -11.40
N GLN D 222 56.49 -17.93 -11.07
CA GLN D 222 56.08 -18.56 -9.83
C GLN D 222 56.69 -17.86 -8.63
N SER D 223 58.02 -17.71 -8.63
CA SER D 223 58.69 -17.09 -7.50
C SER D 223 58.41 -15.59 -7.43
N HIS D 224 57.97 -14.99 -8.52
CA HIS D 224 57.48 -13.62 -8.47
C HIS D 224 56.20 -13.54 -7.68
N PHE D 225 55.21 -14.35 -8.02
CA PHE D 225 53.93 -14.40 -7.33
C PHE D 225 54.04 -14.90 -5.89
N HIS D 226 55.00 -15.77 -5.59
CA HIS D 226 55.09 -16.31 -4.24
C HIS D 226 55.61 -15.27 -3.25
N GLN D 227 56.37 -14.27 -3.74
CA GLN D 227 56.98 -13.30 -2.85
C GLN D 227 56.06 -12.11 -2.59
N ARG D 228 55.36 -11.65 -3.61
CA ARG D 228 54.51 -10.47 -3.46
C ARG D 228 53.24 -10.77 -2.67
N LEU D 229 52.79 -12.02 -2.67
CA LEU D 229 51.53 -12.37 -2.04
C LEU D 229 51.70 -12.89 -0.61
N GLN D 230 52.78 -12.54 0.08
CA GLN D 230 52.96 -12.99 1.45
C GLN D 230 51.98 -12.31 2.39
N ASP D 231 51.75 -11.02 2.22
CA ASP D 231 51.01 -10.25 3.22
C ASP D 231 49.51 -10.33 3.01
N GLU D 232 49.07 -11.02 1.97
CA GLU D 232 47.68 -10.96 1.55
C GLU D 232 47.01 -12.29 1.92
N ASN D 233 46.18 -12.25 2.96
CA ASN D 233 45.37 -13.41 3.27
C ASN D 233 44.09 -13.47 2.45
N ARG D 234 43.89 -12.52 1.53
CA ARG D 234 42.63 -12.44 0.81
C ARG D 234 42.78 -12.77 -0.67
N HIS D 235 43.87 -12.35 -1.30
CA HIS D 235 44.08 -12.58 -2.72
C HIS D 235 45.02 -13.74 -3.00
N SER D 236 45.20 -14.64 -2.04
CA SER D 236 46.16 -15.73 -2.17
C SER D 236 45.51 -17.05 -1.79
N ALA D 237 45.79 -18.09 -2.58
CA ALA D 237 45.11 -19.37 -2.49
C ALA D 237 46.11 -20.49 -2.69
N ILE D 238 46.50 -21.14 -1.60
CA ILE D 238 47.66 -22.02 -1.56
C ILE D 238 47.32 -23.41 -2.09
N THR D 239 48.14 -23.92 -3.02
CA THR D 239 48.08 -25.31 -3.45
C THR D 239 49.33 -26.05 -3.01
N ARG D 240 49.17 -27.23 -2.43
CA ARG D 240 50.30 -27.99 -1.89
C ARG D 240 50.54 -29.25 -2.71
N PHE D 241 51.81 -29.61 -2.88
CA PHE D 241 52.20 -30.77 -3.67
C PHE D 241 53.05 -31.70 -2.84
N SER D 242 53.17 -32.95 -3.29
CA SER D 242 53.88 -33.97 -2.52
C SER D 242 54.99 -34.59 -3.36
N ARG D 243 55.97 -35.19 -2.66
CA ARG D 243 57.22 -35.67 -3.33
C ARG D 243 57.82 -34.41 -3.97
N THR D 244 58.18 -33.41 -3.14
CA THR D 244 58.48 -32.11 -3.71
C THR D 244 59.94 -31.99 -4.12
N THR D 245 60.80 -32.90 -3.65
CA THR D 245 62.18 -32.89 -4.10
C THR D 245 62.32 -33.45 -5.52
N ASN D 246 61.35 -34.25 -5.96
CA ASN D 246 61.31 -34.67 -7.36
C ASN D 246 60.83 -33.56 -8.26
N MET D 247 60.15 -32.55 -7.71
CA MET D 247 59.74 -31.40 -8.49
C MET D 247 60.95 -30.57 -8.90
N GLY D 248 61.67 -30.05 -7.93
CA GLY D 248 62.80 -29.18 -8.19
C GLY D 248 63.09 -28.31 -7.00
N VAL D 249 64.18 -27.54 -7.12
CA VAL D 249 64.66 -26.71 -6.02
C VAL D 249 63.72 -25.55 -5.75
N THR D 250 63.10 -25.01 -6.80
CA THR D 250 62.16 -23.89 -6.67
C THR D 250 60.83 -24.30 -6.03
N ALA D 251 60.66 -25.57 -5.71
CA ALA D 251 59.51 -26.05 -4.96
C ALA D 251 59.89 -26.56 -3.59
N MET D 252 61.17 -26.88 -3.39
CA MET D 252 61.68 -27.23 -2.07
C MET D 252 61.60 -26.07 -1.09
N THR D 253 61.90 -24.85 -1.55
CA THR D 253 62.08 -23.72 -0.65
C THR D 253 60.75 -23.31 -0.02
N CYS D 254 59.71 -23.22 -0.83
CA CYS D 254 58.38 -22.95 -0.33
C CYS D 254 57.77 -24.14 0.42
N GLY D 255 58.37 -25.32 0.30
CA GLY D 255 57.89 -26.48 1.00
C GLY D 255 56.83 -27.28 0.28
N GLY D 256 56.47 -26.89 -0.95
CA GLY D 256 55.40 -27.51 -1.70
C GLY D 256 54.20 -26.62 -1.89
N ALA D 257 53.98 -25.69 -0.98
CA ALA D 257 52.87 -24.74 -1.06
C ALA D 257 53.24 -23.63 -2.03
N PHE D 258 52.33 -23.22 -2.92
CA PHE D 258 52.76 -22.33 -3.99
C PHE D 258 52.12 -20.95 -4.04
N ARG D 259 51.05 -20.69 -3.28
CA ARG D 259 50.53 -19.33 -3.01
C ARG D 259 50.11 -18.62 -4.30
N MET D 260 49.02 -19.13 -4.87
CA MET D 260 48.48 -18.67 -6.14
C MET D 260 47.74 -17.34 -5.97
N LEU D 261 47.12 -16.85 -7.04
CA LEU D 261 46.41 -15.57 -7.02
C LEU D 261 44.91 -15.85 -7.15
N LYS D 262 44.17 -15.63 -6.07
CA LYS D 262 42.74 -15.88 -6.04
C LYS D 262 42.01 -14.62 -6.49
N SER D 263 40.78 -14.79 -6.98
CA SER D 263 40.01 -13.68 -7.53
C SER D 263 39.28 -12.87 -6.46
N GLY D 264 40.03 -12.47 -5.44
CA GLY D 264 39.60 -11.51 -4.43
C GLY D 264 38.43 -11.93 -3.56
N ALA D 265 37.32 -11.21 -3.71
CA ALA D 265 36.10 -11.44 -2.95
C ALA D 265 35.32 -12.60 -3.57
N LYS D 266 34.05 -12.74 -3.18
CA LYS D 266 33.23 -13.77 -3.76
C LYS D 266 32.57 -13.30 -5.04
N PHE D 267 31.86 -14.20 -5.70
CA PHE D 267 31.08 -13.86 -6.87
C PHE D 267 29.65 -13.58 -6.45
N SER D 268 29.11 -12.47 -6.98
CA SER D 268 27.72 -12.02 -6.75
C SER D 268 27.23 -11.41 -8.07
N SER D 269 26.11 -11.90 -8.61
CA SER D 269 25.63 -11.39 -9.92
C SER D 269 24.47 -10.40 -9.75
N PRO D 270 24.64 -9.13 -10.18
CA PRO D 270 23.57 -8.13 -10.13
C PRO D 270 22.66 -8.33 -11.35
N PRO D 271 21.40 -7.85 -11.35
CA PRO D 271 20.51 -8.03 -12.51
C PRO D 271 21.10 -7.34 -13.75
N HIS D 272 20.99 -7.98 -14.91
CA HIS D 272 21.52 -7.40 -16.18
C HIS D 272 20.34 -7.05 -17.11
N SER D 386 20.60 -13.87 -36.00
CA SER D 386 21.82 -14.63 -36.22
C SER D 386 22.47 -14.97 -34.89
N PHE D 387 21.83 -14.57 -33.80
CA PHE D 387 22.42 -14.69 -32.48
C PHE D 387 21.77 -15.85 -31.76
N LEU D 388 22.43 -17.01 -31.79
CA LEU D 388 21.89 -18.24 -31.24
C LEU D 388 22.19 -18.26 -29.75
N VAL D 389 21.19 -18.58 -28.94
CA VAL D 389 21.25 -18.42 -27.49
C VAL D 389 21.26 -19.80 -26.85
N LEU D 390 22.32 -20.08 -26.08
CA LEU D 390 22.43 -21.31 -25.31
C LEU D 390 22.27 -20.98 -23.84
N PRO D 391 21.13 -21.24 -23.23
CA PRO D 391 20.92 -20.83 -21.84
C PRO D 391 21.28 -21.91 -20.83
N ASN D 392 21.80 -21.46 -19.69
CA ASN D 392 22.01 -22.26 -18.48
C ASN D 392 22.94 -23.44 -18.73
N ILE D 393 24.08 -23.15 -19.36
CA ILE D 393 25.11 -24.17 -19.52
C ILE D 393 25.74 -24.38 -18.16
N ARG D 394 25.33 -25.41 -17.46
CA ARG D 394 25.72 -25.60 -16.07
C ARG D 394 26.81 -26.67 -15.99
N VAL D 395 28.05 -26.23 -15.77
CA VAL D 395 29.19 -27.13 -15.64
C VAL D 395 29.30 -27.56 -14.18
N CYS D 396 29.40 -28.87 -13.95
CA CYS D 396 29.53 -29.32 -12.56
C CYS D 396 30.96 -29.21 -12.07
N GLY D 397 31.87 -30.06 -12.53
CA GLY D 397 33.18 -29.91 -11.95
C GLY D 397 34.28 -29.54 -12.92
N ALA D 398 34.59 -28.26 -13.00
CA ALA D 398 35.55 -27.72 -13.94
C ALA D 398 36.91 -27.67 -13.27
N THR D 399 37.84 -26.90 -13.81
CA THR D 399 39.08 -26.61 -13.10
C THR D 399 39.23 -25.12 -12.86
N ALA D 400 39.65 -24.77 -11.66
CA ALA D 400 39.95 -23.39 -11.34
C ALA D 400 41.40 -23.03 -11.63
N LEU D 401 42.28 -24.01 -11.76
CA LEU D 401 43.66 -23.73 -12.16
C LEU D 401 43.71 -23.31 -13.61
N SER D 402 43.36 -22.04 -13.85
CA SER D 402 43.31 -21.54 -15.21
C SER D 402 44.71 -21.28 -15.75
N SER D 403 45.63 -20.89 -14.89
CA SER D 403 47.04 -20.79 -15.18
C SER D 403 47.76 -21.67 -14.19
N PRO D 404 49.08 -21.83 -14.32
CA PRO D 404 49.86 -22.35 -13.19
C PRO D 404 50.12 -21.32 -12.09
N VAL D 405 49.45 -20.18 -12.16
CA VAL D 405 49.78 -19.00 -11.35
C VAL D 405 48.54 -18.47 -10.63
N THR D 406 47.41 -18.38 -11.33
CA THR D 406 46.16 -17.87 -10.77
C THR D 406 45.12 -18.97 -10.68
N VAL D 407 44.23 -18.86 -9.71
CA VAL D 407 43.07 -19.72 -9.59
C VAL D 407 41.82 -18.86 -9.65
N GLY D 408 40.71 -19.46 -10.06
CA GLY D 408 39.48 -18.71 -10.21
C GLY D 408 38.55 -19.25 -11.28
N ILE D 409 37.97 -18.36 -12.07
CA ILE D 409 37.17 -18.75 -13.24
C ILE D 409 38.08 -19.44 -14.25
N PRO D 410 37.62 -20.47 -14.96
CA PRO D 410 38.53 -21.17 -15.89
C PRO D 410 38.87 -20.31 -17.09
N SER D 411 39.87 -20.79 -17.83
CA SER D 411 40.52 -20.00 -18.86
C SER D 411 39.59 -19.72 -20.03
N LEU D 412 39.95 -18.71 -20.80
CA LEU D 412 39.14 -18.31 -21.93
C LEU D 412 39.54 -18.99 -23.23
N THR D 413 40.54 -19.85 -23.20
CA THR D 413 40.69 -20.78 -24.30
C THR D 413 39.87 -22.03 -24.07
N ALA D 414 39.29 -22.17 -22.88
CA ALA D 414 38.37 -23.27 -22.61
C ALA D 414 36.96 -22.92 -23.04
N PHE D 415 36.55 -21.67 -22.88
CA PHE D 415 35.26 -21.27 -23.40
C PHE D 415 35.29 -21.13 -24.91
N PHE D 416 36.46 -20.85 -25.48
CA PHE D 416 36.56 -20.82 -26.93
C PHE D 416 36.50 -22.22 -27.51
N GLY D 417 37.24 -23.16 -26.94
CA GLY D 417 37.24 -24.54 -27.42
C GLY D 417 35.94 -25.26 -27.23
N PHE D 418 35.09 -24.75 -26.34
CA PHE D 418 33.72 -25.26 -26.21
C PHE D 418 32.89 -24.88 -27.43
N VAL D 419 32.96 -23.62 -27.83
CA VAL D 419 32.17 -23.12 -28.95
C VAL D 419 32.68 -23.69 -30.26
N HIS D 420 34.00 -23.80 -30.42
CA HIS D 420 34.53 -24.34 -31.66
C HIS D 420 34.48 -25.86 -31.69
N ALA D 421 34.03 -26.50 -30.61
CA ALA D 421 33.53 -27.86 -30.73
C ALA D 421 32.04 -27.88 -31.03
N PHE D 422 31.30 -26.85 -30.59
CA PHE D 422 29.90 -26.73 -30.96
C PHE D 422 29.72 -26.35 -32.42
N GLU D 423 30.62 -25.54 -32.96
CA GLU D 423 30.63 -25.29 -34.40
C GLU D 423 30.97 -26.55 -35.18
N ARG D 424 32.08 -27.20 -34.81
CA ARG D 424 32.68 -28.22 -35.65
C ARG D 424 31.86 -29.51 -35.68
N ASN D 425 30.98 -29.71 -34.69
CA ASN D 425 30.01 -30.79 -34.77
C ASN D 425 28.94 -30.49 -35.82
N ILE D 426 28.43 -29.26 -35.83
CA ILE D 426 27.36 -28.87 -36.75
C ILE D 426 27.88 -28.81 -38.19
N ASN D 427 29.19 -28.68 -38.39
CA ASN D 427 29.74 -28.79 -39.74
C ASN D 427 29.78 -30.22 -40.27
N ARG D 428 29.15 -31.19 -39.60
CA ARG D 428 28.92 -32.49 -40.24
C ARG D 428 27.75 -32.41 -41.21
N THR D 429 26.70 -31.67 -40.85
CA THR D 429 25.55 -31.51 -41.73
C THR D 429 25.68 -30.24 -42.57
N THR D 430 25.74 -29.08 -41.91
CA THR D 430 25.82 -27.79 -42.58
C THR D 430 27.27 -27.33 -42.52
N SER D 431 27.97 -27.44 -43.65
CA SER D 431 29.41 -27.27 -43.70
C SER D 431 29.86 -25.81 -43.70
N SER D 432 29.00 -24.84 -43.36
CA SER D 432 29.40 -23.44 -43.33
C SER D 432 28.80 -22.70 -42.14
N PHE D 433 28.90 -23.30 -40.94
CA PHE D 433 28.21 -22.72 -39.78
C PHE D 433 28.95 -21.52 -39.20
N ARG D 434 30.15 -21.74 -38.66
CA ARG D 434 31.18 -20.72 -38.44
C ARG D 434 30.71 -19.55 -37.56
N VAL D 435 30.59 -19.88 -36.26
CA VAL D 435 30.44 -18.87 -35.22
C VAL D 435 31.54 -17.83 -35.34
N GLU D 436 31.17 -16.55 -35.22
CA GLU D 436 32.17 -15.50 -35.29
C GLU D 436 32.62 -15.05 -33.90
N SER D 437 31.68 -14.97 -32.97
CA SER D 437 31.99 -14.45 -31.64
C SER D 437 30.93 -14.93 -30.66
N PHE D 438 31.26 -14.89 -29.38
CA PHE D 438 30.42 -15.51 -28.38
C PHE D 438 30.36 -14.65 -27.13
N ALA D 439 29.15 -14.41 -26.64
CA ALA D 439 28.90 -13.60 -25.46
C ALA D 439 28.69 -14.50 -24.27
N ILE D 440 29.42 -14.23 -23.19
CA ILE D 440 29.43 -15.08 -22.01
C ILE D 440 28.74 -14.33 -20.88
N CYS D 441 27.80 -15.00 -20.22
CA CYS D 441 27.05 -14.43 -19.10
C CYS D 441 27.13 -15.41 -17.94
N VAL D 442 27.93 -15.08 -16.94
CA VAL D 442 28.20 -16.00 -15.84
C VAL D 442 27.27 -15.71 -14.67
N HIS D 443 26.63 -16.77 -14.17
CA HIS D 443 26.03 -16.77 -12.85
C HIS D 443 26.80 -17.79 -12.02
N GLN D 444 26.99 -17.52 -10.72
CA GLN D 444 27.30 -18.55 -9.71
C GLN D 444 28.61 -19.31 -9.98
N LEU D 445 29.75 -18.68 -9.74
CA LEU D 445 31.00 -19.42 -9.84
C LEU D 445 31.20 -20.57 -8.86
N HIS D 446 31.38 -20.28 -7.56
CA HIS D 446 31.69 -21.27 -6.52
C HIS D 446 32.98 -22.06 -6.82
N VAL D 447 34.11 -21.40 -6.61
CA VAL D 447 35.42 -22.04 -6.66
C VAL D 447 35.68 -22.77 -5.33
N GLU D 448 36.26 -23.97 -5.39
CA GLU D 448 36.48 -24.80 -4.20
C GLU D 448 37.60 -25.79 -4.46
N LYS D 449 38.36 -26.13 -3.42
CA LYS D 449 39.30 -27.26 -3.46
C LYS D 449 38.58 -28.58 -3.24
N ARG D 450 38.28 -29.25 -4.34
CA ARG D 450 37.84 -30.62 -4.21
C ARG D 450 39.05 -31.53 -4.33
N GLY D 451 38.79 -32.80 -4.61
CA GLY D 451 39.86 -33.75 -4.75
C GLY D 451 39.92 -34.36 -6.13
N LEU D 452 40.99 -35.09 -6.35
CA LEU D 452 41.19 -35.79 -7.61
C LEU D 452 41.88 -37.10 -7.27
N THR D 453 41.13 -38.19 -7.24
CA THR D 453 41.73 -39.51 -7.09
C THR D 453 42.25 -39.95 -8.43
N ALA D 454 43.55 -39.91 -8.61
CA ALA D 454 44.12 -40.39 -9.85
C ALA D 454 44.10 -41.91 -9.89
N GLU D 455 44.26 -42.45 -11.08
CA GLU D 455 44.07 -43.88 -11.28
C GLU D 455 45.36 -44.64 -11.06
N PHE D 456 45.22 -45.88 -10.59
CA PHE D 456 46.36 -46.73 -10.28
C PHE D 456 47.20 -47.02 -11.51
N VAL D 457 48.51 -46.78 -11.38
CA VAL D 457 49.47 -46.85 -12.48
C VAL D 457 50.70 -47.56 -11.97
N GLU D 458 51.16 -48.57 -12.72
CA GLU D 458 52.38 -49.31 -12.39
C GLU D 458 53.65 -48.46 -12.28
N THR D 463 53.90 -53.29 -7.03
CA THR D 463 54.39 -52.08 -7.66
C THR D 463 53.25 -51.26 -8.22
N ILE D 464 52.04 -51.80 -8.15
CA ILE D 464 50.84 -51.15 -8.63
C ILE D 464 50.28 -50.32 -7.50
N SER D 465 50.43 -49.00 -7.61
CA SER D 465 49.86 -48.09 -6.63
C SER D 465 49.51 -46.80 -7.35
N ALA D 466 48.97 -45.85 -6.59
CA ALA D 466 48.54 -44.59 -7.16
C ALA D 466 49.76 -43.73 -7.53
N PRO D 467 49.59 -42.74 -8.39
CA PRO D 467 50.68 -41.80 -8.64
C PRO D 467 50.76 -40.74 -7.55
N ALA D 468 51.62 -39.75 -7.73
CA ALA D 468 51.91 -38.79 -6.67
C ALA D 468 50.69 -37.92 -6.33
N THR D 469 50.56 -37.59 -5.06
CA THR D 469 49.39 -36.89 -4.56
C THR D 469 49.56 -35.39 -4.74
N ARG D 470 48.54 -34.74 -5.28
CA ARG D 470 48.53 -33.30 -5.55
C ARG D 470 47.33 -32.65 -4.90
N ASP D 471 47.10 -31.39 -5.28
CA ASP D 471 45.98 -30.60 -4.78
C ASP D 471 45.32 -29.89 -5.94
N ASP D 472 44.00 -29.92 -6.00
CA ASP D 472 43.28 -29.46 -7.17
C ASP D 472 42.08 -28.61 -6.81
N TRP D 473 42.02 -27.43 -7.42
CA TRP D 473 40.91 -26.49 -7.27
C TRP D 473 39.94 -26.73 -8.41
N GLN D 474 38.64 -26.56 -8.14
CA GLN D 474 37.59 -26.83 -9.10
C GLN D 474 36.50 -25.79 -8.93
N CYS D 475 35.68 -25.58 -9.97
CA CYS D 475 34.60 -24.60 -9.89
C CYS D 475 33.36 -25.10 -10.59
N ASP D 476 32.20 -24.58 -10.17
CA ASP D 476 30.90 -25.08 -10.60
C ASP D 476 30.14 -23.94 -11.27
N VAL D 477 30.39 -23.72 -12.55
CA VAL D 477 29.89 -22.54 -13.25
C VAL D 477 28.46 -22.82 -13.71
N VAL D 478 27.60 -21.79 -13.67
CA VAL D 478 26.29 -21.82 -14.31
C VAL D 478 26.25 -20.60 -15.22
N PHE D 479 26.67 -20.75 -16.47
CA PHE D 479 26.71 -19.59 -17.33
C PHE D 479 25.69 -19.76 -18.45
N SER D 480 25.59 -18.73 -19.28
CA SER D 480 24.74 -18.74 -20.45
C SER D 480 25.47 -18.07 -21.60
N LEU D 481 25.22 -18.53 -22.82
CA LEU D 481 26.10 -18.26 -23.94
C LEU D 481 25.27 -17.75 -25.10
N ILE D 482 25.71 -16.67 -25.73
CA ILE D 482 25.03 -16.05 -26.86
C ILE D 482 26.04 -15.93 -27.99
N LEU D 483 25.79 -16.65 -29.08
CA LEU D 483 26.77 -16.79 -30.15
C LEU D 483 26.61 -15.66 -31.15
N ASN D 484 27.25 -15.81 -32.30
CA ASN D 484 27.14 -14.87 -33.42
C ASN D 484 27.47 -15.68 -34.68
N THR D 485 26.43 -16.11 -35.40
CA THR D 485 26.54 -17.13 -36.42
C THR D 485 26.74 -16.47 -37.79
N ASN D 486 27.31 -17.23 -38.74
CA ASN D 486 27.43 -16.74 -40.11
C ASN D 486 26.07 -16.66 -40.79
N PHE D 487 25.10 -17.48 -40.37
CA PHE D 487 23.74 -17.33 -40.89
C PHE D 487 22.73 -17.26 -39.76
N ILE D 491 17.97 -24.90 -38.78
CA ILE D 491 18.54 -25.86 -37.83
C ILE D 491 17.43 -26.34 -36.90
N ASP D 492 17.31 -27.65 -36.75
CA ASP D 492 16.27 -28.22 -35.90
C ASP D 492 16.59 -28.00 -34.43
N GLN D 493 15.65 -28.42 -33.58
CA GLN D 493 15.98 -28.54 -32.16
C GLN D 493 16.91 -29.71 -31.92
N ASP D 494 16.55 -30.89 -32.43
CA ASP D 494 17.29 -32.09 -32.10
C ASP D 494 18.64 -32.18 -32.79
N THR D 495 18.92 -31.27 -33.73
CA THR D 495 20.27 -31.20 -34.28
C THR D 495 21.20 -30.49 -33.29
N LEU D 496 20.68 -29.53 -32.55
CA LEU D 496 21.52 -28.75 -31.63
C LEU D 496 21.90 -29.55 -30.40
N VAL D 497 20.95 -30.26 -29.82
CA VAL D 497 21.16 -30.91 -28.52
C VAL D 497 22.13 -32.08 -28.65
N THR D 498 22.05 -32.84 -29.74
CA THR D 498 22.98 -33.93 -29.92
C THR D 498 24.35 -33.44 -30.36
N SER D 499 24.45 -32.21 -30.84
CA SER D 499 25.73 -31.64 -31.26
C SER D 499 26.24 -30.58 -30.29
N LEU D 500 25.72 -30.53 -29.08
CA LEU D 500 26.37 -29.78 -28.02
C LEU D 500 27.64 -30.51 -27.64
N PRO D 501 28.70 -29.81 -27.25
CA PRO D 501 29.87 -30.49 -26.69
C PRO D 501 29.68 -30.68 -25.20
N LYS D 502 30.32 -31.72 -24.66
CA LYS D 502 29.93 -32.21 -23.35
C LYS D 502 30.97 -31.96 -22.28
N ARG D 503 32.05 -31.27 -22.59
CA ARG D 503 33.03 -30.94 -21.58
C ARG D 503 33.50 -29.50 -21.77
N LEU D 504 33.41 -28.73 -20.69
CA LEU D 504 33.94 -27.36 -20.62
C LEU D 504 35.01 -27.39 -19.55
N ALA D 505 36.28 -27.50 -19.97
CA ALA D 505 37.45 -27.51 -19.11
C ALA D 505 37.34 -28.60 -18.04
N ARG D 506 37.36 -29.85 -18.51
CA ARG D 506 37.29 -31.10 -17.75
C ARG D 506 35.95 -31.36 -17.08
N GLY D 507 35.00 -30.45 -17.14
CA GLY D 507 33.75 -30.57 -16.42
C GLY D 507 32.57 -30.82 -17.33
N SER D 508 31.64 -31.65 -16.87
CA SER D 508 30.46 -32.01 -17.65
C SER D 508 29.52 -30.83 -17.72
N ALA D 509 29.19 -30.40 -18.93
CA ALA D 509 28.28 -29.28 -19.13
C ALA D 509 26.98 -29.81 -19.72
N LYS D 510 25.87 -29.31 -19.22
CA LYS D 510 24.56 -29.81 -19.61
C LYS D 510 23.54 -28.69 -19.63
N ILE D 511 22.53 -28.85 -20.48
CA ILE D 511 21.29 -28.09 -20.40
C ILE D 511 20.22 -29.04 -19.89
N ALA D 512 19.37 -28.57 -18.99
CA ALA D 512 18.25 -29.39 -18.55
C ALA D 512 17.25 -29.55 -19.69
N ILE D 513 16.47 -30.65 -19.62
CA ILE D 513 15.47 -30.95 -20.65
C ILE D 513 14.39 -29.88 -20.72
N ASP D 514 14.01 -29.34 -19.56
CA ASP D 514 12.97 -28.32 -19.52
C ASP D 514 13.44 -26.97 -20.06
N ASP D 515 14.75 -26.78 -20.20
CA ASP D 515 15.31 -25.55 -20.74
C ASP D 515 15.54 -25.60 -22.24
N PHE D 516 15.20 -26.71 -22.90
CA PHE D 516 15.39 -26.87 -24.33
C PHE D 516 14.50 -25.95 -25.17
N LYS D 517 13.51 -25.30 -24.55
CA LYS D 517 12.63 -24.39 -25.26
C LYS D 517 13.33 -23.11 -25.68
N HIS D 518 14.46 -22.80 -25.02
CA HIS D 518 15.14 -21.48 -25.21
C HIS D 518 16.36 -21.53 -26.14
N ILE D 519 16.46 -22.53 -27.01
CA ILE D 519 17.63 -22.62 -27.95
C ILE D 519 17.34 -21.86 -29.25
N ASN D 520 16.17 -21.22 -29.36
CA ASN D 520 15.76 -20.49 -30.60
C ASN D 520 16.69 -19.30 -30.90
N SER D 521 16.94 -19.06 -32.18
CA SER D 521 17.78 -17.94 -32.70
C SER D 521 16.96 -16.65 -32.84
N PHE D 522 17.61 -15.51 -33.06
CA PHE D 522 16.94 -14.23 -33.23
C PHE D 522 17.69 -13.44 -34.29
N SER D 523 17.43 -12.14 -34.34
CA SER D 523 18.11 -11.27 -35.28
C SER D 523 18.72 -10.03 -34.66
N THR D 524 18.19 -9.58 -33.53
CA THR D 524 18.70 -8.38 -32.86
C THR D 524 19.17 -8.73 -31.46
N LEU D 525 20.31 -8.13 -31.09
CA LEU D 525 20.96 -8.37 -29.80
C LEU D 525 20.13 -7.93 -28.63
N GLU D 526 19.25 -6.95 -28.82
CA GLU D 526 18.50 -6.40 -27.70
C GLU D 526 17.37 -7.34 -27.30
N THR D 527 16.90 -8.14 -28.25
CA THR D 527 15.88 -9.14 -27.93
C THR D 527 16.50 -10.45 -27.49
N ALA D 528 17.69 -10.79 -28.01
CA ALA D 528 18.33 -12.05 -27.65
C ALA D 528 18.82 -12.02 -26.21
N ILE D 529 19.18 -10.84 -25.72
CA ILE D 529 19.63 -10.73 -24.33
C ILE D 529 18.44 -10.60 -23.38
N GLU D 530 17.31 -10.08 -23.84
CA GLU D 530 16.08 -10.12 -23.07
C GLU D 530 15.37 -11.46 -23.18
N SER D 531 15.88 -12.38 -24.00
CA SER D 531 15.22 -13.66 -24.28
C SER D 531 15.46 -14.69 -23.19
N LEU D 532 16.73 -14.84 -22.78
CA LEU D 532 17.12 -15.88 -21.80
C LEU D 532 16.60 -15.59 -20.39
N PRO D 533 16.25 -16.64 -19.61
CA PRO D 533 15.70 -16.49 -18.26
C PRO D 533 16.79 -16.42 -17.19
N ILE D 534 16.39 -16.42 -15.91
CA ILE D 534 17.35 -16.36 -14.76
C ILE D 534 18.27 -15.14 -14.99
N GLU D 535 17.67 -13.97 -15.21
CA GLU D 535 18.48 -12.75 -15.46
C GLU D 535 19.04 -12.22 -14.13
N ALA D 536 20.36 -12.34 -13.99
CA ALA D 536 21.15 -11.89 -12.82
C ALA D 536 22.58 -12.42 -12.99
N GLY D 537 23.32 -11.87 -13.94
CA GLY D 537 24.70 -12.31 -14.24
C GLY D 537 25.52 -11.20 -14.87
N ARG D 538 26.84 -11.39 -14.95
CA ARG D 538 27.74 -10.33 -15.51
C ARG D 538 28.42 -10.82 -16.80
N TRP D 539 28.33 -10.01 -17.85
CA TRP D 539 28.98 -10.31 -19.16
C TRP D 539 30.48 -10.14 -19.01
N LEU D 540 31.30 -10.93 -19.71
CA LEU D 540 32.76 -10.84 -19.53
C LEU D 540 33.38 -9.83 -20.52
N SER D 541 33.94 -8.75 -19.97
CA SER D 541 34.63 -7.70 -20.76
C SER D 541 36.05 -7.54 -20.19
N LEU D 542 37.06 -7.60 -21.06
CA LEU D 542 38.48 -7.50 -20.62
C LEU D 542 38.79 -6.10 -20.10
N TYR D 543 39.51 -6.02 -18.98
CA TYR D 543 39.99 -4.77 -18.38
C TYR D 543 41.30 -4.41 -19.08
N ALA D 544 41.16 -3.60 -20.14
CA ALA D 544 42.29 -3.17 -20.99
C ALA D 544 42.96 -1.94 -20.36
N GLN D 545 43.62 -2.15 -19.22
CA GLN D 545 44.36 -1.09 -18.50
C GLN D 545 45.83 -1.48 -18.57
N SER D 546 46.71 -0.52 -18.88
CA SER D 546 48.15 -0.88 -19.00
C SER D 546 48.62 -1.51 -17.68
N ASN D 547 49.27 -2.67 -17.78
CA ASN D 547 49.76 -3.40 -16.58
C ASN D 547 51.07 -4.12 -16.96
N ASN D 548 51.87 -4.46 -15.96
CA ASN D 548 53.15 -5.13 -16.19
C ASN D 548 53.55 -6.04 -15.05
N ASN D 549 52.77 -6.07 -13.96
CA ASN D 549 53.27 -6.62 -12.72
C ASN D 549 52.08 -7.09 -11.90
N LEU D 550 52.38 -7.80 -10.81
CA LEU D 550 51.33 -8.25 -9.90
C LEU D 550 50.78 -7.11 -9.07
N SER D 551 51.59 -6.11 -8.73
CA SER D 551 51.06 -4.94 -8.04
C SER D 551 50.16 -4.13 -8.94
N ASP D 552 50.46 -4.11 -10.24
CA ASP D 552 49.53 -3.58 -11.24
C ASP D 552 48.21 -4.34 -11.25
N LEU D 553 48.25 -5.65 -11.00
CA LEU D 553 47.01 -6.41 -10.91
C LEU D 553 46.25 -6.10 -9.62
N LEU D 554 46.92 -6.26 -8.48
CA LEU D 554 46.30 -6.12 -7.16
C LEU D 554 45.75 -4.73 -6.88
N ALA D 555 46.31 -3.69 -7.50
CA ALA D 555 45.74 -2.36 -7.33
C ALA D 555 44.38 -2.25 -8.00
N ALA D 556 44.21 -2.88 -9.17
CA ALA D 556 42.93 -2.90 -9.84
C ALA D 556 41.95 -3.90 -9.25
N MET D 557 42.44 -4.80 -8.38
CA MET D 557 41.57 -5.79 -7.75
C MET D 557 40.92 -5.26 -6.48
N THR D 558 41.26 -4.05 -6.06
CA THR D 558 40.65 -3.46 -4.87
C THR D 558 39.70 -2.32 -5.20
N GLU D 559 39.96 -1.57 -6.27
CA GLU D 559 38.98 -0.61 -6.75
C GLU D 559 37.76 -1.31 -7.31
N ASP D 560 37.96 -2.51 -7.86
CA ASP D 560 36.89 -3.43 -8.22
C ASP D 560 37.19 -4.74 -7.50
N HIS D 561 36.40 -5.03 -6.47
CA HIS D 561 36.58 -6.28 -5.67
C HIS D 561 36.00 -7.47 -6.45
N GLN D 562 35.27 -7.18 -7.53
CA GLN D 562 34.64 -8.25 -8.36
C GLN D 562 35.48 -8.48 -9.61
N LEU D 563 36.64 -7.84 -9.72
CA LEU D 563 37.50 -8.05 -10.92
C LEU D 563 38.19 -9.40 -10.75
N MET D 564 38.12 -10.28 -11.76
CA MET D 564 38.79 -11.59 -11.59
C MET D 564 39.82 -11.83 -12.70
N ALA D 565 41.07 -12.12 -12.29
CA ALA D 565 42.14 -12.44 -13.22
C ALA D 565 42.19 -13.94 -13.50
N SER D 566 42.50 -14.31 -14.75
CA SER D 566 42.70 -15.70 -15.18
C SER D 566 43.49 -15.71 -16.49
N CYS D 567 43.56 -16.89 -17.12
CA CYS D 567 44.35 -17.08 -18.33
C CYS D 567 43.55 -16.66 -19.56
N VAL D 568 44.16 -15.84 -20.40
CA VAL D 568 43.49 -15.25 -21.54
C VAL D 568 44.08 -15.75 -22.86
N GLY D 569 45.34 -16.15 -22.86
CA GLY D 569 45.94 -16.70 -24.05
C GLY D 569 47.27 -17.37 -23.74
N TYR D 570 47.94 -17.81 -24.81
CA TYR D 570 49.18 -18.56 -24.67
C TYR D 570 50.33 -17.85 -25.37
N HIS D 571 51.38 -17.52 -24.60
CA HIS D 571 52.58 -16.85 -25.06
C HIS D 571 53.62 -17.91 -25.42
N LEU D 572 54.05 -17.94 -26.68
CA LEU D 572 54.86 -19.03 -27.18
C LEU D 572 56.30 -18.95 -26.66
N LEU D 573 57.08 -19.96 -27.00
CA LEU D 573 58.49 -20.02 -26.65
C LEU D 573 59.40 -20.43 -27.79
N GLU D 574 58.83 -20.91 -28.90
CA GLU D 574 59.56 -21.22 -30.14
C GLU D 574 58.54 -21.31 -31.26
N GLU D 575 59.04 -21.44 -32.49
CA GLU D 575 58.14 -21.50 -33.64
C GLU D 575 57.64 -22.93 -33.85
N PRO D 576 56.40 -23.11 -34.33
CA PRO D 576 55.85 -24.47 -34.45
C PRO D 576 56.50 -25.27 -35.55
N LYS D 577 56.92 -26.48 -35.20
CA LYS D 577 57.72 -27.35 -36.06
C LYS D 577 56.99 -28.65 -36.31
N ASP D 578 57.56 -29.47 -37.19
CA ASP D 578 57.10 -30.85 -37.37
C ASP D 578 57.84 -31.76 -36.40
N LYS D 579 57.08 -32.44 -35.57
CA LYS D 579 57.55 -33.41 -34.59
C LYS D 579 57.05 -34.80 -34.98
N PRO D 580 57.70 -35.86 -34.51
CA PRO D 580 57.22 -37.21 -34.88
C PRO D 580 55.93 -37.63 -34.18
N ASN D 581 55.71 -37.06 -33.00
CA ASN D 581 54.47 -37.25 -32.20
C ASN D 581 53.97 -35.84 -31.89
N SER D 582 52.77 -35.50 -32.38
CA SER D 582 52.18 -34.16 -32.17
C SER D 582 50.68 -34.32 -31.88
N LEU D 583 50.03 -33.28 -31.37
CA LEU D 583 48.59 -33.46 -31.10
C LEU D 583 47.83 -33.34 -32.42
N ARG D 584 47.31 -34.49 -32.87
CA ARG D 584 46.50 -34.68 -34.11
C ARG D 584 47.21 -34.24 -35.40
N GLY D 585 48.53 -34.44 -35.55
CA GLY D 585 49.10 -34.20 -36.85
C GLY D 585 49.03 -32.75 -37.24
N TYR D 586 49.65 -31.88 -36.46
CA TYR D 586 49.81 -30.48 -36.76
C TYR D 586 51.20 -30.05 -36.34
N LYS D 587 51.45 -28.74 -36.40
CA LYS D 587 52.73 -28.20 -36.01
C LYS D 587 52.71 -27.83 -34.53
N HIS D 588 53.78 -28.16 -33.82
CA HIS D 588 53.81 -28.07 -32.37
C HIS D 588 54.84 -27.05 -31.89
N ALA D 589 54.40 -26.13 -31.03
CA ALA D 589 55.27 -25.19 -30.34
C ALA D 589 54.92 -25.20 -28.85
N ILE D 590 55.86 -24.76 -28.03
CA ILE D 590 55.69 -24.72 -26.58
C ILE D 590 55.27 -23.31 -26.19
N ALA D 591 54.25 -23.20 -25.34
CA ALA D 591 53.63 -21.94 -24.99
C ALA D 591 53.67 -21.71 -23.48
N GLU D 592 53.26 -20.51 -23.07
CA GLU D 592 53.10 -20.16 -21.66
C GLU D 592 51.87 -19.28 -21.53
N CYS D 593 51.23 -19.31 -20.36
CA CYS D 593 49.95 -18.62 -20.20
C CYS D 593 50.12 -17.11 -20.16
N ILE D 594 49.02 -16.40 -20.44
CA ILE D 594 48.95 -14.94 -20.42
C ILE D 594 47.77 -14.55 -19.53
N ILE D 595 48.04 -13.71 -18.55
CA ILE D 595 47.07 -13.38 -17.50
C ILE D 595 46.54 -11.98 -17.73
N GLY D 596 45.22 -11.87 -17.87
CA GLY D 596 44.57 -10.59 -18.00
C GLY D 596 43.46 -10.45 -16.97
N LEU D 597 42.99 -9.23 -16.82
CA LEU D 597 41.92 -8.88 -15.90
C LEU D 597 40.60 -8.80 -16.65
N ILE D 598 39.50 -9.21 -16.02
CA ILE D 598 38.25 -9.42 -16.75
C ILE D 598 37.12 -8.67 -16.05
N ASN D 599 36.47 -7.76 -16.79
CA ASN D 599 35.42 -6.91 -16.25
C ASN D 599 34.10 -7.66 -16.15
N SER D 600 33.04 -6.91 -15.87
CA SER D 600 31.68 -7.44 -15.87
C SER D 600 30.74 -6.28 -16.18
N ILE D 601 30.00 -6.39 -17.27
CA ILE D 601 29.15 -5.33 -17.80
C ILE D 601 27.70 -5.55 -17.36
N THR D 602 27.00 -4.44 -17.07
CA THR D 602 25.58 -4.48 -16.75
C THR D 602 24.69 -4.61 -17.98
N PHE D 603 25.09 -3.99 -19.10
CA PHE D 603 24.35 -3.96 -20.37
C PHE D 603 22.92 -3.43 -20.22
N ASP D 608 28.24 -0.77 -26.60
CA ASP D 608 29.53 -1.40 -27.03
C ASP D 608 29.31 -2.91 -27.20
N PRO D 609 28.50 -3.35 -28.19
CA PRO D 609 28.25 -4.78 -28.42
C PRO D 609 29.53 -5.54 -28.80
N ASN D 610 30.40 -4.89 -29.58
CA ASN D 610 31.67 -5.51 -30.07
C ASN D 610 32.57 -5.90 -28.90
N THR D 611 32.64 -5.04 -27.87
CA THR D 611 33.52 -5.30 -26.69
C THR D 611 33.09 -6.58 -25.98
N ILE D 612 31.78 -6.79 -25.81
CA ILE D 612 31.25 -8.00 -25.10
C ILE D 612 31.62 -9.29 -25.84
N PHE D 613 31.52 -9.28 -27.18
CA PHE D 613 31.81 -10.50 -27.98
C PHE D 613 33.31 -10.76 -28.06
N TRP D 614 33.72 -12.01 -27.79
CA TRP D 614 35.10 -12.44 -27.80
C TRP D 614 35.42 -13.17 -29.11
N SER D 615 36.70 -13.20 -29.48
CA SER D 615 37.09 -14.02 -30.62
C SER D 615 38.54 -14.44 -30.47
N LEU D 616 38.95 -15.39 -31.30
CA LEU D 616 40.35 -15.91 -31.26
C LEU D 616 41.22 -15.00 -32.14
N LYS D 617 42.27 -14.42 -31.56
CA LYS D 617 43.20 -13.53 -32.30
C LYS D 617 44.58 -14.20 -32.35
N ASN D 618 45.17 -14.28 -33.54
CA ASN D 618 46.49 -14.94 -33.68
C ASN D 618 47.58 -13.89 -33.84
N TYR D 619 48.58 -13.91 -32.96
CA TYR D 619 49.73 -12.97 -33.03
C TYR D 619 50.99 -13.80 -33.30
N GLN D 620 51.75 -13.41 -34.31
CA GLN D 620 52.90 -14.19 -34.78
C GLN D 620 53.69 -14.83 -33.65
N ASN D 621 53.45 -14.43 -32.40
CA ASN D 621 54.15 -15.01 -31.26
C ASN D 621 53.24 -15.40 -30.10
N TYR D 622 51.94 -15.12 -30.17
CA TYR D 622 51.00 -15.61 -29.19
C TYR D 622 49.64 -15.77 -29.82
N LEU D 623 48.67 -16.16 -28.99
CA LEU D 623 47.29 -16.43 -29.40
C LEU D 623 46.40 -16.07 -28.24
N VAL D 624 45.61 -15.00 -28.36
CA VAL D 624 44.84 -14.48 -27.23
C VAL D 624 43.39 -14.28 -27.63
N VAL D 625 42.48 -14.84 -26.85
CA VAL D 625 41.05 -14.61 -26.96
C VAL D 625 40.74 -13.21 -26.44
N GLN D 626 40.60 -12.26 -27.35
CA GLN D 626 40.29 -10.87 -27.03
C GLN D 626 38.83 -10.60 -27.30
N PRO D 627 38.25 -9.54 -26.73
CA PRO D 627 36.98 -9.04 -27.25
C PRO D 627 37.18 -8.42 -28.63
N ARG D 628 36.06 -8.16 -29.28
CA ARG D 628 36.09 -7.49 -30.57
C ARG D 628 36.49 -6.02 -30.43
N SER D 629 36.26 -5.42 -29.27
CA SER D 629 36.48 -3.99 -29.03
C SER D 629 37.92 -3.66 -28.67
N ILE D 630 38.87 -4.54 -28.96
CA ILE D 630 40.28 -4.23 -28.79
C ILE D 630 41.04 -4.47 -30.09
N MET E 1 49.78 -58.57 -31.69
CA MET E 1 49.41 -57.16 -31.85
C MET E 1 50.06 -56.26 -30.82
N LYS E 2 50.89 -55.34 -31.28
CA LYS E 2 51.60 -54.45 -30.37
C LYS E 2 50.86 -53.12 -30.24
N LEU E 3 50.91 -52.56 -29.03
CA LEU E 3 50.16 -51.35 -28.75
C LEU E 3 50.84 -50.13 -29.36
N PRO E 4 50.07 -49.13 -29.77
CA PRO E 4 50.65 -47.85 -30.15
C PRO E 4 51.20 -47.11 -28.94
N THR E 5 51.93 -46.04 -29.24
CA THR E 5 52.38 -45.14 -28.18
C THR E 5 51.48 -43.93 -28.05
N ASN E 6 50.29 -43.99 -28.65
CA ASN E 6 49.23 -43.00 -28.49
C ASN E 6 47.92 -43.74 -28.69
N LEU E 7 47.16 -43.94 -27.61
CA LEU E 7 45.84 -44.53 -27.77
C LEU E 7 44.99 -44.02 -26.62
N ALA E 8 43.82 -43.47 -26.94
CA ALA E 8 42.92 -42.93 -25.94
C ALA E 8 41.52 -42.82 -26.52
N TYR E 9 40.50 -43.01 -25.68
CA TYR E 9 39.13 -42.69 -26.04
C TYR E 9 38.57 -41.69 -25.04
N GLU E 10 37.55 -40.95 -25.46
CA GLU E 10 36.73 -40.21 -24.51
C GLU E 10 35.76 -41.18 -23.84
N ARG E 11 35.07 -40.70 -22.83
CA ARG E 11 34.14 -41.56 -22.09
C ARG E 11 32.78 -41.55 -22.75
N SER E 12 32.09 -42.67 -22.65
CA SER E 12 30.80 -42.83 -23.31
C SER E 12 29.62 -42.47 -22.42
N ILE E 13 29.81 -42.44 -21.10
CA ILE E 13 28.76 -42.13 -20.15
C ILE E 13 29.22 -40.94 -19.32
N ASP E 14 28.37 -39.92 -19.21
CA ASP E 14 28.78 -38.61 -18.71
C ASP E 14 27.84 -38.07 -17.64
N PRO E 15 28.13 -38.30 -16.35
CA PRO E 15 27.22 -37.89 -15.28
C PRO E 15 27.34 -36.44 -14.87
N SER E 16 26.64 -36.06 -13.80
CA SER E 16 26.78 -34.74 -13.22
C SER E 16 26.76 -34.87 -11.70
N ASP E 17 26.77 -33.74 -11.00
CA ASP E 17 26.73 -33.77 -9.54
C ASP E 17 25.34 -34.13 -9.06
N VAL E 18 25.24 -34.51 -7.79
CA VAL E 18 23.98 -34.90 -7.19
C VAL E 18 23.66 -33.89 -6.10
N CYS E 19 22.66 -33.05 -6.35
CA CYS E 19 22.21 -32.08 -5.37
C CYS E 19 21.26 -32.73 -4.39
N PHE E 20 21.20 -32.20 -3.17
CA PHE E 20 20.33 -32.72 -2.12
C PHE E 20 19.35 -31.63 -1.72
N PHE E 21 18.08 -31.98 -1.59
CA PHE E 21 17.06 -31.01 -1.21
C PHE E 21 16.25 -31.56 -0.05
N VAL E 22 15.45 -30.70 0.55
CA VAL E 22 14.61 -31.04 1.68
C VAL E 22 13.18 -30.67 1.31
N VAL E 23 12.26 -31.62 1.47
CA VAL E 23 10.86 -31.38 1.16
C VAL E 23 10.08 -31.29 2.46
N TRP E 24 9.64 -30.08 2.78
CA TRP E 24 8.80 -29.82 3.93
C TRP E 24 7.41 -30.36 3.63
N PRO E 25 6.61 -30.67 4.64
CA PRO E 25 5.31 -31.32 4.37
C PRO E 25 4.26 -30.40 3.77
N ASP E 26 4.55 -29.11 3.62
CA ASP E 26 3.73 -28.20 2.83
C ASP E 26 4.24 -28.08 1.40
N ASP E 27 5.05 -29.05 0.98
CA ASP E 27 5.62 -29.17 -0.37
C ASP E 27 6.47 -27.95 -0.73
N ARG E 28 7.23 -27.48 0.25
CA ARG E 28 8.18 -26.40 0.07
C ARG E 28 9.56 -27.02 0.01
N LYS E 29 10.30 -26.76 -1.06
CA LYS E 29 11.56 -27.44 -1.31
C LYS E 29 12.70 -26.49 -0.96
N THR E 30 13.52 -26.87 0.02
CA THR E 30 14.62 -26.07 0.54
C THR E 30 15.93 -26.84 0.37
N PRO E 31 17.00 -26.22 -0.12
CA PRO E 31 18.27 -26.96 -0.26
C PRO E 31 18.90 -27.30 1.07
N LEU E 32 19.57 -28.44 1.11
CA LEU E 32 20.11 -28.97 2.35
C LEU E 32 21.38 -28.25 2.76
N THR E 33 21.57 -28.07 4.07
CA THR E 33 22.71 -27.36 4.63
C THR E 33 23.45 -28.25 5.63
N TYR E 34 24.56 -27.74 6.15
CA TYR E 34 25.34 -28.45 7.16
C TYR E 34 26.21 -27.49 7.94
N ASN E 35 26.81 -28.01 9.00
CA ASN E 35 27.67 -27.24 9.88
C ASN E 35 28.91 -28.04 10.24
N SER E 36 29.92 -27.31 10.68
CA SER E 36 31.11 -27.90 11.28
C SER E 36 30.97 -27.79 12.79
N ARG E 37 31.07 -28.91 13.48
CA ARG E 37 31.03 -28.84 14.92
C ARG E 37 32.10 -29.71 15.54
N THR E 38 32.77 -29.15 16.54
CA THR E 38 33.88 -29.81 17.22
C THR E 38 33.38 -30.88 18.17
N LEU E 39 34.14 -31.94 18.29
CA LEU E 39 33.83 -33.03 19.20
C LEU E 39 35.00 -33.26 20.12
N LEU E 40 34.91 -34.31 20.92
CA LEU E 40 35.98 -34.67 21.85
C LEU E 40 35.90 -36.17 22.09
N GLY E 41 36.83 -36.92 21.53
CA GLY E 41 36.84 -38.36 21.65
C GLY E 41 37.94 -38.86 22.57
N GLN E 42 38.08 -40.18 22.61
CA GLN E 42 39.15 -40.80 23.36
C GLN E 42 40.48 -40.63 22.66
N MET E 43 41.49 -41.30 23.19
CA MET E 43 42.83 -41.17 22.66
C MET E 43 43.29 -42.55 22.19
N GLU E 44 42.48 -43.19 21.37
CA GLU E 44 42.83 -44.48 20.77
C GLU E 44 43.54 -44.20 19.45
N ALA E 45 44.81 -44.59 19.35
CA ALA E 45 45.41 -44.59 18.03
C ALA E 45 46.35 -45.74 17.74
N ALA E 46 46.75 -46.54 18.74
CA ALA E 46 47.71 -47.66 18.72
C ALA E 46 49.14 -47.22 18.46
N SER E 47 49.36 -45.95 18.21
CA SER E 47 50.69 -45.38 18.17
C SER E 47 50.95 -44.54 19.40
N LEU E 48 49.89 -44.13 20.08
CA LEU E 48 50.02 -43.28 21.25
C LEU E 48 50.27 -44.08 22.51
N ALA E 49 50.07 -45.39 22.45
CA ALA E 49 50.33 -46.28 23.56
C ALA E 49 51.46 -47.26 23.30
N TYR E 50 51.81 -47.48 22.03
CA TYR E 50 52.79 -48.46 21.60
C TYR E 50 53.81 -47.79 20.69
N ASP E 51 55.07 -48.20 20.82
CA ASP E 51 56.11 -47.62 19.98
C ASP E 51 56.34 -48.54 18.78
N VAL E 52 57.35 -48.25 17.96
CA VAL E 52 57.44 -48.81 16.62
C VAL E 52 57.82 -50.29 16.68
N SER E 53 58.57 -50.64 17.73
CA SER E 53 59.01 -52.04 17.98
C SER E 53 57.81 -52.86 18.47
N GLY E 54 56.72 -52.18 18.83
CA GLY E 54 55.48 -52.81 19.34
C GLY E 54 55.49 -52.92 20.86
N GLN E 55 56.60 -52.54 21.50
CA GLN E 55 56.72 -52.56 22.98
C GLN E 55 55.89 -51.40 23.54
N PRO E 56 55.27 -51.53 24.74
CA PRO E 56 54.48 -50.44 25.32
C PRO E 56 55.36 -49.22 25.56
N ILE E 57 54.84 -48.01 25.29
CA ILE E 57 55.60 -46.79 25.47
C ILE E 57 55.59 -46.41 26.94
N LYS E 58 56.57 -45.62 27.36
CA LYS E 58 56.68 -45.25 28.76
C LYS E 58 56.28 -43.80 29.02
N SER E 59 56.02 -43.02 27.99
CA SER E 59 55.51 -41.68 28.20
C SER E 59 54.03 -41.68 28.53
N ALA E 60 53.23 -42.45 27.80
CA ALA E 60 51.78 -42.47 27.97
C ALA E 60 51.43 -43.43 29.08
N THR E 61 51.28 -42.90 30.29
CA THR E 61 50.93 -43.66 31.47
C THR E 61 49.42 -43.93 31.49
N ALA E 62 48.90 -44.34 32.64
CA ALA E 62 47.47 -44.54 32.77
C ALA E 62 46.72 -43.21 32.74
N GLU E 63 47.35 -42.14 33.23
CA GLU E 63 46.67 -40.85 33.29
C GLU E 63 46.80 -40.08 31.98
N ALA E 64 47.96 -40.13 31.34
CA ALA E 64 48.21 -39.39 30.11
C ALA E 64 47.39 -39.89 28.94
N LEU E 65 46.87 -41.11 29.02
CA LEU E 65 46.17 -41.76 27.94
C LEU E 65 44.66 -41.72 28.14
N ALA E 66 44.18 -40.99 29.13
CA ALA E 66 42.75 -40.84 29.39
C ALA E 66 42.38 -39.39 29.41
N GLN E 67 42.85 -38.62 28.44
CA GLN E 67 42.90 -37.18 28.63
C GLN E 67 41.88 -36.39 27.82
N GLY E 68 41.78 -36.59 26.52
CA GLY E 68 40.84 -35.81 25.76
C GLY E 68 41.45 -35.40 24.44
N ASN E 69 40.67 -35.38 23.37
CA ASN E 69 41.21 -35.42 22.01
C ASN E 69 40.28 -34.65 21.08
N PRO E 70 40.36 -33.32 21.06
CA PRO E 70 39.36 -32.52 20.35
C PRO E 70 39.64 -32.41 18.86
N HIS E 71 38.60 -32.58 18.05
CA HIS E 71 38.69 -32.55 16.60
C HIS E 71 37.41 -32.01 16.02
N GLN E 72 37.46 -31.59 14.77
CA GLN E 72 36.34 -30.95 14.12
C GLN E 72 35.92 -31.74 12.89
N VAL E 73 34.61 -31.86 12.66
CA VAL E 73 34.07 -32.55 11.50
C VAL E 73 32.89 -31.75 10.95
N ASP E 74 32.67 -31.84 9.64
CA ASP E 74 31.44 -31.33 9.06
C ASP E 74 30.31 -32.31 9.30
N PHE E 75 29.15 -31.78 9.64
CA PHE E 75 28.08 -32.64 10.09
C PHE E 75 26.83 -32.25 9.32
N CYS E 76 26.35 -33.15 8.47
CA CYS E 76 25.14 -32.90 7.70
C CYS E 76 24.06 -33.86 8.16
N HIS E 77 22.88 -33.32 8.44
CA HIS E 77 21.78 -34.16 8.86
C HIS E 77 20.48 -33.62 8.27
N VAL E 78 19.47 -34.46 8.26
CA VAL E 78 18.14 -34.14 7.72
C VAL E 78 17.46 -33.24 8.74
N PRO E 79 16.82 -32.13 8.34
CA PRO E 79 16.13 -31.27 9.30
C PRO E 79 14.97 -31.96 10.00
N TYR E 80 14.43 -31.29 11.03
CA TYR E 80 13.53 -32.00 11.94
C TYR E 80 12.17 -32.26 11.31
N GLY E 81 11.42 -31.21 11.03
CA GLY E 81 10.09 -31.43 10.51
C GLY E 81 10.02 -31.63 9.01
N ALA E 82 10.99 -32.34 8.45
CA ALA E 82 11.01 -32.58 7.03
C ALA E 82 10.23 -33.85 6.73
N SER E 83 10.05 -34.11 5.44
CA SER E 83 9.41 -35.35 5.00
C SER E 83 10.38 -36.28 4.30
N HIS E 84 11.06 -35.80 3.27
CA HIS E 84 11.96 -36.64 2.48
C HIS E 84 13.01 -35.77 1.81
N ILE E 85 13.84 -36.40 0.98
CA ILE E 85 14.98 -35.75 0.33
C ILE E 85 14.98 -36.13 -1.13
N GLU E 86 15.05 -35.14 -2.01
CA GLU E 86 15.02 -35.33 -3.45
C GLU E 86 16.40 -35.13 -4.05
N CYS E 87 17.05 -36.20 -4.47
CA CYS E 87 18.42 -36.18 -4.96
C CYS E 87 18.40 -36.31 -6.48
N SER E 88 18.90 -35.32 -7.20
CA SER E 88 18.69 -35.28 -8.65
C SER E 88 19.97 -35.02 -9.42
N PHE E 89 20.28 -35.90 -10.38
CA PHE E 89 21.40 -35.71 -11.30
C PHE E 89 20.88 -35.97 -12.71
N SER E 90 21.79 -36.05 -13.67
CA SER E 90 21.42 -36.31 -15.06
C SER E 90 22.55 -37.03 -15.77
N VAL E 91 22.20 -37.98 -16.64
CA VAL E 91 23.17 -38.84 -17.30
C VAL E 91 23.13 -38.47 -18.79
N SER E 92 23.98 -39.13 -19.58
CA SER E 92 24.01 -39.02 -21.02
C SER E 92 24.78 -40.20 -21.59
N PHE E 93 24.45 -40.59 -22.83
CA PHE E 93 25.08 -41.74 -23.49
C PHE E 93 25.34 -41.35 -24.95
N SER E 94 26.49 -40.76 -25.25
CA SER E 94 26.64 -40.20 -26.59
C SER E 94 27.41 -41.08 -27.55
N SER E 95 27.78 -42.30 -27.15
CA SER E 95 28.58 -43.24 -27.95
C SER E 95 29.87 -42.62 -28.46
N GLU E 96 30.77 -42.34 -27.52
CA GLU E 96 32.11 -41.92 -27.86
C GLU E 96 33.03 -43.09 -28.11
N LEU E 97 32.50 -44.31 -28.04
CA LEU E 97 33.27 -45.53 -28.16
C LEU E 97 33.49 -45.92 -29.62
N ARG E 98 33.02 -45.12 -30.55
CA ARG E 98 33.02 -45.52 -31.95
C ARG E 98 34.41 -45.42 -32.54
N GLN E 99 34.97 -44.22 -32.58
CA GLN E 99 36.34 -44.11 -33.05
C GLN E 99 37.22 -43.60 -31.91
N PRO E 100 38.53 -43.87 -31.95
CA PRO E 100 39.43 -43.34 -30.92
C PRO E 100 39.49 -41.82 -30.89
N TYR E 101 39.93 -41.32 -29.74
CA TYR E 101 40.22 -39.90 -29.58
C TYR E 101 41.58 -39.55 -30.13
N LYS E 102 42.53 -40.46 -30.03
CA LYS E 102 43.90 -40.19 -30.42
C LYS E 102 44.58 -41.51 -30.73
N CYS E 103 45.14 -41.65 -31.92
CA CYS E 103 45.85 -42.85 -32.30
C CYS E 103 46.84 -42.50 -33.39
N ASN E 104 48.07 -43.02 -33.31
CA ASN E 104 49.05 -42.78 -34.36
C ASN E 104 49.04 -43.84 -35.44
N SER E 105 48.70 -45.08 -35.09
CA SER E 105 48.78 -46.20 -36.01
C SER E 105 47.42 -46.41 -36.69
N SER E 106 47.40 -46.38 -38.02
CA SER E 106 46.16 -46.57 -38.75
C SER E 106 45.83 -48.04 -38.96
N LYS E 107 46.82 -48.93 -38.92
CA LYS E 107 46.53 -50.36 -38.94
C LYS E 107 45.83 -50.80 -37.67
N VAL E 108 46.28 -50.26 -36.52
CA VAL E 108 45.67 -50.59 -35.24
C VAL E 108 44.30 -49.96 -35.12
N LYS E 109 44.11 -48.78 -35.71
CA LYS E 109 42.84 -48.07 -35.60
C LYS E 109 41.71 -48.81 -36.31
N GLN E 110 42.02 -49.59 -37.34
CA GLN E 110 41.02 -50.47 -37.93
C GLN E 110 40.59 -51.56 -36.97
N THR E 111 41.54 -52.15 -36.25
CA THR E 111 41.29 -53.36 -35.48
C THR E 111 40.34 -53.10 -34.32
N LEU E 112 40.48 -51.98 -33.62
CA LEU E 112 39.56 -51.66 -32.55
C LEU E 112 38.21 -51.20 -33.05
N VAL E 113 38.15 -50.58 -34.23
CA VAL E 113 36.87 -50.15 -34.77
C VAL E 113 36.13 -51.33 -35.40
N GLN E 114 36.87 -52.26 -36.02
CA GLN E 114 36.18 -53.42 -36.58
C GLN E 114 35.78 -54.43 -35.52
N LEU E 115 36.26 -54.28 -34.27
CA LEU E 115 35.71 -55.13 -33.21
C LEU E 115 34.30 -54.71 -32.85
N VAL E 116 34.00 -53.41 -32.91
CA VAL E 116 32.72 -52.94 -32.40
C VAL E 116 31.60 -53.28 -33.36
N GLU E 117 31.86 -53.12 -34.66
CA GLU E 117 30.88 -53.51 -35.66
C GLU E 117 30.82 -55.02 -35.83
N LEU E 118 31.81 -55.74 -35.31
CA LEU E 118 31.67 -57.17 -35.09
C LEU E 118 30.98 -57.48 -33.78
N TYR E 119 30.90 -56.51 -32.86
CA TYR E 119 30.30 -56.78 -31.56
C TYR E 119 28.78 -56.57 -31.60
N GLU E 120 28.35 -55.43 -32.14
CA GLU E 120 26.92 -55.16 -32.25
C GLU E 120 26.23 -56.02 -33.30
N THR E 121 27.00 -56.66 -34.18
CA THR E 121 26.43 -57.66 -35.09
C THR E 121 26.26 -59.00 -34.39
N LYS E 122 27.30 -59.46 -33.71
CA LYS E 122 27.31 -60.82 -33.18
C LYS E 122 26.72 -60.92 -31.78
N ILE E 123 26.96 -59.94 -30.92
CA ILE E 123 26.51 -59.98 -29.54
C ILE E 123 25.53 -58.86 -29.22
N GLY E 124 25.86 -57.62 -29.60
CA GLY E 124 24.90 -56.53 -29.49
C GLY E 124 24.89 -55.91 -28.11
N TRP E 125 24.36 -54.68 -28.05
CA TRP E 125 24.43 -53.88 -26.84
C TRP E 125 23.35 -54.21 -25.84
N THR E 126 22.78 -55.40 -25.90
CA THR E 126 21.78 -55.79 -24.91
C THR E 126 22.42 -56.01 -23.55
N GLU E 127 23.60 -56.65 -23.52
CA GLU E 127 24.15 -57.12 -22.25
C GLU E 127 24.72 -56.00 -21.41
N LEU E 128 25.46 -55.06 -22.00
CA LEU E 128 26.03 -54.00 -21.19
C LEU E 128 25.00 -52.94 -20.83
N ALA E 129 24.07 -52.64 -21.73
CA ALA E 129 23.02 -51.67 -21.41
C ALA E 129 22.05 -52.19 -20.38
N THR E 130 21.90 -53.51 -20.27
CA THR E 130 21.19 -54.10 -19.15
C THR E 130 21.91 -53.80 -17.84
N ARG E 131 23.25 -53.80 -17.87
CA ARG E 131 24.05 -53.67 -16.66
C ARG E 131 24.22 -52.24 -16.20
N TYR E 132 24.41 -51.29 -17.12
CA TYR E 132 24.55 -49.90 -16.69
C TYR E 132 23.25 -49.35 -16.16
N LEU E 133 22.14 -49.69 -16.80
CA LEU E 133 20.86 -49.10 -16.44
C LEU E 133 20.35 -49.64 -15.11
N MET E 134 20.83 -50.81 -14.71
CA MET E 134 20.57 -51.32 -13.38
C MET E 134 21.52 -50.76 -12.33
N ASN E 135 22.14 -49.63 -12.60
CA ASN E 135 22.82 -48.83 -11.59
C ASN E 135 22.21 -47.44 -11.48
N ILE E 136 21.46 -46.99 -12.47
CA ILE E 136 20.70 -45.76 -12.35
C ILE E 136 19.39 -46.02 -11.65
N CYS E 137 18.72 -47.11 -12.02
CA CYS E 137 17.33 -47.31 -11.63
C CYS E 137 17.20 -47.79 -10.20
N ASN E 138 18.18 -48.51 -9.68
CA ASN E 138 18.25 -48.77 -8.25
C ASN E 138 19.12 -47.71 -7.59
N GLY E 139 19.61 -47.97 -6.39
CA GLY E 139 20.30 -46.91 -5.67
C GLY E 139 21.80 -46.99 -5.56
N LYS E 140 22.50 -47.34 -6.63
CA LYS E 140 23.96 -47.36 -6.60
C LYS E 140 24.57 -45.97 -6.57
N TRP E 141 23.97 -45.01 -7.26
CA TRP E 141 24.50 -43.67 -7.32
C TRP E 141 24.18 -42.82 -6.10
N LEU E 142 23.41 -43.40 -5.16
CA LEU E 142 23.09 -42.73 -3.87
C LEU E 142 24.11 -43.18 -2.82
N TRP E 143 24.90 -44.22 -3.14
CA TRP E 143 25.97 -44.76 -2.27
C TRP E 143 25.43 -45.16 -0.89
N LYS E 144 26.05 -44.63 0.18
CA LYS E 144 25.71 -44.92 1.60
C LYS E 144 24.30 -44.44 1.98
N ASN E 145 23.77 -43.42 1.29
CA ASN E 145 22.44 -42.84 1.60
C ASN E 145 21.35 -43.90 1.47
N THR E 146 21.44 -44.78 0.48
CA THR E 146 20.39 -45.83 0.29
C THR E 146 20.33 -46.69 1.55
N ARG E 147 21.50 -47.07 2.08
CA ARG E 147 21.58 -47.85 3.31
C ARG E 147 20.96 -47.05 4.44
N LYS E 148 20.35 -47.77 5.40
CA LYS E 148 19.74 -47.19 6.61
C LYS E 148 18.63 -46.20 6.29
N ALA E 149 17.71 -46.60 5.42
CA ALA E 149 16.57 -45.76 5.08
C ALA E 149 15.32 -46.62 5.08
N TYR E 150 14.17 -45.95 5.01
CA TYR E 150 12.92 -46.68 4.95
C TYR E 150 12.64 -47.19 3.54
N CYS E 151 12.49 -46.27 2.59
CA CYS E 151 12.22 -46.66 1.22
C CYS E 151 12.77 -45.57 0.31
N TRP E 152 13.03 -45.92 -0.94
CA TRP E 152 13.43 -44.90 -1.89
C TRP E 152 12.86 -45.18 -3.27
N ASN E 153 12.44 -44.10 -3.92
CA ASN E 153 11.80 -44.15 -5.23
C ASN E 153 12.76 -43.54 -6.24
N ILE E 154 12.73 -44.02 -7.46
CA ILE E 154 13.53 -43.46 -8.55
C ILE E 154 12.59 -43.07 -9.68
N VAL E 155 12.78 -41.88 -10.25
CA VAL E 155 11.95 -41.38 -11.34
C VAL E 155 12.87 -40.89 -12.46
N LEU E 156 12.74 -41.50 -13.64
CA LEU E 156 13.49 -41.12 -14.83
C LEU E 156 12.72 -40.07 -15.63
N THR E 157 13.42 -39.41 -16.55
CA THR E 157 12.77 -38.48 -17.50
C THR E 157 13.63 -38.44 -18.76
N PRO E 158 13.45 -39.37 -19.68
CA PRO E 158 14.31 -39.40 -20.87
C PRO E 158 13.93 -38.36 -21.89
N TRP E 159 14.90 -37.99 -22.71
CA TRP E 159 14.65 -36.88 -23.63
C TRP E 159 14.00 -37.24 -24.95
N PRO E 160 14.44 -38.27 -25.75
CA PRO E 160 13.62 -38.60 -26.92
C PRO E 160 12.43 -39.46 -26.52
N TRP E 161 11.42 -38.83 -25.92
CA TRP E 161 10.37 -39.55 -25.22
C TRP E 161 9.05 -38.80 -25.31
N ASN E 162 7.96 -39.53 -25.09
CA ASN E 162 6.61 -39.06 -25.41
C ASN E 162 5.74 -38.82 -24.18
N GLY E 163 5.52 -39.85 -23.38
CA GLY E 163 4.71 -39.69 -22.18
C GLY E 163 5.11 -40.73 -21.16
N GLU E 164 4.44 -40.68 -20.00
CA GLU E 164 4.66 -41.63 -18.89
C GLU E 164 6.09 -41.64 -18.37
N LYS E 165 6.49 -40.58 -17.66
CA LYS E 165 7.76 -40.55 -16.94
C LYS E 165 7.98 -41.83 -16.13
N VAL E 166 9.12 -42.46 -16.37
CA VAL E 166 9.36 -43.81 -15.89
C VAL E 166 9.57 -43.79 -14.39
N GLY E 167 8.80 -44.61 -13.68
CA GLY E 167 8.83 -44.60 -12.22
C GLY E 167 9.31 -45.94 -11.70
N PHE E 168 9.98 -45.88 -10.55
CA PHE E 168 10.46 -47.07 -9.84
C PHE E 168 10.15 -46.83 -8.38
N GLU E 169 9.08 -47.45 -7.89
CA GLU E 169 8.60 -47.19 -6.54
C GLU E 169 8.99 -48.33 -5.62
N ASP E 170 9.54 -47.97 -4.45
CA ASP E 170 9.85 -48.87 -3.33
C ASP E 170 10.82 -49.97 -3.75
N ILE E 171 12.04 -49.55 -4.03
CA ILE E 171 13.16 -50.48 -4.09
C ILE E 171 13.49 -50.97 -2.68
N ARG E 172 14.28 -52.04 -2.59
CA ARG E 172 14.58 -52.98 -1.50
C ARG E 172 13.43 -53.97 -1.33
N THR E 173 12.28 -53.73 -1.94
CA THR E 173 11.14 -54.62 -1.86
C THR E 173 10.82 -55.24 -3.20
N ASN E 174 10.66 -54.42 -4.23
CA ASN E 174 10.22 -54.86 -5.53
C ASN E 174 11.39 -55.19 -6.44
N TYR E 175 12.26 -54.22 -6.67
CA TYR E 175 13.24 -54.28 -7.74
C TYR E 175 14.55 -54.83 -7.17
N THR E 176 14.54 -56.13 -6.89
CA THR E 176 15.68 -56.80 -6.26
C THR E 176 16.58 -57.47 -7.29
N SER E 177 16.02 -58.08 -8.32
CA SER E 177 16.77 -58.91 -9.24
C SER E 177 16.77 -58.31 -10.64
N ARG E 178 17.37 -59.03 -11.58
CA ARG E 178 17.44 -58.56 -12.96
C ARG E 178 16.10 -58.63 -13.63
N GLN E 179 15.36 -59.72 -13.41
CA GLN E 179 14.09 -59.93 -14.10
C GLN E 179 13.03 -58.94 -13.65
N ASP E 180 13.12 -58.47 -12.41
CA ASP E 180 12.12 -57.55 -11.89
C ASP E 180 12.24 -56.17 -12.52
N PHE E 181 13.42 -55.83 -13.02
CA PHE E 181 13.53 -54.62 -13.83
C PHE E 181 12.95 -54.83 -15.21
N LYS E 182 13.05 -56.04 -15.76
CA LYS E 182 12.49 -56.33 -17.07
C LYS E 182 10.97 -56.29 -17.05
N ASN E 183 10.37 -56.70 -15.94
CA ASN E 183 8.92 -56.79 -15.82
C ASN E 183 8.27 -55.46 -15.52
N ASN E 184 8.98 -54.35 -15.66
CA ASN E 184 8.36 -53.04 -15.59
C ASN E 184 7.62 -52.77 -16.90
N LYS E 185 6.71 -51.80 -16.84
CA LYS E 185 5.87 -51.47 -17.99
C LYS E 185 6.67 -50.93 -19.15
N ASN E 186 7.62 -50.05 -18.90
CA ASN E 186 8.52 -49.57 -19.94
C ASN E 186 9.96 -49.71 -19.45
N TRP E 187 10.51 -50.89 -19.64
CA TRP E 187 11.93 -51.16 -19.48
C TRP E 187 12.63 -51.33 -20.80
N SER E 188 11.96 -51.96 -21.77
CA SER E 188 12.52 -52.19 -23.09
C SER E 188 12.32 -51.00 -24.02
N ALA E 189 11.64 -49.95 -23.57
CA ALA E 189 11.66 -48.70 -24.31
C ALA E 189 12.86 -47.84 -23.94
N ILE E 190 13.57 -48.22 -22.87
CA ILE E 190 14.72 -47.46 -22.39
C ILE E 190 16.04 -48.19 -22.66
N VAL E 191 16.05 -49.52 -22.60
CA VAL E 191 17.22 -50.27 -23.06
C VAL E 191 17.43 -50.06 -24.56
N GLU E 192 16.35 -49.84 -25.31
CA GLU E 192 16.46 -49.46 -26.71
C GLU E 192 16.76 -47.98 -26.91
N MET E 193 17.12 -47.25 -25.86
CA MET E 193 17.76 -45.95 -26.03
C MET E 193 19.27 -46.06 -25.95
N ILE E 194 19.75 -46.85 -24.99
CA ILE E 194 21.20 -47.05 -24.86
C ILE E 194 21.71 -47.88 -26.02
N LYS E 195 20.94 -48.88 -26.45
CA LYS E 195 21.29 -49.64 -27.65
C LYS E 195 21.26 -48.77 -28.89
N THR E 196 20.31 -47.84 -28.95
CA THR E 196 20.27 -46.90 -30.08
C THR E 196 21.41 -45.92 -29.99
N ALA E 197 21.82 -45.56 -28.76
CA ALA E 197 22.92 -44.63 -28.57
C ALA E 197 24.23 -45.21 -29.06
N PHE E 198 24.64 -46.36 -28.54
CA PHE E 198 25.92 -46.98 -28.86
C PHE E 198 26.01 -47.45 -30.31
N SER E 199 24.87 -47.71 -30.96
CA SER E 199 24.87 -48.19 -32.34
C SER E 199 24.64 -47.10 -33.36
N SER E 200 24.46 -45.85 -32.95
CA SER E 200 24.31 -44.77 -33.90
C SER E 200 25.61 -43.98 -34.02
N THR E 201 25.80 -43.40 -35.21
CA THR E 201 26.90 -42.48 -35.42
C THR E 201 26.77 -41.20 -34.61
N ASP E 202 25.53 -40.81 -34.25
CA ASP E 202 25.34 -39.77 -33.24
C ASP E 202 24.00 -40.06 -32.55
N GLY E 203 24.06 -40.85 -31.49
CA GLY E 203 22.89 -41.18 -30.70
C GLY E 203 23.14 -40.73 -29.28
N LEU E 204 22.11 -40.20 -28.63
CA LEU E 204 22.36 -39.27 -27.54
C LEU E 204 21.78 -39.69 -26.20
N ALA E 205 20.47 -39.93 -26.09
CA ALA E 205 19.81 -40.60 -24.94
C ALA E 205 20.06 -39.94 -23.58
N ILE E 206 19.61 -38.69 -23.44
CA ILE E 206 19.63 -37.98 -22.16
C ILE E 206 18.63 -38.62 -21.21
N PHE E 207 19.02 -38.80 -19.95
CA PHE E 207 18.10 -39.05 -18.85
C PHE E 207 18.11 -37.87 -17.88
N GLU E 208 17.17 -37.90 -16.92
CA GLU E 208 17.07 -36.90 -15.86
C GLU E 208 16.49 -37.61 -14.63
N VAL E 209 17.35 -37.96 -13.69
CA VAL E 209 16.99 -38.90 -12.64
C VAL E 209 16.68 -38.14 -11.37
N ARG E 210 15.68 -38.61 -10.61
CA ARG E 210 15.30 -37.97 -9.37
C ARG E 210 14.87 -38.99 -8.35
N ALA E 211 15.58 -39.03 -7.23
CA ALA E 211 15.34 -39.98 -6.15
C ALA E 211 14.47 -39.34 -5.08
N THR E 212 13.98 -40.17 -4.16
CA THR E 212 13.18 -39.68 -3.04
C THR E 212 13.43 -40.59 -1.86
N LEU E 213 14.17 -40.10 -0.88
CA LEU E 213 14.66 -40.88 0.25
C LEU E 213 13.83 -40.56 1.48
N HIS E 214 13.21 -41.56 2.07
CA HIS E 214 12.49 -41.41 3.33
C HIS E 214 13.40 -41.95 4.42
N LEU E 215 13.97 -41.05 5.22
CA LEU E 215 14.99 -41.40 6.21
C LEU E 215 14.32 -41.62 7.56
N PRO E 216 15.07 -42.08 8.56
CA PRO E 216 14.58 -41.94 9.94
C PRO E 216 14.48 -40.49 10.41
N THR E 217 14.10 -40.33 11.67
CA THR E 217 14.06 -38.99 12.25
C THR E 217 15.47 -38.48 12.38
N ASN E 218 15.70 -37.28 11.81
CA ASN E 218 16.82 -36.42 12.17
C ASN E 218 18.17 -37.03 11.77
N ALA E 219 18.20 -37.78 10.67
CA ALA E 219 19.26 -38.73 10.37
C ALA E 219 20.42 -38.08 9.64
N MET E 220 21.57 -38.74 9.69
CA MET E 220 22.77 -38.37 8.93
C MET E 220 22.54 -38.46 7.44
N VAL E 221 23.27 -37.64 6.67
CA VAL E 221 23.47 -37.94 5.26
C VAL E 221 24.98 -37.92 4.99
N ARG E 222 25.39 -38.73 4.01
CA ARG E 222 26.79 -38.97 3.69
C ARG E 222 27.11 -38.51 2.27
N PRO E 223 27.52 -37.27 2.07
CA PRO E 223 27.98 -36.83 0.77
C PRO E 223 29.44 -37.21 0.57
N SER E 224 29.93 -36.96 -0.63
CA SER E 224 31.34 -37.16 -0.90
C SER E 224 32.13 -36.02 -0.28
N GLN E 225 33.40 -36.28 -0.01
CA GLN E 225 34.21 -35.38 0.79
C GLN E 225 35.62 -35.34 0.22
N VAL E 226 36.34 -34.27 0.54
CA VAL E 226 37.42 -33.79 -0.32
C VAL E 226 38.72 -34.54 -0.05
N PHE E 227 39.65 -34.39 -0.98
CA PHE E 227 40.96 -35.05 -1.00
C PHE E 227 42.03 -33.97 -1.12
N THR E 228 42.51 -33.47 0.01
CA THR E 228 43.53 -32.43 0.03
C THR E 228 44.79 -32.96 0.69
N GLU E 229 45.70 -32.06 1.03
CA GLU E 229 46.92 -32.44 1.71
C GLU E 229 47.09 -31.66 3.00
N GLN E 241 42.57 -29.24 12.99
CA GLN E 241 41.78 -28.68 11.90
C GLN E 241 40.65 -29.60 11.52
N ASN E 242 39.90 -29.24 10.47
CA ASN E 242 38.72 -29.99 10.07
C ASN E 242 39.17 -31.27 9.37
N SER E 243 38.68 -32.40 9.86
CA SER E 243 39.11 -33.70 9.41
C SER E 243 38.13 -34.37 8.47
N ARG E 244 36.94 -33.79 8.28
CA ARG E 244 35.94 -34.34 7.37
C ARG E 244 35.29 -33.15 6.68
N VAL E 245 35.83 -32.77 5.53
CA VAL E 245 35.40 -31.59 4.81
C VAL E 245 34.56 -32.05 3.63
N PHE E 246 33.29 -31.69 3.63
CA PHE E 246 32.36 -32.15 2.60
C PHE E 246 32.51 -31.34 1.33
N GLN E 247 32.20 -31.98 0.19
CA GLN E 247 32.14 -31.26 -1.06
C GLN E 247 30.85 -30.47 -1.12
N SER E 248 30.89 -29.32 -1.78
CA SER E 248 29.74 -28.44 -1.75
C SER E 248 29.58 -27.73 -3.08
N THR E 249 28.37 -27.21 -3.30
CA THR E 249 28.02 -26.41 -4.50
C THR E 249 27.08 -25.30 -4.06
N THR E 250 27.00 -24.20 -4.82
CA THR E 250 26.09 -23.11 -4.39
C THR E 250 24.75 -23.23 -5.12
N ILE E 251 23.71 -23.60 -4.37
CA ILE E 251 22.31 -23.69 -4.92
C ILE E 251 21.61 -22.51 -4.27
N ASP E 252 21.02 -21.62 -5.08
CA ASP E 252 20.40 -20.38 -4.53
C ASP E 252 21.50 -19.69 -3.72
N GLY E 253 21.24 -19.36 -2.45
CA GLY E 253 22.26 -18.72 -1.60
C GLY E 253 22.80 -19.65 -0.54
N GLU E 254 22.53 -20.96 -0.64
CA GLU E 254 22.94 -21.87 0.41
C GLU E 254 24.14 -22.67 -0.02
N ARG E 255 24.96 -23.08 0.95
CA ARG E 255 25.90 -24.14 0.68
C ARG E 255 25.16 -25.48 0.75
N SER E 256 25.49 -26.39 -0.17
CA SER E 256 24.76 -27.62 -0.09
C SER E 256 25.73 -28.76 -0.35
N PRO E 257 25.64 -29.85 0.41
CA PRO E 257 26.52 -30.99 0.18
C PRO E 257 26.14 -31.68 -1.10
N ILE E 258 27.12 -32.03 -1.91
CA ILE E 258 26.84 -32.71 -3.16
C ILE E 258 27.57 -34.04 -3.18
N LEU E 259 27.33 -34.79 -4.23
CA LEU E 259 28.05 -36.02 -4.50
C LEU E 259 28.69 -35.80 -5.85
N GLY E 260 29.89 -36.31 -6.04
CA GLY E 260 30.74 -35.81 -7.10
C GLY E 260 30.28 -36.23 -8.48
N ALA E 261 30.89 -35.60 -9.49
CA ALA E 261 30.68 -36.04 -10.85
C ALA E 261 31.50 -37.26 -11.19
N PHE E 262 32.44 -37.63 -10.33
CA PHE E 262 33.25 -38.83 -10.48
C PHE E 262 32.90 -39.86 -9.44
N LYS E 263 32.38 -39.42 -8.30
CA LYS E 263 31.77 -40.33 -7.35
C LYS E 263 30.51 -40.95 -7.91
N THR E 264 29.79 -40.21 -8.78
CA THR E 264 28.59 -40.73 -9.41
C THR E 264 28.93 -41.73 -10.50
N GLY E 265 29.81 -41.36 -11.42
CA GLY E 265 30.18 -42.19 -12.55
C GLY E 265 30.91 -43.45 -12.20
N ALA E 266 31.48 -43.54 -10.99
CA ALA E 266 32.03 -44.81 -10.54
C ALA E 266 30.96 -45.79 -10.11
N ALA E 267 29.76 -45.30 -9.80
CA ALA E 267 28.67 -46.16 -9.36
C ALA E 267 27.86 -46.71 -10.51
N ILE E 268 27.80 -45.97 -11.62
CA ILE E 268 27.16 -46.50 -12.81
C ILE E 268 28.00 -47.61 -13.43
N ALA E 269 29.31 -47.55 -13.25
CA ALA E 269 30.21 -48.50 -13.88
C ALA E 269 30.77 -49.54 -12.92
N THR E 270 29.98 -50.05 -11.97
CA THR E 270 30.37 -51.24 -11.22
C THR E 270 29.77 -52.46 -11.94
N ILE E 271 30.56 -53.04 -12.83
CA ILE E 271 30.05 -54.09 -13.70
C ILE E 271 30.83 -55.40 -13.57
N ASP E 272 32.13 -55.32 -13.30
CA ASP E 272 33.04 -56.43 -13.52
C ASP E 272 32.82 -57.58 -12.56
N ASP E 273 32.19 -58.64 -13.07
CA ASP E 273 32.19 -59.93 -12.42
C ASP E 273 32.62 -61.01 -13.40
N TRP E 274 33.50 -60.60 -14.32
CA TRP E 274 34.03 -61.48 -15.40
C TRP E 274 35.43 -61.99 -15.06
N TYR E 275 35.95 -61.68 -13.87
CA TYR E 275 37.30 -62.14 -13.47
C TYR E 275 37.29 -63.63 -13.10
N PRO E 276 38.48 -64.28 -12.97
CA PRO E 276 38.56 -65.72 -12.72
C PRO E 276 37.84 -66.16 -11.44
N GLU E 277 37.92 -65.34 -10.38
CA GLU E 277 37.25 -65.68 -9.10
C GLU E 277 36.41 -64.46 -8.68
N ALA E 278 35.26 -64.27 -9.36
CA ALA E 278 34.40 -63.10 -9.11
C ALA E 278 33.22 -63.46 -8.22
N THR E 279 33.13 -62.81 -7.05
CA THR E 279 32.01 -63.02 -6.10
C THR E 279 31.23 -61.72 -5.95
N GLU E 280 31.81 -60.59 -6.40
CA GLU E 280 31.16 -59.26 -6.31
C GLU E 280 31.53 -58.42 -7.52
N PRO E 281 30.65 -57.51 -8.01
CA PRO E 281 30.98 -56.65 -9.15
C PRO E 281 32.05 -55.62 -8.73
N LEU E 282 32.89 -55.22 -9.67
CA LEU E 282 33.99 -54.24 -9.40
C LEU E 282 33.91 -53.08 -10.38
N ARG E 283 34.46 -51.92 -10.01
CA ARG E 283 34.44 -50.76 -10.90
C ARG E 283 35.33 -51.05 -12.10
N VAL E 284 34.87 -50.64 -13.27
CA VAL E 284 35.50 -51.06 -14.52
C VAL E 284 36.80 -50.30 -14.72
N GLY E 285 37.91 -51.01 -14.75
CA GLY E 285 39.19 -50.35 -14.96
C GLY E 285 40.28 -51.36 -15.22
N ARG E 286 41.40 -50.84 -15.73
CA ARG E 286 42.61 -51.63 -15.94
C ARG E 286 43.06 -52.26 -14.64
N PHE E 287 43.41 -53.54 -14.69
CA PHE E 287 43.78 -54.42 -13.56
C PHE E 287 42.91 -54.19 -12.32
N GLY E 288 41.63 -54.54 -12.48
CA GLY E 288 40.50 -54.08 -11.68
C GLY E 288 40.62 -54.11 -10.18
N VAL E 289 40.65 -52.93 -9.59
CA VAL E 289 41.06 -52.77 -8.21
C VAL E 289 39.85 -52.80 -7.29
N HIS E 290 40.10 -53.19 -6.05
CA HIS E 290 39.12 -53.21 -5.00
C HIS E 290 39.67 -52.37 -3.86
N ARG E 291 38.82 -51.54 -3.25
CA ARG E 291 39.29 -50.66 -2.19
C ARG E 291 38.78 -51.04 -0.81
N GLU E 292 37.90 -52.03 -0.71
CA GLU E 292 37.70 -52.70 0.58
C GLU E 292 38.98 -53.43 0.99
N ASP E 293 39.39 -54.43 0.21
CA ASP E 293 40.68 -55.07 0.39
C ASP E 293 41.61 -54.62 -0.71
N VAL E 294 42.75 -54.05 -0.32
CA VAL E 294 43.57 -53.32 -1.28
C VAL E 294 44.35 -54.34 -2.09
N THR E 295 43.72 -54.81 -3.18
CA THR E 295 44.26 -55.84 -4.03
C THR E 295 43.88 -55.53 -5.47
N CYS E 296 44.57 -56.19 -6.39
CA CYS E 296 44.27 -56.10 -7.80
C CYS E 296 43.86 -57.49 -8.26
N TYR E 297 42.57 -57.76 -8.28
CA TYR E 297 42.05 -58.77 -9.18
C TYR E 297 42.34 -58.32 -10.61
N ARG E 298 42.50 -59.31 -11.50
CA ARG E 298 43.01 -59.11 -12.86
C ARG E 298 44.40 -58.47 -12.84
N HIS E 299 45.25 -58.96 -11.94
CA HIS E 299 46.65 -58.53 -11.90
C HIS E 299 47.33 -58.93 -13.21
N PRO E 300 48.29 -58.13 -13.69
CA PRO E 300 48.91 -58.43 -14.99
C PRO E 300 49.73 -59.70 -15.06
N SER E 301 50.20 -60.25 -13.93
CA SER E 301 50.88 -61.54 -13.99
C SER E 301 49.90 -62.68 -14.20
N THR E 302 48.65 -62.50 -13.77
CA THR E 302 47.61 -63.47 -14.09
C THR E 302 47.33 -63.48 -15.59
N GLY E 303 47.39 -62.31 -16.21
CA GLY E 303 47.26 -62.21 -17.65
C GLY E 303 45.87 -61.96 -18.15
N LYS E 304 44.98 -61.42 -17.33
CA LYS E 304 43.63 -61.11 -17.76
C LYS E 304 43.31 -59.64 -17.53
N ASP E 305 44.34 -58.82 -17.38
CA ASP E 305 44.16 -57.38 -17.34
C ASP E 305 43.83 -56.83 -18.72
N PHE E 306 43.64 -55.52 -18.80
CA PHE E 306 43.12 -54.93 -20.02
C PHE E 306 44.17 -54.85 -21.11
N PHE E 307 45.44 -54.68 -20.77
CA PHE E 307 46.46 -54.62 -21.81
C PHE E 307 46.76 -55.98 -22.41
N SER E 308 46.46 -57.06 -21.70
CA SER E 308 46.56 -58.39 -22.27
C SER E 308 45.25 -58.83 -22.91
N ILE E 309 44.43 -57.88 -23.32
CA ILE E 309 43.28 -58.17 -24.17
C ILE E 309 43.35 -57.41 -25.50
N LEU E 310 43.80 -56.15 -25.49
CA LEU E 310 44.16 -55.46 -26.74
C LEU E 310 45.18 -56.21 -27.57
N GLN E 311 46.13 -56.87 -26.92
CA GLN E 311 47.11 -57.67 -27.65
C GLN E 311 46.46 -58.91 -28.27
N GLN E 312 45.30 -59.32 -27.77
CA GLN E 312 44.54 -60.42 -28.33
C GLN E 312 43.38 -59.97 -29.20
N ALA E 313 43.33 -58.68 -29.57
CA ALA E 313 42.18 -58.16 -30.31
C ALA E 313 42.16 -58.65 -31.75
N GLU E 314 43.29 -59.12 -32.26
CA GLU E 314 43.30 -59.76 -33.56
C GLU E 314 42.61 -61.11 -33.51
N HIS E 315 42.86 -61.88 -32.44
CA HIS E 315 42.20 -63.17 -32.25
C HIS E 315 40.71 -63.00 -31.99
N TYR E 316 40.27 -61.83 -31.55
CA TYR E 316 38.85 -61.56 -31.36
C TYR E 316 38.18 -61.06 -32.62
N ILE E 317 38.85 -61.12 -33.77
CA ILE E 317 38.17 -60.88 -35.04
C ILE E 317 37.83 -62.20 -35.71
N GLU E 318 38.74 -63.18 -35.66
CA GLU E 318 38.41 -64.52 -36.16
C GLU E 318 37.47 -65.30 -35.24
N VAL E 319 37.32 -64.88 -33.99
CA VAL E 319 36.32 -65.50 -33.13
C VAL E 319 34.92 -65.08 -33.53
N LEU E 320 34.70 -63.78 -33.68
CA LEU E 320 33.34 -63.30 -33.96
C LEU E 320 32.98 -63.48 -35.43
N SER E 321 33.95 -63.84 -36.28
CA SER E 321 33.63 -64.09 -37.68
C SER E 321 33.29 -65.55 -37.91
N ALA E 322 33.51 -66.39 -36.91
CA ALA E 322 33.08 -67.78 -37.01
C ALA E 322 31.57 -67.86 -36.80
N ASN E 323 30.94 -68.84 -37.48
CA ASN E 323 29.49 -68.94 -37.40
C ASN E 323 29.06 -69.56 -36.08
N LYS E 324 29.96 -70.28 -35.42
CA LYS E 324 29.68 -70.87 -34.13
C LYS E 324 29.58 -69.77 -33.08
N THR E 325 28.65 -69.95 -32.14
CA THR E 325 28.60 -69.08 -30.98
C THR E 325 29.81 -69.35 -30.09
N PRO E 326 30.60 -68.32 -29.76
CA PRO E 326 31.79 -68.55 -28.93
C PRO E 326 31.42 -68.70 -27.46
N ALA E 327 32.38 -69.23 -26.69
CA ALA E 327 32.08 -69.67 -25.34
C ALA E 327 31.98 -68.50 -24.39
N GLN E 328 31.60 -68.81 -23.15
CA GLN E 328 31.59 -67.80 -22.10
C GLN E 328 33.00 -67.43 -21.66
N GLU E 329 33.96 -68.31 -21.92
CA GLU E 329 35.35 -68.02 -21.59
C GLU E 329 35.87 -66.85 -22.43
N THR E 330 35.39 -66.72 -23.65
CA THR E 330 35.96 -65.80 -24.62
C THR E 330 34.95 -64.79 -25.17
N ILE E 331 33.81 -64.61 -24.52
CA ILE E 331 33.03 -63.39 -24.74
C ILE E 331 33.00 -62.51 -23.52
N ASN E 332 33.38 -63.02 -22.35
CA ASN E 332 33.55 -62.15 -21.20
C ASN E 332 34.75 -61.25 -21.37
N ASP E 333 35.78 -61.73 -22.08
CA ASP E 333 36.82 -60.84 -22.56
C ASP E 333 36.27 -59.81 -23.52
N MET E 334 35.30 -60.19 -24.34
CA MET E 334 34.71 -59.23 -25.25
C MET E 334 33.80 -58.24 -24.53
N HIS E 335 33.15 -58.65 -23.44
CA HIS E 335 32.37 -57.69 -22.69
C HIS E 335 33.27 -56.75 -21.90
N PHE E 336 34.34 -57.28 -21.33
CA PHE E 336 35.25 -56.46 -20.54
C PHE E 336 36.06 -55.53 -21.43
N LEU E 337 36.34 -55.94 -22.67
CA LEU E 337 36.99 -55.05 -23.62
C LEU E 337 36.10 -53.87 -23.95
N MET E 338 34.79 -54.10 -24.05
CA MET E 338 33.88 -53.02 -24.39
C MET E 338 33.69 -52.06 -23.24
N ALA E 339 33.68 -52.57 -22.00
CA ALA E 339 33.39 -51.73 -20.85
C ALA E 339 34.54 -50.81 -20.51
N ASN E 340 35.77 -51.16 -20.90
CA ASN E 340 36.90 -50.26 -20.76
C ASN E 340 36.99 -49.26 -21.89
N LEU E 341 36.53 -49.61 -23.10
CA LEU E 341 36.48 -48.60 -24.16
C LEU E 341 35.35 -47.61 -23.90
N ILE E 342 34.33 -48.04 -23.15
CA ILE E 342 33.29 -47.11 -22.72
C ILE E 342 33.82 -46.20 -21.63
N LYS E 343 34.67 -46.73 -20.75
CA LYS E 343 35.22 -45.97 -19.64
C LYS E 343 36.21 -44.92 -20.10
N GLY E 344 36.92 -45.21 -21.20
CA GLY E 344 37.91 -44.28 -21.77
C GLY E 344 39.25 -44.30 -21.04
N GLY E 345 40.08 -43.28 -21.27
CA GLY E 345 41.42 -43.16 -20.64
C GLY E 345 42.55 -43.53 -21.58
N MET E 346 43.76 -43.08 -21.28
CA MET E 346 44.96 -43.36 -22.11
C MET E 346 45.27 -44.86 -22.06
N PHE E 347 45.64 -45.45 -23.19
CA PHE E 347 45.96 -46.90 -23.27
C PHE E 347 47.45 -47.12 -23.56
N GLN E 348 48.28 -46.07 -23.54
CA GLN E 348 49.69 -46.26 -23.86
C GLN E 348 50.32 -47.26 -22.90
N HIS E 349 51.54 -47.65 -23.20
CA HIS E 349 52.18 -48.70 -22.44
C HIS E 349 53.50 -48.22 -21.83
N MET F 1 50.11 -62.19 15.72
CA MET F 1 49.44 -61.68 14.54
C MET F 1 49.65 -60.18 14.43
N LYS F 2 50.30 -59.72 13.36
CA LYS F 2 50.60 -58.31 13.23
C LYS F 2 49.36 -57.53 12.83
N LEU F 3 49.43 -56.23 12.98
CA LEU F 3 48.34 -55.38 12.55
C LEU F 3 48.71 -54.69 11.24
N PRO F 4 47.77 -54.58 10.30
CA PRO F 4 48.08 -53.95 9.02
C PRO F 4 48.26 -52.46 9.15
N THR F 5 48.74 -51.84 8.07
CA THR F 5 48.86 -50.40 8.04
C THR F 5 47.59 -49.71 7.58
N ASN F 6 46.56 -50.46 7.19
CA ASN F 6 45.23 -49.92 6.92
C ASN F 6 44.23 -50.92 7.46
N LEU F 7 43.47 -50.55 8.48
CA LEU F 7 42.36 -51.37 8.93
C LEU F 7 41.35 -50.43 9.57
N ALA F 8 40.07 -50.67 9.31
CA ALA F 8 39.02 -49.80 9.84
C ALA F 8 37.71 -50.54 9.72
N TYR F 9 36.79 -50.26 10.65
CA TYR F 9 35.42 -50.67 10.48
C TYR F 9 34.54 -49.43 10.45
N GLU F 10 33.32 -49.60 9.94
CA GLU F 10 32.28 -48.65 10.26
C GLU F 10 31.59 -49.09 11.54
N ARG F 11 30.67 -48.26 12.02
CA ARG F 11 29.98 -48.65 13.22
C ARG F 11 28.66 -49.32 12.89
N SER F 12 28.18 -50.11 13.85
CA SER F 12 26.94 -50.85 13.70
C SER F 12 25.81 -50.27 14.52
N ILE F 13 25.94 -49.05 15.04
CA ILE F 13 24.88 -48.33 15.74
C ILE F 13 24.98 -46.89 15.32
N ASP F 14 23.89 -46.29 14.86
CA ASP F 14 23.92 -44.96 14.28
C ASP F 14 22.88 -44.04 14.89
N PRO F 15 23.22 -43.25 15.90
CA PRO F 15 22.24 -42.37 16.55
C PRO F 15 22.11 -41.02 15.85
N SER F 16 21.24 -40.18 16.42
CA SER F 16 21.04 -38.83 15.90
C SER F 16 20.89 -37.87 17.06
N ASP F 17 20.71 -36.59 16.72
CA ASP F 17 20.52 -35.55 17.72
C ASP F 17 19.19 -35.73 18.43
N VAL F 18 19.13 -35.28 19.67
CA VAL F 18 17.92 -35.32 20.47
C VAL F 18 17.35 -33.91 20.51
N CYS F 19 16.09 -33.76 20.12
CA CYS F 19 15.44 -32.46 20.07
C CYS F 19 14.47 -32.33 21.23
N PHE F 20 14.35 -31.10 21.74
CA PHE F 20 13.58 -30.83 22.95
C PHE F 20 12.39 -29.95 22.62
N PHE F 21 11.22 -30.33 23.11
CA PHE F 21 9.98 -29.62 22.83
C PHE F 21 9.28 -29.32 24.14
N VAL F 22 8.52 -28.25 24.15
CA VAL F 22 7.72 -27.87 25.31
C VAL F 22 6.29 -28.20 25.00
N VAL F 23 5.71 -29.11 25.76
CA VAL F 23 4.34 -29.51 25.56
C VAL F 23 3.45 -28.76 26.53
N TRP F 24 2.66 -27.83 25.99
CA TRP F 24 1.75 -26.99 26.80
C TRP F 24 0.52 -27.80 27.24
N PRO F 25 -0.32 -27.27 28.15
CA PRO F 25 -1.55 -27.97 28.63
C PRO F 25 -2.61 -28.23 27.56
N ASP F 26 -2.59 -27.46 26.45
CA ASP F 26 -3.53 -27.58 25.30
C ASP F 26 -3.03 -28.63 24.29
N ASP F 27 -1.91 -29.30 24.60
CA ASP F 27 -1.25 -30.37 23.78
C ASP F 27 -0.57 -29.77 22.55
N ARG F 28 -0.21 -28.49 22.59
CA ARG F 28 0.51 -27.91 21.47
C ARG F 28 1.99 -27.86 21.80
N LYS F 29 2.82 -28.01 20.79
CA LYS F 29 4.25 -28.24 20.99
C LYS F 29 5.06 -27.11 20.39
N THR F 30 5.91 -26.52 21.20
CA THR F 30 6.75 -25.42 20.83
C THR F 30 8.18 -25.83 21.10
N PRO F 31 9.14 -25.50 20.22
CA PRO F 31 10.53 -25.84 20.51
C PRO F 31 11.06 -25.07 21.72
N LEU F 32 11.90 -25.72 22.48
CA LEU F 32 12.53 -25.12 23.65
C LEU F 32 13.52 -24.07 23.21
N THR F 33 13.87 -23.15 24.10
CA THR F 33 14.81 -22.09 23.78
C THR F 33 15.76 -21.88 24.94
N TYR F 34 16.78 -21.06 24.71
CA TYR F 34 17.66 -20.66 25.79
C TYR F 34 18.14 -19.24 25.58
N ASN F 35 18.96 -18.79 26.52
CA ASN F 35 19.41 -17.41 26.61
C ASN F 35 20.72 -17.38 27.37
N SER F 36 21.56 -16.42 27.01
CA SER F 36 22.77 -16.13 27.77
C SER F 36 22.43 -15.08 28.81
N ARG F 37 22.99 -15.23 30.00
CA ARG F 37 22.83 -14.17 30.99
C ARG F 37 24.02 -14.07 31.91
N THR F 38 24.46 -12.84 32.14
CA THR F 38 25.59 -12.52 32.99
C THR F 38 25.23 -12.60 34.46
N LEU F 39 26.24 -12.90 35.25
CA LEU F 39 26.07 -13.09 36.68
C LEU F 39 27.25 -12.54 37.45
N LEU F 40 27.28 -12.79 38.75
CA LEU F 40 28.30 -12.18 39.58
C LEU F 40 28.58 -13.12 40.75
N GLY F 41 29.63 -13.93 40.62
CA GLY F 41 30.02 -14.87 41.63
C GLY F 41 31.12 -14.32 42.51
N GLN F 42 31.51 -15.15 43.48
CA GLN F 42 32.65 -14.82 44.31
C GLN F 42 33.93 -15.03 43.53
N MET F 43 35.04 -14.83 44.21
CA MET F 43 36.32 -14.90 43.54
C MET F 43 37.08 -16.07 44.13
N GLU F 44 36.41 -17.22 44.23
CA GLU F 44 36.98 -18.43 44.78
C GLU F 44 37.72 -19.18 43.69
N ALA F 45 39.05 -19.13 43.68
CA ALA F 45 39.76 -19.97 42.72
C ALA F 45 41.02 -20.64 43.24
N ALA F 46 41.63 -20.16 44.33
CA ALA F 46 42.87 -20.62 44.98
C ALA F 46 44.13 -20.41 44.15
N SER F 47 44.00 -19.96 42.93
CA SER F 47 45.09 -19.32 42.22
C SER F 47 45.10 -17.84 42.47
N LEU F 48 44.05 -17.33 43.10
CA LEU F 48 43.88 -15.93 43.38
C LEU F 48 44.17 -15.60 44.82
N ALA F 49 44.36 -16.61 45.66
CA ALA F 49 44.67 -16.44 47.06
C ALA F 49 45.99 -17.04 47.48
N TYR F 50 46.38 -18.13 46.80
CA TYR F 50 47.62 -18.85 47.16
C TYR F 50 48.54 -18.93 45.93
N ASP F 51 49.85 -18.76 46.17
CA ASP F 51 50.89 -18.86 45.12
C ASP F 51 51.20 -20.35 44.84
N VAL F 52 51.99 -20.62 43.80
CA VAL F 52 52.32 -22.04 43.43
C VAL F 52 52.99 -22.74 44.61
N SER F 53 53.90 -22.06 45.30
CA SER F 53 54.60 -22.63 46.48
C SER F 53 53.63 -22.98 47.61
N GLY F 54 52.58 -22.17 47.82
CA GLY F 54 51.68 -22.43 48.94
C GLY F 54 51.42 -21.22 49.80
N GLN F 55 52.40 -20.34 49.97
CA GLN F 55 52.21 -19.16 50.81
C GLN F 55 51.34 -18.14 50.09
N PRO F 56 50.60 -17.31 50.82
CA PRO F 56 49.61 -16.43 50.17
C PRO F 56 50.26 -15.34 49.33
N ILE F 57 49.64 -15.06 48.18
CA ILE F 57 49.96 -13.85 47.44
C ILE F 57 49.63 -12.63 48.29
N LYS F 58 50.62 -11.77 48.48
CA LYS F 58 50.48 -10.65 49.40
C LYS F 58 49.65 -9.51 48.83
N SER F 59 49.43 -9.49 47.52
CA SER F 59 48.59 -8.47 46.91
C SER F 59 47.10 -8.81 46.96
N ALA F 60 46.73 -9.96 47.53
CA ALA F 60 45.33 -10.36 47.61
C ALA F 60 44.86 -10.15 49.05
N THR F 61 44.49 -8.90 49.35
CA THR F 61 44.10 -8.51 50.69
C THR F 61 42.69 -9.02 50.99
N ALA F 62 42.18 -8.72 52.19
CA ALA F 62 40.83 -9.12 52.53
C ALA F 62 39.81 -8.37 51.69
N GLU F 63 40.01 -7.07 51.51
CA GLU F 63 39.10 -6.23 50.71
C GLU F 63 39.11 -6.66 49.24
N ALA F 64 40.31 -6.92 48.70
CA ALA F 64 40.51 -7.29 47.28
C ALA F 64 39.83 -8.62 46.93
N LEU F 65 39.91 -9.62 47.81
CA LEU F 65 39.35 -10.96 47.52
C LEU F 65 37.83 -10.90 47.32
N ALA F 66 37.12 -10.16 48.18
CA ALA F 66 35.63 -10.05 48.04
C ALA F 66 35.29 -8.90 47.09
N GLN F 67 35.56 -9.05 45.79
CA GLN F 67 35.30 -7.93 44.85
C GLN F 67 34.20 -8.25 43.81
N GLY F 68 33.79 -9.51 43.66
CA GLY F 68 32.77 -9.77 42.67
C GLY F 68 33.40 -10.16 41.36
N ASN F 69 32.94 -11.26 40.79
CA ASN F 69 33.60 -11.90 39.65
C ASN F 69 32.54 -12.09 38.58
N PRO F 70 32.45 -11.18 37.62
CA PRO F 70 31.40 -11.26 36.61
C PRO F 70 31.73 -12.21 35.47
N HIS F 71 30.74 -13.01 35.07
CA HIS F 71 30.92 -14.02 34.03
C HIS F 71 29.65 -14.11 33.21
N GLN F 72 29.51 -15.18 32.43
CA GLN F 72 28.35 -15.34 31.55
C GLN F 72 28.18 -16.80 31.19
N VAL F 73 26.95 -17.31 31.32
CA VAL F 73 26.62 -18.68 30.96
C VAL F 73 25.35 -18.67 30.11
N ASP F 74 25.12 -19.76 29.37
CA ASP F 74 23.81 -19.97 28.76
C ASP F 74 22.89 -20.64 29.75
N PHE F 75 21.63 -20.25 29.72
CA PHE F 75 20.70 -20.65 30.78
C PHE F 75 19.41 -21.11 30.13
N CYS F 76 19.10 -22.39 30.24
CA CYS F 76 17.91 -22.98 29.65
C CYS F 76 17.03 -23.53 30.77
N HIS F 77 15.73 -23.29 30.67
CA HIS F 77 14.83 -23.72 31.71
C HIS F 77 13.43 -23.92 31.13
N VAL F 78 12.64 -24.74 31.81
CA VAL F 78 11.27 -25.04 31.40
C VAL F 78 10.41 -23.80 31.61
N PRO F 79 9.51 -23.44 30.69
CA PRO F 79 8.64 -22.28 30.93
C PRO F 79 7.66 -22.50 32.06
N TYR F 80 6.89 -21.45 32.37
CA TYR F 80 6.08 -21.49 33.57
C TYR F 80 4.83 -22.33 33.38
N GLY F 81 4.08 -22.07 32.31
CA GLY F 81 2.82 -22.77 32.14
C GLY F 81 2.93 -24.12 31.48
N ALA F 82 4.15 -24.56 31.21
CA ALA F 82 4.42 -25.81 30.50
C ALA F 82 4.00 -27.00 31.35
N SER F 83 3.91 -28.15 30.70
CA SER F 83 3.56 -29.38 31.37
C SER F 83 4.70 -30.40 31.39
N HIS F 84 5.19 -30.80 30.22
CA HIS F 84 6.30 -31.74 30.14
C HIS F 84 7.16 -31.41 28.94
N ILE F 85 8.06 -32.31 28.58
CA ILE F 85 9.11 -32.07 27.59
C ILE F 85 9.32 -33.35 26.78
N GLU F 86 9.30 -33.23 25.46
CA GLU F 86 9.52 -34.34 24.56
C GLU F 86 10.97 -34.36 24.10
N CYS F 87 11.57 -35.54 24.16
CA CYS F 87 12.90 -35.76 23.60
C CYS F 87 12.76 -36.87 22.59
N SER F 88 13.43 -36.76 21.44
CA SER F 88 13.13 -37.68 20.35
C SER F 88 14.28 -37.78 19.37
N PHE F 89 14.68 -39.01 19.04
CA PHE F 89 15.81 -39.29 18.15
C PHE F 89 15.56 -40.65 17.50
N SER F 90 16.57 -41.20 16.82
CA SER F 90 16.40 -42.47 16.10
C SER F 90 17.71 -43.22 15.97
N VAL F 91 17.68 -44.54 16.21
CA VAL F 91 18.87 -45.38 16.25
C VAL F 91 18.79 -46.39 15.10
N SER F 92 19.92 -46.99 14.75
CA SER F 92 20.01 -48.07 13.78
C SER F 92 20.88 -49.19 14.35
N PHE F 93 20.77 -50.36 13.75
CA PHE F 93 21.60 -51.52 14.12
C PHE F 93 21.84 -52.28 12.82
N SER F 94 23.06 -52.24 12.28
CA SER F 94 23.15 -52.38 10.84
C SER F 94 24.28 -53.20 10.28
N SER F 95 24.75 -54.20 11.05
CA SER F 95 25.71 -55.24 10.61
C SER F 95 26.98 -54.70 9.92
N GLU F 96 27.66 -53.72 10.51
CA GLU F 96 28.91 -53.20 9.89
C GLU F 96 30.12 -53.93 10.45
N LEU F 97 29.92 -54.88 11.37
CA LEU F 97 31.04 -55.62 12.02
C LEU F 97 31.31 -56.98 11.34
N ARG F 98 30.60 -57.30 10.27
CA ARG F 98 30.77 -58.62 9.59
C ARG F 98 32.19 -58.77 9.01
N GLN F 99 32.71 -57.71 8.38
CA GLN F 99 34.03 -57.70 7.77
C GLN F 99 34.62 -56.29 7.86
N PRO F 100 35.92 -56.12 7.69
CA PRO F 100 36.48 -54.76 7.71
C PRO F 100 35.99 -53.88 6.58
N TYR F 101 35.83 -52.59 6.88
CA TYR F 101 35.58 -51.62 5.81
C TYR F 101 36.83 -51.41 4.97
N LYS F 102 38.01 -51.65 5.54
CA LYS F 102 39.25 -51.53 4.79
C LYS F 102 40.29 -52.42 5.46
N CYS F 103 41.07 -53.17 4.67
CA CYS F 103 42.10 -54.06 5.22
C CYS F 103 43.02 -54.47 4.09
N ASN F 104 44.31 -54.18 4.21
CA ASN F 104 45.24 -54.53 3.16
C ASN F 104 46.12 -55.73 3.48
N SER F 105 45.72 -56.58 4.40
CA SER F 105 46.36 -57.87 4.58
C SER F 105 45.32 -58.95 4.35
N SER F 106 45.68 -59.97 3.58
CA SER F 106 44.72 -61.01 3.28
C SER F 106 44.51 -61.99 4.42
N LYS F 107 45.53 -62.24 5.25
CA LYS F 107 45.39 -63.18 6.35
C LYS F 107 44.56 -62.61 7.48
N VAL F 108 44.74 -61.33 7.78
CA VAL F 108 44.06 -60.71 8.90
C VAL F 108 42.58 -60.55 8.60
N LYS F 109 42.24 -60.26 7.33
CA LYS F 109 40.85 -60.09 6.94
C LYS F 109 40.09 -61.41 7.02
N GLN F 110 40.75 -62.52 6.72
CA GLN F 110 40.13 -63.83 6.86
C GLN F 110 40.03 -64.26 8.32
N THR F 111 40.87 -63.75 9.20
CA THR F 111 40.83 -64.16 10.60
C THR F 111 39.75 -63.41 11.37
N LEU F 112 39.66 -62.09 11.16
CA LEU F 112 38.67 -61.28 11.85
C LEU F 112 37.25 -61.60 11.43
N VAL F 113 37.04 -62.13 10.23
CA VAL F 113 35.73 -62.63 9.86
C VAL F 113 35.41 -63.90 10.64
N GLN F 114 36.41 -64.76 10.86
CA GLN F 114 36.16 -65.97 11.62
C GLN F 114 35.99 -65.72 13.11
N LEU F 115 36.42 -64.58 13.63
CA LEU F 115 36.04 -64.27 15.00
C LEU F 115 34.56 -63.93 15.08
N VAL F 116 34.07 -63.09 14.17
CA VAL F 116 32.68 -62.66 14.18
C VAL F 116 31.77 -63.85 13.88
N GLU F 117 32.23 -64.77 13.04
CA GLU F 117 31.40 -65.92 12.73
C GLU F 117 31.44 -66.99 13.81
N LEU F 118 32.58 -67.18 14.47
CA LEU F 118 32.61 -68.12 15.58
C LEU F 118 32.06 -67.54 16.87
N TYR F 119 31.87 -66.23 16.95
CA TYR F 119 31.27 -65.64 18.14
C TYR F 119 29.76 -65.87 18.15
N GLU F 120 29.10 -65.72 17.00
CA GLU F 120 27.66 -65.92 16.97
C GLU F 120 27.28 -67.39 16.93
N THR F 121 28.19 -68.25 16.52
CA THR F 121 27.91 -69.67 16.57
C THR F 121 28.04 -70.19 18.00
N LYS F 122 29.06 -69.76 18.71
CA LYS F 122 29.39 -70.33 20.00
C LYS F 122 28.83 -69.52 21.17
N ILE F 123 28.76 -68.19 21.06
CA ILE F 123 28.33 -67.36 22.17
C ILE F 123 26.98 -66.68 21.89
N GLY F 124 26.82 -66.06 20.73
CA GLY F 124 25.53 -65.54 20.34
C GLY F 124 25.33 -64.09 20.73
N TRP F 125 24.39 -63.44 20.05
CA TRP F 125 24.18 -62.00 20.19
C TRP F 125 23.19 -61.66 21.28
N THR F 126 22.98 -62.52 22.25
CA THR F 126 21.95 -62.24 23.26
C THR F 126 22.50 -61.32 24.34
N GLU F 127 23.79 -61.44 24.67
CA GLU F 127 24.35 -60.64 25.75
C GLU F 127 24.61 -59.20 25.32
N LEU F 128 25.15 -59.01 24.12
CA LEU F 128 25.41 -57.66 23.67
C LEU F 128 24.13 -56.90 23.36
N ALA F 129 23.20 -57.51 22.63
CA ALA F 129 22.01 -56.80 22.18
C ALA F 129 21.10 -56.42 23.34
N THR F 130 21.16 -57.14 24.44
CA THR F 130 20.43 -56.73 25.63
C THR F 130 21.10 -55.52 26.28
N ARG F 131 22.43 -55.51 26.36
CA ARG F 131 23.14 -54.42 27.02
C ARG F 131 23.04 -53.12 26.26
N TYR F 132 22.99 -53.15 24.93
CA TYR F 132 22.77 -51.92 24.20
C TYR F 132 21.34 -51.44 24.35
N LEU F 133 20.39 -52.36 24.39
CA LEU F 133 19.00 -51.96 24.26
C LEU F 133 18.43 -51.40 25.55
N MET F 134 19.04 -51.74 26.69
CA MET F 134 18.61 -51.14 27.94
C MET F 134 18.89 -49.66 27.98
N ASN F 135 19.98 -49.21 27.35
CA ASN F 135 20.34 -47.82 27.42
C ASN F 135 19.49 -46.96 26.50
N ILE F 136 18.81 -47.57 25.54
CA ILE F 136 17.73 -46.89 24.83
C ILE F 136 16.48 -46.83 25.71
N CYS F 137 16.14 -47.95 26.32
CA CYS F 137 14.84 -48.12 26.95
C CYS F 137 14.76 -47.51 28.35
N ASN F 138 15.80 -46.86 28.82
CA ASN F 138 15.69 -45.95 29.94
C ASN F 138 16.27 -44.60 29.54
N GLY F 139 16.50 -43.73 30.50
CA GLY F 139 17.06 -42.46 30.13
C GLY F 139 18.55 -42.43 30.33
N LYS F 140 19.29 -43.24 29.58
CA LYS F 140 20.73 -43.13 29.66
C LYS F 140 21.23 -42.08 28.71
N TRP F 141 20.48 -41.82 27.66
CA TRP F 141 20.76 -40.80 26.68
C TRP F 141 20.22 -39.44 27.08
N LEU F 142 19.29 -39.39 28.02
CA LEU F 142 18.91 -38.18 28.74
C LEU F 142 19.83 -38.17 29.94
N TRP F 143 21.01 -37.59 29.80
CA TRP F 143 22.08 -37.82 30.76
C TRP F 143 21.80 -37.33 32.15
N LYS F 144 21.75 -36.02 32.34
CA LYS F 144 21.53 -35.45 33.65
C LYS F 144 20.09 -34.99 33.84
N ASN F 145 19.31 -34.95 32.78
CA ASN F 145 17.93 -34.49 32.82
C ASN F 145 17.06 -35.46 33.59
N THR F 146 17.41 -36.74 33.51
CA THR F 146 16.77 -37.80 34.25
C THR F 146 16.89 -37.59 35.75
N ARG F 147 18.09 -37.23 36.21
CA ARG F 147 18.32 -36.86 37.60
C ARG F 147 17.59 -35.57 37.89
N LYS F 148 17.02 -35.48 39.10
CA LYS F 148 16.15 -34.36 39.52
C LYS F 148 14.94 -34.21 38.61
N ALA F 149 14.10 -35.24 38.59
CA ALA F 149 12.87 -35.21 37.81
C ALA F 149 11.85 -36.12 38.46
N TYR F 150 10.58 -35.84 38.17
CA TYR F 150 9.49 -36.64 38.75
C TYR F 150 9.44 -38.03 38.13
N CYS F 151 9.27 -38.11 36.81
CA CYS F 151 9.15 -39.36 36.10
C CYS F 151 9.46 -39.13 34.64
N TRP F 152 10.00 -40.16 33.99
CA TRP F 152 10.20 -40.12 32.55
C TRP F 152 9.68 -41.42 31.95
N ASN F 153 9.22 -41.34 30.70
CA ASN F 153 8.51 -42.42 30.02
C ASN F 153 9.03 -42.54 28.60
N ILE F 154 9.35 -43.75 28.16
CA ILE F 154 10.00 -44.00 26.87
C ILE F 154 9.03 -44.72 25.95
N VAL F 155 8.96 -44.32 24.68
CA VAL F 155 8.07 -44.92 23.68
C VAL F 155 8.85 -45.17 22.39
N LEU F 156 8.97 -46.43 21.99
CA LEU F 156 9.63 -46.86 20.78
C LEU F 156 8.70 -46.83 19.58
N THR F 157 9.27 -46.86 18.38
CA THR F 157 8.51 -47.13 17.16
C THR F 157 9.43 -47.84 16.18
N PRO F 158 9.57 -49.16 16.31
CA PRO F 158 10.47 -49.91 15.42
C PRO F 158 9.90 -50.07 14.02
N TRP F 159 10.80 -50.06 13.03
CA TRP F 159 10.32 -50.08 11.65
C TRP F 159 10.06 -51.46 11.03
N PRO F 160 10.98 -52.46 11.05
CA PRO F 160 10.49 -53.73 10.49
C PRO F 160 9.60 -54.47 11.48
N TRP F 161 8.38 -53.96 11.64
CA TRP F 161 7.55 -54.17 12.80
C TRP F 161 6.12 -53.86 12.42
N ASN F 162 5.20 -54.76 12.76
CA ASN F 162 3.84 -54.64 12.23
C ASN F 162 3.00 -53.64 13.03
N GLY F 163 2.74 -53.93 14.29
CA GLY F 163 1.91 -53.04 15.06
C GLY F 163 2.40 -52.90 16.49
N GLU F 164 1.56 -52.25 17.31
CA GLU F 164 1.69 -52.23 18.76
C GLU F 164 3.02 -51.60 19.21
N LYS F 165 3.06 -50.26 19.13
CA LYS F 165 4.16 -49.46 19.69
C LYS F 165 4.52 -49.89 21.10
N VAL F 166 5.79 -49.77 21.42
CA VAL F 166 6.34 -50.30 22.65
C VAL F 166 6.45 -49.17 23.66
N GLY F 167 5.99 -49.41 24.88
CA GLY F 167 5.94 -48.37 25.89
C GLY F 167 6.62 -48.81 27.16
N PHE F 168 7.20 -47.83 27.85
CA PHE F 168 7.88 -48.02 29.13
C PHE F 168 7.44 -46.86 30.01
N GLU F 169 6.52 -47.11 30.94
CA GLU F 169 5.94 -46.05 31.73
C GLU F 169 6.55 -46.03 33.12
N ASP F 170 6.93 -44.83 33.57
CA ASP F 170 7.41 -44.55 34.93
C ASP F 170 8.63 -45.40 35.28
N ILE F 171 9.73 -45.14 34.59
CA ILE F 171 11.01 -45.63 35.04
C ILE F 171 11.43 -44.82 36.27
N ARG F 172 12.40 -45.35 37.02
CA ARG F 172 12.80 -45.14 38.43
C ARG F 172 11.87 -45.92 39.35
N THR F 173 10.74 -46.40 38.88
CA THR F 173 9.85 -47.18 39.72
C THR F 173 9.56 -48.55 39.13
N ASN F 174 9.37 -48.63 37.82
CA ASN F 174 8.97 -49.88 37.19
C ASN F 174 10.12 -50.66 36.58
N TYR F 175 11.00 -50.02 35.82
CA TYR F 175 12.04 -50.71 35.07
C TYR F 175 13.38 -50.44 35.72
N THR F 176 13.70 -51.22 36.75
CA THR F 176 14.90 -51.01 37.57
C THR F 176 16.06 -51.91 37.18
N SER F 177 15.80 -53.19 36.97
CA SER F 177 16.82 -54.21 36.71
C SER F 177 16.58 -54.86 35.36
N ARG F 178 17.36 -55.91 35.07
CA ARG F 178 17.25 -56.59 33.77
C ARG F 178 15.93 -57.31 33.63
N GLN F 179 15.49 -58.01 34.68
CA GLN F 179 14.26 -58.81 34.63
C GLN F 179 13.02 -57.93 34.47
N ASP F 180 13.09 -56.68 34.90
CA ASP F 180 11.94 -55.79 34.78
C ASP F 180 11.70 -55.36 33.34
N PHE F 181 12.73 -55.42 32.50
CA PHE F 181 12.55 -55.22 31.07
C PHE F 181 12.06 -56.49 30.39
N LYS F 182 12.51 -57.66 30.85
CA LYS F 182 12.10 -58.90 30.21
C LYS F 182 10.62 -59.19 30.44
N ASN F 183 10.06 -58.70 31.53
CA ASN F 183 8.66 -58.90 31.84
C ASN F 183 7.72 -58.05 30.99
N ASN F 184 8.25 -57.28 30.06
CA ASN F 184 7.45 -56.45 29.17
C ASN F 184 6.65 -57.34 28.21
N LYS F 185 5.56 -56.79 27.69
CA LYS F 185 4.72 -57.49 26.72
C LYS F 185 5.51 -57.91 25.50
N ASN F 186 6.01 -56.93 24.74
CA ASN F 186 6.88 -57.17 23.60
C ASN F 186 8.28 -56.66 23.94
N TRP F 187 9.09 -57.53 24.53
CA TRP F 187 10.51 -57.28 24.72
C TRP F 187 11.40 -58.21 23.95
N SER F 188 11.10 -59.51 23.95
CA SER F 188 11.93 -60.48 23.24
C SER F 188 11.83 -60.31 21.74
N ALA F 189 10.74 -59.72 21.25
CA ALA F 189 10.61 -59.44 19.83
C ALA F 189 11.56 -58.36 19.36
N ILE F 190 11.83 -57.36 20.19
CA ILE F 190 12.75 -56.30 19.81
C ILE F 190 14.20 -56.75 19.90
N VAL F 191 14.54 -57.58 20.90
CA VAL F 191 15.88 -58.18 20.98
C VAL F 191 16.13 -59.06 19.76
N GLU F 192 15.09 -59.72 19.24
CA GLU F 192 15.24 -60.48 18.01
C GLU F 192 15.42 -59.62 16.77
N MET F 193 15.18 -58.31 16.84
CA MET F 193 15.56 -57.45 15.72
C MET F 193 17.06 -57.24 15.67
N ILE F 194 17.65 -56.90 16.81
CA ILE F 194 19.07 -56.58 16.86
C ILE F 194 19.89 -57.85 16.70
N LYS F 195 19.36 -58.99 17.10
CA LYS F 195 20.05 -60.24 16.83
C LYS F 195 19.96 -60.60 15.36
N THR F 196 18.86 -60.25 14.69
CA THR F 196 18.76 -60.51 13.26
C THR F 196 19.48 -59.44 12.46
N ALA F 197 19.61 -58.25 13.04
CA ALA F 197 20.40 -57.19 12.42
C ALA F 197 21.86 -57.58 12.35
N PHE F 198 22.43 -58.06 13.45
CA PHE F 198 23.84 -58.40 13.47
C PHE F 198 24.11 -59.73 12.75
N SER F 199 23.14 -60.63 12.71
CA SER F 199 23.36 -61.95 12.12
C SER F 199 23.19 -61.97 10.62
N SER F 200 22.63 -60.93 10.03
CA SER F 200 22.33 -60.91 8.61
C SER F 200 23.36 -60.06 7.89
N THR F 201 23.59 -60.37 6.62
CA THR F 201 24.47 -59.53 5.82
C THR F 201 23.78 -58.27 5.33
N ASP F 202 22.46 -58.18 5.50
CA ASP F 202 21.73 -56.92 5.43
C ASP F 202 20.65 -56.95 6.51
N GLY F 203 20.99 -56.52 7.72
CA GLY F 203 20.04 -56.41 8.81
C GLY F 203 19.95 -54.94 9.19
N LEU F 204 18.74 -54.43 9.41
CA LEU F 204 18.60 -52.99 9.36
C LEU F 204 18.03 -52.35 10.63
N ALA F 205 16.83 -52.73 11.08
CA ALA F 205 16.33 -52.52 12.45
C ALA F 205 16.38 -51.06 12.92
N ILE F 206 15.52 -50.21 12.37
CA ILE F 206 15.47 -48.80 12.75
C ILE F 206 14.49 -48.61 13.90
N PHE F 207 14.92 -47.89 14.93
CA PHE F 207 14.09 -47.50 16.06
C PHE F 207 13.80 -46.01 16.01
N GLU F 208 12.77 -45.61 16.75
CA GLU F 208 12.30 -44.22 16.80
C GLU F 208 11.92 -43.95 18.24
N VAL F 209 12.83 -43.41 19.00
CA VAL F 209 12.64 -43.29 20.43
C VAL F 209 12.03 -41.93 20.73
N ARG F 210 11.12 -41.91 21.70
CA ARG F 210 10.50 -40.69 22.17
C ARG F 210 10.31 -40.79 23.67
N ALA F 211 10.72 -39.74 24.38
CA ALA F 211 10.70 -39.68 25.84
C ALA F 211 9.83 -38.53 26.30
N THR F 212 9.53 -38.50 27.59
CA THR F 212 8.63 -37.51 28.16
C THR F 212 9.09 -37.19 29.57
N LEU F 213 9.55 -35.96 29.80
CA LEU F 213 10.12 -35.56 31.09
C LEU F 213 9.16 -34.67 31.84
N HIS F 214 8.77 -35.07 33.04
CA HIS F 214 7.99 -34.22 33.93
C HIS F 214 8.93 -33.61 34.95
N LEU F 215 9.43 -32.41 34.68
CA LEU F 215 10.34 -31.70 35.57
C LEU F 215 9.54 -30.93 36.61
N PRO F 216 10.17 -30.44 37.70
CA PRO F 216 9.43 -29.58 38.64
C PRO F 216 9.09 -28.22 38.07
N THR F 217 8.49 -27.37 38.90
CA THR F 217 8.10 -26.03 38.48
C THR F 217 9.32 -25.22 38.13
N ASN F 218 9.35 -24.75 36.88
CA ASN F 218 10.28 -23.76 36.39
C ASN F 218 11.71 -24.28 36.42
N ALA F 219 11.85 -25.60 36.27
CA ALA F 219 13.06 -26.38 36.48
C ALA F 219 14.13 -26.09 35.44
N MET F 220 15.24 -26.80 35.56
CA MET F 220 16.42 -26.65 34.73
C MET F 220 16.62 -27.87 33.83
N VAL F 221 16.95 -27.64 32.58
CA VAL F 221 17.28 -28.73 31.67
C VAL F 221 18.68 -28.53 31.12
N ARG F 222 19.44 -29.63 31.05
CA ARG F 222 20.87 -29.57 30.74
C ARG F 222 21.16 -30.26 29.41
N PRO F 223 21.38 -29.51 28.35
CA PRO F 223 21.79 -30.10 27.09
C PRO F 223 23.29 -30.26 27.02
N SER F 224 23.76 -30.76 25.88
CA SER F 224 25.19 -30.87 25.64
C SER F 224 25.71 -29.51 25.23
N GLN F 225 27.00 -29.30 25.41
CA GLN F 225 27.57 -27.97 25.28
C GLN F 225 28.88 -28.04 24.54
N VAL F 226 29.28 -26.93 23.93
CA VAL F 226 30.21 -26.99 22.82
C VAL F 226 31.66 -26.94 23.30
N PHE F 227 32.56 -27.34 22.41
CA PHE F 227 33.99 -27.15 22.58
C PHE F 227 34.36 -25.82 21.93
N THR F 228 35.08 -24.97 22.64
CA THR F 228 35.50 -23.68 22.14
C THR F 228 36.96 -23.41 22.43
N GLU F 229 37.62 -22.71 21.51
CA GLU F 229 38.98 -22.23 21.74
C GLU F 229 39.00 -20.70 21.82
N GLN F 241 32.68 -12.80 28.04
CA GLN F 241 33.19 -14.09 27.47
C GLN F 241 32.32 -15.23 28.02
N ASN F 242 31.56 -15.89 27.14
CA ASN F 242 30.66 -16.99 27.55
C ASN F 242 31.47 -18.14 28.15
N SER F 243 30.97 -18.73 29.25
CA SER F 243 31.67 -19.85 29.94
C SER F 243 30.88 -21.14 29.81
N ARG F 244 29.74 -21.11 29.10
CA ARG F 244 28.91 -22.29 28.91
C ARG F 244 28.08 -22.03 27.66
N VAL F 245 28.45 -22.64 26.54
CA VAL F 245 27.78 -22.42 25.28
C VAL F 245 27.14 -23.73 24.86
N PHE F 246 25.82 -23.74 24.69
CA PHE F 246 25.08 -24.96 24.38
C PHE F 246 25.17 -25.31 22.91
N GLN F 247 25.05 -26.60 22.62
CA GLN F 247 24.86 -27.06 21.27
C GLN F 247 23.43 -26.84 20.84
N SER F 248 23.22 -26.54 19.57
CA SER F 248 21.89 -26.14 19.13
C SER F 248 21.62 -26.57 17.70
N THR F 249 20.36 -26.45 17.32
CA THR F 249 19.89 -26.55 15.94
C THR F 249 18.84 -25.50 15.66
N THR F 250 18.02 -25.72 14.63
CA THR F 250 16.87 -24.84 14.29
C THR F 250 15.66 -25.75 14.04
N ILE F 251 14.51 -25.46 14.67
CA ILE F 251 13.32 -26.35 14.44
C ILE F 251 12.20 -25.59 13.73
N ASP F 252 11.73 -24.48 14.30
CA ASP F 252 10.64 -23.67 13.70
C ASP F 252 11.17 -22.26 13.38
N GLY F 253 12.48 -22.15 13.13
CA GLY F 253 13.12 -20.84 12.90
C GLY F 253 13.62 -20.25 14.21
N GLU F 254 13.45 -20.99 15.30
CA GLU F 254 13.93 -20.59 16.66
C GLU F 254 14.99 -21.60 17.08
N ARG F 255 16.17 -21.12 17.47
CA ARG F 255 17.27 -22.03 17.89
C ARG F 255 16.85 -22.78 19.15
N SER F 256 17.10 -24.09 19.21
CA SER F 256 16.76 -24.87 20.42
C SER F 256 17.95 -25.75 20.86
N PRO F 257 18.05 -26.10 22.16
CA PRO F 257 19.14 -26.95 22.66
C PRO F 257 18.97 -28.38 22.14
N ILE F 258 20.07 -29.10 21.94
CA ILE F 258 20.01 -30.51 21.44
C ILE F 258 21.02 -31.35 22.22
N LEU F 259 20.84 -32.68 22.20
CA LEU F 259 21.81 -33.62 22.83
C LEU F 259 22.63 -34.17 21.67
N GLY F 260 23.95 -33.97 21.70
CA GLY F 260 24.83 -34.35 20.58
C GLY F 260 24.59 -35.77 20.09
N ALA F 261 24.66 -35.97 18.78
CA ALA F 261 24.50 -37.31 18.16
C ALA F 261 25.63 -38.20 18.69
N PHE F 262 26.85 -37.65 18.75
CA PHE F 262 28.03 -38.37 19.31
C PHE F 262 27.77 -38.63 20.79
N LYS F 263 27.16 -37.65 21.49
CA LYS F 263 26.87 -37.81 22.90
C LYS F 263 25.83 -38.89 23.14
N THR F 264 24.86 -39.02 22.23
CA THR F 264 23.80 -40.01 22.38
C THR F 264 24.32 -41.40 22.08
N GLY F 265 25.34 -41.50 21.23
CA GLY F 265 25.95 -42.79 21.00
C GLY F 265 26.92 -43.19 22.09
N ALA F 266 27.37 -42.24 22.88
CA ALA F 266 28.24 -42.50 24.03
C ALA F 266 27.46 -42.96 25.23
N ALA F 267 26.14 -43.01 25.14
CA ALA F 267 25.27 -43.40 26.23
C ALA F 267 24.62 -44.74 25.99
N ILE F 268 24.34 -45.07 24.74
CA ILE F 268 23.94 -46.40 24.36
C ILE F 268 25.04 -47.40 24.66
N ALA F 269 26.29 -47.00 24.51
CA ALA F 269 27.42 -47.91 24.60
C ALA F 269 28.18 -47.83 25.91
N THR F 270 27.54 -47.53 27.04
CA THR F 270 28.22 -47.68 28.33
C THR F 270 27.95 -49.09 28.82
N ILE F 271 28.80 -50.01 28.36
CA ILE F 271 28.60 -51.44 28.53
C ILE F 271 29.75 -52.08 29.29
N ASP F 272 30.95 -51.53 29.13
CA ASP F 272 32.19 -52.19 29.55
C ASP F 272 32.28 -52.26 31.07
N ASP F 273 32.07 -53.47 31.60
CA ASP F 273 32.38 -53.81 32.97
C ASP F 273 32.97 -55.19 33.05
N TRP F 274 33.87 -55.48 32.10
CA TRP F 274 34.58 -56.79 32.02
C TRP F 274 36.05 -56.62 32.39
N TYR F 275 36.44 -55.42 32.84
CA TYR F 275 37.84 -55.11 33.21
C TYR F 275 38.18 -55.70 34.59
N PRO F 276 39.47 -55.77 34.98
CA PRO F 276 39.85 -56.33 36.28
C PRO F 276 39.28 -55.49 37.43
N GLU F 277 38.71 -56.14 38.46
CA GLU F 277 38.13 -55.46 39.64
C GLU F 277 37.12 -54.40 39.17
N ALA F 278 36.22 -54.76 38.26
CA ALA F 278 35.25 -53.80 37.68
C ALA F 278 33.98 -53.68 38.52
N THR F 279 33.60 -52.44 38.83
CA THR F 279 32.36 -52.10 39.51
C THR F 279 31.36 -51.44 38.59
N GLU F 280 31.80 -50.49 37.77
CA GLU F 280 30.90 -49.59 37.07
C GLU F 280 31.07 -49.71 35.55
N PRO F 281 29.98 -49.64 34.78
CA PRO F 281 30.10 -49.75 33.32
C PRO F 281 30.67 -48.49 32.68
N LEU F 282 31.81 -48.65 32.04
CA LEU F 282 32.54 -47.62 31.33
C LEU F 282 32.02 -47.50 29.90
N ARG F 283 32.47 -46.48 29.19
CA ARG F 283 32.15 -46.41 27.78
C ARG F 283 33.07 -47.36 27.03
N VAL F 284 32.59 -47.97 25.95
CA VAL F 284 33.37 -48.99 25.28
C VAL F 284 34.44 -48.32 24.43
N GLY F 285 35.70 -48.66 24.69
CA GLY F 285 36.79 -48.13 23.89
C GLY F 285 38.04 -48.94 24.08
N ARG F 286 39.01 -48.68 23.20
CA ARG F 286 40.36 -49.19 23.35
C ARG F 286 40.95 -48.65 24.64
N PHE F 287 41.60 -49.53 25.41
CA PHE F 287 42.14 -49.27 26.77
C PHE F 287 41.22 -48.42 27.64
N GLY F 288 40.06 -48.99 27.94
CA GLY F 288 38.86 -48.29 28.39
C GLY F 288 38.98 -47.29 29.50
N VAL F 289 38.77 -46.03 29.15
CA VAL F 289 39.07 -44.90 30.03
C VAL F 289 37.88 -44.62 30.93
N HIS F 290 38.11 -43.77 31.93
CA HIS F 290 37.09 -43.36 32.87
C HIS F 290 37.29 -41.87 33.05
N ARG F 291 36.28 -41.08 32.70
CA ARG F 291 36.43 -39.63 32.65
C ARG F 291 36.19 -38.97 33.99
N GLU F 292 35.59 -39.69 34.95
CA GLU F 292 35.46 -39.19 36.31
C GLU F 292 36.83 -38.97 36.94
N ASP F 293 37.50 -40.07 37.24
CA ASP F 293 38.88 -40.04 37.70
C ASP F 293 39.76 -40.36 36.51
N VAL F 294 40.64 -39.43 36.16
CA VAL F 294 41.25 -39.39 34.86
C VAL F 294 42.32 -40.47 34.80
N THR F 295 41.90 -41.70 34.45
CA THR F 295 42.76 -42.87 34.33
C THR F 295 42.12 -43.86 33.37
N CYS F 296 42.99 -44.65 32.73
CA CYS F 296 42.59 -45.79 31.93
C CYS F 296 42.60 -47.02 32.82
N TYR F 297 41.45 -47.67 32.94
CA TYR F 297 41.50 -49.09 33.19
C TYR F 297 41.82 -49.78 31.88
N ARG F 298 42.20 -51.06 31.96
CA ARG F 298 42.72 -51.83 30.84
C ARG F 298 43.93 -51.15 30.21
N HIS F 299 44.94 -50.82 31.00
CA HIS F 299 46.13 -50.18 30.48
C HIS F 299 46.91 -51.16 29.60
N PRO F 300 47.75 -50.68 28.67
CA PRO F 300 48.59 -51.60 27.89
C PRO F 300 49.60 -52.41 28.67
N SER F 301 49.76 -52.20 29.98
CA SER F 301 50.51 -53.13 30.81
C SER F 301 49.62 -54.17 31.47
N THR F 302 48.30 -53.97 31.44
CA THR F 302 47.39 -54.90 32.09
C THR F 302 47.27 -56.19 31.31
N GLY F 303 47.48 -56.13 30.01
CA GLY F 303 47.28 -57.26 29.15
C GLY F 303 45.86 -57.45 28.70
N LYS F 304 44.97 -56.51 29.01
CA LYS F 304 43.56 -56.64 28.70
C LYS F 304 42.99 -55.39 28.06
N ASP F 305 43.75 -54.71 27.22
CA ASP F 305 43.14 -53.74 26.31
C ASP F 305 42.84 -54.42 24.98
N PHE F 306 42.54 -53.61 23.98
CA PHE F 306 42.11 -54.13 22.70
C PHE F 306 43.25 -54.72 21.90
N PHE F 307 44.37 -54.00 21.81
CA PHE F 307 45.45 -54.43 20.94
C PHE F 307 46.28 -55.55 21.53
N SER F 308 46.00 -55.97 22.75
CA SER F 308 46.58 -57.18 23.28
C SER F 308 45.64 -58.37 23.15
N ILE F 309 44.37 -58.11 22.86
CA ILE F 309 43.43 -59.17 22.54
C ILE F 309 43.38 -59.43 21.03
N LEU F 310 43.56 -58.39 20.20
CA LEU F 310 43.77 -58.58 18.76
C LEU F 310 44.99 -59.43 18.46
N GLN F 311 46.08 -59.23 19.17
CA GLN F 311 47.28 -59.97 18.78
C GLN F 311 47.27 -61.40 19.30
N GLN F 312 46.22 -61.80 20.00
CA GLN F 312 45.97 -63.20 20.35
C GLN F 312 44.73 -63.74 19.67
N ALA F 313 44.37 -63.20 18.50
CA ALA F 313 43.11 -63.59 17.88
C ALA F 313 43.19 -64.96 17.24
N GLU F 314 44.38 -65.50 17.05
CA GLU F 314 44.48 -66.90 16.65
C GLU F 314 44.19 -67.81 17.82
N HIS F 315 44.58 -67.39 19.02
CA HIS F 315 44.40 -68.19 20.24
C HIS F 315 42.93 -68.40 20.57
N TYR F 316 42.08 -67.44 20.23
CA TYR F 316 40.67 -67.57 20.51
C TYR F 316 39.96 -68.47 19.51
N ILE F 317 40.60 -68.80 18.40
CA ILE F 317 39.98 -69.69 17.43
C ILE F 317 40.12 -71.15 17.90
N GLU F 318 41.25 -71.50 18.51
CA GLU F 318 41.34 -72.82 19.11
C GLU F 318 40.46 -72.95 20.35
N VAL F 319 40.04 -71.84 20.94
CA VAL F 319 39.15 -71.89 22.09
C VAL F 319 37.70 -72.01 21.63
N LEU F 320 37.26 -71.12 20.75
CA LEU F 320 35.87 -71.07 20.32
C LEU F 320 35.46 -72.25 19.45
N SER F 321 36.40 -72.96 18.84
CA SER F 321 36.04 -74.06 17.96
C SER F 321 35.88 -75.39 18.69
N ALA F 322 36.45 -75.52 19.88
CA ALA F 322 36.34 -76.76 20.63
C ALA F 322 34.94 -76.91 21.22
N ASN F 323 34.57 -78.17 21.49
CA ASN F 323 33.27 -78.46 22.08
C ASN F 323 33.20 -78.06 23.54
N LYS F 324 34.33 -78.02 24.24
CA LYS F 324 34.38 -77.59 25.62
C LYS F 324 34.09 -76.10 25.71
N THR F 325 33.19 -75.72 26.62
CA THR F 325 32.71 -74.35 26.69
C THR F 325 33.78 -73.44 27.26
N PRO F 326 33.97 -72.23 26.72
CA PRO F 326 35.08 -71.39 27.16
C PRO F 326 34.82 -70.74 28.50
N ALA F 327 35.91 -70.49 29.22
CA ALA F 327 35.85 -69.94 30.56
C ALA F 327 35.40 -68.48 30.54
N GLN F 328 35.02 -67.97 31.71
CA GLN F 328 34.51 -66.61 31.81
C GLN F 328 35.59 -65.55 31.58
N GLU F 329 36.86 -65.92 31.70
CA GLU F 329 37.90 -64.99 31.30
C GLU F 329 37.94 -64.83 29.79
N THR F 330 37.70 -65.92 29.06
CA THR F 330 37.88 -65.89 27.61
C THR F 330 36.58 -65.75 26.83
N ILE F 331 35.46 -65.44 27.47
CA ILE F 331 34.32 -64.87 26.76
C ILE F 331 34.15 -63.40 27.06
N ASN F 332 34.60 -62.93 28.23
CA ASN F 332 34.58 -61.51 28.50
C ASN F 332 35.66 -60.78 27.71
N ASP F 333 36.68 -61.50 27.26
CA ASP F 333 37.61 -60.93 26.28
C ASP F 333 36.98 -60.88 24.90
N MET F 334 36.03 -61.77 24.62
CA MET F 334 35.33 -61.73 23.34
C MET F 334 34.17 -60.78 23.36
N HIS F 335 33.57 -60.52 24.53
CA HIS F 335 32.55 -59.48 24.60
C HIS F 335 33.16 -58.11 24.37
N PHE F 336 34.35 -57.88 24.89
CA PHE F 336 35.03 -56.63 24.65
C PHE F 336 35.51 -56.52 23.22
N LEU F 337 35.79 -57.65 22.59
CA LEU F 337 36.35 -57.61 21.24
C LEU F 337 35.29 -57.24 20.22
N MET F 338 34.08 -57.79 20.37
CA MET F 338 32.99 -57.46 19.47
C MET F 338 32.46 -56.05 19.71
N ALA F 339 32.42 -55.61 20.96
CA ALA F 339 31.85 -54.32 21.28
C ALA F 339 32.71 -53.17 20.81
N ASN F 340 33.98 -53.42 20.50
CA ASN F 340 34.82 -52.46 19.81
C ASN F 340 34.60 -52.49 18.31
N LEU F 341 34.36 -53.67 17.75
CA LEU F 341 34.09 -53.76 16.33
C LEU F 341 32.73 -53.19 15.96
N ILE F 342 31.83 -53.05 16.94
CA ILE F 342 30.60 -52.30 16.76
C ILE F 342 30.86 -50.81 16.97
N LYS F 343 31.84 -50.46 17.81
CA LYS F 343 32.16 -49.05 18.03
C LYS F 343 32.78 -48.45 16.79
N GLY F 344 33.67 -49.18 16.13
CA GLY F 344 34.33 -48.71 14.94
C GLY F 344 35.82 -48.51 15.13
N GLY F 345 36.33 -47.48 14.47
CA GLY F 345 37.66 -46.99 14.71
C GLY F 345 38.68 -47.57 13.75
N MET F 346 39.89 -47.04 13.84
CA MET F 346 41.00 -47.44 12.99
C MET F 346 42.02 -48.21 13.80
N PHE F 347 42.50 -49.30 13.23
CA PHE F 347 43.29 -50.25 14.00
C PHE F 347 44.70 -50.40 13.43
N GLN F 348 45.26 -49.35 12.83
CA GLN F 348 46.56 -49.46 12.18
C GLN F 348 47.68 -49.62 13.20
N HIS F 349 48.87 -49.90 12.68
CA HIS F 349 50.12 -49.72 13.39
C HIS F 349 51.23 -49.67 12.34
N LYS F 350 52.27 -48.91 12.65
CA LYS F 350 53.34 -48.48 11.72
C LYS F 350 52.81 -47.82 10.46
N MET G 1 48.08 -32.72 52.82
CA MET G 1 47.54 -33.29 51.60
C MET G 1 47.64 -32.32 50.44
N LYS G 2 48.41 -32.66 49.41
CA LYS G 2 48.54 -31.75 48.27
C LYS G 2 47.30 -31.85 47.42
N LEU G 3 46.84 -30.71 46.94
CA LEU G 3 45.63 -30.63 46.14
C LEU G 3 45.86 -31.28 44.78
N PRO G 4 44.82 -31.80 44.13
CA PRO G 4 44.96 -32.25 42.75
C PRO G 4 45.00 -31.08 41.78
N THR G 5 45.17 -31.40 40.52
CA THR G 5 45.06 -30.44 39.44
C THR G 5 43.72 -30.53 38.72
N ASN G 6 42.88 -31.50 39.09
CA ASN G 6 41.47 -31.55 38.75
C ASN G 6 40.73 -31.98 40.01
N LEU G 7 39.95 -31.08 40.59
CA LEU G 7 38.95 -31.49 41.56
C LEU G 7 37.74 -30.61 41.30
N ALA G 8 36.56 -31.20 41.28
CA ALA G 8 35.35 -30.44 41.05
C ALA G 8 34.19 -31.21 41.63
N TYR G 9 33.22 -30.49 42.19
CA TYR G 9 31.96 -31.13 42.56
C TYR G 9 30.81 -30.52 41.78
N GLU G 10 29.67 -31.19 41.89
CA GLU G 10 28.39 -30.64 41.48
C GLU G 10 27.63 -30.23 42.72
N ARG G 11 26.71 -29.28 42.55
CA ARG G 11 26.01 -28.78 43.71
C ARG G 11 24.90 -29.74 44.09
N SER G 12 24.55 -29.73 45.37
CA SER G 12 23.50 -30.59 45.88
C SER G 12 22.16 -29.91 45.94
N ILE G 13 22.09 -28.59 45.85
CA ILE G 13 20.83 -27.87 45.96
C ILE G 13 20.61 -27.10 44.67
N ASP G 14 19.45 -27.32 44.05
CA ASP G 14 19.15 -26.83 42.70
C ASP G 14 17.89 -25.98 42.75
N PRO G 15 18.02 -24.67 42.95
CA PRO G 15 16.85 -23.80 42.97
C PRO G 15 16.44 -23.44 41.56
N SER G 16 15.43 -22.59 41.46
CA SER G 16 15.04 -22.06 40.17
C SER G 16 14.58 -20.63 40.34
N ASP G 17 14.13 -20.04 39.24
CA ASP G 17 13.69 -18.65 39.24
C ASP G 17 12.39 -18.52 40.04
N VAL G 18 12.09 -17.29 40.44
CA VAL G 18 10.89 -16.98 41.19
C VAL G 18 10.01 -16.08 40.35
N CYS G 19 8.76 -16.46 40.15
CA CYS G 19 7.84 -15.76 39.27
C CYS G 19 6.82 -14.99 40.10
N PHE G 20 6.53 -13.76 39.69
CA PHE G 20 5.64 -12.86 40.41
C PHE G 20 4.31 -12.76 39.66
N PHE G 21 3.20 -12.94 40.38
CA PHE G 21 1.85 -12.89 39.83
C PHE G 21 1.01 -12.00 40.75
N VAL G 22 -0.03 -11.41 40.20
CA VAL G 22 -0.91 -10.51 40.93
C VAL G 22 -2.23 -11.21 41.17
N VAL G 23 -2.63 -11.36 42.42
CA VAL G 23 -3.91 -11.97 42.74
C VAL G 23 -4.94 -10.88 43.02
N TRP G 24 -6.03 -10.90 42.27
CA TRP G 24 -7.12 -9.90 42.42
C TRP G 24 -8.07 -10.31 43.54
N PRO G 25 -9.14 -9.53 43.85
CA PRO G 25 -10.08 -9.90 44.92
C PRO G 25 -10.77 -11.23 44.59
N ASP G 26 -11.12 -11.43 43.32
CA ASP G 26 -11.72 -12.68 42.78
C ASP G 26 -10.60 -13.69 42.51
N ASP G 27 -10.91 -14.94 42.17
CA ASP G 27 -9.82 -15.91 41.92
C ASP G 27 -9.27 -15.78 40.49
N ARG G 28 -8.58 -14.67 40.20
CA ARG G 28 -7.94 -14.41 38.88
C ARG G 28 -6.49 -13.95 39.14
N LYS G 29 -5.55 -14.55 38.43
CA LYS G 29 -4.12 -14.33 38.54
C LYS G 29 -3.55 -13.92 37.20
N THR G 30 -2.60 -13.00 37.23
CA THR G 30 -2.10 -12.28 36.09
C THR G 30 -0.61 -12.08 36.29
N PRO G 31 0.22 -12.25 35.26
CA PRO G 31 1.64 -11.94 35.43
C PRO G 31 1.86 -10.46 35.67
N LEU G 32 2.63 -10.16 36.71
CA LEU G 32 2.99 -8.80 37.06
C LEU G 32 3.89 -8.20 36.00
N THR G 33 3.72 -6.91 35.72
CA THR G 33 4.49 -6.26 34.67
C THR G 33 5.29 -5.10 35.24
N TYR G 34 6.06 -4.44 34.38
CA TYR G 34 6.75 -3.22 34.74
C TYR G 34 6.94 -2.34 33.52
N ASN G 35 7.54 -1.17 33.74
CA ASN G 35 7.69 -0.14 32.73
C ASN G 35 8.90 0.72 33.06
N SER G 36 9.65 1.08 32.05
CA SER G 36 10.78 2.00 32.22
C SER G 36 10.21 3.41 32.21
N ARG G 37 10.71 4.28 33.09
CA ARG G 37 10.21 5.64 33.09
C ARG G 37 11.23 6.64 33.61
N THR G 38 11.20 7.83 33.02
CA THR G 38 12.20 8.84 33.26
C THR G 38 11.78 9.81 34.36
N LEU G 39 12.71 10.09 35.25
CA LEU G 39 12.55 10.98 36.37
C LEU G 39 13.51 12.15 36.20
N LEU G 40 13.38 13.15 37.06
CA LEU G 40 14.27 14.30 37.02
C LEU G 40 14.64 14.62 38.46
N GLY G 41 15.85 14.21 38.86
CA GLY G 41 16.33 14.39 40.20
C GLY G 41 17.36 15.50 40.31
N GLN G 42 17.88 15.67 41.52
CA GLN G 42 18.92 16.65 41.77
C GLN G 42 20.26 16.17 41.26
N MET G 43 21.29 16.95 41.53
CA MET G 43 22.61 16.75 40.97
C MET G 43 23.61 16.54 42.10
N GLU G 44 23.30 15.60 42.99
CA GLU G 44 24.15 15.29 44.12
C GLU G 44 25.12 14.19 43.73
N ALA G 45 26.42 14.47 43.70
CA ALA G 45 27.34 13.34 43.57
C ALA G 45 28.62 13.41 44.38
N ALA G 46 29.10 14.61 44.76
CA ALA G 46 30.39 14.94 45.37
C ALA G 46 31.57 14.72 44.46
N SER G 47 31.39 14.18 43.27
CA SER G 47 32.37 14.26 42.21
C SER G 47 31.97 15.26 41.17
N LEU G 48 30.78 15.83 41.30
CA LEU G 48 30.30 16.91 40.45
C LEU G 48 30.53 18.26 41.08
N ALA G 49 31.02 18.30 42.31
CA ALA G 49 31.31 19.54 43.00
C ALA G 49 32.71 19.58 43.58
N TYR G 50 33.35 18.44 43.77
CA TYR G 50 34.68 18.32 44.34
C TYR G 50 35.56 17.55 43.38
N ASP G 51 36.79 18.00 43.21
CA ASP G 51 37.74 17.20 42.46
C ASP G 51 38.51 16.31 43.44
N VAL G 52 39.52 15.61 42.92
CA VAL G 52 40.30 14.66 43.70
C VAL G 52 41.07 15.37 44.82
N SER G 53 41.41 16.64 44.61
CA SER G 53 42.02 17.47 45.64
C SER G 53 41.11 17.65 46.84
N GLY G 54 39.92 18.22 46.64
CA GLY G 54 38.98 18.34 47.73
C GLY G 54 38.34 19.70 47.87
N GLN G 55 39.08 20.77 47.57
CA GLN G 55 38.46 22.08 47.49
C GLN G 55 37.66 22.17 46.19
N PRO G 56 36.55 22.91 46.19
CA PRO G 56 35.54 22.72 45.13
C PRO G 56 36.00 23.17 43.77
N ILE G 57 35.51 22.46 42.75
CA ILE G 57 35.65 22.92 41.38
C ILE G 57 34.83 24.20 41.21
N LYS G 58 35.36 25.14 40.44
CA LYS G 58 34.65 26.39 40.21
C LYS G 58 33.82 26.38 38.94
N SER G 59 33.92 25.31 38.14
CA SER G 59 32.99 25.18 37.01
C SER G 59 31.58 24.90 37.48
N ALA G 60 31.43 24.18 38.58
CA ALA G 60 30.13 23.88 39.19
C ALA G 60 29.77 25.03 40.13
N THR G 61 29.06 26.02 39.60
CA THR G 61 28.61 27.13 40.41
C THR G 61 27.27 26.82 41.04
N ALA G 62 26.75 27.78 41.81
CA ALA G 62 25.52 27.58 42.57
C ALA G 62 24.30 27.52 41.67
N GLU G 63 24.39 28.13 40.49
CA GLU G 63 23.29 28.04 39.49
C GLU G 63 23.26 26.64 38.86
N ALA G 64 24.43 26.09 38.57
CA ALA G 64 24.64 24.79 37.87
C ALA G 64 24.09 23.59 38.65
N LEU G 65 24.27 23.57 39.98
CA LEU G 65 23.85 22.43 40.85
C LEU G 65 22.33 22.23 40.87
N ALA G 66 21.52 23.27 40.61
CA ALA G 66 20.05 23.18 40.66
C ALA G 66 19.46 22.88 39.27
N GLN G 67 20.31 22.55 38.30
CA GLN G 67 19.86 22.35 36.88
C GLN G 67 18.87 21.19 36.67
N GLY G 68 19.04 20.03 37.32
CA GLY G 68 18.12 18.94 37.05
C GLY G 68 18.85 17.80 36.38
N ASN G 69 18.52 16.57 36.73
CA ASN G 69 19.34 15.43 36.35
C ASN G 69 18.39 14.34 35.88
N PRO G 70 18.07 14.33 34.58
CA PRO G 70 17.14 13.33 34.05
C PRO G 70 17.80 11.98 33.86
N HIS G 71 17.16 10.93 34.39
CA HIS G 71 17.63 9.57 34.24
C HIS G 71 16.44 8.66 34.04
N GLN G 72 16.71 7.37 33.84
CA GLN G 72 15.66 6.42 33.52
C GLN G 72 15.81 5.18 34.37
N VAL G 73 14.70 4.69 34.93
CA VAL G 73 14.72 3.51 35.77
C VAL G 73 13.58 2.59 35.34
N ASP G 74 13.76 1.28 35.52
CA ASP G 74 12.65 0.34 35.47
C ASP G 74 11.87 0.42 36.76
N PHE G 75 10.56 0.26 36.67
CA PHE G 75 9.66 0.61 37.76
C PHE G 75 8.57 -0.43 37.85
N CYS G 76 8.49 -1.14 38.96
CA CYS G 76 7.51 -2.21 39.15
C CYS G 76 6.71 -1.89 40.40
N HIS G 77 5.39 -2.05 40.34
CA HIS G 77 4.58 -1.80 41.52
C HIS G 77 3.30 -2.62 41.48
N VAL G 78 2.71 -2.84 42.66
CA VAL G 78 1.45 -3.57 42.79
C VAL G 78 0.33 -2.72 42.21
N PRO G 79 -0.56 -3.26 41.36
CA PRO G 79 -1.66 -2.45 40.81
C PRO G 79 -2.67 -2.04 41.87
N TYR G 80 -3.64 -1.24 41.45
CA TYR G 80 -4.47 -0.55 42.42
C TYR G 80 -5.46 -1.49 43.11
N GLY G 81 -6.20 -2.25 42.33
CA GLY G 81 -7.24 -3.03 42.95
C GLY G 81 -6.78 -4.39 43.40
N ALA G 82 -5.49 -4.66 43.35
CA ALA G 82 -4.95 -5.98 43.61
C ALA G 82 -5.12 -6.35 45.08
N SER G 83 -5.07 -7.63 45.36
CA SER G 83 -5.21 -8.11 46.72
C SER G 83 -3.86 -8.51 47.32
N HIS G 84 -3.08 -9.33 46.62
CA HIS G 84 -1.74 -9.70 47.05
C HIS G 84 -0.94 -10.14 45.84
N ILE G 85 0.19 -10.81 46.11
CA ILE G 85 1.13 -11.24 45.09
C ILE G 85 1.60 -12.67 45.39
N GLU G 86 1.63 -13.51 44.36
CA GLU G 86 2.14 -14.87 44.42
C GLU G 86 3.58 -14.96 43.95
N CYS G 87 4.37 -15.81 44.61
CA CYS G 87 5.79 -15.97 44.28
C CYS G 87 6.12 -17.45 44.41
N SER G 88 6.60 -18.09 43.35
CA SER G 88 6.76 -19.54 43.34
C SER G 88 8.07 -19.97 42.71
N PHE G 89 8.66 -21.06 43.23
CA PHE G 89 9.88 -21.66 42.70
C PHE G 89 9.92 -23.12 43.17
N SER G 90 11.07 -23.77 42.98
CA SER G 90 11.24 -25.19 43.30
C SER G 90 12.68 -25.45 43.69
N VAL G 91 12.89 -26.33 44.66
CA VAL G 91 14.23 -26.67 45.11
C VAL G 91 14.42 -28.16 44.87
N SER G 92 15.67 -28.64 44.95
CA SER G 92 15.98 -30.05 44.81
C SER G 92 17.27 -30.41 45.51
N PHE G 93 17.17 -31.27 46.52
CA PHE G 93 18.30 -31.69 47.36
C PHE G 93 18.73 -33.07 46.88
N SER G 94 19.95 -33.19 46.33
CA SER G 94 20.17 -34.29 45.41
C SER G 94 21.47 -35.08 45.57
N SER G 95 22.10 -35.09 46.74
CA SER G 95 23.17 -36.05 47.09
C SER G 95 24.35 -36.11 46.14
N GLU G 96 24.71 -34.97 45.54
CA GLU G 96 25.84 -34.90 44.56
C GLU G 96 27.18 -34.78 45.29
N LEU G 97 27.16 -34.64 46.63
CA LEU G 97 28.41 -34.45 47.42
C LEU G 97 28.99 -35.80 47.90
N ARG G 98 28.36 -36.92 47.54
CA ARG G 98 28.84 -38.24 48.03
C ARG G 98 30.26 -38.55 47.54
N GLN G 99 30.56 -38.30 46.27
CA GLN G 99 31.91 -38.55 45.71
C GLN G 99 32.26 -37.43 44.73
N PRO G 100 33.55 -37.11 44.46
CA PRO G 100 33.86 -36.00 43.55
C PRO G 100 33.34 -36.20 42.13
N TYR G 101 33.15 -35.09 41.44
CA TYR G 101 32.69 -35.18 40.07
C TYR G 101 33.85 -35.48 39.13
N LYS G 102 35.05 -35.08 39.51
CA LYS G 102 36.23 -35.25 38.67
C LYS G 102 37.43 -35.12 39.58
N CYS G 103 38.30 -36.13 39.62
CA CYS G 103 39.41 -36.09 40.56
C CYS G 103 40.52 -36.98 40.04
N ASN G 104 41.59 -36.39 39.51
CA ASN G 104 42.65 -37.20 38.91
C ASN G 104 43.60 -37.83 39.93
N SER G 105 43.26 -37.84 41.20
CA SER G 105 44.09 -38.43 42.24
C SER G 105 43.23 -39.37 43.07
N SER G 106 43.63 -40.64 43.16
CA SER G 106 42.82 -41.61 43.88
C SER G 106 42.95 -41.45 45.39
N LYS G 107 44.11 -41.02 45.88
CA LYS G 107 44.27 -40.86 47.32
C LYS G 107 43.51 -39.66 47.86
N VAL G 108 43.34 -38.62 47.05
CA VAL G 108 42.53 -37.48 47.46
C VAL G 108 41.06 -37.83 47.36
N LYS G 109 40.71 -38.69 46.41
CA LYS G 109 39.32 -39.13 46.27
C LYS G 109 38.92 -40.03 47.42
N GLN G 110 39.80 -40.91 47.87
CA GLN G 110 39.49 -41.74 49.03
C GLN G 110 39.51 -40.96 50.33
N THR G 111 40.16 -39.80 50.35
CA THR G 111 40.08 -38.94 51.53
C THR G 111 38.72 -38.31 51.65
N LEU G 112 38.24 -37.69 50.57
CA LEU G 112 36.99 -36.97 50.54
C LEU G 112 35.78 -37.86 50.42
N VAL G 113 35.95 -39.17 50.27
CA VAL G 113 34.81 -40.06 50.44
C VAL G 113 34.71 -40.52 51.89
N GLN G 114 35.85 -40.64 52.58
CA GLN G 114 35.82 -41.00 53.98
C GLN G 114 35.38 -39.87 54.90
N LEU G 115 35.60 -38.61 54.51
CA LEU G 115 35.12 -37.51 55.34
C LEU G 115 33.61 -37.49 55.40
N VAL G 116 32.96 -37.60 54.23
CA VAL G 116 31.52 -37.49 54.15
C VAL G 116 30.86 -38.71 54.78
N GLU G 117 31.57 -39.84 54.83
CA GLU G 117 31.05 -40.98 55.56
C GLU G 117 31.27 -40.86 57.07
N LEU G 118 32.41 -40.33 57.50
CA LEU G 118 32.66 -40.11 58.92
C LEU G 118 31.90 -38.93 59.49
N TYR G 119 31.55 -37.95 58.66
CA TYR G 119 30.77 -36.82 59.11
C TYR G 119 29.38 -37.24 59.58
N GLU G 120 28.62 -37.91 58.71
CA GLU G 120 27.26 -38.29 59.06
C GLU G 120 27.18 -39.38 60.12
N THR G 121 28.25 -40.14 60.34
CA THR G 121 28.25 -41.09 61.44
C THR G 121 28.40 -40.37 62.77
N LYS G 122 29.32 -39.42 62.84
CA LYS G 122 29.77 -38.85 64.11
C LYS G 122 29.10 -37.52 64.40
N ILE G 123 28.76 -36.76 63.37
CA ILE G 123 28.18 -35.42 63.54
C ILE G 123 26.74 -35.36 63.04
N GLY G 124 26.51 -35.76 61.79
CA GLY G 124 25.16 -35.92 61.28
C GLY G 124 24.71 -34.77 60.41
N TRP G 125 23.69 -35.02 59.58
CA TRP G 125 23.16 -34.01 58.68
C TRP G 125 22.04 -33.21 59.30
N THR G 126 21.93 -33.20 60.62
CA THR G 126 20.81 -32.53 61.27
C THR G 126 20.99 -31.02 61.27
N GLU G 127 22.23 -30.55 61.43
CA GLU G 127 22.47 -29.12 61.53
C GLU G 127 22.41 -28.44 60.17
N LEU G 128 22.93 -29.07 59.13
CA LEU G 128 22.90 -28.43 57.82
C LEU G 128 21.50 -28.43 57.23
N ALA G 129 20.78 -29.54 57.34
CA ALA G 129 19.43 -29.58 56.80
C ALA G 129 18.46 -28.69 57.57
N THR G 130 18.72 -28.42 58.85
CA THR G 130 17.90 -27.46 59.57
C THR G 130 18.20 -26.04 59.10
N ARG G 131 19.47 -25.70 58.94
CA ARG G 131 19.86 -24.36 58.51
C ARG G 131 19.48 -24.07 57.07
N TYR G 132 19.50 -25.07 56.19
CA TYR G 132 19.14 -24.82 54.79
C TYR G 132 17.66 -24.60 54.62
N LEU G 133 16.86 -25.28 55.43
CA LEU G 133 15.41 -25.29 55.26
C LEU G 133 14.75 -24.12 55.98
N MET G 134 15.44 -23.48 56.91
CA MET G 134 14.89 -22.29 57.52
C MET G 134 14.81 -21.15 56.54
N ASN G 135 15.71 -21.09 55.56
CA ASN G 135 15.70 -19.99 54.62
C ASN G 135 14.72 -20.21 53.49
N ILE G 136 14.26 -21.44 53.27
CA ILE G 136 13.11 -21.64 52.40
C ILE G 136 11.84 -21.29 53.15
N CYS G 137 11.73 -21.76 54.38
CA CYS G 137 10.45 -21.71 55.08
C CYS G 137 10.12 -20.33 55.62
N ASN G 138 11.09 -19.43 55.71
CA ASN G 138 10.75 -18.02 55.82
C ASN G 138 11.31 -17.28 54.62
N GLY G 139 10.73 -16.13 54.33
CA GLY G 139 11.04 -15.47 53.08
C GLY G 139 12.41 -14.84 53.07
N LYS G 140 13.44 -15.67 53.08
CA LYS G 140 14.79 -15.16 52.88
C LYS G 140 15.03 -14.92 51.41
N TRP G 141 14.40 -15.76 50.58
CA TRP G 141 14.55 -15.72 49.13
C TRP G 141 13.72 -14.63 48.49
N LEU G 142 12.67 -14.13 49.17
CA LEU G 142 12.11 -12.81 48.93
C LEU G 142 13.06 -11.88 49.64
N TRP G 143 13.77 -11.05 48.91
CA TRP G 143 14.87 -10.40 49.58
C TRP G 143 14.40 -9.19 50.37
N LYS G 144 13.95 -8.16 49.67
CA LYS G 144 13.53 -6.93 50.28
C LYS G 144 12.01 -6.76 50.30
N ASN G 145 11.30 -7.64 49.64
CA ASN G 145 9.84 -7.64 49.64
C ASN G 145 9.28 -8.10 50.97
N THR G 146 10.04 -8.91 51.68
CA THR G 146 9.75 -9.23 53.07
C THR G 146 9.68 -7.97 53.92
N ARG G 147 10.59 -7.04 53.71
CA ARG G 147 10.57 -5.75 54.38
C ARG G 147 9.41 -4.92 53.84
N LYS G 148 8.86 -4.04 54.68
CA LYS G 148 7.81 -3.08 54.31
C LYS G 148 6.53 -3.76 53.84
N ALA G 149 6.17 -4.88 54.44
CA ALA G 149 4.97 -5.60 54.05
C ALA G 149 4.17 -5.97 55.27
N TYR G 150 2.86 -6.10 55.07
CA TYR G 150 1.94 -6.40 56.16
C TYR G 150 2.21 -7.78 56.75
N CYS G 151 2.09 -8.82 55.92
CA CYS G 151 2.34 -10.20 56.34
C CYS G 151 2.64 -11.02 55.11
N TRP G 152 3.54 -12.00 55.25
CA TRP G 152 3.88 -12.89 54.15
C TRP G 152 3.74 -14.34 54.59
N ASN G 153 3.27 -15.18 53.68
CA ASN G 153 2.97 -16.58 53.96
C ASN G 153 3.74 -17.47 53.00
N ILE G 154 4.15 -18.64 53.47
CA ILE G 154 4.87 -19.62 52.66
C ILE G 154 4.06 -20.92 52.70
N VAL G 155 3.93 -21.58 51.55
CA VAL G 155 3.25 -22.86 51.45
C VAL G 155 4.17 -23.83 50.70
N LEU G 156 4.47 -24.97 51.33
CA LEU G 156 5.37 -25.98 50.78
C LEU G 156 4.59 -27.12 50.15
N THR G 157 5.19 -27.72 49.12
CA THR G 157 4.66 -28.96 48.55
C THR G 157 5.83 -29.90 48.32
N PRO G 158 6.17 -30.73 49.31
CA PRO G 158 7.29 -31.66 49.15
C PRO G 158 6.89 -32.82 48.27
N TRP G 159 7.84 -33.32 47.46
CA TRP G 159 7.39 -34.30 46.48
C TRP G 159 7.30 -35.73 46.99
N PRO G 160 8.36 -36.39 47.55
CA PRO G 160 8.05 -37.77 47.96
C PRO G 160 7.31 -37.78 49.31
N TRP G 161 6.01 -37.56 49.21
CA TRP G 161 5.18 -37.11 50.32
C TRP G 161 3.76 -37.60 50.07
N ASN G 162 2.98 -37.70 51.16
CA ASN G 162 1.67 -38.32 51.09
C ASN G 162 0.57 -37.31 50.78
N GLY G 163 0.41 -36.29 51.62
CA GLY G 163 -0.58 -35.26 51.36
C GLY G 163 -0.44 -34.10 52.31
N GLU G 164 -1.44 -33.21 52.28
CA GLU G 164 -1.57 -32.07 53.22
C GLU G 164 -0.38 -31.12 53.13
N LYS G 165 -0.39 -30.33 52.05
CA LYS G 165 0.54 -29.24 51.77
C LYS G 165 0.91 -28.43 53.01
N VAL G 166 2.20 -28.38 53.29
CA VAL G 166 2.76 -27.77 54.49
C VAL G 166 2.77 -26.26 54.33
N GLY G 167 2.19 -25.56 55.30
CA GLY G 167 2.05 -24.12 55.21
C GLY G 167 2.65 -23.42 56.41
N PHE G 168 2.96 -22.14 56.23
CA PHE G 168 3.57 -21.28 57.24
C PHE G 168 2.89 -19.92 57.18
N GLU G 169 1.84 -19.70 57.95
CA GLU G 169 1.11 -18.44 57.86
C GLU G 169 1.66 -17.41 58.82
N ASP G 170 1.67 -16.14 58.38
CA ASP G 170 2.14 -15.00 59.22
C ASP G 170 3.53 -15.32 59.78
N ILE G 171 4.50 -15.53 58.88
CA ILE G 171 5.88 -15.95 59.27
C ILE G 171 6.55 -14.93 60.21
N ARG G 172 6.41 -13.62 59.96
CA ARG G 172 7.10 -12.65 60.83
C ARG G 172 6.60 -12.77 62.28
N THR G 173 5.28 -12.84 62.46
CA THR G 173 4.65 -12.93 63.81
C THR G 173 4.91 -14.28 64.49
N ASN G 174 4.79 -15.40 63.76
CA ASN G 174 4.87 -16.73 64.42
C ASN G 174 6.17 -17.50 64.16
N TYR G 175 6.97 -17.14 63.16
CA TYR G 175 8.17 -17.93 62.90
C TYR G 175 9.41 -17.05 62.97
N THR G 176 9.98 -16.98 64.17
CA THR G 176 11.07 -16.07 64.49
C THR G 176 12.39 -16.77 64.77
N SER G 177 12.40 -17.72 65.69
CA SER G 177 13.59 -18.49 66.04
C SER G 177 13.43 -19.92 65.57
N ARG G 178 14.42 -20.76 65.88
CA ARG G 178 14.37 -22.17 65.49
C ARG G 178 13.23 -22.89 66.18
N GLN G 179 12.98 -22.60 67.45
CA GLN G 179 11.95 -23.30 68.20
C GLN G 179 10.54 -22.95 67.73
N ASP G 180 10.37 -21.84 67.02
CA ASP G 180 9.09 -21.61 66.35
C ASP G 180 8.91 -22.55 65.18
N PHE G 181 9.97 -22.85 64.44
CA PHE G 181 9.84 -23.76 63.32
C PHE G 181 9.67 -25.20 63.77
N LYS G 182 10.25 -25.59 64.90
CA LYS G 182 10.07 -26.96 65.36
C LYS G 182 8.71 -27.18 65.96
N ASN G 183 7.98 -26.12 66.29
CA ASN G 183 6.60 -26.25 66.74
C ASN G 183 5.62 -26.31 65.58
N ASN G 184 6.12 -26.49 64.36
CA ASN G 184 5.23 -26.75 63.24
C ASN G 184 4.72 -28.18 63.32
N LYS G 185 3.59 -28.43 62.64
CA LYS G 185 2.94 -29.73 62.67
C LYS G 185 3.83 -30.81 62.08
N ASN G 186 4.44 -30.52 60.94
CA ASN G 186 5.37 -31.42 60.29
C ASN G 186 6.64 -30.65 59.97
N TRP G 187 7.52 -30.55 60.95
CA TRP G 187 8.89 -30.12 60.76
C TRP G 187 9.87 -31.27 60.79
N SER G 188 9.57 -32.31 61.57
CA SER G 188 10.43 -33.48 61.61
C SER G 188 10.43 -34.23 60.28
N ALA G 189 9.33 -34.18 59.55
CA ALA G 189 9.23 -34.93 58.31
C ALA G 189 9.97 -34.30 57.16
N ILE G 190 10.02 -32.98 57.10
CA ILE G 190 10.66 -32.30 55.98
C ILE G 190 12.16 -32.13 56.20
N VAL G 191 12.59 -32.08 57.46
CA VAL G 191 14.01 -32.21 57.75
C VAL G 191 14.52 -33.61 57.41
N GLU G 192 13.73 -34.65 57.69
CA GLU G 192 14.16 -36.01 57.41
C GLU G 192 14.16 -36.38 55.94
N MET G 193 13.56 -35.59 55.06
CA MET G 193 13.80 -35.82 53.64
C MET G 193 15.19 -35.33 53.26
N ILE G 194 15.62 -34.23 53.86
CA ILE G 194 16.88 -33.63 53.47
C ILE G 194 18.03 -34.38 54.12
N LYS G 195 17.77 -35.07 55.23
CA LYS G 195 18.80 -35.92 55.81
C LYS G 195 18.95 -37.20 55.02
N THR G 196 17.90 -37.63 54.32
CA THR G 196 17.99 -38.84 53.52
C THR G 196 18.45 -38.52 52.11
N ALA G 197 18.16 -37.33 51.62
CA ALA G 197 18.66 -36.89 50.34
C ALA G 197 20.12 -36.52 50.34
N PHE G 198 20.79 -36.58 51.48
CA PHE G 198 22.23 -36.45 51.57
C PHE G 198 22.89 -37.75 51.99
N SER G 199 22.11 -38.76 52.37
CA SER G 199 22.62 -40.02 52.88
C SER G 199 22.58 -41.13 51.83
N SER G 200 21.44 -41.29 51.17
CA SER G 200 21.25 -42.27 50.13
C SER G 200 22.09 -41.94 48.90
N THR G 201 22.44 -42.97 48.14
CA THR G 201 23.16 -42.75 46.90
C THR G 201 22.27 -42.26 45.77
N ASP G 202 20.95 -42.31 45.95
CA ASP G 202 20.01 -41.59 45.07
C ASP G 202 18.94 -41.00 45.99
N GLY G 203 19.21 -39.81 46.52
CA GLY G 203 18.25 -39.08 47.33
C GLY G 203 17.77 -37.91 46.49
N LEU G 204 16.48 -37.60 46.56
CA LEU G 204 15.97 -36.71 45.52
C LEU G 204 15.27 -35.46 46.03
N ALA G 205 14.21 -35.57 46.85
CA ALA G 205 13.68 -34.50 47.72
C ALA G 205 13.39 -33.17 47.03
N ILE G 206 12.34 -33.15 46.22
CA ILE G 206 11.94 -31.92 45.51
C ILE G 206 10.88 -31.18 46.30
N PHE G 207 11.11 -29.90 46.57
CA PHE G 207 10.14 -29.03 47.22
C PHE G 207 9.57 -28.04 46.22
N GLU G 208 8.30 -27.73 46.36
CA GLU G 208 7.60 -26.74 45.56
C GLU G 208 7.15 -25.63 46.48
N VAL G 209 7.76 -24.47 46.38
CA VAL G 209 7.55 -23.42 47.35
C VAL G 209 6.70 -22.35 46.70
N ARG G 210 5.94 -21.61 47.51
CA ARG G 210 4.98 -20.65 47.03
C ARG G 210 4.69 -19.64 48.10
N ALA G 211 4.71 -18.36 47.76
CA ALA G 211 4.56 -17.27 48.71
C ALA G 211 3.28 -16.49 48.48
N THR G 212 3.05 -15.53 49.37
CA THR G 212 1.86 -14.68 49.33
C THR G 212 2.21 -13.42 50.12
N LEU G 213 2.40 -12.30 49.43
CA LEU G 213 2.86 -11.07 50.04
C LEU G 213 1.73 -10.05 50.10
N HIS G 214 1.45 -9.51 51.27
CA HIS G 214 0.45 -8.47 51.40
C HIS G 214 1.17 -7.15 51.63
N LEU G 215 1.21 -6.33 50.59
CA LEU G 215 1.91 -5.07 50.59
C LEU G 215 0.93 -3.94 50.88
N PRO G 216 1.40 -2.68 51.06
CA PRO G 216 0.45 -1.57 51.18
C PRO G 216 -0.29 -1.24 49.90
N THR G 217 -1.07 -0.15 49.93
CA THR G 217 -1.73 0.30 48.71
C THR G 217 -0.68 0.78 47.74
N ASN G 218 -0.66 0.11 46.57
CA ASN G 218 -0.03 0.62 45.37
C ASN G 218 1.48 0.62 45.51
N ALA G 219 1.99 -0.29 46.34
CA ALA G 219 3.36 -0.35 46.82
C ALA G 219 4.30 -0.90 45.78
N MET G 220 5.59 -0.91 46.12
CA MET G 220 6.69 -1.21 45.21
C MET G 220 7.20 -2.61 45.42
N VAL G 221 7.51 -3.32 44.33
CA VAL G 221 8.11 -4.64 44.42
C VAL G 221 9.44 -4.65 43.68
N ARG G 222 10.42 -5.33 44.29
CA ARG G 222 11.82 -5.24 43.89
C ARG G 222 12.39 -6.57 43.42
N PRO G 223 12.51 -6.79 42.12
CA PRO G 223 13.08 -8.02 41.60
C PRO G 223 14.58 -7.85 41.39
N SER G 224 15.22 -8.94 40.99
CA SER G 224 16.66 -8.89 40.74
C SER G 224 16.93 -8.14 39.46
N GLN G 225 18.15 -7.67 39.30
CA GLN G 225 18.38 -6.74 38.20
C GLN G 225 19.68 -7.09 37.50
N VAL G 226 19.72 -6.83 36.19
CA VAL G 226 20.67 -7.51 35.31
C VAL G 226 22.06 -6.91 35.48
N PHE G 227 23.05 -7.64 34.97
CA PHE G 227 24.44 -7.17 34.96
C PHE G 227 24.64 -6.52 33.60
N THR G 228 24.56 -5.21 33.57
CA THR G 228 24.66 -4.47 32.33
C THR G 228 26.09 -4.43 31.84
N GLU G 229 26.32 -5.06 30.69
CA GLU G 229 27.61 -4.93 30.02
C GLU G 229 27.53 -3.97 28.84
N LYS G 239 19.25 10.23 25.17
CA LYS G 239 20.31 10.95 25.91
C LYS G 239 20.28 10.55 27.38
N THR G 240 19.33 9.68 27.76
CA THR G 240 19.18 9.21 29.16
C THR G 240 19.55 7.72 29.21
N GLN G 241 20.44 7.34 30.15
CA GLN G 241 20.91 5.94 30.28
C GLN G 241 20.15 5.21 31.39
N ASN G 242 19.70 3.98 31.11
CA ASN G 242 18.95 3.13 32.08
C ASN G 242 19.80 2.92 33.34
N SER G 243 19.28 3.38 34.48
CA SER G 243 19.92 3.29 35.77
C SER G 243 19.44 2.10 36.59
N ARG G 244 18.50 1.30 36.08
CA ARG G 244 17.99 0.12 36.76
C ARG G 244 17.28 -0.74 35.72
N VAL G 245 17.84 -1.90 35.41
CA VAL G 245 17.29 -2.81 34.42
C VAL G 245 16.97 -4.12 35.12
N PHE G 246 15.72 -4.56 35.07
CA PHE G 246 15.30 -5.74 35.81
C PHE G 246 15.56 -7.03 35.03
N GLN G 247 15.78 -8.11 35.76
CA GLN G 247 15.75 -9.43 35.16
C GLN G 247 14.31 -9.84 34.94
N SER G 248 14.08 -10.62 33.87
CA SER G 248 12.72 -10.87 33.46
C SER G 248 12.61 -12.18 32.71
N THR G 249 11.39 -12.71 32.66
CA THR G 249 11.08 -13.99 31.95
C THR G 249 9.78 -13.78 31.17
N THR G 250 9.52 -14.61 30.16
CA THR G 250 8.27 -14.45 29.38
C THR G 250 7.21 -15.41 29.91
N ILE G 251 6.14 -14.86 30.48
CA ILE G 251 4.98 -15.67 30.97
C ILE G 251 3.83 -15.29 30.05
N ASP G 252 3.17 -16.27 29.42
CA ASP G 252 2.11 -15.96 28.44
C ASP G 252 2.77 -15.06 27.38
N GLY G 253 2.18 -13.90 27.09
CA GLY G 253 2.78 -12.97 26.11
C GLY G 253 3.36 -11.74 26.78
N GLU G 254 3.49 -11.73 28.11
CA GLU G 254 3.92 -10.49 28.82
C GLU G 254 5.24 -10.63 29.60
N ARG G 255 6.13 -9.65 29.41
CA ARG G 255 7.36 -9.44 30.15
C ARG G 255 7.05 -9.27 31.62
N SER G 256 7.63 -10.15 32.46
CA SER G 256 7.38 -10.05 33.91
C SER G 256 8.70 -10.12 34.70
N PRO G 257 8.81 -9.44 35.87
CA PRO G 257 10.03 -9.47 36.67
C PRO G 257 10.22 -10.83 37.34
N ILE G 258 11.48 -11.25 37.53
CA ILE G 258 11.80 -12.55 38.18
C ILE G 258 12.94 -12.32 39.18
N LEU G 259 13.10 -13.25 40.12
CA LEU G 259 14.22 -13.21 41.10
C LEU G 259 15.27 -14.17 40.55
N GLY G 260 16.53 -13.76 40.49
CA GLY G 260 17.57 -14.58 39.85
C GLY G 260 17.65 -15.99 40.44
N ALA G 261 17.80 -17.00 39.58
CA ALA G 261 17.89 -18.41 40.00
C ALA G 261 19.07 -18.51 40.98
N PHE G 262 20.11 -17.71 40.73
CA PHE G 262 21.28 -17.66 41.60
C PHE G 262 21.12 -16.64 42.71
N LYS G 263 20.24 -15.65 42.53
CA LYS G 263 19.84 -14.79 43.63
C LYS G 263 19.03 -15.57 44.65
N THR G 264 18.31 -16.62 44.21
CA THR G 264 17.51 -17.41 45.12
C THR G 264 18.36 -18.43 45.86
N GLY G 265 19.29 -19.07 45.16
CA GLY G 265 20.16 -20.03 45.81
C GLY G 265 21.22 -19.43 46.69
N ALA G 266 21.41 -18.11 46.63
CA ALA G 266 22.32 -17.41 47.52
C ALA G 266 21.62 -16.87 48.74
N ALA G 267 20.31 -17.08 48.85
CA ALA G 267 19.55 -16.80 50.05
C ALA G 267 19.36 -18.03 50.89
N ILE G 268 19.31 -19.18 50.24
CA ILE G 268 19.19 -20.44 50.96
C ILE G 268 20.48 -20.77 51.68
N ALA G 269 21.61 -20.38 51.12
CA ALA G 269 22.92 -20.72 51.68
C ALA G 269 23.54 -19.58 52.48
N THR G 270 22.75 -18.66 53.04
CA THR G 270 23.28 -17.72 54.04
C THR G 270 23.23 -18.40 55.39
N ILE G 271 24.25 -19.19 55.66
CA ILE G 271 24.27 -20.13 56.78
C ILE G 271 25.52 -19.96 57.62
N ASP G 272 26.57 -19.46 57.00
CA ASP G 272 27.91 -19.47 57.56
C ASP G 272 28.08 -18.46 58.68
N ASP G 273 27.65 -18.81 59.89
CA ASP G 273 27.95 -18.01 61.07
C ASP G 273 28.99 -18.69 61.95
N TRP G 274 29.87 -19.48 61.35
CA TRP G 274 30.93 -20.11 62.11
C TRP G 274 32.24 -19.34 62.01
N TYR G 275 32.29 -18.26 61.23
CA TYR G 275 33.53 -17.58 60.89
C TYR G 275 34.07 -16.86 62.13
N PRO G 276 35.41 -16.62 62.22
CA PRO G 276 36.09 -16.55 63.52
C PRO G 276 35.54 -15.60 64.58
N GLU G 277 34.84 -14.53 64.23
CA GLU G 277 34.22 -13.62 65.19
C GLU G 277 32.80 -13.28 64.76
N ALA G 278 32.01 -14.31 64.48
CA ALA G 278 30.75 -14.18 63.77
C ALA G 278 29.68 -13.49 64.59
N THR G 279 28.94 -12.60 63.93
CA THR G 279 27.64 -12.14 64.40
C THR G 279 26.52 -12.52 63.45
N GLU G 280 26.59 -12.09 62.22
CA GLU G 280 25.60 -12.23 61.18
C GLU G 280 26.02 -13.30 60.19
N PRO G 281 25.13 -14.22 59.83
CA PRO G 281 25.55 -15.35 58.99
C PRO G 281 25.74 -14.92 57.54
N LEU G 282 26.62 -15.63 56.86
CA LEU G 282 27.18 -15.28 55.55
C LEU G 282 26.81 -16.33 54.50
N ARG G 283 26.90 -15.92 53.25
CA ARG G 283 26.73 -16.86 52.16
C ARG G 283 27.97 -17.75 52.07
N VAL G 284 27.76 -19.06 52.00
CA VAL G 284 28.84 -20.01 52.16
C VAL G 284 29.72 -19.99 50.93
N GLY G 285 31.02 -19.80 51.13
CA GLY G 285 31.97 -19.87 50.03
C GLY G 285 33.37 -20.02 50.55
N ARG G 286 34.29 -20.21 49.62
CA ARG G 286 35.71 -20.19 49.93
C ARG G 286 36.10 -18.79 50.34
N PHE G 287 36.84 -18.69 51.45
CA PHE G 287 37.20 -17.44 52.15
C PHE G 287 36.08 -16.40 52.17
N GLY G 288 35.00 -16.76 52.86
CA GLY G 288 33.69 -16.12 52.81
C GLY G 288 33.56 -14.62 52.90
N VAL G 289 32.99 -14.03 51.86
CA VAL G 289 32.90 -12.59 51.74
C VAL G 289 31.65 -12.11 52.46
N HIS G 290 31.70 -10.88 52.94
CA HIS G 290 30.53 -10.15 53.37
C HIS G 290 30.42 -8.95 52.45
N ARG G 291 29.43 -8.95 51.59
CA ARG G 291 29.35 -7.95 50.54
C ARG G 291 28.78 -6.63 51.02
N GLU G 292 28.20 -6.58 52.22
CA GLU G 292 27.75 -5.32 52.82
C GLU G 292 28.94 -4.44 53.12
N ASP G 293 29.82 -4.89 53.99
CA ASP G 293 31.07 -4.21 54.25
C ASP G 293 32.20 -5.00 53.62
N VAL G 294 32.81 -4.43 52.57
CA VAL G 294 33.47 -5.21 51.54
C VAL G 294 34.78 -5.70 52.08
N THR G 295 34.74 -6.85 52.75
CA THR G 295 35.90 -7.51 53.33
C THR G 295 35.70 -8.99 53.18
N CYS G 296 36.77 -9.74 53.36
CA CYS G 296 36.70 -11.18 53.54
C CYS G 296 36.98 -11.47 55.00
N TYR G 297 35.97 -12.00 55.69
CA TYR G 297 36.28 -12.82 56.83
C TYR G 297 36.73 -14.18 56.31
N ARG G 298 37.30 -14.99 57.19
CA ARG G 298 37.96 -16.24 56.83
C ARG G 298 39.03 -16.04 55.77
N HIS G 299 39.88 -15.04 55.96
CA HIS G 299 40.94 -14.75 55.00
C HIS G 299 41.99 -15.86 55.08
N PRO G 300 42.77 -16.09 54.01
CA PRO G 300 43.90 -17.03 54.12
C PRO G 300 44.91 -16.72 55.20
N SER G 301 45.02 -15.47 55.65
CA SER G 301 45.88 -15.17 56.78
C SER G 301 45.27 -15.64 58.10
N THR G 302 43.95 -15.81 58.15
CA THR G 302 43.35 -16.42 59.34
C THR G 302 43.64 -17.90 59.38
N GLY G 303 43.64 -18.55 58.23
CA GLY G 303 43.83 -19.96 58.17
C GLY G 303 42.57 -20.77 58.36
N LYS G 304 41.42 -20.10 58.36
CA LYS G 304 40.15 -20.78 58.51
C LYS G 304 39.26 -20.55 57.30
N ASP G 305 39.86 -20.53 56.11
CA ASP G 305 39.07 -20.65 54.89
C ASP G 305 38.99 -22.12 54.48
N PHE G 306 38.50 -22.35 53.27
CA PHE G 306 38.22 -23.71 52.82
C PHE G 306 39.49 -24.50 52.57
N PHE G 307 40.44 -23.92 51.85
CA PHE G 307 41.61 -24.68 51.44
C PHE G 307 42.57 -24.93 52.59
N SER G 308 42.62 -24.05 53.58
CA SER G 308 43.41 -24.29 54.76
C SER G 308 42.77 -25.30 55.68
N ILE G 309 41.46 -25.49 55.59
CA ILE G 309 40.78 -26.57 56.26
C ILE G 309 40.87 -27.88 55.47
N LEU G 310 40.76 -27.79 54.14
CA LEU G 310 40.78 -28.97 53.28
C LEU G 310 42.13 -29.67 53.29
N GLN G 311 43.21 -28.95 53.51
CA GLN G 311 44.50 -29.60 53.63
C GLN G 311 44.73 -30.22 55.00
N GLN G 312 43.85 -29.97 55.97
CA GLN G 312 43.82 -30.69 57.22
C GLN G 312 42.88 -31.88 57.17
N ALA G 313 42.66 -32.46 55.98
CA ALA G 313 41.68 -33.51 55.85
C ALA G 313 42.18 -34.83 56.39
N GLU G 314 43.49 -34.99 56.53
CA GLU G 314 43.98 -36.18 57.22
C GLU G 314 43.76 -36.05 58.71
N HIS G 315 44.03 -34.87 59.27
CA HIS G 315 43.86 -34.62 60.71
C HIS G 315 42.41 -34.74 61.15
N TYR G 316 41.47 -34.33 60.31
CA TYR G 316 40.07 -34.37 60.68
C TYR G 316 39.50 -35.77 60.72
N ILE G 317 40.18 -36.74 60.13
CA ILE G 317 39.66 -38.11 60.15
C ILE G 317 39.98 -38.80 61.47
N GLU G 318 41.20 -38.61 61.99
CA GLU G 318 41.51 -39.22 63.29
C GLU G 318 40.82 -38.51 64.44
N VAL G 319 40.35 -37.29 64.24
CA VAL G 319 39.46 -36.67 65.22
C VAL G 319 38.12 -37.39 65.24
N LEU G 320 37.52 -37.56 64.07
CA LEU G 320 36.17 -38.10 63.99
C LEU G 320 36.09 -39.59 64.29
N SER G 321 37.16 -40.34 64.07
CA SER G 321 37.16 -41.77 64.35
C SER G 321 37.49 -42.10 65.80
N ALA G 322 38.27 -41.28 66.48
CA ALA G 322 38.57 -41.46 67.89
C ALA G 322 37.34 -41.15 68.74
N ASN G 323 37.26 -41.81 69.90
CA ASN G 323 36.00 -41.85 70.64
C ASN G 323 35.79 -40.65 71.55
N LYS G 324 36.81 -39.84 71.78
CA LYS G 324 36.63 -38.56 72.47
C LYS G 324 35.82 -37.62 71.58
N THR G 325 34.66 -37.20 72.07
CA THR G 325 33.73 -36.42 71.26
C THR G 325 34.27 -35.01 71.02
N PRO G 326 34.29 -34.53 69.78
CA PRO G 326 35.18 -33.43 69.41
C PRO G 326 34.68 -32.08 69.89
N ALA G 327 35.64 -31.15 69.98
CA ALA G 327 35.35 -29.82 70.47
C ALA G 327 34.54 -29.03 69.45
N GLN G 328 33.97 -27.92 69.91
CA GLN G 328 33.17 -27.08 69.02
C GLN G 328 34.01 -26.37 67.97
N GLU G 329 35.30 -26.23 68.18
CA GLU G 329 36.13 -25.64 67.14
C GLU G 329 36.34 -26.62 65.98
N THR G 330 36.50 -27.90 66.29
CA THR G 330 36.71 -28.91 65.27
C THR G 330 35.43 -29.61 64.85
N ILE G 331 34.26 -29.04 65.12
CA ILE G 331 33.08 -29.38 64.37
C ILE G 331 32.60 -28.22 63.51
N ASN G 332 32.85 -26.98 63.92
CA ASN G 332 32.49 -25.83 63.11
C ASN G 332 33.43 -25.65 61.94
N ASP G 333 34.52 -26.41 61.89
CA ASP G 333 35.33 -26.52 60.70
C ASP G 333 34.85 -27.63 59.80
N MET G 334 34.20 -28.64 60.38
CA MET G 334 33.59 -29.70 59.60
C MET G 334 32.26 -29.29 59.00
N HIS G 335 31.49 -28.47 59.71
CA HIS G 335 30.28 -27.90 59.13
C HIS G 335 30.61 -27.00 57.94
N PHE G 336 31.60 -26.15 58.09
CA PHE G 336 32.02 -25.31 56.98
C PHE G 336 32.62 -26.11 55.83
N LEU G 337 33.30 -27.22 56.11
CA LEU G 337 33.87 -28.02 55.04
C LEU G 337 32.80 -28.76 54.26
N MET G 338 31.82 -29.36 54.94
CA MET G 338 30.73 -30.05 54.26
C MET G 338 29.85 -29.08 53.50
N ALA G 339 29.61 -27.90 54.05
CA ALA G 339 28.70 -26.98 53.39
C ALA G 339 29.33 -26.30 52.19
N ASN G 340 30.63 -26.47 51.96
CA ASN G 340 31.26 -26.10 50.70
C ASN G 340 31.24 -27.22 49.67
N LEU G 341 31.13 -28.47 50.10
CA LEU G 341 30.95 -29.56 49.16
C LEU G 341 29.52 -29.60 48.65
N ILE G 342 28.58 -29.05 49.42
CA ILE G 342 27.21 -28.89 48.98
C ILE G 342 27.10 -27.68 48.06
N LYS G 343 28.07 -26.79 48.10
CA LYS G 343 27.97 -25.61 47.25
C LYS G 343 28.50 -25.88 45.86
N GLY G 344 29.43 -26.80 45.70
CA GLY G 344 29.96 -27.12 44.39
C GLY G 344 31.35 -26.57 44.23
N GLY G 345 31.73 -26.34 42.99
CA GLY G 345 32.92 -25.57 42.68
C GLY G 345 34.07 -26.44 42.25
N MET G 346 35.09 -25.77 41.74
CA MET G 346 36.32 -26.44 41.38
C MET G 346 37.38 -26.16 42.44
N PHE G 347 38.10 -27.20 42.83
CA PHE G 347 39.00 -27.13 43.98
C PHE G 347 40.44 -27.47 43.60
N GLN G 348 40.92 -26.95 42.47
CA GLN G 348 42.25 -27.32 42.01
C GLN G 348 43.31 -26.40 42.59
N HIS G 349 44.56 -26.82 42.43
CA HIS G 349 45.70 -25.92 42.52
C HIS G 349 46.80 -26.50 41.65
N LYS G 350 47.68 -25.61 41.18
CA LYS G 350 48.70 -25.88 40.16
C LYS G 350 48.14 -26.53 38.92
N MET H 1 16.58 46.75 31.21
CA MET H 1 16.77 45.46 31.87
C MET H 1 16.74 44.35 30.84
N LYS H 2 17.67 43.40 30.94
CA LYS H 2 17.71 42.30 30.00
C LYS H 2 16.65 41.25 30.34
N LEU H 3 16.64 40.17 29.59
CA LEU H 3 15.67 39.10 29.79
C LEU H 3 16.43 37.82 30.10
N PRO H 4 16.02 37.08 31.13
CA PRO H 4 16.78 35.89 31.54
C PRO H 4 16.59 34.73 30.60
N THR H 5 17.21 33.61 30.91
CA THR H 5 17.03 32.41 30.12
C THR H 5 15.93 31.51 30.63
N ASN H 6 15.30 31.84 31.76
CA ASN H 6 14.17 31.10 32.31
C ASN H 6 13.29 32.11 33.05
N LEU H 7 12.10 32.38 32.52
CA LEU H 7 11.18 33.21 33.26
C LEU H 7 9.77 32.78 32.92
N ALA H 8 8.92 32.63 33.94
CA ALA H 8 7.59 32.12 33.70
C ALA H 8 6.70 32.55 34.85
N TYR H 9 5.45 32.90 34.54
CA TYR H 9 4.43 33.04 35.56
C TYR H 9 3.33 32.02 35.34
N GLU H 10 2.42 31.95 36.32
CA GLU H 10 1.18 31.21 36.19
C GLU H 10 0.03 32.19 36.02
N ARG H 11 -1.06 31.72 35.45
CA ARG H 11 -2.12 32.65 35.14
C ARG H 11 -2.97 32.87 36.39
N SER H 12 -3.45 34.09 36.57
CA SER H 12 -4.17 34.46 37.76
C SER H 12 -5.67 34.31 37.63
N ILE H 13 -6.15 33.80 36.51
CA ILE H 13 -7.57 33.67 36.21
C ILE H 13 -7.78 32.32 35.55
N ASP H 14 -8.62 31.47 36.14
CA ASP H 14 -8.76 30.08 35.73
C ASP H 14 -10.19 29.76 35.32
N PRO H 15 -10.60 30.04 34.08
CA PRO H 15 -11.94 29.66 33.64
C PRO H 15 -12.03 28.19 33.31
N SER H 16 -13.19 27.76 32.87
CA SER H 16 -13.38 26.36 32.51
C SER H 16 -14.35 26.27 31.34
N ASP H 17 -14.76 25.05 31.00
CA ASP H 17 -15.66 24.82 29.90
C ASP H 17 -17.04 25.35 30.23
N VAL H 18 -17.85 25.55 29.20
CA VAL H 18 -19.20 26.07 29.36
C VAL H 18 -20.17 25.03 28.84
N CYS H 19 -20.89 24.38 29.74
CA CYS H 19 -21.79 23.27 29.39
C CYS H 19 -23.18 23.79 29.04
N PHE H 20 -23.75 23.29 27.94
CA PHE H 20 -25.02 23.78 27.42
C PHE H 20 -26.14 22.82 27.79
N PHE H 21 -27.30 23.38 28.13
CA PHE H 21 -28.45 22.60 28.54
C PHE H 21 -29.71 23.16 27.89
N VAL H 22 -30.73 22.33 27.84
CA VAL H 22 -32.04 22.69 27.32
C VAL H 22 -33.01 22.73 28.49
N VAL H 23 -33.61 23.87 28.75
CA VAL H 23 -34.66 23.98 29.75
C VAL H 23 -36.00 23.92 29.03
N TRP H 24 -36.71 22.84 29.23
CA TRP H 24 -38.05 22.67 28.74
C TRP H 24 -39.01 23.49 29.58
N PRO H 25 -40.26 23.67 29.14
CA PRO H 25 -41.28 24.09 30.09
C PRO H 25 -41.51 22.97 31.08
N ASP H 26 -42.00 23.36 32.27
CA ASP H 26 -42.07 22.59 33.52
C ASP H 26 -40.69 22.34 34.12
N ASP H 27 -39.64 22.95 33.56
CA ASP H 27 -38.31 23.09 34.15
C ASP H 27 -37.64 21.75 34.43
N ARG H 28 -37.32 21.04 33.35
CA ARG H 28 -36.40 19.92 33.40
C ARG H 28 -35.25 20.21 32.45
N LYS H 29 -34.08 19.67 32.75
CA LYS H 29 -32.87 19.98 32.01
C LYS H 29 -32.35 18.76 31.28
N THR H 30 -32.06 18.93 30.00
CA THR H 30 -31.45 17.93 29.16
C THR H 30 -30.20 18.53 28.56
N PRO H 31 -29.07 17.82 28.51
CA PRO H 31 -27.90 18.39 27.84
C PRO H 31 -28.10 18.43 26.34
N LEU H 32 -27.77 19.57 25.75
CA LEU H 32 -27.92 19.79 24.32
C LEU H 32 -27.05 18.79 23.56
N THR H 33 -27.53 18.32 22.42
CA THR H 33 -26.77 17.41 21.58
C THR H 33 -26.71 17.94 20.16
N TYR H 34 -25.78 17.42 19.37
CA TYR H 34 -25.63 17.83 17.98
C TYR H 34 -25.61 16.60 17.11
N ASN H 35 -25.58 16.84 15.80
CA ASN H 35 -25.42 15.78 14.80
C ASN H 35 -24.65 16.32 13.62
N SER H 36 -24.03 15.40 12.88
CA SER H 36 -23.41 15.70 11.61
C SER H 36 -24.43 15.46 10.52
N ARG H 37 -24.69 16.47 9.70
CA ARG H 37 -25.51 16.20 8.54
C ARG H 37 -24.89 16.82 7.30
N THR H 38 -24.79 16.00 6.26
CA THR H 38 -24.24 16.42 4.98
C THR H 38 -25.23 17.28 4.23
N LEU H 39 -24.67 18.14 3.40
CA LEU H 39 -25.43 19.09 2.62
C LEU H 39 -24.94 19.06 1.19
N LEU H 40 -25.38 20.01 0.38
CA LEU H 40 -25.01 20.05 -1.02
C LEU H 40 -25.13 21.48 -1.49
N GLY H 41 -24.02 22.16 -1.64
CA GLY H 41 -24.12 23.55 -2.02
C GLY H 41 -23.78 23.76 -3.46
N GLN H 42 -23.61 25.03 -3.86
CA GLN H 42 -23.05 25.33 -5.16
C GLN H 42 -21.56 25.06 -5.17
N MET H 43 -20.94 25.50 -6.24
CA MET H 43 -19.52 25.29 -6.47
C MET H 43 -18.81 26.64 -6.56
N GLU H 44 -19.03 27.48 -5.56
CA GLU H 44 -18.35 28.77 -5.50
C GLU H 44 -17.03 28.60 -4.77
N ALA H 45 -15.92 28.82 -5.45
CA ALA H 45 -14.68 29.04 -4.71
C ALA H 45 -13.79 30.13 -5.28
N ALA H 46 -13.89 30.48 -6.56
CA ALA H 46 -13.01 31.30 -7.40
C ALA H 46 -11.66 30.65 -7.67
N SER H 47 -11.36 29.52 -7.06
CA SER H 47 -10.26 28.66 -7.48
C SER H 47 -10.76 27.48 -8.30
N LEU H 48 -12.08 27.34 -8.41
CA LEU H 48 -12.71 26.28 -9.18
C LEU H 48 -13.17 26.78 -10.53
N ALA H 49 -13.09 28.08 -10.76
CA ALA H 49 -13.43 28.66 -12.04
C ALA H 49 -12.31 29.49 -12.64
N TYR H 50 -11.39 30.00 -11.83
CA TYR H 50 -10.26 30.78 -12.31
C TYR H 50 -8.98 30.05 -11.98
N ASP H 51 -7.92 30.36 -12.69
CA ASP H 51 -6.62 29.79 -12.40
C ASP H 51 -5.84 30.75 -11.54
N VAL H 52 -4.54 30.47 -11.37
CA VAL H 52 -3.71 31.24 -10.46
C VAL H 52 -3.46 32.64 -11.03
N SER H 53 -3.38 32.74 -12.36
CA SER H 53 -2.98 33.99 -12.98
C SER H 53 -4.12 35.00 -12.99
N GLY H 54 -5.32 34.57 -13.32
CA GLY H 54 -6.46 35.47 -13.29
C GLY H 54 -7.49 35.27 -14.38
N GLN H 55 -7.18 34.43 -15.36
CA GLN H 55 -8.11 34.18 -16.47
C GLN H 55 -9.01 33.00 -16.12
N PRO H 56 -10.18 32.89 -16.78
CA PRO H 56 -11.03 31.72 -16.55
C PRO H 56 -10.35 30.44 -17.01
N ILE H 57 -10.35 29.43 -16.13
CA ILE H 57 -9.89 28.11 -16.53
C ILE H 57 -10.84 27.56 -17.57
N LYS H 58 -10.30 26.84 -18.56
CA LYS H 58 -11.14 26.45 -19.68
C LYS H 58 -11.79 25.08 -19.49
N SER H 59 -11.39 24.34 -18.47
CA SER H 59 -12.09 23.09 -18.17
C SER H 59 -13.47 23.35 -17.59
N ALA H 60 -13.65 24.47 -16.88
CA ALA H 60 -14.87 24.73 -16.12
C ALA H 60 -15.90 25.41 -17.01
N THR H 61 -16.58 24.59 -17.81
CA THR H 61 -17.69 25.07 -18.62
C THR H 61 -18.93 25.19 -17.75
N ALA H 62 -20.04 25.65 -18.33
CA ALA H 62 -21.25 25.92 -17.58
C ALA H 62 -21.91 24.67 -17.02
N GLU H 63 -21.59 23.50 -17.56
CA GLU H 63 -22.12 22.28 -16.97
C GLU H 63 -21.28 21.83 -15.78
N ALA H 64 -19.96 21.93 -15.90
CA ALA H 64 -19.09 21.48 -14.83
C ALA H 64 -18.94 22.51 -13.71
N LEU H 65 -19.60 23.65 -13.84
CA LEU H 65 -19.55 24.72 -12.85
C LEU H 65 -20.92 24.91 -12.20
N ALA H 66 -21.92 24.15 -12.64
CA ALA H 66 -23.26 24.17 -12.08
C ALA H 66 -23.65 22.80 -11.56
N GLN H 67 -22.73 22.12 -10.90
CA GLN H 67 -22.88 20.68 -10.78
C GLN H 67 -23.36 20.21 -9.42
N GLY H 68 -22.65 20.51 -8.35
CA GLY H 68 -23.00 19.92 -7.08
C GLY H 68 -21.78 19.63 -6.23
N ASN H 69 -21.91 19.81 -4.92
CA ASN H 69 -20.74 19.95 -4.07
C ASN H 69 -21.13 19.50 -2.67
N PRO H 70 -20.93 18.22 -2.34
CA PRO H 70 -21.42 17.72 -1.06
C PRO H 70 -20.39 17.81 0.05
N HIS H 71 -20.84 18.29 1.20
CA HIS H 71 -19.95 18.57 2.32
C HIS H 71 -20.67 18.29 3.63
N GLN H 72 -19.92 17.88 4.63
CA GLN H 72 -20.47 17.44 5.90
C GLN H 72 -20.12 18.46 6.98
N VAL H 73 -21.10 18.80 7.82
CA VAL H 73 -20.90 19.70 8.95
C VAL H 73 -21.65 19.18 10.16
N ASP H 74 -21.15 19.53 11.35
CA ASP H 74 -21.90 19.36 12.58
C ASP H 74 -22.94 20.47 12.68
N PHE H 75 -24.17 20.08 12.99
CA PHE H 75 -25.26 21.03 13.03
C PHE H 75 -25.94 20.89 14.38
N CYS H 76 -25.89 21.93 15.20
CA CYS H 76 -26.54 21.94 16.49
C CYS H 76 -27.56 23.06 16.51
N HIS H 77 -28.66 22.85 17.23
CA HIS H 77 -29.71 23.86 17.29
C HIS H 77 -30.58 23.60 18.51
N VAL H 78 -31.35 24.60 18.89
CA VAL H 78 -32.26 24.46 20.02
C VAL H 78 -33.41 23.55 19.61
N PRO H 79 -33.88 22.62 20.47
CA PRO H 79 -35.05 21.81 20.12
C PRO H 79 -36.31 22.65 19.97
N TYR H 80 -37.37 21.98 19.52
CA TYR H 80 -38.56 22.69 19.06
C TYR H 80 -39.24 23.46 20.19
N GLY H 81 -39.72 22.75 21.21
CA GLY H 81 -40.51 23.41 22.22
C GLY H 81 -39.79 23.66 23.52
N ALA H 82 -38.50 23.94 23.47
CA ALA H 82 -37.78 24.33 24.67
C ALA H 82 -38.19 25.73 25.10
N SER H 83 -37.77 26.09 26.32
CA SER H 83 -37.94 27.45 26.79
C SER H 83 -36.68 28.28 26.54
N HIS H 84 -35.55 27.85 27.10
CA HIS H 84 -34.30 28.60 27.00
C HIS H 84 -33.13 27.64 27.15
N ILE H 85 -31.92 28.19 27.24
CA ILE H 85 -30.69 27.42 27.32
C ILE H 85 -29.89 27.87 28.52
N GLU H 86 -29.45 26.92 29.34
CA GLU H 86 -28.54 27.20 30.44
C GLU H 86 -27.09 27.06 29.99
N CYS H 87 -26.23 27.87 30.59
CA CYS H 87 -24.79 27.73 30.46
C CYS H 87 -24.23 27.88 31.85
N SER H 88 -23.10 27.23 32.13
CA SER H 88 -22.54 27.31 33.47
C SER H 88 -21.06 26.98 33.46
N PHE H 89 -20.26 27.87 34.03
CA PHE H 89 -18.81 27.69 34.12
C PHE H 89 -18.37 28.32 35.44
N SER H 90 -17.05 28.49 35.62
CA SER H 90 -16.53 29.03 36.87
C SER H 90 -15.13 29.61 36.68
N VAL H 91 -14.86 30.75 37.31
CA VAL H 91 -13.59 31.45 37.19
C VAL H 91 -12.97 31.49 38.60
N SER H 92 -11.65 31.63 38.68
CA SER H 92 -10.97 31.68 39.97
C SER H 92 -9.83 32.67 39.93
N PHE H 93 -9.96 33.77 40.66
CA PHE H 93 -9.01 34.89 40.66
C PHE H 93 -8.00 34.70 41.78
N SER H 94 -6.77 34.32 41.46
CA SER H 94 -6.01 33.60 42.48
C SER H 94 -4.61 34.10 42.78
N SER H 95 -4.34 35.37 42.49
CA SER H 95 -3.08 36.08 42.89
C SER H 95 -1.77 35.38 42.49
N GLU H 96 -1.61 34.95 41.23
CA GLU H 96 -0.34 34.28 40.82
C GLU H 96 0.62 35.27 40.17
N LEU H 97 0.27 36.56 40.09
CA LEU H 97 1.12 37.57 39.40
C LEU H 97 2.08 38.28 40.37
N ARG H 98 2.02 37.98 41.66
CA ARG H 98 2.85 38.65 42.71
C ARG H 98 4.36 38.39 42.57
N GLN H 99 4.75 37.19 42.16
CA GLN H 99 6.12 36.72 42.08
C GLN H 99 6.23 35.76 40.91
N PRO H 100 7.40 35.60 40.34
CA PRO H 100 7.56 34.64 39.25
C PRO H 100 7.48 33.20 39.74
N TYR H 101 6.78 32.38 38.97
CA TYR H 101 6.83 30.93 39.16
C TYR H 101 8.23 30.37 38.95
N LYS H 102 9.05 31.01 38.13
CA LYS H 102 10.44 30.58 37.95
C LYS H 102 11.21 31.75 37.38
N CYS H 103 12.32 32.12 38.02
CA CYS H 103 13.17 33.18 37.51
C CYS H 103 14.57 32.95 38.04
N ASN H 104 15.54 32.69 37.18
CA ASN H 104 16.88 32.43 37.66
C ASN H 104 17.72 33.68 37.86
N SER H 105 17.60 34.67 36.99
CA SER H 105 18.29 35.95 37.16
C SER H 105 17.60 36.70 38.28
N SER H 106 18.22 36.69 39.47
CA SER H 106 17.52 37.17 40.66
C SER H 106 17.45 38.69 40.75
N LYS H 107 18.11 39.41 39.84
CA LYS H 107 17.82 40.83 39.71
C LYS H 107 16.43 41.04 39.14
N VAL H 108 15.97 40.12 38.30
CA VAL H 108 14.71 40.29 37.60
C VAL H 108 13.56 39.91 38.52
N LYS H 109 13.79 38.98 39.45
CA LYS H 109 12.78 38.65 40.45
C LYS H 109 12.52 39.82 41.37
N GLN H 110 13.58 40.53 41.79
CA GLN H 110 13.39 41.66 42.71
C GLN H 110 12.77 42.86 42.01
N THR H 111 12.87 42.94 40.69
CA THR H 111 12.27 44.05 39.97
C THR H 111 10.79 43.82 39.77
N LEU H 112 10.42 42.61 39.33
CA LEU H 112 9.04 42.30 39.02
C LEU H 112 8.20 42.02 40.26
N VAL H 113 8.80 42.03 41.44
CA VAL H 113 8.04 42.08 42.67
C VAL H 113 7.70 43.53 43.01
N GLN H 114 8.61 44.47 42.75
CA GLN H 114 8.34 45.86 43.10
C GLN H 114 7.44 46.57 42.12
N LEU H 115 7.22 46.02 40.93
CA LEU H 115 6.19 46.60 40.06
C LEU H 115 4.81 46.33 40.60
N VAL H 116 4.59 45.16 41.20
CA VAL H 116 3.25 44.82 41.65
C VAL H 116 2.94 45.54 42.96
N GLU H 117 3.93 45.68 43.84
CA GLU H 117 3.70 46.34 45.11
C GLU H 117 3.65 47.86 44.98
N LEU H 118 4.14 48.41 43.87
CA LEU H 118 3.94 49.81 43.58
C LEU H 118 2.72 50.08 42.73
N TYR H 119 2.20 49.08 42.03
CA TYR H 119 0.99 49.28 41.24
C TYR H 119 -0.23 49.40 42.13
N GLU H 120 -0.35 48.52 43.14
CA GLU H 120 -1.51 48.53 44.00
C GLU H 120 -1.50 49.69 44.98
N THR H 121 -0.35 50.30 45.21
CA THR H 121 -0.32 51.46 46.10
C THR H 121 -0.62 52.74 45.33
N LYS H 122 -0.01 52.90 44.16
CA LYS H 122 -0.12 54.16 43.45
C LYS H 122 -1.37 54.22 42.56
N ILE H 123 -1.67 53.15 41.84
CA ILE H 123 -2.83 53.08 40.96
C ILE H 123 -3.94 52.25 41.55
N GLY H 124 -3.66 50.99 41.87
CA GLY H 124 -4.62 50.16 42.56
C GLY H 124 -5.32 49.20 41.60
N TRP H 125 -5.93 48.17 42.17
CA TRP H 125 -6.54 47.11 41.39
C TRP H 125 -8.00 47.40 41.05
N THR H 126 -8.42 48.66 41.02
CA THR H 126 -9.83 48.94 40.76
C THR H 126 -10.14 48.92 39.27
N GLU H 127 -9.19 49.33 38.43
CA GLU H 127 -9.49 49.44 37.01
C GLU H 127 -9.49 48.09 36.31
N LEU H 128 -8.48 47.26 36.56
CA LEU H 128 -8.46 45.94 35.93
C LEU H 128 -9.53 45.04 36.51
N ALA H 129 -9.89 45.21 37.77
CA ALA H 129 -10.97 44.37 38.30
C ALA H 129 -12.32 44.79 37.80
N THR H 130 -12.52 46.04 37.42
CA THR H 130 -13.78 46.44 36.81
C THR H 130 -13.85 45.98 35.36
N ARG H 131 -12.71 45.94 34.67
CA ARG H 131 -12.70 45.54 33.27
C ARG H 131 -12.77 44.03 33.10
N TYR H 132 -12.13 43.25 33.96
CA TYR H 132 -12.28 41.81 33.88
C TYR H 132 -13.69 41.36 34.23
N LEU H 133 -14.35 42.07 35.13
CA LEU H 133 -15.59 41.56 35.70
C LEU H 133 -16.80 41.81 34.84
N MET H 134 -16.77 42.83 33.97
CA MET H 134 -17.91 43.07 33.10
C MET H 134 -18.06 41.97 32.08
N ASN H 135 -16.95 41.39 31.63
CA ASN H 135 -17.02 40.34 30.62
C ASN H 135 -17.58 39.05 31.17
N ILE H 136 -17.70 38.93 32.49
CA ILE H 136 -18.51 37.87 33.07
C ILE H 136 -19.94 38.35 33.25
N CYS H 137 -20.10 39.60 33.70
CA CYS H 137 -21.40 40.17 33.98
C CYS H 137 -22.14 40.63 32.74
N ASN H 138 -21.67 40.30 31.55
CA ASN H 138 -22.50 40.27 30.36
C ASN H 138 -22.15 39.01 29.59
N GLY H 139 -22.65 38.83 28.38
CA GLY H 139 -22.40 37.56 27.75
C GLY H 139 -21.20 37.57 26.83
N LYS H 140 -20.05 38.01 27.30
CA LYS H 140 -18.90 38.03 26.40
C LYS H 140 -18.37 36.62 26.19
N TRP H 141 -18.43 35.78 27.20
CA TRP H 141 -18.03 34.39 27.11
C TRP H 141 -18.98 33.52 26.30
N LEU H 142 -20.11 34.08 25.88
CA LEU H 142 -21.02 33.52 24.89
C LEU H 142 -20.77 34.30 23.62
N TRP H 143 -20.01 33.74 22.70
CA TRP H 143 -19.42 34.57 21.67
C TRP H 143 -20.42 35.10 20.66
N LYS H 144 -21.02 34.21 19.87
CA LYS H 144 -22.01 34.61 18.89
C LYS H 144 -23.44 34.32 19.34
N ASN H 145 -23.61 33.59 20.44
CA ASN H 145 -24.92 33.19 20.91
C ASN H 145 -25.74 34.37 21.43
N THR H 146 -25.06 35.35 22.00
CA THR H 146 -25.62 36.64 22.34
C THR H 146 -26.37 37.26 21.19
N ARG H 147 -25.75 37.30 20.01
CA ARG H 147 -26.39 37.83 18.82
C ARG H 147 -27.56 36.94 18.44
N LYS H 148 -28.61 37.56 17.88
CA LYS H 148 -29.80 36.87 17.37
C LYS H 148 -30.57 36.15 18.47
N ALA H 149 -30.76 36.84 19.58
CA ALA H 149 -31.52 36.27 20.69
C ALA H 149 -32.39 37.35 21.31
N TYR H 150 -33.43 36.92 22.00
CA TYR H 150 -34.39 37.85 22.59
C TYR H 150 -33.80 38.57 23.79
N CYS H 151 -33.35 37.83 24.80
CA CYS H 151 -32.68 38.40 25.95
C CYS H 151 -31.81 37.33 26.58
N TRP H 152 -30.87 37.78 27.42
CA TRP H 152 -30.06 36.85 28.20
C TRP H 152 -29.78 37.43 29.58
N ASN H 153 -29.55 36.54 30.55
CA ASN H 153 -29.49 36.90 31.96
C ASN H 153 -28.36 36.13 32.63
N ILE H 154 -27.52 36.82 33.39
CA ILE H 154 -26.36 36.23 34.06
C ILE H 154 -26.62 36.17 35.56
N VAL H 155 -26.30 35.04 36.18
CA VAL H 155 -26.45 34.86 37.62
C VAL H 155 -25.12 34.37 38.21
N LEU H 156 -24.52 35.17 39.08
CA LEU H 156 -23.27 34.86 39.75
C LEU H 156 -23.52 34.18 41.09
N THR H 157 -22.52 33.41 41.54
CA THR H 157 -22.52 32.84 42.88
C THR H 157 -21.10 32.93 43.41
N PRO H 158 -20.74 34.04 44.05
CA PRO H 158 -19.36 34.19 44.52
C PRO H 158 -19.13 33.43 45.81
N TRP H 159 -17.92 32.89 45.95
CA TRP H 159 -17.76 31.91 47.02
C TRP H 159 -17.49 32.48 48.41
N PRO H 160 -16.52 33.41 48.64
CA PRO H 160 -16.50 33.90 50.02
C PRO H 160 -17.49 35.05 50.20
N TRP H 161 -18.76 34.69 50.37
CA TRP H 161 -19.89 35.58 50.22
C TRP H 161 -21.04 35.03 51.03
N ASN H 162 -21.92 35.93 51.50
CA ASN H 162 -22.95 35.50 52.45
C ASN H 162 -24.13 34.84 51.78
N GLY H 163 -24.89 35.60 51.00
CA GLY H 163 -26.05 35.06 50.35
C GLY H 163 -26.55 36.01 49.30
N GLU H 164 -27.79 35.76 48.86
CA GLU H 164 -28.54 36.66 47.96
C GLU H 164 -27.81 36.84 46.63
N LYS H 165 -27.83 35.77 45.83
CA LYS H 165 -27.18 35.66 44.52
C LYS H 165 -27.31 36.91 43.66
N VAL H 166 -26.26 37.17 42.88
CA VAL H 166 -26.15 38.40 42.13
C VAL H 166 -26.76 38.18 40.75
N GLY H 167 -27.68 39.03 40.36
CA GLY H 167 -28.45 38.84 39.13
C GLY H 167 -28.31 40.02 38.20
N PHE H 168 -28.18 39.73 36.91
CA PHE H 168 -28.06 40.71 35.83
C PHE H 168 -29.10 40.35 34.79
N GLU H 169 -30.28 40.93 34.90
CA GLU H 169 -31.42 40.50 34.11
C GLU H 169 -31.72 41.44 32.96
N ASP H 170 -31.94 40.85 31.78
CA ASP H 170 -32.20 41.53 30.51
C ASP H 170 -31.07 42.48 30.14
N ILE H 171 -29.90 41.90 29.92
CA ILE H 171 -28.88 42.58 29.15
C ILE H 171 -29.38 42.72 27.71
N ARG H 172 -28.80 43.68 26.97
CA ARG H 172 -29.20 44.43 25.77
C ARG H 172 -30.14 45.57 26.13
N THR H 173 -30.66 45.63 27.34
CA THR H 173 -31.47 46.77 27.75
C THR H 173 -30.93 47.42 29.00
N ASN H 174 -30.67 46.63 30.03
CA ASN H 174 -30.36 47.16 31.34
C ASN H 174 -28.88 47.51 31.46
N TYR H 175 -28.00 46.55 31.18
CA TYR H 175 -26.58 46.69 31.45
C TYR H 175 -25.86 46.97 30.15
N THR H 176 -25.87 48.24 29.75
CA THR H 176 -25.26 48.74 28.53
C THR H 176 -23.89 49.34 28.76
N SER H 177 -23.75 50.23 29.75
CA SER H 177 -22.50 50.91 30.03
C SER H 177 -22.00 50.55 31.42
N ARG H 178 -20.85 51.13 31.78
CA ARG H 178 -20.25 50.91 33.10
C ARG H 178 -21.13 51.43 34.23
N GLN H 179 -21.82 52.53 33.99
CA GLN H 179 -22.65 53.12 35.05
C GLN H 179 -23.89 52.27 35.31
N ASP H 180 -24.39 51.55 34.31
CA ASP H 180 -25.46 50.62 34.57
C ASP H 180 -24.99 49.42 35.39
N PHE H 181 -23.70 49.09 35.33
CA PHE H 181 -23.18 48.06 36.23
C PHE H 181 -23.01 48.60 37.63
N LYS H 182 -22.54 49.84 37.78
CA LYS H 182 -22.30 50.41 39.09
C LYS H 182 -23.58 50.69 39.86
N ASN H 183 -24.70 50.87 39.16
CA ASN H 183 -25.96 51.05 39.86
C ASN H 183 -26.59 49.74 40.29
N ASN H 184 -25.98 48.61 39.96
CA ASN H 184 -26.39 47.37 40.60
C ASN H 184 -25.92 47.40 42.04
N LYS H 185 -26.74 46.82 42.92
CA LYS H 185 -26.61 47.10 44.34
C LYS H 185 -25.34 46.48 44.92
N ASN H 186 -25.13 45.19 44.70
CA ASN H 186 -23.86 44.56 45.03
C ASN H 186 -23.00 44.47 43.77
N TRP H 187 -22.49 45.61 43.36
CA TRP H 187 -21.34 45.67 42.48
C TRP H 187 -20.09 46.08 43.23
N SER H 188 -20.24 46.92 44.25
CA SER H 188 -19.11 47.41 45.02
C SER H 188 -18.48 46.31 45.85
N ALA H 189 -19.21 45.22 46.11
CA ALA H 189 -18.69 44.16 46.95
C ALA H 189 -17.98 43.09 46.16
N ILE H 190 -18.48 42.76 44.98
CA ILE H 190 -17.84 41.76 44.12
C ILE H 190 -16.50 42.27 43.57
N VAL H 191 -16.40 43.57 43.25
CA VAL H 191 -15.11 44.15 42.85
C VAL H 191 -14.10 44.05 43.98
N GLU H 192 -14.56 44.14 45.22
CA GLU H 192 -13.66 43.95 46.37
C GLU H 192 -13.30 42.51 46.62
N MET H 193 -13.81 41.56 45.84
CA MET H 193 -13.27 40.21 45.90
C MET H 193 -12.06 40.07 45.01
N ILE H 194 -12.12 40.68 43.83
CA ILE H 194 -11.01 40.62 42.90
C ILE H 194 -9.88 41.50 43.38
N LYS H 195 -10.20 42.64 43.98
CA LYS H 195 -9.17 43.55 44.50
C LYS H 195 -8.46 42.95 45.69
N THR H 196 -9.15 42.16 46.49
CA THR H 196 -8.52 41.52 47.65
C THR H 196 -7.95 40.18 47.27
N ALA H 197 -8.28 39.67 46.08
CA ALA H 197 -7.59 38.49 45.58
C ALA H 197 -6.17 38.83 45.16
N PHE H 198 -6.02 39.88 44.35
CA PHE H 198 -4.73 40.25 43.81
C PHE H 198 -3.81 40.87 44.85
N SER H 199 -4.34 41.23 46.02
CA SER H 199 -3.59 41.96 47.04
C SER H 199 -3.01 41.05 48.11
N SER H 200 -3.69 39.98 48.47
CA SER H 200 -3.23 39.07 49.51
C SER H 200 -2.30 38.04 48.89
N THR H 201 -1.44 37.44 49.72
CA THR H 201 -0.54 36.43 49.21
C THR H 201 -1.21 35.07 49.08
N ASP H 202 -2.42 34.90 49.61
CA ASP H 202 -3.24 33.72 49.36
C ASP H 202 -4.66 34.24 49.14
N GLY H 203 -4.96 34.68 47.93
CA GLY H 203 -6.24 35.31 47.62
C GLY H 203 -6.99 34.42 46.65
N LEU H 204 -8.29 34.25 46.87
CA LEU H 204 -8.93 33.09 46.25
C LEU H 204 -10.08 33.41 45.31
N ALA H 205 -11.18 34.04 45.77
CA ALA H 205 -12.23 34.68 44.95
C ALA H 205 -12.77 33.81 43.80
N ILE H 206 -13.48 32.76 44.15
CA ILE H 206 -14.12 31.88 43.16
C ILE H 206 -15.49 32.45 42.80
N PHE H 207 -15.79 32.51 41.51
CA PHE H 207 -17.13 32.84 41.01
C PHE H 207 -17.72 31.69 40.22
N GLU H 208 -18.94 31.31 40.57
CA GLU H 208 -19.76 30.38 39.79
C GLU H 208 -20.68 31.23 38.93
N VAL H 209 -20.74 30.97 37.63
CA VAL H 209 -21.53 31.76 36.70
C VAL H 209 -22.56 30.86 36.05
N ARG H 210 -23.76 31.38 35.82
CA ARG H 210 -24.83 30.64 35.18
C ARG H 210 -25.71 31.58 34.37
N ALA H 211 -26.05 31.18 33.15
CA ALA H 211 -26.76 32.05 32.22
C ALA H 211 -28.06 31.43 31.72
N THR H 212 -28.79 32.22 30.95
CA THR H 212 -30.13 31.87 30.49
C THR H 212 -30.33 32.61 29.17
N LEU H 213 -30.45 31.87 28.07
CA LEU H 213 -30.59 32.45 26.74
C LEU H 213 -31.96 32.14 26.17
N HIS H 214 -32.77 33.15 25.93
CA HIS H 214 -34.07 32.93 25.30
C HIS H 214 -33.92 33.13 23.80
N LEU H 215 -33.67 32.04 23.07
CA LEU H 215 -33.44 32.06 21.63
C LEU H 215 -34.76 32.14 20.87
N PRO H 216 -34.74 32.37 19.53
CA PRO H 216 -35.96 32.18 18.74
C PRO H 216 -36.40 30.74 18.62
N THR H 217 -37.42 30.50 17.80
CA THR H 217 -37.86 29.14 17.55
C THR H 217 -36.80 28.42 16.75
N ASN H 218 -36.33 27.29 17.28
CA ASN H 218 -35.68 26.24 16.50
C ASN H 218 -34.32 26.70 15.97
N ALA H 219 -33.72 27.64 16.70
CA ALA H 219 -32.58 28.41 16.26
C ALA H 219 -31.26 27.70 16.50
N MET H 220 -30.24 28.16 15.79
CA MET H 220 -28.86 27.71 15.91
C MET H 220 -28.29 27.91 17.31
N VAL H 221 -27.35 27.06 17.68
CA VAL H 221 -26.37 27.43 18.70
C VAL H 221 -25.00 27.22 18.08
N ARG H 222 -23.99 27.85 18.67
CA ARG H 222 -22.64 27.84 18.12
C ARG H 222 -21.59 27.61 19.20
N PRO H 223 -21.17 26.37 19.39
CA PRO H 223 -20.05 26.09 20.28
C PRO H 223 -18.70 26.28 19.58
N SER H 224 -17.64 26.14 20.37
CA SER H 224 -16.29 26.17 19.84
C SER H 224 -16.02 24.87 19.12
N GLN H 225 -14.98 24.84 18.31
CA GLN H 225 -14.86 23.70 17.42
C GLN H 225 -13.40 23.35 17.19
N VAL H 226 -13.16 22.07 16.92
CA VAL H 226 -11.82 21.52 17.13
C VAL H 226 -10.89 21.94 16.00
N PHE H 227 -9.60 21.91 16.28
CA PHE H 227 -8.57 22.16 15.29
C PHE H 227 -8.23 20.84 14.62
N THR H 228 -8.61 20.69 13.35
CA THR H 228 -8.24 19.54 12.56
C THR H 228 -7.36 19.98 11.40
N GLU H 229 -6.36 19.16 11.09
CA GLU H 229 -5.46 19.43 9.98
C GLU H 229 -6.08 19.01 8.65
N LYS H 239 -13.64 13.03 0.47
CA LYS H 239 -14.94 12.34 0.68
C LYS H 239 -15.12 12.01 2.16
N THR H 240 -16.31 12.27 2.70
CA THR H 240 -16.64 11.99 4.13
C THR H 240 -15.66 12.72 5.06
N GLN H 241 -15.32 13.97 4.74
CA GLN H 241 -14.41 14.78 5.59
C GLN H 241 -15.26 15.90 6.24
N ASN H 242 -15.26 15.97 7.57
CA ASN H 242 -16.08 16.97 8.31
C ASN H 242 -15.45 18.36 8.18
N SER H 243 -16.26 19.37 7.84
CA SER H 243 -15.75 20.76 7.66
C SER H 243 -16.00 21.58 8.93
N ARG H 244 -16.81 21.06 9.84
CA ARG H 244 -17.12 21.71 11.15
C ARG H 244 -17.17 20.61 12.20
N VAL H 245 -16.28 20.67 13.19
CA VAL H 245 -16.22 19.60 14.19
C VAL H 245 -16.30 20.28 15.55
N PHE H 246 -17.46 20.23 16.18
CA PHE H 246 -17.67 20.83 17.49
C PHE H 246 -16.83 20.15 18.55
N GLN H 247 -16.33 20.93 19.51
CA GLN H 247 -15.73 20.35 20.70
C GLN H 247 -16.81 19.76 21.55
N SER H 248 -16.49 18.70 22.29
CA SER H 248 -17.53 18.06 23.07
C SER H 248 -16.96 17.40 24.31
N THR H 249 -17.86 17.14 25.27
CA THR H 249 -17.57 16.35 26.45
C THR H 249 -18.59 15.23 26.61
N THR H 250 -18.64 14.66 27.80
CA THR H 250 -19.67 13.63 28.12
C THR H 250 -20.43 14.10 29.36
N ILE H 251 -21.73 14.35 29.22
CA ILE H 251 -22.61 14.76 30.36
C ILE H 251 -23.66 13.66 30.47
N ASP H 252 -23.83 13.08 31.66
CA ASP H 252 -24.76 11.93 31.83
C ASP H 252 -24.27 10.86 30.85
N GLY H 253 -25.15 10.33 30.00
CA GLY H 253 -24.74 9.29 29.02
C GLY H 253 -24.63 9.78 27.60
N GLU H 254 -24.65 11.10 27.35
CA GLU H 254 -24.64 11.60 25.95
C GLU H 254 -23.54 12.65 25.72
N ARG H 255 -23.13 12.82 24.45
CA ARG H 255 -22.18 13.85 24.10
C ARG H 255 -22.90 15.18 24.19
N SER H 256 -22.17 16.28 24.26
CA SER H 256 -22.81 17.58 24.33
C SER H 256 -21.79 18.61 23.90
N PRO H 257 -22.20 19.72 23.27
CA PRO H 257 -21.23 20.74 22.89
C PRO H 257 -20.70 21.47 24.11
N ILE H 258 -19.52 22.07 23.97
CA ILE H 258 -18.95 22.86 25.10
C ILE H 258 -18.19 24.06 24.53
N LEU H 259 -17.98 25.09 25.35
CA LEU H 259 -17.16 26.26 24.94
C LEU H 259 -15.81 26.01 25.61
N GLY H 260 -14.73 25.95 24.82
CA GLY H 260 -13.41 25.57 25.34
C GLY H 260 -12.86 26.47 26.43
N ALA H 261 -12.28 25.85 27.45
CA ALA H 261 -11.61 26.55 28.56
C ALA H 261 -10.70 27.67 28.07
N PHE H 262 -10.05 27.49 26.93
CA PHE H 262 -9.21 28.53 26.38
C PHE H 262 -10.02 29.52 25.55
N LYS H 263 -11.15 29.08 24.99
CA LYS H 263 -12.07 29.99 24.34
C LYS H 263 -12.78 30.87 25.34
N THR H 264 -12.98 30.38 26.55
CA THR H 264 -13.73 31.12 27.56
C THR H 264 -12.87 32.18 28.21
N GLY H 265 -11.63 31.87 28.52
CA GLY H 265 -10.74 32.86 29.09
C GLY H 265 -10.21 33.85 28.11
N ALA H 266 -10.44 33.63 26.81
CA ALA H 266 -10.12 34.62 25.80
C ALA H 266 -11.19 35.68 25.69
N ALA H 267 -12.31 35.50 26.37
CA ALA H 267 -13.38 36.49 26.42
C ALA H 267 -13.32 37.33 27.66
N ILE H 268 -12.81 36.77 28.75
CA ILE H 268 -12.69 37.52 29.99
C ILE H 268 -11.56 38.53 29.87
N ALA H 269 -10.56 38.24 29.04
CA ALA H 269 -9.44 39.13 28.82
C ALA H 269 -9.50 39.89 27.51
N THR H 270 -10.68 40.33 27.06
CA THR H 270 -10.74 41.32 25.98
C THR H 270 -10.86 42.69 26.61
N ILE H 271 -9.71 43.24 26.98
CA ILE H 271 -9.63 44.44 27.78
C ILE H 271 -8.85 45.51 27.02
N ASP H 272 -7.90 45.07 26.20
CA ASP H 272 -6.82 45.94 25.72
C ASP H 272 -7.28 46.94 24.67
N ASP H 273 -7.80 48.08 25.10
CA ASP H 273 -8.01 49.21 24.22
C ASP H 273 -7.11 50.37 24.62
N TRP H 274 -5.83 50.07 24.87
CA TRP H 274 -4.82 51.09 25.13
C TRP H 274 -3.78 51.14 24.02
N TYR H 275 -3.94 50.36 22.97
CA TYR H 275 -3.06 50.39 21.82
C TYR H 275 -3.23 51.74 21.11
N PRO H 276 -2.22 52.20 20.33
CA PRO H 276 -2.19 53.63 19.92
C PRO H 276 -3.34 54.13 19.06
N GLU H 277 -4.20 53.28 18.53
CA GLU H 277 -5.29 53.70 17.66
C GLU H 277 -6.62 53.16 18.16
N ALA H 278 -6.89 53.39 19.44
CA ALA H 278 -7.81 52.53 20.18
C ALA H 278 -9.26 52.81 19.85
N THR H 279 -9.94 51.82 19.26
CA THR H 279 -11.39 51.79 19.20
C THR H 279 -11.99 50.57 19.88
N GLU H 280 -11.54 49.39 19.49
CA GLU H 280 -12.05 48.06 19.78
C GLU H 280 -11.20 47.38 20.84
N PRO H 281 -11.77 46.84 21.90
CA PRO H 281 -10.96 46.13 22.89
C PRO H 281 -10.45 44.80 22.35
N LEU H 282 -9.15 44.58 22.52
CA LEU H 282 -8.46 43.41 22.02
C LEU H 282 -8.23 42.40 23.12
N ARG H 283 -7.97 41.16 22.73
CA ARG H 283 -7.58 40.16 23.70
C ARG H 283 -6.17 40.46 24.17
N VAL H 284 -5.94 40.38 25.48
CA VAL H 284 -4.66 40.78 26.05
C VAL H 284 -3.61 39.76 25.69
N GLY H 285 -2.54 40.21 25.05
CA GLY H 285 -1.37 39.38 24.80
C GLY H 285 -0.21 40.24 24.35
N ARG H 286 0.97 39.64 24.44
CA ARG H 286 2.18 40.14 23.81
C ARG H 286 1.93 40.50 22.36
N PHE H 287 2.32 41.72 21.98
CA PHE H 287 2.09 42.34 20.67
C PHE H 287 0.68 42.15 20.15
N GLY H 288 -0.26 42.83 20.80
CA GLY H 288 -1.68 42.55 20.77
C GLY H 288 -2.36 42.40 19.43
N VAL H 289 -2.70 41.16 19.08
CA VAL H 289 -3.17 40.84 17.75
C VAL H 289 -4.65 41.15 17.65
N HIS H 290 -5.14 41.19 16.42
CA HIS H 290 -6.55 41.37 16.15
C HIS H 290 -6.92 40.30 15.14
N ARG H 291 -7.79 39.38 15.53
CA ARG H 291 -8.01 38.20 14.71
C ARG H 291 -8.96 38.49 13.55
N GLU H 292 -9.76 39.55 13.66
CA GLU H 292 -10.63 40.00 12.58
C GLU H 292 -9.82 40.38 11.36
N ASP H 293 -9.07 41.45 11.46
CA ASP H 293 -8.18 41.91 10.40
C ASP H 293 -6.76 41.54 10.80
N VAL H 294 -6.13 40.68 10.01
CA VAL H 294 -5.01 39.88 10.49
C VAL H 294 -3.78 40.76 10.54
N THR H 295 -3.62 41.48 11.65
CA THR H 295 -2.52 42.38 11.94
C THR H 295 -2.29 42.40 13.44
N CYS H 296 -1.05 42.69 13.82
CA CYS H 296 -0.69 43.04 15.19
C CYS H 296 -0.78 44.54 15.31
N TYR H 297 -1.65 45.01 16.19
CA TYR H 297 -1.36 46.28 16.82
C TYR H 297 -0.36 45.99 17.92
N ARG H 298 0.26 47.06 18.46
CA ARG H 298 1.39 46.95 19.39
C ARG H 298 2.53 46.11 18.78
N HIS H 299 2.85 46.37 17.52
CA HIS H 299 3.93 45.64 16.89
C HIS H 299 5.26 46.08 17.50
N PRO H 300 6.29 45.20 17.49
CA PRO H 300 7.60 45.59 18.04
C PRO H 300 8.25 46.83 17.42
N SER H 301 7.82 47.27 16.25
CA SER H 301 8.31 48.55 15.75
C SER H 301 7.67 49.72 16.48
N THR H 302 6.44 49.54 16.95
CA THR H 302 5.72 50.63 17.61
C THR H 302 6.34 50.94 18.97
N GLY H 303 6.89 49.93 19.62
CA GLY H 303 7.53 50.13 20.89
C GLY H 303 6.63 49.99 22.09
N LYS H 304 5.34 49.74 21.88
CA LYS H 304 4.42 49.55 22.99
C LYS H 304 3.92 48.12 23.08
N ASP H 305 4.76 47.14 22.75
CA ASP H 305 4.39 45.78 23.09
C ASP H 305 4.95 45.42 24.46
N PHE H 306 4.86 44.14 24.80
CA PHE H 306 5.20 43.73 26.15
C PHE H 306 6.69 43.72 26.41
N PHE H 307 7.49 43.19 25.49
CA PHE H 307 8.91 43.05 25.75
C PHE H 307 9.67 44.36 25.62
N SER H 308 9.07 45.38 25.00
CA SER H 308 9.64 46.71 25.05
C SER H 308 9.16 47.50 26.24
N ILE H 309 8.35 46.89 27.10
CA ILE H 309 7.92 47.51 28.34
C ILE H 309 8.47 46.79 29.57
N LEU H 310 8.70 45.48 29.50
CA LEU H 310 9.61 44.84 30.46
C LEU H 310 11.00 45.45 30.43
N GLN H 311 11.52 45.77 29.25
CA GLN H 311 12.84 46.39 29.21
C GLN H 311 12.82 47.86 29.67
N GLN H 312 11.64 48.44 29.88
CA GLN H 312 11.52 49.74 30.50
C GLN H 312 10.91 49.66 31.90
N ALA H 313 11.23 48.60 32.65
CA ALA H 313 10.63 48.44 33.97
C ALA H 313 11.32 49.31 35.00
N GLU H 314 12.58 49.68 34.76
CA GLU H 314 13.31 50.47 35.75
C GLU H 314 12.85 51.92 35.74
N HIS H 315 12.42 52.43 34.59
CA HIS H 315 11.87 53.78 34.54
C HIS H 315 10.47 53.84 35.15
N TYR H 316 9.72 52.74 35.09
CA TYR H 316 8.36 52.74 35.64
C TYR H 316 8.33 52.69 37.16
N ILE H 317 9.48 52.55 37.81
CA ILE H 317 9.52 52.56 39.27
C ILE H 317 9.46 53.98 39.79
N GLU H 318 10.25 54.89 39.21
CA GLU H 318 10.36 56.23 39.80
C GLU H 318 9.11 57.05 39.58
N VAL H 319 8.40 56.81 38.49
CA VAL H 319 7.19 57.56 38.21
C VAL H 319 6.08 57.13 39.17
N LEU H 320 6.04 55.84 39.51
CA LEU H 320 5.10 55.39 40.52
C LEU H 320 5.48 55.86 41.92
N SER H 321 6.76 55.82 42.25
CA SER H 321 7.23 56.20 43.58
C SER H 321 7.67 57.65 43.65
N ALA H 322 7.03 58.53 42.89
CA ALA H 322 7.20 59.97 43.02
C ALA H 322 6.01 60.56 43.78
N ASN H 323 6.05 61.88 43.95
CA ASN H 323 4.99 62.58 44.67
C ASN H 323 3.96 63.20 43.76
N LYS H 324 4.19 63.22 42.46
CA LYS H 324 3.23 63.75 41.51
C LYS H 324 2.64 62.59 40.70
N THR H 325 1.32 62.59 40.57
CA THR H 325 0.59 61.51 39.91
C THR H 325 0.93 61.42 38.43
N PRO H 326 1.16 60.23 37.89
CA PRO H 326 1.50 60.10 36.47
C PRO H 326 0.33 60.40 35.56
N ALA H 327 0.62 60.48 34.27
CA ALA H 327 -0.40 60.82 33.28
C ALA H 327 -0.95 59.55 32.64
N GLN H 328 -1.97 59.71 31.79
CA GLN H 328 -2.68 58.57 31.22
C GLN H 328 -1.81 57.77 30.26
N GLU H 329 -0.82 58.41 29.65
CA GLU H 329 -0.02 57.71 28.65
C GLU H 329 0.94 56.73 29.31
N THR H 330 1.21 56.92 30.59
CA THR H 330 2.11 56.05 31.33
C THR H 330 1.44 55.26 32.43
N ILE H 331 0.13 55.40 32.61
CA ILE H 331 -0.60 54.43 33.42
C ILE H 331 -1.33 53.41 32.55
N ASN H 332 -1.63 53.74 31.29
CA ASN H 332 -2.17 52.75 30.38
C ASN H 332 -1.13 51.69 30.03
N ASP H 333 0.15 52.01 30.13
CA ASP H 333 1.17 51.00 29.94
C ASP H 333 1.36 50.15 31.18
N MET H 334 1.12 50.74 32.36
CA MET H 334 1.13 49.94 33.58
C MET H 334 -0.14 49.12 33.73
N HIS H 335 -1.22 49.51 33.03
CA HIS H 335 -2.34 48.60 32.92
C HIS H 335 -2.00 47.42 32.03
N PHE H 336 -1.34 47.68 30.89
CA PHE H 336 -0.97 46.61 29.97
C PHE H 336 0.12 45.72 30.54
N LEU H 337 0.97 46.26 31.39
CA LEU H 337 2.06 45.47 31.93
C LEU H 337 1.57 44.52 33.02
N MET H 338 0.49 44.89 33.71
CA MET H 338 -0.09 43.99 34.70
C MET H 338 -1.01 42.97 34.05
N ALA H 339 -1.62 43.33 32.93
CA ALA H 339 -2.56 42.43 32.28
C ALA H 339 -1.86 41.24 31.63
N ASN H 340 -0.56 41.32 31.43
CA ASN H 340 0.22 40.20 30.93
C ASN H 340 0.95 39.43 32.02
N LEU H 341 0.83 39.86 33.25
CA LEU H 341 1.25 39.01 34.35
C LEU H 341 0.07 38.25 34.92
N ILE H 342 -1.13 38.82 34.81
CA ILE H 342 -2.36 38.09 35.06
C ILE H 342 -2.60 37.08 33.94
N LYS H 343 -2.08 37.34 32.75
CA LYS H 343 -2.28 36.41 31.64
C LYS H 343 -1.41 35.17 31.79
N GLY H 344 -0.22 35.31 32.32
CA GLY H 344 0.69 34.20 32.42
C GLY H 344 1.67 34.18 31.27
N GLY H 345 2.47 33.13 31.24
CA GLY H 345 3.23 32.80 30.06
C GLY H 345 4.71 32.66 30.34
N MET H 346 5.48 32.58 29.26
CA MET H 346 6.93 32.51 29.35
C MET H 346 7.57 33.70 28.69
N PHE H 347 8.64 34.18 29.30
CA PHE H 347 9.18 35.51 29.05
C PHE H 347 10.67 35.45 28.79
N GLN H 348 11.18 34.30 28.33
CA GLN H 348 12.61 34.11 28.18
C GLN H 348 13.14 34.88 26.98
N HIS H 349 14.47 34.82 26.83
CA HIS H 349 15.15 35.13 25.59
C HIS H 349 16.51 34.47 25.66
N LYS H 350 17.17 34.37 24.51
CA LYS H 350 18.43 33.60 24.32
C LYS H 350 18.36 32.15 24.80
N MET I 1 37.78 13.33 59.21
CA MET I 1 37.33 12.08 58.64
C MET I 1 37.53 12.19 57.12
N LYS I 2 37.24 11.14 56.37
CA LYS I 2 37.27 11.18 54.92
C LYS I 2 36.20 10.25 54.36
N LEU I 3 35.64 10.65 53.22
CA LEU I 3 34.64 9.83 52.56
C LEU I 3 35.30 8.59 51.96
N PRO I 4 34.77 7.40 52.20
CA PRO I 4 35.36 6.19 51.61
C PRO I 4 35.02 6.08 50.14
N THR I 5 35.64 5.10 49.50
CA THR I 5 35.38 4.84 48.09
C THR I 5 34.10 4.07 47.85
N ASN I 6 33.49 3.47 48.87
CA ASN I 6 32.10 3.02 48.82
C ASN I 6 31.41 3.46 50.09
N LEU I 7 30.32 4.20 49.95
CA LEU I 7 29.40 4.43 51.05
C LEU I 7 28.05 4.63 50.37
N ALA I 8 27.02 3.95 50.85
CA ALA I 8 25.70 4.15 50.29
C ALA I 8 24.68 3.82 51.34
N TYR I 9 23.65 4.64 51.47
CA TYR I 9 22.51 4.25 52.27
C TYR I 9 21.31 3.94 51.38
N GLU I 10 20.39 3.19 51.94
CA GLU I 10 19.03 3.11 51.44
C GLU I 10 18.17 4.15 52.15
N ARG I 11 16.91 4.20 51.77
CA ARG I 11 16.03 5.21 52.30
C ARG I 11 15.11 4.66 53.38
N SER I 12 14.44 5.57 54.06
CA SER I 12 13.57 5.23 55.16
C SER I 12 12.13 5.60 54.90
N ILE I 13 11.84 6.32 53.83
CA ILE I 13 10.49 6.78 53.54
C ILE I 13 10.16 6.38 52.12
N ASP I 14 9.19 5.47 51.95
CA ASP I 14 8.85 4.91 50.65
C ASP I 14 7.40 5.25 50.34
N PRO I 15 7.13 6.24 49.50
CA PRO I 15 5.75 6.56 49.13
C PRO I 15 5.34 5.80 47.88
N SER I 16 4.14 6.07 47.41
CA SER I 16 3.65 5.42 46.22
C SER I 16 3.03 6.45 45.30
N ASP I 17 2.49 5.97 44.18
CA ASP I 17 1.72 6.81 43.28
C ASP I 17 0.45 7.28 43.95
N VAL I 18 -0.03 8.44 43.54
CA VAL I 18 -1.34 8.94 43.96
C VAL I 18 -2.29 8.76 42.81
N CYS I 19 -3.43 8.11 43.04
CA CYS I 19 -4.40 7.81 42.00
C CYS I 19 -5.67 8.61 42.19
N PHE I 20 -6.16 9.21 41.11
CA PHE I 20 -7.26 10.16 41.15
C PHE I 20 -8.56 9.46 40.77
N PHE I 21 -9.55 9.52 41.66
CA PHE I 21 -10.88 9.03 41.39
C PHE I 21 -11.87 10.18 41.38
N VAL I 22 -13.05 9.91 40.81
CA VAL I 22 -14.13 10.88 40.73
C VAL I 22 -15.28 10.31 41.52
N VAL I 23 -15.73 11.04 42.53
CA VAL I 23 -16.82 10.55 43.36
C VAL I 23 -18.11 11.19 42.91
N TRP I 24 -19.03 10.37 42.45
CA TRP I 24 -20.31 10.86 42.02
C TRP I 24 -21.24 10.93 43.22
N PRO I 25 -22.20 11.84 43.21
CA PRO I 25 -23.25 11.78 44.23
C PRO I 25 -24.09 10.55 43.97
N ASP I 26 -24.50 9.90 45.07
CA ASP I 26 -24.86 8.49 45.30
C ASP I 26 -23.64 7.63 45.59
N ASP I 27 -22.45 8.25 45.69
CA ASP I 27 -21.22 7.62 46.18
C ASP I 27 -20.76 6.44 45.32
N ARG I 28 -20.66 6.64 44.02
CA ARG I 28 -20.03 5.66 43.16
C ARG I 28 -18.77 6.27 42.56
N LYS I 29 -17.71 5.48 42.52
CA LYS I 29 -16.39 5.93 42.13
C LYS I 29 -16.04 5.46 40.74
N THR I 30 -15.22 6.25 40.06
CA THR I 30 -14.86 6.09 38.69
C THR I 30 -13.48 6.68 38.63
N PRO I 31 -12.52 6.06 37.94
CA PRO I 31 -11.22 6.70 37.80
C PRO I 31 -11.28 7.88 36.84
N LEU I 32 -10.63 8.96 37.24
CA LEU I 32 -10.59 10.17 36.42
C LEU I 32 -9.79 9.94 35.15
N THR I 33 -10.26 10.46 34.03
CA THR I 33 -9.62 10.20 32.75
C THR I 33 -9.28 11.52 32.08
N TYR I 34 -8.61 11.44 30.93
CA TYR I 34 -8.23 12.65 30.23
C TYR I 34 -8.14 12.40 28.74
N ASN I 35 -7.90 13.48 28.01
CA ASN I 35 -7.91 13.52 26.56
C ASN I 35 -6.99 14.61 26.09
N SER I 36 -6.17 14.31 25.09
CA SER I 36 -5.34 15.31 24.47
C SER I 36 -6.21 16.18 23.60
N ARG I 37 -6.29 17.48 23.91
CA ARG I 37 -7.03 18.35 23.01
C ARG I 37 -6.14 19.47 22.50
N THR I 38 -6.20 19.68 21.19
CA THR I 38 -5.45 20.71 20.52
C THR I 38 -6.02 22.08 20.81
N LEU I 39 -5.23 23.10 20.49
CA LEU I 39 -5.67 24.47 20.69
C LEU I 39 -5.01 25.32 19.63
N LEU I 40 -5.11 26.63 19.80
CA LEU I 40 -4.58 27.56 18.82
C LEU I 40 -4.32 28.87 19.55
N GLY I 41 -3.06 29.20 19.76
CA GLY I 41 -2.69 30.34 20.55
C GLY I 41 -2.22 31.51 19.71
N GLN I 42 -1.86 32.58 20.40
CA GLN I 42 -1.12 33.65 19.77
C GLN I 42 0.32 33.20 19.51
N MET I 43 1.12 34.14 19.05
CA MET I 43 2.46 33.79 18.62
C MET I 43 3.45 34.56 19.48
N GLU I 44 3.33 34.43 20.80
CA GLU I 44 4.20 35.13 21.74
C GLU I 44 5.34 34.23 22.14
N ALA I 45 6.57 34.56 21.78
CA ALA I 45 7.70 33.86 22.37
C ALA I 45 8.91 34.71 22.69
N ALA I 46 9.03 35.91 22.11
CA ALA I 46 10.17 36.86 22.07
C ALA I 46 11.33 36.36 21.24
N SER I 47 11.35 35.12 20.82
CA SER I 47 12.32 34.61 19.88
C SER I 47 11.75 34.50 18.50
N LEU I 48 10.56 35.04 18.30
CA LEU I 48 9.89 35.07 17.02
C LEU I 48 9.84 36.46 16.45
N ALA I 49 10.01 37.48 17.30
CA ALA I 49 10.03 38.86 16.89
C ALA I 49 11.33 39.58 17.19
N TYR I 50 12.21 39.02 18.01
CA TYR I 50 13.51 39.61 18.28
C TYR I 50 14.61 38.59 18.00
N ASP I 51 15.78 39.08 17.63
CA ASP I 51 16.85 38.20 17.19
C ASP I 51 17.64 37.69 18.39
N VAL I 52 18.83 37.16 18.16
CA VAL I 52 19.71 36.74 19.25
C VAL I 52 20.18 37.96 20.04
N SER I 53 20.30 39.10 19.38
CA SER I 53 20.77 40.29 20.05
C SER I 53 19.64 41.04 20.73
N GLY I 54 18.62 41.44 19.99
CA GLY I 54 17.58 42.24 20.59
C GLY I 54 16.96 43.28 19.68
N GLN I 55 17.52 43.47 18.49
CA GLN I 55 16.80 44.29 17.52
C GLN I 55 15.78 43.41 16.80
N PRO I 56 14.66 43.99 16.35
CA PRO I 56 13.59 43.16 15.78
C PRO I 56 13.97 42.54 14.45
N ILE I 57 13.56 41.29 14.26
CA ILE I 57 13.71 40.64 12.97
C ILE I 57 12.77 41.30 11.96
N LYS I 58 13.26 41.51 10.74
CA LYS I 58 12.47 42.21 9.75
C LYS I 58 11.57 41.28 8.96
N SER I 59 11.71 39.97 9.14
CA SER I 59 10.79 39.02 8.54
C SER I 59 9.49 38.89 9.30
N ALA I 60 9.48 39.13 10.60
CA ALA I 60 8.28 39.01 11.42
C ALA I 60 7.49 40.31 11.30
N THR I 61 6.70 40.42 10.24
CA THR I 61 5.90 41.60 10.01
C THR I 61 4.70 41.63 10.96
N ALA I 62 3.84 42.63 10.83
CA ALA I 62 2.63 42.68 11.63
C ALA I 62 1.65 41.59 11.25
N GLU I 63 1.53 41.31 9.96
CA GLU I 63 0.62 40.28 9.48
C GLU I 63 1.11 38.88 9.85
N ALA I 64 2.42 38.63 9.77
CA ALA I 64 2.93 37.28 9.97
C ALA I 64 3.13 36.93 11.44
N LEU I 65 2.87 37.87 12.34
CA LEU I 65 2.98 37.66 13.77
C LEU I 65 1.60 37.68 14.41
N ALA I 66 0.56 37.87 13.62
CA ALA I 66 -0.82 37.71 14.05
C ALA I 66 -1.46 36.52 13.37
N GLN I 67 -0.71 35.43 13.24
CA GLN I 67 -1.09 34.39 12.31
C GLN I 67 -1.72 33.18 12.98
N GLY I 68 -1.55 33.01 14.28
CA GLY I 68 -2.19 31.90 14.94
C GLY I 68 -1.26 30.71 14.98
N ASN I 69 -1.28 29.98 16.08
CA ASN I 69 -0.18 29.09 16.46
C ASN I 69 -0.77 27.84 17.10
N PRO I 70 -0.93 26.75 16.35
CA PRO I 70 -1.66 25.60 16.88
C PRO I 70 -0.78 24.56 17.53
N HIS I 71 -1.25 24.03 18.66
CA HIS I 71 -0.45 23.13 19.50
C HIS I 71 -1.33 22.06 20.08
N GLN I 72 -0.82 21.36 21.08
CA GLN I 72 -1.56 20.25 21.68
C GLN I 72 -1.15 20.11 23.13
N VAL I 73 -2.13 19.93 24.02
CA VAL I 73 -1.89 19.62 25.42
C VAL I 73 -2.81 18.48 25.80
N ASP I 74 -2.46 17.78 26.88
CA ASP I 74 -3.42 16.94 27.57
C ASP I 74 -4.23 17.80 28.53
N PHE I 75 -5.50 17.47 28.69
CA PHE I 75 -6.38 18.35 29.44
C PHE I 75 -7.26 17.49 30.33
N CYS I 76 -7.05 17.56 31.62
CA CYS I 76 -7.84 16.79 32.58
C CYS I 76 -8.74 17.76 33.32
N HIS I 77 -9.96 17.35 33.63
CA HIS I 77 -10.86 18.18 34.41
C HIS I 77 -11.88 17.31 35.13
N VAL I 78 -12.62 17.90 36.06
CA VAL I 78 -13.66 17.19 36.79
C VAL I 78 -14.86 17.07 35.86
N PRO I 79 -15.53 15.93 35.75
CA PRO I 79 -16.78 15.86 34.99
C PRO I 79 -17.85 16.77 35.56
N TYR I 80 -18.87 17.05 34.75
CA TYR I 80 -19.80 18.12 35.08
C TYR I 80 -20.63 17.79 36.31
N GLY I 81 -21.24 16.63 36.34
CA GLY I 81 -22.11 16.37 37.47
C GLY I 81 -21.45 15.79 38.70
N ALA I 82 -20.12 15.85 38.80
CA ALA I 82 -19.43 15.15 39.88
C ALA I 82 -19.60 15.88 41.19
N SER I 83 -19.10 15.25 42.25
CA SER I 83 -19.13 15.87 43.57
C SER I 83 -17.75 16.32 44.01
N HIS I 84 -16.79 15.40 44.06
CA HIS I 84 -15.44 15.72 44.46
C HIS I 84 -14.51 14.66 43.92
N ILE I 85 -13.24 14.72 44.31
CA ILE I 85 -12.19 13.87 43.79
C ILE I 85 -11.44 13.23 44.94
N GLU I 86 -11.26 11.91 44.89
CA GLU I 86 -10.38 11.20 45.81
C GLU I 86 -8.96 11.21 45.30
N CYS I 87 -8.01 10.99 46.20
CA CYS I 87 -6.60 10.85 45.86
C CYS I 87 -5.99 9.93 46.91
N SER I 88 -5.31 8.86 46.52
CA SER I 88 -4.94 7.87 47.52
C SER I 88 -3.57 7.26 47.29
N PHE I 89 -2.81 7.08 48.38
CA PHE I 89 -1.47 6.49 48.35
C PHE I 89 -1.15 5.92 49.73
N SER I 90 0.12 5.61 49.98
CA SER I 90 0.58 5.00 51.22
C SER I 90 2.05 5.34 51.45
N VAL I 91 2.44 5.55 52.70
CA VAL I 91 3.83 5.82 53.07
C VAL I 91 4.30 4.73 54.02
N SER I 92 5.57 4.34 53.93
CA SER I 92 6.20 3.43 54.89
C SER I 92 7.38 4.13 55.53
N PHE I 93 7.46 4.02 56.85
CA PHE I 93 8.60 4.61 57.59
C PHE I 93 9.45 3.43 58.06
N SER I 94 10.69 3.39 57.58
CA SER I 94 11.61 2.28 57.90
C SER I 94 12.83 2.84 58.61
N SER I 95 13.65 1.94 59.17
CA SER I 95 14.86 2.25 59.98
C SER I 95 16.15 1.89 59.21
N GLU I 96 16.19 2.20 57.91
CA GLU I 96 17.37 1.94 57.03
C GLU I 96 18.58 2.79 57.42
N LEU I 97 18.36 3.95 58.06
CA LEU I 97 19.43 4.92 58.45
C LEU I 97 20.33 4.42 59.60
N ARG I 98 19.95 3.35 60.30
CA ARG I 98 20.74 2.86 61.46
C ARG I 98 22.17 2.46 61.04
N GLN I 99 22.34 1.78 59.91
CA GLN I 99 23.66 1.38 59.45
C GLN I 99 23.77 1.55 57.95
N PRO I 100 24.99 1.70 57.39
CA PRO I 100 25.12 1.85 55.94
C PRO I 100 24.71 0.60 55.18
N TYR I 101 24.09 0.82 54.03
CA TYR I 101 23.76 -0.29 53.15
C TYR I 101 25.00 -0.96 52.58
N LYS I 102 26.07 -0.19 52.32
CA LYS I 102 27.31 -0.74 51.81
C LYS I 102 28.39 0.26 52.12
N CYS I 103 29.51 -0.19 52.69
CA CYS I 103 30.57 0.71 53.14
C CYS I 103 31.86 -0.07 53.31
N ASN I 104 32.90 0.28 52.57
CA ASN I 104 34.12 -0.51 52.59
C ASN I 104 35.16 -0.03 53.61
N SER I 105 34.85 0.96 54.43
CA SER I 105 35.77 1.42 55.46
C SER I 105 35.09 1.23 56.81
N SER I 106 35.73 0.49 57.69
CA SER I 106 35.09 0.20 58.96
C SER I 106 35.39 1.22 60.04
N LYS I 107 36.23 2.21 59.78
CA LYS I 107 36.32 3.34 60.68
C LYS I 107 35.19 4.32 60.46
N VAL I 108 34.74 4.46 59.21
CA VAL I 108 33.67 5.37 58.88
C VAL I 108 32.32 4.76 59.27
N LYS I 109 32.18 3.43 59.15
CA LYS I 109 30.94 2.77 59.53
C LYS I 109 30.66 2.94 61.01
N GLN I 110 31.65 2.67 61.84
CA GLN I 110 31.47 2.76 63.28
C GLN I 110 31.50 4.21 63.78
N THR I 111 31.73 5.18 62.90
CA THR I 111 31.47 6.58 63.24
C THR I 111 30.04 6.95 62.88
N LEU I 112 29.57 6.54 61.71
CA LEU I 112 28.21 6.84 61.29
C LEU I 112 27.17 5.95 61.94
N VAL I 113 27.57 4.95 62.73
CA VAL I 113 26.61 4.28 63.59
C VAL I 113 26.41 5.08 64.87
N GLN I 114 27.48 5.64 65.42
CA GLN I 114 27.39 6.30 66.71
C GLN I 114 26.66 7.63 66.65
N LEU I 115 26.74 8.36 65.53
CA LEU I 115 26.00 9.61 65.40
C LEU I 115 24.49 9.39 65.49
N VAL I 116 24.01 8.29 64.92
CA VAL I 116 22.59 7.97 64.98
C VAL I 116 22.16 7.71 66.41
N GLU I 117 23.03 7.07 67.18
CA GLU I 117 22.70 6.72 68.55
C GLU I 117 23.01 7.84 69.53
N LEU I 118 23.82 8.83 69.12
CA LEU I 118 23.96 10.04 69.91
C LEU I 118 22.90 11.08 69.53
N TYR I 119 22.25 10.92 68.38
CA TYR I 119 21.19 11.83 68.00
C TYR I 119 19.86 11.44 68.62
N GLU I 120 19.63 10.16 68.83
CA GLU I 120 18.37 9.75 69.43
C GLU I 120 18.41 9.78 70.94
N THR I 121 19.53 10.18 71.53
CA THR I 121 19.65 10.32 72.96
C THR I 121 19.65 11.79 73.38
N LYS I 122 20.47 12.59 72.73
CA LYS I 122 20.64 13.98 73.15
C LYS I 122 19.59 14.87 72.51
N ILE I 123 19.04 14.47 71.38
CA ILE I 123 18.05 15.25 70.64
C ILE I 123 16.75 14.46 70.45
N GLY I 124 16.84 13.24 69.95
CA GLY I 124 15.67 12.44 69.71
C GLY I 124 14.98 12.78 68.40
N TRP I 125 14.09 11.88 67.97
CA TRP I 125 13.50 11.98 66.65
C TRP I 125 12.25 12.84 66.60
N THR I 126 12.00 13.63 67.65
CA THR I 126 10.74 14.34 67.76
C THR I 126 10.62 15.48 66.77
N GLU I 127 11.71 16.20 66.50
CA GLU I 127 11.64 17.33 65.57
C GLU I 127 11.57 16.89 64.11
N LEU I 128 12.30 15.84 63.72
CA LEU I 128 12.22 15.39 62.33
C LEU I 128 10.91 14.67 62.05
N ALA I 129 10.45 13.81 62.97
CA ALA I 129 9.22 13.08 62.74
C ALA I 129 8.00 13.98 62.75
N THR I 130 8.07 15.14 63.39
CA THR I 130 6.96 16.09 63.31
C THR I 130 6.95 16.77 61.96
N ARG I 131 8.13 17.03 61.39
CA ARG I 131 8.21 17.74 60.12
C ARG I 131 7.82 16.88 58.93
N TYR I 132 8.19 15.59 58.92
CA TYR I 132 7.75 14.72 57.83
C TYR I 132 6.27 14.47 57.91
N LEU I 133 5.71 14.41 59.11
CA LEU I 133 4.34 13.98 59.26
C LEU I 133 3.34 15.08 58.98
N MET I 134 3.75 16.35 59.05
CA MET I 134 2.81 17.41 58.71
C MET I 134 2.52 17.45 57.24
N ASN I 135 3.54 17.24 56.39
CA ASN I 135 3.40 17.30 54.95
C ASN I 135 2.46 16.24 54.40
N ILE I 136 2.10 15.23 55.18
CA ILE I 136 0.96 14.40 54.85
C ILE I 136 -0.32 15.01 55.38
N CYS I 137 -0.33 15.43 56.64
CA CYS I 137 -1.56 15.80 57.32
C CYS I 137 -2.15 17.13 56.88
N ASN I 138 -1.39 17.98 56.20
CA ASN I 138 -1.97 18.92 55.28
C ASN I 138 -1.48 18.56 53.89
N GLY I 139 -2.32 18.78 52.89
CA GLY I 139 -2.06 18.21 51.60
C GLY I 139 -0.94 18.85 50.84
N LYS I 140 0.29 18.65 51.31
CA LYS I 140 1.45 19.15 50.60
C LYS I 140 1.70 18.37 49.33
N TRP I 141 1.48 17.06 49.37
CA TRP I 141 1.62 16.16 48.24
C TRP I 141 0.52 16.31 47.21
N LEU I 142 -0.56 17.00 47.54
CA LEU I 142 -1.48 17.58 46.57
C LEU I 142 -0.86 18.91 46.22
N TRP I 143 -0.24 19.01 45.06
CA TRP I 143 0.63 20.15 44.85
C TRP I 143 -0.15 21.41 44.54
N LYS I 144 -0.83 21.40 43.41
CA LYS I 144 -1.54 22.57 42.95
C LYS I 144 -3.05 22.43 43.09
N ASN I 145 -3.54 21.23 43.32
CA ASN I 145 -4.96 20.98 43.55
C ASN I 145 -5.43 21.57 44.85
N THR I 146 -4.54 21.62 45.84
CA THR I 146 -4.75 22.36 47.07
C THR I 146 -5.14 23.80 46.79
N ARG I 147 -4.42 24.45 45.88
CA ARG I 147 -4.75 25.80 45.47
C ARG I 147 -6.08 25.79 44.71
N LYS I 148 -6.87 26.85 44.90
CA LYS I 148 -8.15 27.06 44.24
C LYS I 148 -9.17 25.98 44.53
N ALA I 149 -9.21 25.48 45.76
CA ALA I 149 -10.21 24.50 46.14
C ALA I 149 -11.14 25.11 47.17
N TYR I 150 -12.33 24.54 47.29
CA TYR I 150 -13.23 24.90 48.38
C TYR I 150 -12.68 24.43 49.71
N CYS I 151 -12.53 23.12 49.88
CA CYS I 151 -11.86 22.56 51.03
C CYS I 151 -11.33 21.19 50.66
N TRP I 152 -10.42 20.68 51.47
CA TRP I 152 -9.96 19.30 51.35
C TRP I 152 -9.72 18.73 52.72
N ASN I 153 -9.74 17.40 52.81
CA ASN I 153 -9.75 16.68 54.07
C ASN I 153 -8.79 15.51 53.92
N ILE I 154 -8.09 15.13 54.98
CA ILE I 154 -7.16 14.00 54.95
C ILE I 154 -7.66 12.98 55.96
N VAL I 155 -7.58 11.70 55.61
CA VAL I 155 -7.91 10.60 56.51
C VAL I 155 -6.76 9.62 56.51
N LEU I 156 -6.14 9.42 57.66
CA LEU I 156 -5.04 8.48 57.79
C LEU I 156 -5.56 7.12 58.24
N THR I 157 -4.77 6.08 57.99
CA THR I 157 -5.05 4.75 58.51
C THR I 157 -3.71 4.11 58.84
N PRO I 158 -3.19 4.32 60.03
CA PRO I 158 -1.87 3.78 60.37
C PRO I 158 -1.91 2.28 60.57
N TRP I 159 -0.81 1.59 60.26
CA TRP I 159 -0.94 0.15 60.31
C TRP I 159 -0.70 -0.51 61.67
N PRO I 160 0.40 -0.26 62.41
CA PRO I 160 0.37 -0.94 63.73
C PRO I 160 -0.46 -0.16 64.73
N TRP I 161 -1.77 -0.35 64.65
CA TRP I 161 -2.73 0.59 65.19
C TRP I 161 -3.97 -0.18 65.61
N ASN I 162 -4.65 0.32 66.65
CA ASN I 162 -5.82 -0.37 67.17
C ASN I 162 -7.09 -0.04 66.39
N GLY I 163 -7.50 1.22 66.41
CA GLY I 163 -8.72 1.60 65.73
C GLY I 163 -8.83 3.11 65.66
N GLU I 164 -10.03 3.59 65.31
CA GLU I 164 -10.41 5.01 65.33
C GLU I 164 -9.51 5.85 64.41
N LYS I 165 -9.72 5.64 63.10
CA LYS I 165 -9.04 6.34 61.99
C LYS I 165 -8.80 7.82 62.25
N VAL I 166 -7.58 8.23 62.05
CA VAL I 166 -7.19 9.62 62.27
C VAL I 166 -7.72 10.44 61.11
N GLY I 167 -8.34 11.57 61.42
CA GLY I 167 -9.03 12.36 60.42
C GLY I 167 -8.79 13.84 60.62
N PHE I 168 -8.63 14.57 59.52
CA PHE I 168 -8.35 15.99 59.52
C PHE I 168 -9.39 16.65 58.63
N GLU I 169 -10.25 17.50 59.21
CA GLU I 169 -11.37 18.07 58.49
C GLU I 169 -11.11 19.54 58.23
N ASP I 170 -11.40 19.99 57.00
CA ASP I 170 -11.23 21.41 56.62
C ASP I 170 -9.81 21.87 56.94
N ILE I 171 -8.82 21.33 56.23
CA ILE I 171 -7.39 21.66 56.46
C ILE I 171 -7.13 23.15 56.20
N ARG I 172 -7.72 23.74 55.16
CA ARG I 172 -7.40 25.16 54.86
C ARG I 172 -7.77 26.08 56.03
N THR I 173 -8.94 25.89 56.64
CA THR I 173 -9.37 26.76 57.76
C THR I 173 -9.20 26.06 59.12
N ASN I 174 -8.90 24.76 59.13
CA ASN I 174 -8.78 24.06 60.43
C ASN I 174 -7.33 23.89 60.88
N TYR I 175 -6.45 23.39 60.00
CA TYR I 175 -5.04 23.17 60.42
C TYR I 175 -4.09 24.10 59.65
N THR I 176 -3.55 25.10 60.33
CA THR I 176 -2.64 26.05 59.71
C THR I 176 -1.26 26.03 60.34
N SER I 177 -1.16 25.93 61.66
CA SER I 177 0.12 25.95 62.34
C SER I 177 0.41 24.62 63.02
N ARG I 178 1.52 24.57 63.75
CA ARG I 178 1.89 23.33 64.43
C ARG I 178 0.95 23.04 65.59
N GLN I 179 0.62 24.05 66.39
CA GLN I 179 -0.25 23.84 67.54
C GLN I 179 -1.68 23.54 67.11
N ASP I 180 -2.05 23.89 65.89
CA ASP I 180 -3.29 23.40 65.33
C ASP I 180 -3.24 21.91 65.10
N PHE I 181 -2.08 21.38 64.69
CA PHE I 181 -1.94 19.94 64.53
C PHE I 181 -1.75 19.23 65.85
N LYS I 182 -1.20 19.91 66.84
CA LYS I 182 -1.04 19.30 68.15
C LYS I 182 -2.30 19.35 68.97
N ASN I 183 -3.40 19.85 68.42
CA ASN I 183 -4.68 19.78 69.09
C ASN I 183 -5.55 18.66 68.57
N ASN I 184 -5.06 17.84 67.65
CA ASN I 184 -5.82 16.66 67.32
C ASN I 184 -5.67 15.66 68.43
N LYS I 185 -6.67 14.79 68.58
CA LYS I 185 -6.68 13.88 69.71
C LYS I 185 -5.58 12.85 69.61
N ASN I 186 -5.52 12.14 68.49
CA ASN I 186 -4.45 11.18 68.22
C ASN I 186 -3.46 11.83 67.26
N TRP I 187 -2.55 12.62 67.83
CA TRP I 187 -1.37 13.12 67.15
C TRP I 187 -0.09 12.76 67.90
N SER I 188 -0.16 12.62 69.23
CA SER I 188 0.98 12.07 69.94
C SER I 188 1.24 10.62 69.56
N ALA I 189 0.18 9.85 69.33
CA ALA I 189 0.34 8.42 69.09
C ALA I 189 0.90 8.09 67.72
N ILE I 190 0.99 9.07 66.82
CA ILE I 190 1.42 8.85 65.45
C ILE I 190 2.84 9.39 65.31
N VAL I 191 3.20 10.37 66.13
CA VAL I 191 4.60 10.76 66.19
C VAL I 191 5.41 9.71 66.93
N GLU I 192 4.80 9.05 67.92
CA GLU I 192 5.45 7.92 68.60
C GLU I 192 5.64 6.70 67.70
N MET I 193 4.93 6.59 66.59
CA MET I 193 5.24 5.53 65.65
C MET I 193 6.54 5.80 64.93
N ILE I 194 6.69 6.99 64.36
CA ILE I 194 7.86 7.33 63.57
C ILE I 194 9.09 7.45 64.46
N LYS I 195 8.90 7.76 65.74
CA LYS I 195 9.98 7.61 66.70
C LYS I 195 10.37 6.14 66.85
N THR I 196 9.39 5.27 67.08
CA THR I 196 9.69 3.86 67.29
C THR I 196 10.05 3.18 65.97
N ALA I 197 9.67 3.78 64.84
CA ALA I 197 10.14 3.30 63.55
C ALA I 197 11.61 3.54 63.37
N PHE I 198 12.08 4.71 63.77
CA PHE I 198 13.48 5.06 63.56
C PHE I 198 14.38 4.51 64.67
N SER I 199 13.82 4.12 65.80
CA SER I 199 14.62 3.81 66.97
C SER I 199 15.02 2.35 67.06
N SER I 200 14.40 1.47 66.30
CA SER I 200 14.70 0.06 66.39
C SER I 200 15.34 -0.42 65.09
N THR I 201 15.86 -1.65 65.14
CA THR I 201 16.45 -2.26 63.96
C THR I 201 15.42 -2.91 63.04
N ASP I 202 14.17 -3.03 63.48
CA ASP I 202 13.04 -3.30 62.61
C ASP I 202 11.89 -2.42 63.10
N GLY I 203 11.80 -1.21 62.58
CA GLY I 203 10.63 -0.41 62.84
C GLY I 203 9.90 -0.25 61.54
N LEU I 204 8.57 -0.30 61.50
CA LEU I 204 7.95 -0.44 60.18
C LEU I 204 6.95 0.66 59.84
N ALA I 205 5.88 0.87 60.61
CA ALA I 205 5.02 2.07 60.60
C ALA I 205 4.49 2.48 59.22
N ILE I 206 3.55 1.71 58.68
CA ILE I 206 2.89 2.02 57.41
C ILE I 206 1.69 2.92 57.66
N PHE I 207 1.49 3.93 56.80
CA PHE I 207 0.32 4.79 56.80
C PHE I 207 -0.46 4.65 55.50
N GLU I 208 -1.74 4.97 55.55
CA GLU I 208 -2.61 4.93 54.37
C GLU I 208 -3.31 6.28 54.26
N VAL I 209 -3.07 7.00 53.18
CA VAL I 209 -3.52 8.39 53.06
C VAL I 209 -4.56 8.48 51.96
N ARG I 210 -5.55 9.35 52.15
CA ARG I 210 -6.66 9.51 51.22
C ARG I 210 -7.28 10.89 51.39
N ALA I 211 -7.26 11.68 50.32
CA ALA I 211 -7.74 13.06 50.36
C ALA I 211 -9.08 13.18 49.67
N THR I 212 -9.73 14.32 49.86
CA THR I 212 -11.10 14.53 49.42
C THR I 212 -11.22 15.99 49.01
N LEU I 213 -11.00 16.27 47.75
CA LEU I 213 -10.89 17.63 47.23
C LEU I 213 -12.22 18.09 46.66
N HIS I 214 -12.80 19.12 47.25
CA HIS I 214 -14.03 19.72 46.73
C HIS I 214 -13.63 20.88 45.85
N LEU I 215 -13.78 20.71 44.55
CA LEU I 215 -13.35 21.68 43.55
C LEU I 215 -14.53 22.56 43.15
N PRO I 216 -14.30 23.62 42.37
CA PRO I 216 -15.43 24.29 41.72
C PRO I 216 -16.05 23.47 40.61
N THR I 217 -17.02 24.07 39.92
CA THR I 217 -17.61 23.47 38.75
C THR I 217 -16.57 23.30 37.66
N ASN I 218 -16.32 22.04 37.28
CA ASN I 218 -15.77 21.69 35.98
C ASN I 218 -14.30 22.10 35.86
N ALA I 219 -13.60 22.09 36.99
CA ALA I 219 -12.27 22.67 37.12
C ALA I 219 -11.18 21.72 36.64
N MET I 220 -10.09 22.30 36.14
CA MET I 220 -8.86 21.60 35.82
C MET I 220 -8.30 20.83 37.00
N VAL I 221 -7.65 19.71 36.71
CA VAL I 221 -6.82 19.08 37.72
C VAL I 221 -5.44 18.86 37.12
N ARG I 222 -4.43 18.86 38.00
CA ARG I 222 -3.03 18.99 37.62
C ARG I 222 -2.22 17.83 38.17
N PRO I 223 -2.07 16.76 37.41
CA PRO I 223 -1.17 15.68 37.82
C PRO I 223 0.26 15.91 37.37
N SER I 224 1.15 14.97 37.68
CA SER I 224 2.54 15.11 37.28
C SER I 224 2.72 14.56 35.89
N GLN I 225 3.63 15.16 35.15
CA GLN I 225 3.67 14.94 33.72
C GLN I 225 5.04 14.40 33.34
N VAL I 226 5.12 13.74 32.18
CA VAL I 226 6.27 12.91 31.88
C VAL I 226 7.43 13.76 31.40
N PHE I 227 8.62 13.19 31.49
CA PHE I 227 9.82 13.75 30.87
C PHE I 227 9.88 13.20 29.44
N THR I 228 9.23 13.88 28.50
CA THR I 228 9.28 13.47 27.09
C THR I 228 10.68 13.71 26.55
N GLU I 229 11.12 12.82 25.67
CA GLU I 229 12.39 13.00 25.00
C GLU I 229 12.17 12.93 23.49
N THR I 240 1.65 17.65 14.54
CA THR I 240 1.91 18.44 15.77
C THR I 240 2.60 17.56 16.82
N GLN I 241 2.96 18.14 17.96
CA GLN I 241 3.62 17.39 19.06
C GLN I 241 2.91 17.70 20.39
N ASN I 242 2.94 16.76 21.32
CA ASN I 242 2.27 16.94 22.64
C ASN I 242 3.18 17.78 23.54
N SER I 243 2.69 18.94 24.00
CA SER I 243 3.47 19.82 24.84
C SER I 243 3.18 19.66 26.33
N ARG I 244 2.33 18.71 26.71
CA ARG I 244 2.06 18.41 28.11
C ARG I 244 1.51 16.99 28.16
N VAL I 245 2.30 16.03 28.61
CA VAL I 245 1.92 14.62 28.59
C VAL I 245 1.91 14.13 30.03
N PHE I 246 0.76 13.72 30.54
CA PHE I 246 0.64 13.33 31.93
C PHE I 246 1.20 11.95 32.17
N GLN I 247 1.58 11.67 33.41
CA GLN I 247 1.92 10.32 33.78
C GLN I 247 0.65 9.58 34.08
N SER I 248 0.66 8.26 33.90
CA SER I 248 -0.60 7.56 33.97
C SER I 248 -0.37 6.09 34.25
N THR I 249 -1.41 5.44 34.76
CA THR I 249 -1.46 3.99 34.97
C THR I 249 -2.74 3.44 34.37
N THR I 250 -3.05 2.19 34.71
CA THR I 250 -4.32 1.54 34.28
C THR I 250 -5.07 1.10 35.54
N ILE I 251 -6.30 1.59 35.75
CA ILE I 251 -7.04 1.21 36.99
C ILE I 251 -8.12 0.17 36.67
N ASP I 252 -8.95 0.42 35.66
CA ASP I 252 -10.02 -0.52 35.24
C ASP I 252 -9.90 -0.77 33.74
N GLY I 253 -8.68 -0.75 33.21
CA GLY I 253 -8.45 -0.88 31.75
C GLY I 253 -8.51 0.47 31.07
N GLU I 254 -8.61 1.55 31.86
CA GLU I 254 -8.68 2.94 31.34
C GLU I 254 -7.49 3.73 31.90
N ARG I 255 -6.79 4.48 31.04
CA ARG I 255 -5.63 5.32 31.46
C ARG I 255 -6.16 6.37 32.43
N SER I 256 -5.41 6.66 33.50
CA SER I 256 -5.88 7.62 34.48
C SER I 256 -4.65 8.35 34.97
N PRO I 257 -4.74 9.65 35.23
CA PRO I 257 -3.57 10.40 35.68
C PRO I 257 -3.13 9.93 37.05
N ILE I 258 -1.83 10.05 37.31
CA ILE I 258 -1.30 9.68 38.65
C ILE I 258 -0.31 10.75 39.09
N LEU I 259 -0.12 10.91 40.38
CA LEU I 259 0.90 11.86 40.90
C LEU I 259 2.17 11.01 41.04
N GLY I 260 3.30 11.48 40.52
CA GLY I 260 4.52 10.64 40.52
C GLY I 260 4.91 10.16 41.90
N ALA I 261 5.36 8.91 41.98
CA ALA I 261 5.81 8.30 43.26
C ALA I 261 7.00 9.13 43.76
N PHE I 262 7.84 9.58 42.83
CA PHE I 262 8.97 10.42 43.18
C PHE I 262 8.54 11.85 43.41
N LYS I 263 7.48 12.28 42.74
CA LYS I 263 6.89 13.59 42.95
C LYS I 263 6.22 13.67 44.32
N THR I 264 5.62 12.57 44.80
CA THR I 264 5.03 12.54 46.14
C THR I 264 6.11 12.51 47.20
N GLY I 265 7.15 11.71 46.99
CA GLY I 265 8.22 11.58 47.96
C GLY I 265 9.02 12.84 48.16
N ALA I 266 8.99 13.75 47.19
CA ALA I 266 9.62 15.04 47.35
C ALA I 266 8.71 16.06 47.96
N ALA I 267 7.54 15.66 48.43
CA ALA I 267 6.63 16.57 49.10
C ALA I 267 6.57 16.33 50.58
N ILE I 268 6.76 15.08 50.98
CA ILE I 268 6.92 14.74 52.39
C ILE I 268 8.28 15.22 52.87
N ALA I 269 9.23 15.43 51.97
CA ALA I 269 10.57 15.85 52.32
C ALA I 269 10.87 17.30 51.95
N THR I 270 9.90 18.20 52.00
CA THR I 270 10.16 19.63 51.93
C THR I 270 10.17 20.19 53.34
N ILE I 271 11.34 20.16 53.97
CA ILE I 271 11.47 20.42 55.39
C ILE I 271 12.50 21.49 55.67
N ASP I 272 13.51 21.55 54.82
CA ASP I 272 14.77 22.20 55.12
C ASP I 272 14.65 23.72 55.22
N ASP I 273 14.46 24.24 56.42
CA ASP I 273 14.58 25.68 56.66
C ASP I 273 15.68 25.97 57.66
N TRP I 274 16.83 25.33 57.47
CA TRP I 274 17.97 25.55 58.32
C TRP I 274 19.11 26.22 57.58
N TYR I 275 19.03 26.30 56.25
CA TYR I 275 20.00 26.97 55.41
C TYR I 275 20.08 28.45 55.78
N PRO I 276 21.26 29.08 55.69
CA PRO I 276 21.54 30.29 56.49
C PRO I 276 20.70 31.53 56.21
N GLU I 277 19.82 31.54 55.21
CA GLU I 277 18.93 32.65 54.97
C GLU I 277 17.49 32.15 54.88
N ALA I 278 17.10 31.35 55.88
CA ALA I 278 15.90 30.54 55.78
C ALA I 278 14.64 31.38 55.88
N THR I 279 13.86 31.37 54.82
CA THR I 279 12.50 31.88 54.82
C THR I 279 11.49 30.77 54.57
N GLU I 280 11.65 30.04 53.49
CA GLU I 280 10.78 29.01 52.98
C GLU I 280 11.53 27.69 52.99
N PRO I 281 10.86 26.57 53.26
CA PRO I 281 11.58 25.29 53.30
C PRO I 281 11.79 24.69 51.92
N LEU I 282 12.92 23.98 51.79
CA LEU I 282 13.38 23.35 50.57
C LEU I 282 13.26 21.83 50.65
N ARG I 283 13.40 21.16 49.52
CA ARG I 283 13.49 19.71 49.54
C ARG I 283 14.87 19.32 50.06
N VAL I 284 14.93 18.22 50.80
CA VAL I 284 16.18 17.83 51.46
C VAL I 284 17.14 17.26 50.42
N GLY I 285 18.27 17.92 50.24
CA GLY I 285 19.26 17.45 49.30
C GLY I 285 20.65 17.82 49.73
N ARG I 286 21.62 17.06 49.21
CA ARG I 286 23.00 17.50 49.20
C ARG I 286 23.10 18.84 48.47
N PHE I 287 23.68 19.83 49.13
CA PHE I 287 23.72 21.24 48.69
C PHE I 287 22.40 21.75 48.14
N GLY I 288 21.42 21.82 49.05
CA GLY I 288 20.00 22.02 48.79
C GLY I 288 19.54 23.09 47.82
N VAL I 289 18.89 22.68 46.75
CA VAL I 289 18.60 23.57 45.66
C VAL I 289 17.21 24.15 45.83
N HIS I 290 16.99 25.33 45.28
CA HIS I 290 15.69 25.97 45.23
C HIS I 290 15.37 26.13 43.76
N ARG I 291 14.41 25.37 43.26
CA ARG I 291 14.23 25.29 41.82
C ARG I 291 13.29 26.35 41.27
N GLU I 292 12.59 27.09 42.11
CA GLU I 292 11.85 28.26 41.67
C GLU I 292 12.84 29.29 41.16
N ASP I 293 13.64 29.86 42.05
CA ASP I 293 14.70 30.77 41.67
C ASP I 293 16.00 29.98 41.64
N VAL I 294 16.46 29.67 40.43
CA VAL I 294 17.35 28.52 40.23
C VAL I 294 18.74 28.84 40.76
N THR I 295 18.98 28.44 42.01
CA THR I 295 20.26 28.52 42.69
C THR I 295 20.39 27.34 43.62
N CYS I 296 21.56 27.22 44.24
CA CYS I 296 21.79 26.32 45.35
C CYS I 296 22.00 27.18 46.59
N TYR I 297 21.16 27.00 47.59
CA TYR I 297 21.58 27.30 48.93
C TYR I 297 22.45 26.13 49.40
N ARG I 298 23.16 26.33 50.51
CA ARG I 298 24.08 25.34 51.07
C ARG I 298 25.13 24.90 50.06
N HIS I 299 25.58 25.83 49.22
CA HIS I 299 26.63 25.55 48.24
C HIS I 299 27.94 25.20 48.97
N PRO I 300 28.82 24.41 48.35
CA PRO I 300 30.08 24.06 49.01
C PRO I 300 31.01 25.22 49.32
N SER I 301 30.78 26.41 48.76
CA SER I 301 31.54 27.56 49.18
C SER I 301 31.12 28.04 50.56
N THR I 302 29.90 27.69 51.00
CA THR I 302 29.43 28.06 52.32
C THR I 302 30.03 27.17 53.40
N GLY I 303 30.39 25.95 53.04
CA GLY I 303 30.82 24.97 54.02
C GLY I 303 29.69 24.30 54.75
N LYS I 304 28.45 24.51 54.32
CA LYS I 304 27.29 23.95 54.98
C LYS I 304 26.48 23.05 54.06
N ASP I 305 27.15 22.40 53.09
CA ASP I 305 26.52 21.31 52.36
C ASP I 305 26.60 20.04 53.20
N PHE I 306 26.21 18.91 52.62
CA PHE I 306 26.23 17.66 53.37
C PHE I 306 27.64 17.12 53.57
N PHE I 307 28.52 17.29 52.60
CA PHE I 307 29.84 16.67 52.68
C PHE I 307 30.83 17.46 53.53
N SER I 308 30.58 18.75 53.76
CA SER I 308 31.40 19.49 54.71
C SER I 308 30.77 19.53 56.08
N ILE I 309 29.69 18.76 56.26
CA ILE I 309 29.19 18.43 57.57
C ILE I 309 29.48 16.97 57.91
N LEU I 310 29.38 16.06 56.95
CA LEU I 310 29.60 14.64 57.21
C LEU I 310 31.07 14.34 57.47
N GLN I 311 31.97 15.19 56.99
CA GLN I 311 33.36 15.03 57.39
C GLN I 311 33.67 15.61 58.75
N GLN I 312 32.78 16.43 59.30
CA GLN I 312 32.86 16.86 60.68
C GLN I 312 32.10 15.94 61.61
N ALA I 313 31.82 14.71 61.18
CA ALA I 313 31.04 13.76 61.97
C ALA I 313 31.74 13.38 63.25
N GLU I 314 33.07 13.31 63.22
CA GLU I 314 33.81 13.00 64.42
C GLU I 314 33.73 14.13 65.44
N HIS I 315 33.73 15.38 64.96
CA HIS I 315 33.57 16.54 65.84
C HIS I 315 32.28 16.52 66.62
N TYR I 316 31.19 16.11 65.97
CA TYR I 316 29.87 16.06 66.60
C TYR I 316 29.78 15.00 67.68
N ILE I 317 30.65 13.99 67.67
CA ILE I 317 30.65 13.01 68.74
C ILE I 317 31.24 13.61 70.01
N GLU I 318 32.20 14.52 69.89
CA GLU I 318 32.70 15.17 71.09
C GLU I 318 31.86 16.36 71.52
N VAL I 319 30.74 16.62 70.85
CA VAL I 319 29.82 17.64 71.34
C VAL I 319 28.59 16.97 71.95
N LEU I 320 28.04 15.96 71.27
CA LEU I 320 26.81 15.33 71.70
C LEU I 320 26.98 14.43 72.92
N SER I 321 28.21 14.03 73.25
CA SER I 321 28.45 13.13 74.35
C SER I 321 28.69 13.84 75.67
N ALA I 322 28.75 15.17 75.66
CA ALA I 322 29.04 15.93 76.86
C ALA I 322 27.77 16.14 77.68
N ASN I 323 27.86 17.02 78.67
CA ASN I 323 26.74 17.26 79.59
C ASN I 323 25.89 18.46 79.21
N LYS I 324 26.30 19.24 78.21
CA LYS I 324 25.70 20.53 77.95
C LYS I 324 24.83 20.48 76.70
N THR I 325 23.76 21.28 76.69
CA THR I 325 22.86 21.38 75.54
C THR I 325 23.40 22.39 74.54
N PRO I 326 23.80 21.95 73.36
CA PRO I 326 24.57 22.80 72.45
C PRO I 326 23.69 23.80 71.69
N ALA I 327 24.34 24.64 70.90
CA ALA I 327 23.67 25.76 70.26
C ALA I 327 22.88 25.29 69.04
N GLN I 328 22.04 26.20 68.52
CA GLN I 328 21.26 25.90 67.33
C GLN I 328 22.12 25.78 66.10
N GLU I 329 23.29 26.41 66.09
CA GLU I 329 24.22 26.30 64.97
C GLU I 329 24.71 24.87 64.78
N THR I 330 24.73 24.09 65.86
CA THR I 330 25.24 22.73 65.81
C THR I 330 24.21 21.67 66.16
N ILE I 331 22.92 22.02 66.26
CA ILE I 331 21.89 21.00 66.23
C ILE I 331 20.96 21.15 65.04
N ASN I 332 20.92 22.32 64.39
CA ASN I 332 20.27 22.37 63.09
C ASN I 332 21.07 21.60 62.06
N ASP I 333 22.39 21.60 62.20
CA ASP I 333 23.22 20.86 61.27
C ASP I 333 23.37 19.41 61.67
N MET I 334 22.74 19.00 62.78
CA MET I 334 22.54 17.59 63.04
C MET I 334 21.22 17.08 62.49
N HIS I 335 20.18 17.92 62.41
CA HIS I 335 18.99 17.52 61.69
C HIS I 335 19.29 17.36 60.21
N PHE I 336 20.13 18.23 59.67
CA PHE I 336 20.44 18.14 58.25
C PHE I 336 21.35 16.97 57.95
N LEU I 337 22.19 16.57 58.90
CA LEU I 337 22.98 15.37 58.71
C LEU I 337 22.08 14.14 58.71
N MET I 338 21.06 14.13 59.56
CA MET I 338 20.13 13.02 59.65
C MET I 338 19.16 12.95 58.47
N ALA I 339 18.66 14.09 57.99
CA ALA I 339 17.65 14.06 56.94
C ALA I 339 18.22 13.66 55.60
N ASN I 340 19.53 13.74 55.41
CA ASN I 340 20.16 13.17 54.22
C ASN I 340 20.49 11.71 54.37
N LEU I 341 20.53 11.19 55.58
CA LEU I 341 20.67 9.75 55.74
C LEU I 341 19.34 9.02 55.58
N ILE I 342 18.25 9.72 55.87
CA ILE I 342 16.91 9.25 55.60
C ILE I 342 16.59 9.36 54.11
N LYS I 343 17.25 10.29 53.42
CA LYS I 343 17.00 10.47 52.00
C LYS I 343 17.65 9.35 51.18
N GLY I 344 18.71 8.76 51.74
CA GLY I 344 19.46 7.69 51.05
C GLY I 344 20.46 8.27 50.07
N GLY I 345 21.11 7.43 49.26
CA GLY I 345 22.08 7.91 48.25
C GLY I 345 23.48 7.38 48.46
N MET I 346 24.41 7.76 47.57
CA MET I 346 25.84 7.32 47.63
C MET I 346 26.72 8.53 47.95
N PHE I 347 27.56 8.42 48.99
CA PHE I 347 28.43 9.55 49.44
C PHE I 347 29.92 9.29 49.19
N GLN I 348 30.29 8.28 48.39
CA GLN I 348 31.72 7.96 48.14
C GLN I 348 32.41 9.00 47.24
N HIS I 349 33.74 9.08 47.34
CA HIS I 349 34.59 9.98 46.55
C HIS I 349 35.75 9.15 46.03
N LYS I 350 36.41 9.69 45.00
CA LYS I 350 37.44 9.02 44.19
C LYS I 350 36.96 7.69 43.63
N MET J 1 -8.96 45.24 -8.86
CA MET J 1 -8.75 45.12 -7.42
C MET J 1 -8.58 43.66 -7.02
N LYS J 2 -7.36 43.24 -6.74
CA LYS J 2 -7.09 41.83 -6.49
C LYS J 2 -7.63 41.41 -5.13
N LEU J 3 -8.15 40.19 -5.06
CA LEU J 3 -8.81 39.60 -3.92
C LEU J 3 -7.78 39.01 -2.96
N PRO J 4 -7.99 39.16 -1.66
CA PRO J 4 -7.02 38.68 -0.68
C PRO J 4 -7.03 37.15 -0.56
N THR J 5 -6.05 36.66 0.19
CA THR J 5 -5.99 35.25 0.55
C THR J 5 -6.75 34.93 1.83
N ASN J 6 -7.40 35.92 2.43
CA ASN J 6 -8.29 35.70 3.57
C ASN J 6 -9.43 36.70 3.44
N LEU J 7 -10.59 36.24 2.98
CA LEU J 7 -11.78 37.08 2.97
C LEU J 7 -12.96 36.17 3.29
N ALA J 8 -13.94 36.68 4.04
CA ALA J 8 -15.11 35.90 4.43
C ALA J 8 -16.15 36.85 5.00
N TYR J 9 -17.43 36.58 4.73
CA TYR J 9 -18.50 37.23 5.49
C TYR J 9 -19.34 36.19 6.20
N GLU J 10 -20.23 36.68 7.06
CA GLU J 10 -21.31 35.87 7.62
C GLU J 10 -22.62 36.25 6.95
N ARG J 11 -23.58 35.34 7.02
CA ARG J 11 -24.88 35.64 6.45
C ARG J 11 -25.62 36.60 7.35
N SER J 12 -26.42 37.45 6.73
CA SER J 12 -27.28 38.35 7.47
C SER J 12 -28.67 37.81 7.66
N ILE J 13 -29.02 36.73 6.97
CA ILE J 13 -30.33 36.09 7.08
C ILE J 13 -30.08 34.67 7.55
N ASP J 14 -30.73 34.29 8.65
CA ASP J 14 -30.50 32.99 9.30
C ASP J 14 -31.84 32.29 9.50
N PRO J 15 -32.15 31.30 8.66
CA PRO J 15 -33.36 30.51 8.88
C PRO J 15 -33.10 29.34 9.83
N SER J 16 -34.15 28.57 10.06
CA SER J 16 -34.10 27.41 10.90
C SER J 16 -34.79 26.27 10.18
N ASP J 17 -34.87 25.12 10.84
CA ASP J 17 -35.57 23.98 10.28
C ASP J 17 -37.06 24.25 10.27
N VAL J 18 -37.80 23.50 9.47
CA VAL J 18 -39.24 23.67 9.35
C VAL J 18 -39.91 22.47 10.02
N CYS J 19 -40.87 22.73 10.88
CA CYS J 19 -41.54 21.67 11.63
C CYS J 19 -42.95 21.49 11.12
N PHE J 20 -43.31 20.26 10.86
CA PHE J 20 -44.59 19.90 10.27
C PHE J 20 -45.54 19.42 11.35
N PHE J 21 -46.67 20.11 11.49
CA PHE J 21 -47.69 19.68 12.41
C PHE J 21 -48.97 19.38 11.65
N VAL J 22 -49.88 18.71 12.33
CA VAL J 22 -51.16 18.30 11.79
C VAL J 22 -52.23 18.74 12.76
N VAL J 23 -53.20 19.51 12.27
CA VAL J 23 -54.26 20.04 13.13
C VAL J 23 -55.50 19.22 12.87
N TRP J 24 -55.84 18.36 13.83
CA TRP J 24 -57.09 17.64 13.82
C TRP J 24 -58.22 18.61 14.14
N PRO J 25 -59.46 18.24 13.85
CA PRO J 25 -60.57 18.92 14.53
C PRO J 25 -60.55 18.56 16.01
N ASP J 26 -61.18 19.44 16.80
CA ASP J 26 -60.98 19.76 18.23
C ASP J 26 -59.73 20.59 18.45
N ASP J 27 -59.05 21.02 17.38
CA ASP J 27 -58.00 22.04 17.38
C ASP J 27 -56.81 21.65 18.28
N ARG J 28 -56.17 20.55 17.92
CA ARG J 28 -54.97 20.10 18.63
C ARG J 28 -53.93 19.63 17.63
N LYS J 29 -52.68 19.62 18.06
CA LYS J 29 -51.54 19.49 17.17
C LYS J 29 -50.75 18.24 17.48
N THR J 30 -50.26 17.59 16.43
CA THR J 30 -49.48 16.37 16.52
C THR J 30 -48.46 16.44 15.39
N PRO J 31 -47.19 16.14 15.65
CA PRO J 31 -46.20 16.22 14.58
C PRO J 31 -46.34 15.11 13.56
N LEU J 32 -46.16 15.47 12.29
CA LEU J 32 -46.37 14.58 11.17
C LEU J 32 -45.26 13.55 11.09
N THR J 33 -45.63 12.33 10.67
CA THR J 33 -44.70 11.21 10.59
C THR J 33 -44.64 10.69 9.16
N TYR J 34 -43.80 9.67 8.95
CA TYR J 34 -43.63 9.10 7.62
C TYR J 34 -43.13 7.68 7.73
N ASN J 35 -43.07 6.99 6.59
CA ASN J 35 -42.83 5.56 6.53
C ASN J 35 -41.39 5.28 6.12
N SER J 36 -41.07 3.98 6.02
CA SER J 36 -39.74 3.54 5.60
C SER J 36 -39.84 2.12 5.07
N ARG J 37 -39.40 1.91 3.83
CA ARG J 37 -39.57 0.63 3.16
C ARG J 37 -38.22 0.05 2.80
N THR J 38 -38.02 -1.23 3.10
CA THR J 38 -36.90 -2.00 2.59
C THR J 38 -37.42 -3.25 1.90
N LEU J 39 -36.56 -3.92 1.16
CA LEU J 39 -36.94 -5.17 0.51
C LEU J 39 -35.89 -6.26 0.77
N HIS J 71 -31.59 0.10 0.32
CA HIS J 71 -32.51 0.74 -0.65
C HIS J 71 -33.89 0.91 -0.03
N GLN J 72 -34.06 1.95 0.80
CA GLN J 72 -35.36 2.22 1.48
C GLN J 72 -35.91 3.57 1.02
N VAL J 73 -37.19 3.60 0.65
CA VAL J 73 -37.84 4.87 0.18
C VAL J 73 -38.89 5.29 1.21
N ASP J 74 -38.84 6.54 1.67
CA ASP J 74 -39.79 7.07 2.69
C ASP J 74 -40.96 7.78 2.00
N PHE J 75 -42.18 7.50 2.45
CA PHE J 75 -43.41 8.15 1.90
C PHE J 75 -44.09 8.95 3.02
N CYS J 76 -44.38 10.23 2.75
CA CYS J 76 -45.04 11.09 3.76
C CYS J 76 -46.34 11.66 3.18
N HIS J 77 -47.48 11.32 3.79
CA HIS J 77 -48.81 11.78 3.32
C HIS J 77 -49.66 12.17 4.54
N VAL J 78 -50.65 13.05 4.32
CA VAL J 78 -51.52 13.53 5.40
C VAL J 78 -52.38 12.38 5.90
N PRO J 79 -52.57 12.24 7.20
CA PRO J 79 -53.55 11.26 7.70
C PRO J 79 -54.97 11.65 7.32
N TYR J 80 -55.91 10.72 7.54
CA TYR J 80 -57.24 10.87 6.98
C TYR J 80 -58.05 11.95 7.68
N GLY J 81 -58.23 11.83 8.99
CA GLY J 81 -59.14 12.71 9.67
C GLY J 81 -58.67 14.13 9.91
N ALA J 82 -57.50 14.49 9.39
CA ALA J 82 -56.90 15.79 9.62
C ALA J 82 -57.71 16.90 8.97
N SER J 83 -57.53 18.11 9.48
CA SER J 83 -58.22 19.27 8.92
C SER J 83 -57.27 20.09 8.05
N HIS J 84 -56.08 20.41 8.55
CA HIS J 84 -55.07 21.13 7.80
C HIS J 84 -53.71 20.87 8.44
N ILE J 85 -52.72 21.67 8.04
CA ILE J 85 -51.32 21.47 8.37
C ILE J 85 -50.69 22.81 8.71
N GLU J 86 -49.98 22.87 9.85
CA GLU J 86 -49.15 24.01 10.21
C GLU J 86 -47.73 23.82 9.73
N CYS J 87 -46.98 24.92 9.65
CA CYS J 87 -45.53 24.89 9.45
C CYS J 87 -44.94 26.00 10.31
N SER J 88 -43.65 25.92 10.63
CA SER J 88 -43.08 26.86 11.59
C SER J 88 -41.56 26.93 11.48
N PHE J 89 -41.04 28.15 11.38
CA PHE J 89 -39.60 28.39 11.42
C PHE J 89 -39.38 29.84 11.86
N SER J 90 -38.15 30.34 11.76
CA SER J 90 -37.85 31.68 12.24
C SER J 90 -36.61 32.26 11.55
N VAL J 91 -36.73 33.49 11.07
CA VAL J 91 -35.70 34.16 10.27
C VAL J 91 -35.27 35.45 10.97
N SER J 92 -33.96 35.69 11.01
CA SER J 92 -33.35 36.89 11.56
C SER J 92 -32.60 37.65 10.47
N PHE J 93 -32.99 38.92 10.30
CA PHE J 93 -32.24 39.84 9.42
C PHE J 93 -31.17 40.49 10.31
N SER J 94 -30.12 39.74 10.62
CA SER J 94 -29.02 40.11 11.56
C SER J 94 -28.23 41.34 11.09
N SER J 95 -28.17 41.58 9.78
CA SER J 95 -27.44 42.75 9.18
C SER J 95 -25.92 42.70 9.47
N GLU J 96 -25.32 41.52 9.33
CA GLU J 96 -23.87 41.29 9.59
C GLU J 96 -23.06 41.51 8.31
N LEU J 97 -23.70 42.01 7.26
CA LEU J 97 -23.05 42.28 5.95
C LEU J 97 -22.42 43.68 5.94
N ARG J 98 -22.58 44.44 7.03
CA ARG J 98 -22.07 45.83 7.15
C ARG J 98 -20.54 45.84 7.00
N GLN J 99 -19.85 44.89 7.63
CA GLN J 99 -18.36 44.84 7.55
C GLN J 99 -17.87 43.40 7.33
N PRO J 100 -16.69 43.18 6.74
CA PRO J 100 -16.17 41.82 6.50
C PRO J 100 -15.88 41.06 7.80
N TYR J 101 -16.13 39.75 7.81
CA TYR J 101 -15.89 38.91 8.97
C TYR J 101 -14.40 38.74 9.24
N LYS J 102 -13.61 38.60 8.18
CA LYS J 102 -12.17 38.43 8.31
C LYS J 102 -11.54 38.84 7.00
N CYS J 103 -10.58 39.75 7.06
CA CYS J 103 -10.00 40.31 5.84
C CYS J 103 -8.63 40.86 6.18
N ASN J 104 -7.57 40.25 5.64
CA ASN J 104 -6.23 40.66 6.02
C ASN J 104 -5.80 41.99 5.40
N SER J 105 -6.20 42.26 4.16
CA SER J 105 -5.82 43.49 3.47
C SER J 105 -6.76 44.62 3.85
N SER J 106 -6.20 45.76 4.25
CA SER J 106 -7.04 46.86 4.72
C SER J 106 -7.62 47.70 3.60
N LYS J 107 -7.02 47.67 2.40
CA LYS J 107 -7.61 48.38 1.28
C LYS J 107 -8.86 47.67 0.77
N VAL J 108 -8.84 46.34 0.80
CA VAL J 108 -10.01 45.59 0.38
C VAL J 108 -11.13 45.73 1.41
N LYS J 109 -10.77 45.89 2.68
CA LYS J 109 -11.77 46.12 3.71
C LYS J 109 -12.39 47.51 3.63
N GLN J 110 -11.57 48.54 3.40
CA GLN J 110 -12.09 49.90 3.34
C GLN J 110 -12.95 50.16 2.10
N THR J 111 -12.80 49.36 1.05
CA THR J 111 -13.65 49.54 -0.13
C THR J 111 -15.03 48.93 0.09
N LEU J 112 -15.06 47.68 0.57
CA LEU J 112 -16.28 46.93 0.80
C LEU J 112 -17.12 47.50 1.93
N VAL J 113 -16.56 48.33 2.78
CA VAL J 113 -17.35 49.09 3.74
C VAL J 113 -18.04 50.26 3.07
N GLN J 114 -17.39 50.90 2.09
CA GLN J 114 -17.97 52.08 1.46
C GLN J 114 -19.09 51.76 0.49
N LEU J 115 -19.18 50.53 -0.01
CA LEU J 115 -20.29 50.23 -0.91
C LEU J 115 -21.60 50.11 -0.14
N VAL J 116 -21.58 49.52 1.04
CA VAL J 116 -22.80 49.39 1.82
C VAL J 116 -23.29 50.75 2.31
N GLU J 117 -22.37 51.66 2.64
CA GLU J 117 -22.79 53.00 3.03
C GLU J 117 -23.18 53.86 1.84
N LEU J 118 -22.80 53.47 0.62
CA LEU J 118 -23.22 54.23 -0.55
C LEU J 118 -24.43 53.64 -1.23
N TYR J 119 -24.58 52.31 -1.19
CA TYR J 119 -25.81 51.69 -1.67
C TYR J 119 -27.01 52.17 -0.86
N GLU J 120 -26.86 52.29 0.46
CA GLU J 120 -28.00 52.66 1.27
C GLU J 120 -28.29 54.15 1.23
N THR J 121 -27.36 54.96 0.78
CA THR J 121 -27.59 56.39 0.70
C THR J 121 -28.18 56.78 -0.66
N LYS J 122 -27.70 56.14 -1.73
CA LYS J 122 -28.09 56.50 -3.08
C LYS J 122 -29.20 55.62 -3.63
N ILE J 123 -29.29 54.35 -3.20
CA ILE J 123 -30.33 53.45 -3.69
C ILE J 123 -31.28 53.07 -2.57
N GLY J 124 -30.77 52.45 -1.52
CA GLY J 124 -31.58 52.10 -0.39
C GLY J 124 -31.95 50.63 -0.36
N TRP J 125 -32.31 50.16 0.82
CA TRP J 125 -32.60 48.75 1.02
C TRP J 125 -34.03 48.39 0.69
N THR J 126 -34.80 49.30 0.12
CA THR J 126 -36.22 49.06 -0.08
C THR J 126 -36.50 48.02 -1.15
N GLU J 127 -35.68 47.97 -2.20
CA GLU J 127 -35.91 46.99 -3.26
C GLU J 127 -35.52 45.59 -2.82
N LEU J 128 -34.40 45.45 -2.11
CA LEU J 128 -34.01 44.12 -1.65
C LEU J 128 -34.78 43.69 -0.40
N ALA J 129 -35.30 44.61 0.39
CA ALA J 129 -36.12 44.15 1.51
C ALA J 129 -37.45 43.61 1.06
N THR J 130 -37.99 44.11 -0.05
CA THR J 130 -39.30 43.65 -0.50
C THR J 130 -39.22 42.28 -1.14
N ARG J 131 -38.14 41.99 -1.86
CA ARG J 131 -38.01 40.71 -2.55
C ARG J 131 -37.73 39.56 -1.60
N TYR J 132 -36.96 39.79 -0.55
CA TYR J 132 -36.78 38.75 0.46
C TYR J 132 -38.06 38.50 1.23
N LEU J 133 -38.82 39.55 1.51
CA LEU J 133 -39.98 39.43 2.37
C LEU J 133 -41.19 38.86 1.65
N MET J 134 -41.28 39.00 0.33
CA MET J 134 -42.31 38.30 -0.42
C MET J 134 -42.12 36.80 -0.34
N ASN J 135 -40.87 36.32 -0.37
CA ASN J 135 -40.62 34.90 -0.31
C ASN J 135 -41.00 34.28 1.03
N ILE J 136 -40.99 35.08 2.11
CA ILE J 136 -41.61 34.63 3.34
C ILE J 136 -43.12 34.75 3.26
N CYS J 137 -43.62 35.90 2.83
CA CYS J 137 -45.03 36.23 2.97
C CYS J 137 -45.90 35.59 1.89
N ASN J 138 -45.34 34.85 0.94
CA ASN J 138 -46.10 33.80 0.28
C ASN J 138 -45.29 32.51 0.44
N GLY J 139 -45.84 31.39 0.02
CA GLY J 139 -45.18 30.16 0.38
C GLY J 139 -44.11 29.71 -0.58
N LYS J 140 -43.12 30.55 -0.86
CA LYS J 140 -42.02 30.11 -1.71
C LYS J 140 -41.10 29.16 -0.99
N TRP J 141 -41.05 29.24 0.34
CA TRP J 141 -40.31 28.31 1.15
C TRP J 141 -41.06 27.00 1.39
N LEU J 142 -42.33 26.94 0.99
CA LEU J 142 -43.06 25.69 0.85
C LEU J 142 -42.93 25.29 -0.61
N TRP J 143 -41.98 24.42 -0.90
CA TRP J 143 -41.49 24.22 -2.26
C TRP J 143 -42.54 23.63 -3.20
N LYS J 144 -43.01 22.43 -2.91
CA LYS J 144 -44.02 21.78 -3.74
C LYS J 144 -45.32 21.49 -3.03
N ASN J 145 -45.39 21.67 -1.71
CA ASN J 145 -46.57 21.33 -0.96
C ASN J 145 -47.67 22.36 -1.16
N THR J 146 -47.31 23.52 -1.67
CA THR J 146 -48.27 24.50 -2.18
C THR J 146 -49.18 23.91 -3.26
N ARG J 147 -48.61 23.11 -4.16
CA ARG J 147 -49.34 22.51 -5.28
C ARG J 147 -50.43 21.58 -4.77
N LYS J 148 -51.62 21.69 -5.39
CA LYS J 148 -52.85 21.04 -4.94
C LYS J 148 -53.19 21.41 -3.50
N ALA J 149 -53.50 22.70 -3.33
CA ALA J 149 -54.03 23.20 -2.06
C ALA J 149 -55.25 24.05 -2.34
N TYR J 150 -56.10 24.16 -1.33
CA TYR J 150 -57.31 24.96 -1.44
C TYR J 150 -57.04 26.42 -1.09
N CYS J 151 -56.52 26.66 0.11
CA CYS J 151 -56.02 27.98 0.44
C CYS J 151 -54.93 27.81 1.49
N TRP J 152 -53.96 28.73 1.49
CA TRP J 152 -52.95 28.73 2.54
C TRP J 152 -52.71 30.15 3.01
N ASN J 153 -52.37 30.28 4.28
CA ASN J 153 -52.29 31.56 4.96
C ASN J 153 -50.97 31.64 5.73
N ILE J 154 -50.45 32.86 5.88
CA ILE J 154 -49.20 33.09 6.61
C ILE J 154 -49.51 34.06 7.73
N VAL J 155 -48.90 33.83 8.90
CA VAL J 155 -49.00 34.73 10.04
C VAL J 155 -47.60 35.02 10.57
N LEU J 156 -47.20 36.29 10.58
CA LEU J 156 -45.88 36.74 11.01
C LEU J 156 -45.94 37.30 12.43
N THR J 157 -44.93 36.97 13.23
CA THR J 157 -44.79 37.49 14.59
C THR J 157 -43.47 38.24 14.69
N PRO J 158 -43.45 39.53 14.35
CA PRO J 158 -42.20 40.27 14.33
C PRO J 158 -41.77 40.70 15.72
N TRP J 159 -40.45 40.73 15.94
CA TRP J 159 -40.07 40.92 17.33
C TRP J 159 -39.97 42.38 17.83
N PRO J 160 -39.26 43.32 17.16
CA PRO J 160 -39.36 44.66 17.77
C PRO J 160 -40.63 45.37 17.32
N TRP J 161 -41.74 44.97 17.92
CA TRP J 161 -43.06 45.23 17.37
C TRP J 161 -44.03 45.50 18.51
N ASN J 162 -45.13 46.18 18.20
CA ASN J 162 -46.12 46.52 19.22
C ASN J 162 -47.08 45.36 19.47
N GLY J 163 -47.87 44.97 18.48
CA GLY J 163 -48.81 43.88 18.69
C GLY J 163 -49.67 43.63 17.47
N GLU J 164 -50.62 42.71 17.63
CA GLU J 164 -51.62 42.33 16.62
C GLU J 164 -50.95 41.81 15.35
N LYS J 165 -50.41 40.59 15.49
CA LYS J 165 -49.62 39.84 14.50
C LYS J 165 -50.11 39.99 13.07
N VAL J 166 -49.16 40.19 12.16
CA VAL J 166 -49.47 40.42 10.76
C VAL J 166 -49.85 39.07 10.15
N GLY J 167 -51.00 39.04 9.49
CA GLY J 167 -51.52 37.81 8.91
C GLY J 167 -51.93 38.01 7.46
N PHE J 168 -51.45 37.14 6.59
CA PHE J 168 -51.81 37.11 5.18
C PHE J 168 -52.81 35.98 4.98
N GLU J 169 -53.95 36.29 4.37
CA GLU J 169 -55.06 35.35 4.26
C GLU J 169 -55.37 35.04 2.81
N ASP J 170 -55.45 33.75 2.49
CA ASP J 170 -55.86 33.22 1.20
C ASP J 170 -54.97 33.75 0.07
N ILE J 171 -53.68 33.37 0.17
CA ILE J 171 -52.58 33.87 -0.71
C ILE J 171 -52.82 33.51 -2.18
N ARG J 172 -53.37 32.33 -2.46
CA ARG J 172 -53.53 31.92 -3.89
C ARG J 172 -54.40 32.93 -4.65
N THR J 173 -55.49 33.42 -4.06
CA THR J 173 -56.38 34.36 -4.79
C THR J 173 -56.09 35.82 -4.43
N ASN J 174 -56.05 36.15 -3.13
CA ASN J 174 -55.86 37.55 -2.67
C ASN J 174 -54.48 38.10 -3.07
N TYR J 175 -53.42 37.33 -2.85
CA TYR J 175 -52.05 37.85 -3.17
C TYR J 175 -51.43 37.07 -4.34
N THR J 176 -51.18 37.79 -5.44
CA THR J 176 -50.51 37.24 -6.65
C THR J 176 -49.42 38.24 -7.05
N SER J 177 -49.85 39.47 -7.37
CA SER J 177 -48.94 40.58 -7.74
C SER J 177 -48.33 41.18 -6.46
N ARG J 178 -47.22 41.91 -6.60
CA ARG J 178 -46.57 42.56 -5.43
C ARG J 178 -47.53 43.57 -4.80
N GLN J 179 -48.25 44.32 -5.64
CA GLN J 179 -49.17 45.38 -5.16
C GLN J 179 -50.11 44.81 -4.10
N ASP J 180 -50.62 43.59 -4.33
CA ASP J 180 -51.52 42.96 -3.37
C ASP J 180 -50.88 42.87 -1.99
N PHE J 181 -49.56 42.70 -1.91
CA PHE J 181 -48.91 42.75 -0.61
C PHE J 181 -48.88 44.17 -0.06
N LYS J 182 -48.68 45.15 -0.93
CA LYS J 182 -48.60 46.53 -0.44
C LYS J 182 -49.96 47.09 -0.07
N ASN J 183 -51.05 46.46 -0.48
CA ASN J 183 -52.36 46.86 0.00
C ASN J 183 -52.71 46.25 1.35
N ASN J 184 -51.83 45.44 1.94
CA ASN J 184 -52.03 45.02 3.31
C ASN J 184 -51.86 46.22 4.23
N LYS J 185 -52.49 46.14 5.41
CA LYS J 185 -52.62 47.33 6.25
C LYS J 185 -51.29 47.71 6.88
N ASN J 186 -50.43 46.73 7.13
CA ASN J 186 -49.07 47.02 7.58
C ASN J 186 -48.07 46.26 6.71
N TRP J 187 -47.78 46.81 5.54
CA TRP J 187 -46.64 46.38 4.76
C TRP J 187 -45.51 47.37 4.81
N SER J 188 -45.82 48.64 5.08
CA SER J 188 -44.79 49.61 5.39
C SER J 188 -44.02 49.19 6.62
N ALA J 189 -44.71 48.86 7.71
CA ALA J 189 -44.12 48.69 9.03
C ALA J 189 -43.25 47.47 9.18
N ILE J 190 -43.11 46.63 8.15
CA ILE J 190 -42.31 45.43 8.23
C ILE J 190 -41.17 45.42 7.21
N VAL J 191 -41.33 46.13 6.09
CA VAL J 191 -40.16 46.47 5.29
C VAL J 191 -39.25 47.41 6.06
N GLU J 192 -39.81 48.31 6.87
CA GLU J 192 -39.04 49.27 7.63
C GLU J 192 -38.37 48.67 8.86
N MET J 193 -38.62 47.40 9.16
CA MET J 193 -37.77 46.68 10.10
C MET J 193 -36.52 46.18 9.41
N ILE J 194 -36.69 45.60 8.23
CA ILE J 194 -35.58 44.97 7.52
C ILE J 194 -34.62 46.02 6.99
N LYS J 195 -35.12 47.22 6.72
CA LYS J 195 -34.24 48.32 6.37
C LYS J 195 -33.43 48.78 7.57
N THR J 196 -34.08 48.99 8.70
CA THR J 196 -33.40 49.41 9.92
C THR J 196 -32.50 48.30 10.47
N ALA J 197 -32.83 47.05 10.20
CA ALA J 197 -31.93 45.97 10.54
C ALA J 197 -30.69 45.94 9.67
N PHE J 198 -30.80 46.35 8.41
CA PHE J 198 -29.63 46.47 7.56
C PHE J 198 -28.93 47.80 7.74
N SER J 199 -29.64 48.86 8.14
CA SER J 199 -29.02 50.17 8.27
C SER J 199 -28.24 50.33 9.56
N SER J 200 -28.66 49.73 10.66
CA SER J 200 -28.04 49.98 11.94
C SER J 200 -26.91 49.00 12.19
N THR J 201 -25.90 49.46 12.93
CA THR J 201 -24.72 48.64 13.14
C THR J 201 -24.96 47.51 14.13
N ASP J 202 -26.07 47.54 14.87
CA ASP J 202 -26.55 46.38 15.62
C ASP J 202 -28.05 46.31 15.37
N GLY J 203 -28.45 45.65 14.28
CA GLY J 203 -29.85 45.53 13.91
C GLY J 203 -30.23 44.06 13.92
N LEU J 204 -31.46 43.79 14.35
CA LEU J 204 -31.77 42.42 14.72
C LEU J 204 -32.94 41.79 13.98
N ALA J 205 -34.17 42.30 14.12
CA ALA J 205 -35.37 41.94 13.33
C ALA J 205 -35.64 40.44 13.19
N ILE J 206 -36.01 39.80 14.30
CA ILE J 206 -36.43 38.40 14.26
C ILE J 206 -37.89 38.30 13.84
N PHE J 207 -38.20 37.35 12.94
CA PHE J 207 -39.55 37.01 12.51
C PHE J 207 -39.90 35.59 12.92
N GLU J 208 -41.19 35.34 13.09
CA GLU J 208 -41.72 34.00 13.37
C GLU J 208 -42.84 33.72 12.39
N VAL J 209 -42.61 32.77 11.49
CA VAL J 209 -43.51 32.50 10.38
C VAL J 209 -44.30 31.25 10.72
N ARG J 210 -45.60 31.27 10.42
CA ARG J 210 -46.45 30.10 10.63
C ARG J 210 -47.50 30.01 9.54
N ALA J 211 -47.53 28.87 8.85
CA ALA J 211 -48.38 28.65 7.70
C ALA J 211 -49.54 27.74 8.04
N THR J 212 -50.55 27.71 7.17
CA THR J 212 -51.76 26.92 7.39
C THR J 212 -52.23 26.41 6.02
N LEU J 213 -51.82 25.20 5.66
CA LEU J 213 -52.14 24.64 4.35
C LEU J 213 -53.40 23.79 4.42
N HIS J 214 -54.41 24.15 3.63
CA HIS J 214 -55.67 23.40 3.59
C HIS J 214 -55.63 22.44 2.40
N LEU J 215 -55.13 21.23 2.63
CA LEU J 215 -54.91 20.29 1.55
C LEU J 215 -56.21 19.58 1.18
N PRO J 216 -56.19 18.73 0.16
CA PRO J 216 -57.24 17.71 0.03
C PRO J 216 -56.94 16.54 0.96
N THR J 217 -57.82 15.55 0.90
CA THR J 217 -57.69 14.36 1.73
C THR J 217 -56.52 13.52 1.26
N ASN J 218 -55.65 13.16 2.21
CA ASN J 218 -54.52 12.25 2.00
C ASN J 218 -53.56 12.78 0.93
N ALA J 219 -52.95 13.91 1.23
CA ALA J 219 -52.20 14.67 0.25
C ALA J 219 -50.72 14.31 0.26
N MET J 220 -50.13 14.35 -0.92
CA MET J 220 -48.69 14.25 -1.09
C MET J 220 -47.99 15.44 -0.43
N VAL J 221 -47.13 15.18 0.56
CA VAL J 221 -46.28 16.22 1.11
C VAL J 221 -44.82 15.84 0.89
N ARG J 222 -44.05 16.81 0.41
CA ARG J 222 -42.65 16.59 0.02
C ARG J 222 -41.72 17.34 0.96
N PRO J 223 -40.99 16.66 1.81
CA PRO J 223 -39.93 17.31 2.58
C PRO J 223 -38.57 17.17 1.91
N SER J 224 -37.54 17.82 2.43
CA SER J 224 -36.21 17.66 1.86
C SER J 224 -35.62 16.34 2.34
N GLN J 225 -34.53 15.93 1.69
CA GLN J 225 -34.07 14.56 1.81
C GLN J 225 -32.55 14.48 1.70
N VAL J 226 -32.00 13.61 2.56
CA VAL J 226 -30.53 13.45 2.77
C VAL J 226 -29.79 13.19 1.47
N PHE J 227 -28.46 13.22 1.54
CA PHE J 227 -27.56 12.96 0.39
C PHE J 227 -26.92 11.59 0.63
N THR J 228 -27.17 10.64 -0.27
CA THR J 228 -26.62 9.26 -0.11
C THR J 228 -25.70 8.92 -1.28
N GLU J 229 -24.50 8.42 -0.99
CA GLU J 229 -23.53 8.04 -2.05
C GLU J 229 -24.12 6.90 -2.87
N LYS J 230 -24.04 6.99 -4.20
CA LYS J 230 -24.60 5.95 -5.11
C LYS J 230 -23.52 5.54 -6.12
N SER J 243 -32.78 5.09 -1.48
CA SER J 243 -33.26 5.69 -2.72
C SER J 243 -34.03 6.97 -2.45
N ARG J 244 -34.68 7.05 -1.30
CA ARG J 244 -35.27 8.31 -0.83
C ARG J 244 -35.36 8.25 0.70
N VAL J 245 -34.49 8.99 1.37
CA VAL J 245 -34.45 9.08 2.82
C VAL J 245 -34.60 10.55 3.19
N PHE J 246 -35.64 10.86 3.95
CA PHE J 246 -35.96 12.23 4.30
C PHE J 246 -35.01 12.76 5.37
N GLN J 247 -34.82 14.09 5.37
CA GLN J 247 -34.15 14.75 6.47
C GLN J 247 -35.15 14.89 7.61
N SER J 248 -34.80 14.38 8.79
CA SER J 248 -35.75 14.37 9.88
C SER J 248 -35.11 14.94 11.13
N THR J 249 -35.95 15.22 12.12
CA THR J 249 -35.52 15.53 13.48
C THR J 249 -36.31 14.70 14.47
N THR J 250 -36.32 15.14 15.73
CA THR J 250 -37.16 14.54 16.80
C THR J 250 -37.94 15.69 17.45
N ILE J 251 -39.28 15.66 17.41
CA ILE J 251 -40.04 16.80 18.01
C ILE J 251 -40.48 16.45 19.43
N ASP J 252 -41.13 15.30 19.62
CA ASP J 252 -41.57 14.86 20.97
C ASP J 252 -41.37 13.35 21.10
N GLY J 253 -40.15 12.86 20.88
CA GLY J 253 -39.86 11.41 20.98
C GLY J 253 -40.27 10.64 19.73
N GLU J 254 -40.66 11.35 18.66
CA GLU J 254 -41.10 10.71 17.40
C GLU J 254 -40.36 11.35 16.21
N ARG J 255 -40.21 10.61 15.12
CA ARG J 255 -39.52 11.15 13.96
C ARG J 255 -40.48 12.06 13.22
N SER J 256 -39.94 13.07 12.53
CA SER J 256 -40.80 13.97 11.81
C SER J 256 -39.99 14.57 10.67
N PRO J 257 -40.59 14.76 9.50
CA PRO J 257 -39.84 15.34 8.39
C PRO J 257 -39.61 16.83 8.61
N ILE J 258 -38.39 17.29 8.31
CA ILE J 258 -38.09 18.74 8.50
C ILE J 258 -37.56 19.33 7.20
N LEU J 259 -38.10 20.47 6.77
CA LEU J 259 -37.54 21.14 5.56
C LEU J 259 -36.14 21.59 5.97
N GLY J 260 -35.15 21.44 5.08
CA GLY J 260 -33.76 21.77 5.45
C GLY J 260 -33.59 23.22 5.87
N ALA J 261 -32.73 23.47 6.87
CA ALA J 261 -32.43 24.84 7.33
C ALA J 261 -31.80 25.58 6.14
N PHE J 262 -30.95 24.87 5.40
CA PHE J 262 -30.32 25.37 4.18
C PHE J 262 -31.30 25.34 3.02
N LYS J 263 -32.22 24.38 3.08
CA LYS J 263 -33.30 24.25 2.07
C LYS J 263 -34.19 25.49 2.17
N THR J 264 -34.34 26.05 3.38
CA THR J 264 -35.30 27.12 3.59
C THR J 264 -34.73 28.46 3.17
N GLY J 265 -33.44 28.69 3.42
CA GLY J 265 -32.82 29.93 2.99
C GLY J 265 -32.59 30.02 1.50
N ALA J 266 -32.61 28.89 0.80
CA ALA J 266 -32.48 28.86 -0.64
C ALA J 266 -33.73 29.30 -1.35
N ALA J 267 -34.84 29.44 -0.64
CA ALA J 267 -36.08 29.93 -1.21
C ALA J 267 -36.41 31.35 -0.80
N ILE J 268 -35.84 31.82 0.31
CA ILE J 268 -35.90 33.24 0.62
C ILE J 268 -34.99 33.99 -0.33
N ALA J 269 -33.92 33.36 -0.80
CA ALA J 269 -32.97 34.01 -1.69
C ALA J 269 -33.22 33.74 -3.17
N THR J 270 -34.45 33.41 -3.57
CA THR J 270 -34.78 33.36 -5.00
C THR J 270 -35.17 34.76 -5.44
N ILE J 271 -34.16 35.54 -5.75
CA ILE J 271 -34.33 36.96 -6.04
C ILE J 271 -33.71 37.27 -7.39
N ASP J 272 -32.72 36.47 -7.78
CA ASP J 272 -31.81 36.78 -8.87
C ASP J 272 -32.49 36.70 -10.23
N ASP J 273 -33.01 37.81 -10.73
CA ASP J 273 -33.49 37.89 -12.11
C ASP J 273 -32.87 39.09 -12.81
N TRP J 274 -31.57 39.29 -12.57
CA TRP J 274 -30.82 40.43 -13.17
C TRP J 274 -29.84 39.94 -14.25
N TYR J 275 -29.87 38.65 -14.59
CA TYR J 275 -28.97 38.08 -15.63
C TYR J 275 -29.45 38.49 -17.04
N PRO J 276 -28.60 38.39 -18.08
CA PRO J 276 -29.00 38.79 -19.43
C PRO J 276 -30.17 37.93 -19.95
N GLU J 277 -31.17 38.57 -20.56
CA GLU J 277 -32.37 37.87 -21.11
C GLU J 277 -33.02 37.02 -20.00
N ALA J 278 -33.18 37.59 -18.80
CA ALA J 278 -33.73 36.86 -17.64
C ALA J 278 -35.23 36.58 -17.80
N THR J 279 -35.62 35.35 -17.44
CA THR J 279 -37.01 34.93 -17.40
C THR J 279 -37.42 34.45 -16.02
N GLU J 280 -36.72 33.47 -15.47
CA GLU J 280 -36.97 32.87 -14.16
C GLU J 280 -36.05 33.50 -13.12
N PRO J 281 -36.52 33.83 -11.93
CA PRO J 281 -35.59 34.28 -10.89
C PRO J 281 -34.88 33.10 -10.25
N LEU J 282 -33.61 33.30 -9.93
CA LEU J 282 -32.70 32.25 -9.52
C LEU J 282 -32.29 32.41 -8.08
N ARG J 283 -31.72 31.36 -7.52
CA ARG J 283 -31.15 31.43 -6.18
C ARG J 283 -29.86 32.24 -6.24
N VAL J 284 -29.68 33.13 -5.27
CA VAL J 284 -28.55 34.06 -5.28
C VAL J 284 -27.26 33.31 -5.01
N GLY J 285 -26.32 33.42 -5.93
CA GLY J 285 -25.07 32.72 -5.76
C GLY J 285 -24.04 33.31 -6.70
N ARG J 286 -22.81 32.89 -6.49
CA ARG J 286 -21.73 33.24 -7.40
C ARG J 286 -21.91 32.44 -8.67
N PHE J 287 -21.65 33.09 -9.82
CA PHE J 287 -21.92 32.59 -11.19
C PHE J 287 -23.21 31.78 -11.30
N GLY J 288 -24.32 32.44 -10.98
CA GLY J 288 -25.59 31.86 -10.55
C GLY J 288 -26.15 30.68 -11.29
N VAL J 289 -26.18 29.54 -10.63
CA VAL J 289 -26.51 28.29 -11.30
C VAL J 289 -28.02 28.17 -11.41
N HIS J 290 -28.45 27.22 -12.21
CA HIS J 290 -29.84 26.79 -12.29
C HIS J 290 -29.77 25.27 -12.31
N ARG J 291 -30.34 24.61 -11.32
CA ARG J 291 -30.13 23.18 -11.16
C ARG J 291 -31.10 22.32 -11.96
N GLU J 292 -32.20 22.90 -12.47
CA GLU J 292 -33.09 22.19 -13.39
C GLU J 292 -32.36 21.82 -14.67
N ASP J 293 -32.05 22.84 -15.46
CA ASP J 293 -31.22 22.72 -16.64
C ASP J 293 -29.80 23.06 -16.22
N VAL J 294 -28.95 22.04 -16.14
CA VAL J 294 -27.75 22.10 -15.32
C VAL J 294 -26.74 22.99 -16.03
N THR J 295 -26.86 24.30 -15.79
CA THR J 295 -26.10 25.32 -16.47
C THR J 295 -25.95 26.53 -15.57
N CYS J 296 -24.88 27.27 -15.78
CA CYS J 296 -24.66 28.53 -15.12
C CYS J 296 -25.14 29.61 -16.05
N TYR J 297 -26.17 30.34 -15.64
CA TYR J 297 -26.21 31.69 -16.12
C TYR J 297 -25.24 32.49 -15.27
N ARG J 298 -24.92 33.70 -15.71
CA ARG J 298 -23.83 34.51 -15.17
C ARG J 298 -22.51 33.73 -15.15
N HIS J 299 -22.25 32.97 -16.21
CA HIS J 299 -20.98 32.27 -16.35
C HIS J 299 -19.87 33.31 -16.49
N PRO J 300 -18.64 33.01 -16.03
CA PRO J 300 -17.57 34.02 -16.10
C PRO J 300 -17.22 34.54 -17.47
N SER J 301 -17.60 33.84 -18.54
CA SER J 301 -17.42 34.39 -19.88
C SER J 301 -18.45 35.47 -20.18
N THR J 302 -19.52 35.57 -19.39
CA THR J 302 -20.47 36.66 -19.58
C THR J 302 -19.94 37.95 -18.96
N GLY J 303 -19.04 37.84 -17.99
CA GLY J 303 -18.52 38.99 -17.30
C GLY J 303 -19.37 39.47 -16.16
N LYS J 304 -20.48 38.79 -15.86
CA LYS J 304 -21.38 39.23 -14.82
C LYS J 304 -21.60 38.15 -13.75
N ASP J 305 -20.55 37.40 -13.43
CA ASP J 305 -20.59 36.70 -12.17
C ASP J 305 -20.16 37.64 -11.04
N PHE J 306 -20.13 37.12 -9.82
CA PHE J 306 -19.85 37.96 -8.67
C PHE J 306 -18.42 38.44 -8.62
N PHE J 307 -17.46 37.60 -8.95
CA PHE J 307 -16.06 37.97 -8.82
C PHE J 307 -15.63 39.01 -9.85
N SER J 308 -16.28 39.05 -11.00
CA SER J 308 -15.99 40.09 -11.97
C SER J 308 -16.64 41.42 -11.62
N ILE J 309 -17.65 41.41 -10.74
CA ILE J 309 -18.23 42.66 -10.28
C ILE J 309 -17.54 43.18 -9.03
N LEU J 310 -17.02 42.29 -8.18
CA LEU J 310 -16.12 42.71 -7.11
C LEU J 310 -14.86 43.38 -7.61
N GLN J 311 -14.35 43.00 -8.77
CA GLN J 311 -13.14 43.67 -9.23
C GLN J 311 -13.43 45.05 -9.81
N GLN J 312 -14.69 45.40 -10.01
CA GLN J 312 -15.11 46.76 -10.34
C GLN J 312 -15.70 47.50 -9.15
N ALA J 313 -15.28 47.14 -7.94
CA ALA J 313 -15.90 47.73 -6.74
C ALA J 313 -15.51 49.19 -6.58
N GLU J 314 -14.29 49.56 -6.97
CA GLU J 314 -13.93 50.97 -6.98
C GLU J 314 -14.68 51.73 -8.06
N HIS J 315 -14.98 51.06 -9.19
CA HIS J 315 -15.71 51.69 -10.29
C HIS J 315 -17.12 52.11 -9.90
N TYR J 316 -17.78 51.35 -9.03
CA TYR J 316 -19.13 51.68 -8.63
C TYR J 316 -19.18 52.76 -7.57
N ILE J 317 -18.04 53.14 -7.00
CA ILE J 317 -18.07 54.19 -5.99
C ILE J 317 -18.16 55.55 -6.65
N GLU J 318 -17.56 55.72 -7.82
CA GLU J 318 -17.69 57.01 -8.50
C GLU J 318 -19.06 57.20 -9.14
N VAL J 319 -19.72 56.12 -9.55
CA VAL J 319 -21.04 56.24 -10.15
C VAL J 319 -22.06 56.61 -9.10
N LEU J 320 -21.99 55.98 -7.92
CA LEU J 320 -22.93 56.24 -6.84
C LEU J 320 -22.71 57.60 -6.21
N SER J 321 -21.50 58.16 -6.32
CA SER J 321 -21.20 59.43 -5.67
C SER J 321 -21.29 60.62 -6.63
N ALA J 322 -22.10 60.52 -7.68
CA ALA J 322 -22.45 61.66 -8.51
C ALA J 322 -23.83 62.16 -8.09
N ASN J 323 -24.41 63.03 -8.92
CA ASN J 323 -25.79 63.45 -8.69
C ASN J 323 -26.75 62.92 -9.74
N LYS J 324 -26.26 62.50 -10.89
CA LYS J 324 -27.14 61.90 -11.89
C LYS J 324 -27.47 60.47 -11.46
N THR J 325 -28.74 60.14 -11.47
CA THR J 325 -29.20 58.82 -11.04
C THR J 325 -28.74 57.78 -12.03
N PRO J 326 -28.09 56.71 -11.59
CA PRO J 326 -27.48 55.78 -12.54
C PRO J 326 -28.52 54.94 -13.26
N ALA J 327 -28.05 54.23 -14.29
CA ALA J 327 -28.95 53.50 -15.17
C ALA J 327 -29.47 52.24 -14.50
N GLN J 328 -30.49 51.63 -15.11
CA GLN J 328 -31.02 50.38 -14.59
C GLN J 328 -30.04 49.23 -14.75
N GLU J 329 -29.17 49.28 -15.76
CA GLU J 329 -28.19 48.22 -15.96
C GLU J 329 -27.16 48.19 -14.86
N THR J 330 -26.84 49.34 -14.29
CA THR J 330 -25.74 49.45 -13.34
C THR J 330 -26.17 49.50 -11.89
N ILE J 331 -27.47 49.49 -11.60
CA ILE J 331 -27.92 49.23 -10.24
C ILE J 331 -28.40 47.80 -10.08
N ASN J 332 -28.81 47.12 -11.15
CA ASN J 332 -29.04 45.69 -11.09
C ASN J 332 -27.76 44.94 -10.82
N ASP J 333 -26.63 45.51 -11.24
CA ASP J 333 -25.33 45.00 -10.83
C ASP J 333 -25.06 45.27 -9.37
N MET J 334 -25.69 46.28 -8.78
CA MET J 334 -25.50 46.56 -7.37
C MET J 334 -26.47 45.81 -6.48
N HIS J 335 -27.69 45.55 -6.97
CA HIS J 335 -28.60 44.69 -6.21
C HIS J 335 -28.05 43.29 -6.09
N PHE J 336 -27.44 42.78 -7.15
CA PHE J 336 -26.78 41.50 -7.12
C PHE J 336 -25.50 41.52 -6.31
N LEU J 337 -24.87 42.68 -6.21
CA LEU J 337 -23.61 42.74 -5.46
C LEU J 337 -23.88 42.73 -3.96
N MET J 338 -25.00 43.32 -3.54
CA MET J 338 -25.37 43.29 -2.13
C MET J 338 -25.97 41.96 -1.73
N ALA J 339 -26.65 41.27 -2.65
CA ALA J 339 -27.27 40.01 -2.30
C ALA J 339 -26.26 38.90 -2.11
N ASN J 340 -25.01 39.11 -2.52
CA ASN J 340 -23.93 38.17 -2.27
C ASN J 340 -23.14 38.49 -1.01
N LEU J 341 -23.28 39.69 -0.46
CA LEU J 341 -22.72 39.94 0.85
C LEU J 341 -23.70 39.54 1.93
N ILE J 342 -25.00 39.61 1.63
CA ILE J 342 -26.01 39.07 2.52
C ILE J 342 -25.95 37.54 2.52
N LYS J 343 -25.49 36.96 1.43
CA LYS J 343 -25.42 35.51 1.36
C LYS J 343 -24.25 34.98 2.16
N GLY J 344 -23.21 35.79 2.32
CA GLY J 344 -22.01 35.34 2.99
C GLY J 344 -21.10 34.60 2.04
N GLY J 345 -20.20 33.83 2.61
CA GLY J 345 -19.32 32.99 1.83
C GLY J 345 -17.87 33.31 2.10
N MET J 346 -17.01 32.71 1.30
CA MET J 346 -15.59 32.98 1.32
C MET J 346 -15.12 33.41 -0.06
N PHE J 347 -14.39 34.51 -0.12
CA PHE J 347 -14.12 35.17 -1.39
C PHE J 347 -12.62 35.18 -1.72
N GLN J 348 -11.86 34.15 -1.36
CA GLN J 348 -10.40 34.24 -1.47
C GLN J 348 -9.94 34.06 -2.90
N HIS J 349 -8.61 34.11 -3.07
CA HIS J 349 -7.91 33.62 -4.26
C HIS J 349 -6.43 33.47 -3.94
N LYS J 350 -5.77 32.60 -4.70
CA LYS J 350 -4.35 32.23 -4.56
C LYS J 350 -3.99 31.72 -3.17
N LYS K 6 -47.97 -24.10 -24.36
CA LYS K 6 -46.52 -24.22 -24.49
C LYS K 6 -45.78 -23.19 -23.65
N THR K 7 -44.45 -23.20 -23.79
CA THR K 7 -43.56 -22.26 -23.14
C THR K 7 -43.16 -21.20 -24.14
N ILE K 8 -43.56 -19.95 -23.87
CA ILE K 8 -43.43 -18.85 -24.82
C ILE K 8 -42.10 -18.15 -24.56
N THR K 9 -41.36 -17.87 -25.63
CA THR K 9 -40.06 -17.22 -25.55
C THR K 9 -40.14 -15.80 -26.10
N PHE K 10 -39.74 -14.82 -25.30
CA PHE K 10 -39.75 -13.41 -25.69
C PHE K 10 -38.38 -13.04 -26.22
N LEU K 11 -38.25 -12.90 -27.53
CA LEU K 11 -36.94 -12.74 -28.17
C LEU K 11 -36.85 -11.41 -28.91
N PRO K 12 -36.64 -10.29 -28.18
CA PRO K 12 -36.17 -9.15 -28.96
C PRO K 12 -34.66 -9.00 -28.84
N CYS K 15 -35.93 -5.64 -23.96
CA CYS K 15 -37.30 -6.21 -24.03
C CYS K 15 -37.97 -6.09 -22.65
N ASN K 16 -39.12 -5.42 -22.59
CA ASN K 16 -39.86 -5.25 -21.32
C ASN K 16 -40.74 -6.48 -21.07
N ASN K 17 -40.13 -7.59 -20.66
CA ASN K 17 -40.86 -8.87 -20.41
C ASN K 17 -41.89 -8.66 -19.30
N GLU K 18 -41.51 -7.94 -18.24
CA GLU K 18 -42.44 -7.67 -17.09
C GLU K 18 -43.74 -7.08 -17.63
N SER K 19 -43.64 -6.04 -18.46
CA SER K 19 -44.83 -5.41 -19.02
C SER K 19 -45.37 -6.14 -20.24
N LEU K 20 -44.58 -7.04 -20.83
CA LEU K 20 -44.98 -7.82 -21.97
C LEU K 20 -45.65 -9.13 -21.57
N ALA K 21 -45.15 -9.75 -20.49
CA ALA K 21 -45.83 -10.91 -19.92
C ALA K 21 -47.18 -10.54 -19.33
N ALA K 22 -47.35 -9.29 -18.91
CA ALA K 22 -48.58 -8.86 -18.26
C ALA K 22 -49.74 -8.68 -19.24
N LYS K 23 -49.47 -8.45 -20.53
CA LYS K 23 -50.59 -8.36 -21.47
C LYS K 23 -51.18 -9.72 -21.78
N CYS K 24 -50.38 -10.78 -21.70
CA CYS K 24 -50.85 -12.12 -22.01
C CYS K 24 -51.90 -12.58 -21.01
N LEU K 25 -51.79 -12.15 -19.75
CA LEU K 25 -52.79 -12.50 -18.76
C LEU K 25 -54.09 -11.75 -19.01
N ARG K 26 -54.05 -10.60 -19.69
CA ARG K 26 -55.27 -9.86 -20.00
C ARG K 26 -56.11 -10.61 -21.02
N VAL K 27 -55.46 -11.36 -21.91
CA VAL K 27 -56.19 -12.29 -22.77
C VAL K 27 -56.77 -13.42 -21.94
N LEU K 28 -55.96 -14.00 -21.06
CA LEU K 28 -56.40 -15.00 -20.11
C LEU K 28 -57.42 -14.44 -19.12
N HIS K 29 -57.39 -13.12 -18.89
CA HIS K 29 -58.45 -12.49 -18.10
C HIS K 29 -59.76 -12.47 -18.88
N GLY K 30 -59.70 -12.20 -20.18
CA GLY K 30 -60.90 -12.12 -20.98
C GLY K 30 -61.41 -13.45 -21.49
N PHE K 31 -60.52 -14.42 -21.67
CA PHE K 31 -60.92 -15.73 -22.17
C PHE K 31 -61.61 -16.57 -21.11
N ASN K 32 -61.43 -16.23 -19.83
CA ASN K 32 -62.17 -16.85 -18.75
C ASN K 32 -63.47 -16.12 -18.45
N TYR K 33 -63.99 -15.34 -19.42
CA TYR K 33 -65.36 -14.85 -19.39
C TYR K 33 -66.18 -15.28 -20.60
N GLN K 34 -65.54 -15.61 -21.73
CA GLN K 34 -66.29 -16.18 -22.84
C GLN K 34 -66.68 -17.61 -22.53
N TYR K 35 -65.80 -18.37 -21.87
CA TYR K 35 -66.05 -19.77 -21.55
C TYR K 35 -66.10 -20.04 -20.05
N GLU K 36 -65.57 -19.12 -19.23
CA GLU K 36 -65.71 -19.09 -17.77
C GLU K 36 -65.12 -20.34 -17.10
N THR K 37 -63.88 -20.63 -17.45
CA THR K 37 -63.16 -21.74 -16.82
C THR K 37 -62.08 -21.20 -15.90
N ARG K 38 -61.58 -22.09 -15.04
CA ARG K 38 -60.40 -21.82 -14.23
C ARG K 38 -59.53 -23.07 -14.13
N ASN K 39 -59.49 -23.86 -15.21
CA ASN K 39 -58.85 -25.17 -15.18
C ASN K 39 -57.38 -25.11 -15.61
N ILE K 40 -56.79 -23.92 -15.62
CA ILE K 40 -55.42 -23.75 -16.13
C ILE K 40 -54.50 -23.39 -14.97
N GLY K 41 -53.19 -23.58 -15.17
CA GLY K 41 -52.19 -23.16 -14.20
C GLY K 41 -51.17 -22.20 -14.77
N VAL K 42 -50.53 -21.42 -13.89
CA VAL K 42 -49.61 -20.36 -14.28
C VAL K 42 -48.24 -20.68 -13.70
N SER K 43 -47.20 -20.62 -14.53
CA SER K 43 -45.88 -21.03 -14.11
C SER K 43 -44.80 -20.14 -14.73
N PHE K 44 -44.02 -19.48 -13.87
CA PHE K 44 -42.89 -18.65 -14.27
C PHE K 44 -41.63 -19.44 -13.95
N PRO K 45 -41.01 -20.13 -14.92
CA PRO K 45 -39.85 -20.96 -14.58
C PRO K 45 -38.61 -20.16 -14.23
N LEU K 46 -38.29 -19.12 -15.00
CA LEU K 46 -37.05 -18.35 -14.79
C LEU K 46 -37.27 -17.13 -13.90
N TRP K 47 -37.94 -17.33 -12.76
CA TRP K 47 -38.28 -16.26 -11.83
C TRP K 47 -36.99 -15.81 -11.15
N CYS K 48 -36.27 -14.93 -11.84
CA CYS K 48 -35.07 -14.36 -11.27
C CYS K 48 -35.45 -13.37 -10.18
N ASP K 49 -34.48 -13.06 -9.31
CA ASP K 49 -34.72 -12.08 -8.27
C ASP K 49 -34.63 -10.64 -8.78
N ALA K 50 -34.51 -10.45 -10.10
CA ALA K 50 -34.67 -9.14 -10.72
C ALA K 50 -35.90 -9.10 -11.64
N THR K 51 -35.96 -10.00 -12.62
CA THR K 51 -36.98 -9.97 -13.66
C THR K 51 -37.92 -11.17 -13.55
N VAL K 52 -38.82 -11.26 -14.51
CA VAL K 52 -39.65 -12.47 -14.68
C VAL K 52 -38.93 -13.49 -15.55
N GLY K 53 -38.24 -13.04 -16.57
CA GLY K 53 -37.66 -13.95 -17.54
C GLY K 53 -38.50 -14.06 -18.78
N LYS K 54 -37.87 -14.41 -19.89
CA LYS K 54 -38.55 -14.45 -21.18
C LYS K 54 -39.35 -15.73 -21.38
N LYS K 55 -39.63 -16.49 -20.33
CA LYS K 55 -40.43 -17.70 -20.41
C LYS K 55 -41.70 -17.53 -19.59
N ILE K 56 -42.80 -17.22 -20.26
CA ILE K 56 -44.13 -17.42 -19.69
C ILE K 56 -44.67 -18.74 -20.23
N SER K 57 -45.33 -19.50 -19.37
CA SER K 57 -45.86 -20.79 -19.75
C SER K 57 -47.24 -20.98 -19.13
N PHE K 58 -48.12 -21.61 -19.90
CA PHE K 58 -49.43 -22.01 -19.45
C PHE K 58 -49.43 -23.52 -19.29
N VAL K 59 -49.79 -23.99 -18.10
CA VAL K 59 -49.82 -25.42 -17.81
C VAL K 59 -51.24 -25.82 -17.45
N SER K 60 -51.57 -27.07 -17.73
CA SER K 60 -52.92 -27.59 -17.52
C SER K 60 -52.92 -29.12 -17.43
N LEU K 69 -55.10 -21.01 -26.65
CA LEU K 69 -54.04 -20.07 -26.36
C LEU K 69 -53.21 -19.76 -27.60
N LEU K 70 -52.67 -20.81 -28.19
CA LEU K 70 -51.73 -20.69 -29.29
C LEU K 70 -52.41 -20.31 -30.60
N LYS K 71 -53.74 -20.42 -30.66
CA LYS K 71 -54.51 -20.10 -31.85
C LYS K 71 -55.45 -18.92 -31.63
N GLN K 72 -55.29 -18.19 -30.53
CA GLN K 72 -56.20 -17.12 -30.18
C GLN K 72 -55.72 -15.80 -30.79
N HIS K 73 -56.63 -14.82 -30.79
CA HIS K 73 -56.54 -13.63 -31.64
C HIS K 73 -55.33 -12.75 -31.33
N TYR K 74 -54.93 -12.67 -30.07
CA TYR K 74 -53.78 -11.84 -29.69
C TYR K 74 -52.47 -12.47 -30.10
N PHE K 75 -52.36 -13.79 -29.97
CA PHE K 75 -51.09 -14.46 -30.16
C PHE K 75 -50.77 -14.80 -31.61
N VAL K 76 -51.75 -14.69 -32.51
CA VAL K 76 -51.47 -14.94 -33.93
C VAL K 76 -50.64 -13.82 -34.53
N GLN K 77 -51.07 -12.57 -34.33
CA GLN K 77 -50.31 -11.43 -34.85
C GLN K 77 -48.99 -11.25 -34.12
N MET K 78 -48.92 -11.66 -32.85
CA MET K 78 -47.65 -11.70 -32.14
C MET K 78 -46.70 -12.71 -32.77
N GLU K 79 -47.22 -13.84 -33.24
CA GLU K 79 -46.39 -14.91 -33.80
C GLU K 79 -45.96 -14.62 -35.23
N GLN K 80 -46.74 -13.85 -36.00
CA GLN K 80 -46.43 -13.57 -37.40
C GLN K 80 -45.12 -12.83 -37.59
N LEU K 81 -44.78 -11.92 -36.67
CA LEU K 81 -43.50 -11.25 -36.72
C LEU K 81 -42.41 -12.20 -36.23
N GLN K 82 -41.15 -11.80 -36.43
CA GLN K 82 -40.00 -12.67 -36.25
C GLN K 82 -39.69 -12.98 -34.79
N TYR K 83 -40.53 -12.59 -33.84
CA TYR K 83 -40.28 -12.80 -32.42
C TYR K 83 -41.45 -13.52 -31.76
N PHE K 84 -41.44 -14.86 -31.83
CA PHE K 84 -42.12 -15.82 -30.95
C PHE K 84 -41.77 -17.25 -31.32
N HIS K 85 -41.94 -18.13 -30.33
CA HIS K 85 -41.91 -19.57 -30.51
C HIS K 85 -43.22 -20.25 -30.11
N ILE K 86 -44.11 -19.55 -29.38
CA ILE K 86 -45.31 -20.02 -28.68
C ILE K 86 -45.18 -21.44 -28.13
N TYR K 98 -44.16 -27.77 -5.11
CA TYR K 98 -43.25 -27.19 -6.09
C TYR K 98 -43.10 -25.69 -5.86
N VAL K 99 -44.05 -24.93 -6.41
CA VAL K 99 -44.00 -23.47 -6.40
C VAL K 99 -45.44 -22.99 -6.26
N SER K 100 -45.61 -21.74 -5.82
CA SER K 100 -46.94 -21.18 -5.59
C SER K 100 -46.97 -19.74 -6.06
N PHE K 101 -47.51 -19.50 -7.24
CA PHE K 101 -47.65 -18.15 -7.77
C PHE K 101 -49.05 -17.67 -7.42
N ARG K 102 -49.17 -17.02 -6.27
CA ARG K 102 -50.45 -16.55 -5.77
C ARG K 102 -50.48 -15.02 -5.74
N ARG K 103 -51.66 -14.48 -6.05
CA ARG K 103 -51.97 -13.08 -5.83
C ARG K 103 -51.86 -12.72 -4.36
N CYS K 104 -51.24 -11.59 -4.07
CA CYS K 104 -51.04 -11.14 -2.69
C CYS K 104 -51.47 -9.68 -2.61
N GLN K 105 -52.75 -9.46 -2.36
CA GLN K 105 -53.29 -8.11 -2.23
C GLN K 105 -53.17 -7.56 -0.80
N SER K 106 -52.43 -8.24 0.08
CA SER K 106 -52.08 -7.63 1.35
C SER K 106 -50.98 -6.61 1.18
N ILE K 107 -50.23 -6.70 0.07
CA ILE K 107 -49.23 -5.70 -0.28
C ILE K 107 -49.92 -4.41 -0.71
N ASP K 108 -51.11 -4.52 -1.31
CA ASP K 108 -51.81 -3.37 -1.87
C ASP K 108 -52.28 -2.41 -0.78
N LYS K 109 -52.44 -2.92 0.43
CA LYS K 109 -52.82 -2.07 1.55
C LYS K 109 -51.61 -1.52 2.28
N LEU K 110 -50.41 -2.01 1.97
CA LEU K 110 -49.20 -1.43 2.54
C LEU K 110 -48.89 -0.08 1.91
N THR K 111 -49.24 0.09 0.63
CA THR K 111 -49.08 1.39 -0.01
C THR K 111 -50.10 2.37 0.56
N ALA K 112 -49.66 3.57 0.85
CA ALA K 112 -50.37 4.46 1.75
C ALA K 112 -51.49 5.24 1.09
N ALA K 113 -51.87 4.90 -0.14
CA ALA K 113 -53.15 5.38 -0.63
C ALA K 113 -54.28 4.46 -0.20
N GLY K 114 -53.94 3.27 0.29
CA GLY K 114 -54.94 2.31 0.71
C GLY K 114 -55.14 2.25 2.21
N LEU K 115 -54.19 2.84 2.95
CA LEU K 115 -54.33 2.90 4.39
C LEU K 115 -55.44 3.85 4.82
N ALA K 116 -55.85 4.77 3.94
CA ALA K 116 -56.93 5.69 4.24
C ALA K 116 -58.26 5.23 3.65
N ARG K 117 -58.22 4.45 2.57
CA ARG K 117 -59.40 3.67 2.19
C ARG K 117 -59.81 2.74 3.31
N LYS K 118 -58.83 2.09 3.94
CA LYS K 118 -59.08 1.12 4.99
C LYS K 118 -59.66 1.75 6.25
N ILE K 119 -59.43 3.05 6.46
CA ILE K 119 -60.06 3.73 7.58
C ILE K 119 -61.54 3.98 7.30
N ARG K 120 -61.86 4.40 6.07
CA ARG K 120 -63.27 4.63 5.72
C ARG K 120 -64.07 3.34 5.65
N ARG K 121 -63.39 2.21 5.44
CA ARG K 121 -64.06 0.92 5.59
C ARG K 121 -64.43 0.69 7.05
N LEU K 122 -63.45 0.79 7.94
CA LEU K 122 -63.64 0.45 9.34
C LEU K 122 -64.33 1.54 10.13
N GLU K 123 -64.64 2.68 9.52
CA GLU K 123 -65.39 3.72 10.22
C GLU K 123 -66.83 3.29 10.44
N LYS K 124 -67.36 2.44 9.56
CA LYS K 124 -68.74 1.98 9.65
C LYS K 124 -68.91 0.88 10.69
N PHE K 133 -65.82 6.77 17.77
CA PHE K 133 -64.81 6.48 16.75
C PHE K 133 -63.76 7.59 16.71
N ASP K 134 -62.49 7.22 16.70
CA ASP K 134 -61.41 8.20 16.64
C ASP K 134 -60.42 7.80 15.57
N PRO K 135 -60.35 8.53 14.44
CA PRO K 135 -59.32 8.23 13.46
C PRO K 135 -57.93 8.65 13.90
N SER K 136 -57.84 9.61 14.83
CA SER K 136 -56.54 10.14 15.22
C SER K 136 -55.75 9.17 16.08
N SER K 137 -56.41 8.21 16.73
CA SER K 137 -55.68 7.21 17.48
C SER K 137 -55.13 6.11 16.58
N PHE K 138 -55.58 6.04 15.33
CA PHE K 138 -54.90 5.22 14.34
C PHE K 138 -53.67 5.93 13.83
N ALA K 139 -52.65 5.16 13.47
CA ALA K 139 -51.38 5.74 13.06
C ALA K 139 -50.77 4.88 11.95
N GLN K 140 -49.54 5.23 11.60
CA GLN K 140 -48.78 4.57 10.54
C GLN K 140 -47.93 3.45 11.13
N LYS K 141 -47.02 2.93 10.34
CA LYS K 141 -46.14 1.85 10.78
C LYS K 141 -44.69 2.28 10.89
N GLU K 142 -44.24 3.12 9.95
CA GLU K 142 -43.00 3.91 9.96
C GLU K 142 -41.74 3.09 9.75
N HIS K 143 -41.84 1.76 9.76
CA HIS K 143 -40.72 0.87 9.47
C HIS K 143 -41.33 -0.42 8.95
N THR K 144 -41.38 -0.57 7.63
CA THR K 144 -41.89 -1.79 7.03
C THR K 144 -40.83 -2.39 6.13
N ALA K 145 -40.92 -3.71 5.95
CA ALA K 145 -39.92 -4.48 5.22
C ALA K 145 -40.63 -5.56 4.44
N ILE K 146 -40.74 -5.38 3.14
CA ILE K 146 -41.56 -6.23 2.29
C ILE K 146 -40.65 -7.22 1.58
N ALA K 147 -40.81 -8.50 1.90
CA ALA K 147 -39.85 -9.53 1.55
C ALA K 147 -40.16 -10.08 0.16
N HIS K 148 -39.63 -9.39 -0.85
CA HIS K 148 -39.58 -9.82 -2.25
C HIS K 148 -40.97 -10.09 -2.83
N TYR K 149 -41.73 -9.00 -2.93
CA TYR K 149 -42.90 -9.05 -3.77
C TYR K 149 -42.50 -8.83 -5.22
N HIS K 150 -43.50 -8.84 -6.11
CA HIS K 150 -43.24 -8.58 -7.52
C HIS K 150 -44.55 -8.14 -8.16
N SER K 151 -44.47 -7.16 -9.06
CA SER K 151 -45.63 -6.45 -9.57
C SER K 151 -45.73 -6.55 -11.09
N LEU K 152 -46.97 -6.57 -11.58
CA LEU K 152 -47.29 -6.56 -13.01
C LEU K 152 -48.53 -5.70 -13.21
N GLY K 153 -48.36 -4.55 -13.87
CA GLY K 153 -49.40 -3.54 -13.90
C GLY K 153 -50.52 -3.76 -14.91
N GLU K 154 -51.77 -3.69 -14.46
CA GLU K 154 -52.92 -3.83 -15.35
C GLU K 154 -54.06 -2.87 -15.03
N SER K 155 -55.24 -3.16 -15.58
CA SER K 155 -56.36 -2.23 -15.58
C SER K 155 -57.66 -3.02 -15.56
N SER K 156 -58.78 -2.30 -15.54
CA SER K 156 -60.11 -2.88 -15.65
C SER K 156 -60.67 -2.62 -17.04
N LYS K 157 -61.84 -3.21 -17.32
CA LYS K 157 -62.51 -3.02 -18.60
C LYS K 157 -64.00 -2.71 -18.46
N GLN K 158 -64.59 -2.90 -17.29
CA GLN K 158 -65.86 -2.23 -16.98
C GLN K 158 -65.63 -0.75 -16.79
N THR K 159 -64.58 -0.40 -16.05
CA THR K 159 -64.24 0.96 -15.66
C THR K 159 -62.96 1.38 -16.35
N ASN K 160 -62.42 2.52 -15.92
CA ASN K 160 -61.20 3.07 -16.49
C ASN K 160 -60.11 3.09 -15.44
N ARG K 161 -60.00 2.01 -14.68
CA ARG K 161 -59.32 1.99 -13.40
C ARG K 161 -58.19 0.97 -13.38
N ASN K 162 -57.05 1.37 -12.86
CA ASN K 162 -55.81 0.60 -12.94
C ASN K 162 -55.51 -0.06 -11.60
N PHE K 163 -54.71 -1.12 -11.63
CA PHE K 163 -54.28 -1.81 -10.41
C PHE K 163 -53.04 -2.64 -10.72
N ARG K 164 -52.60 -3.42 -9.73
CA ARG K 164 -51.38 -4.20 -9.78
C ARG K 164 -51.64 -5.65 -9.44
N LEU K 165 -51.05 -6.55 -10.23
CA LEU K 165 -51.11 -7.99 -9.98
C LEU K 165 -49.85 -8.36 -9.23
N ASN K 166 -49.92 -8.34 -7.90
CA ASN K 166 -48.78 -8.67 -7.06
C ASN K 166 -48.64 -10.18 -6.98
N ILE K 167 -47.49 -10.70 -7.40
CA ILE K 167 -47.25 -12.13 -7.56
C ILE K 167 -45.95 -12.49 -6.87
N ARG K 168 -46.00 -13.43 -5.92
CA ARG K 168 -44.80 -13.94 -5.28
C ARG K 168 -44.68 -15.44 -5.52
N MET K 169 -43.63 -16.03 -4.97
CA MET K 169 -43.64 -17.44 -4.63
C MET K 169 -44.22 -17.57 -3.23
N MET L 1 -60.65 27.76 -15.60
CA MET L 1 -60.71 28.97 -16.42
C MET L 1 -61.37 28.62 -17.75
N PHE L 2 -62.19 29.52 -18.26
CA PHE L 2 -63.04 29.29 -19.42
C PHE L 2 -63.41 30.63 -20.02
N LEU L 3 -63.02 30.84 -21.28
CA LEU L 3 -63.10 32.17 -21.86
C LEU L 3 -63.88 32.18 -23.17
N GLN L 4 -63.82 33.32 -23.86
CA GLN L 4 -64.58 33.58 -25.07
C GLN L 4 -63.64 34.11 -26.15
N ARG L 5 -63.77 33.60 -27.37
CA ARG L 5 -62.99 34.18 -28.46
C ARG L 5 -63.68 35.46 -28.93
N PRO L 6 -62.93 36.56 -29.10
CA PRO L 6 -63.48 37.75 -29.77
C PRO L 6 -63.61 37.57 -31.28
N LYS L 7 -63.87 38.65 -32.00
CA LYS L 7 -63.88 38.59 -33.46
C LYS L 7 -62.45 38.35 -33.96
N PRO L 8 -62.17 37.24 -34.63
CA PRO L 8 -60.78 36.94 -35.00
C PRO L 8 -60.40 37.61 -36.30
N TYR L 9 -59.17 38.11 -36.35
CA TYR L 9 -58.72 38.87 -37.51
C TYR L 9 -57.44 38.29 -38.07
N SER L 10 -57.22 38.53 -39.36
CA SER L 10 -56.06 38.01 -40.07
C SER L 10 -54.89 38.96 -40.08
N ASP L 11 -54.97 40.08 -39.35
CA ASP L 11 -53.81 40.95 -39.20
C ASP L 11 -53.62 41.46 -37.77
N GLU L 12 -54.26 40.84 -36.78
CA GLU L 12 -54.10 41.28 -35.41
C GLU L 12 -52.74 40.86 -34.87
N SER L 13 -52.07 41.78 -34.18
CA SER L 13 -50.81 41.44 -33.53
C SER L 13 -51.08 40.55 -32.32
N LEU L 14 -50.02 39.91 -31.82
CA LEU L 14 -50.18 39.02 -30.67
C LEU L 14 -50.42 39.81 -29.40
N GLU L 15 -49.78 40.97 -29.28
CA GLU L 15 -49.99 41.81 -28.10
C GLU L 15 -51.40 42.37 -28.05
N SER L 16 -52.03 42.56 -29.20
CA SER L 16 -53.43 42.98 -29.24
C SER L 16 -54.38 41.85 -28.93
N PHE L 17 -53.93 40.60 -29.01
CA PHE L 17 -54.82 39.49 -28.74
C PHE L 17 -54.99 39.27 -27.24
N PHE L 18 -53.94 39.53 -26.46
CA PHE L 18 -54.04 39.45 -25.01
C PHE L 18 -54.56 40.73 -24.37
N ILE L 19 -55.06 41.68 -25.16
CA ILE L 19 -55.79 42.80 -24.60
C ILE L 19 -57.27 42.68 -24.94
N ARG L 20 -57.57 42.12 -26.12
CA ARG L 20 -58.97 41.90 -26.49
C ARG L 20 -59.58 40.72 -25.77
N VAL L 21 -58.76 39.86 -25.19
CA VAL L 21 -59.27 38.85 -24.26
C VAL L 21 -59.37 39.44 -22.86
N ALA L 22 -58.35 40.19 -22.43
CA ALA L 22 -58.26 40.61 -21.04
C ALA L 22 -59.24 41.73 -20.72
N ASN L 23 -59.64 42.50 -21.72
CA ASN L 23 -60.70 43.48 -21.49
C ASN L 23 -62.06 42.81 -21.40
N LYS L 24 -62.36 41.94 -22.37
CA LYS L 24 -63.68 41.34 -22.53
C LYS L 24 -64.07 40.47 -21.35
N ASN L 25 -63.13 39.70 -20.81
CA ASN L 25 -63.44 38.66 -19.84
C ASN L 25 -63.14 39.07 -18.41
N GLY L 26 -63.34 40.33 -18.06
CA GLY L 26 -63.38 40.72 -16.67
C GLY L 26 -62.06 40.77 -15.95
N TYR L 27 -60.97 41.07 -16.64
CA TYR L 27 -59.73 41.37 -15.93
C TYR L 27 -59.47 42.87 -15.96
N GLY L 28 -58.66 43.33 -15.00
CA GLY L 28 -58.43 44.75 -14.82
C GLY L 28 -57.57 45.39 -15.86
N ASP L 29 -56.49 44.72 -16.25
CA ASP L 29 -55.62 45.18 -17.32
C ASP L 29 -55.01 43.96 -18.00
N VAL L 30 -53.92 44.17 -18.74
CA VAL L 30 -53.23 43.06 -19.35
C VAL L 30 -52.33 42.32 -18.34
N HIS L 31 -51.85 43.06 -17.33
CA HIS L 31 -50.97 42.47 -16.29
C HIS L 31 -51.71 41.39 -15.49
N ARG L 32 -52.98 41.65 -15.14
CA ARG L 32 -53.80 40.71 -14.34
C ARG L 32 -54.02 39.39 -15.11
N PHE L 33 -54.30 39.46 -16.40
CA PHE L 33 -54.55 38.24 -17.22
C PHE L 33 -53.28 37.39 -17.30
N LEU L 34 -52.12 38.02 -17.53
CA LEU L 34 -50.85 37.27 -17.65
C LEU L 34 -50.54 36.56 -16.34
N GLU L 35 -50.75 37.24 -15.20
CA GLU L 35 -50.48 36.64 -13.88
C GLU L 35 -51.39 35.42 -13.69
N ALA L 36 -52.66 35.56 -14.05
CA ALA L 36 -53.65 34.47 -13.93
C ALA L 36 -53.26 33.32 -14.86
N THR L 37 -52.83 33.65 -16.08
CA THR L 37 -52.44 32.63 -17.11
C THR L 37 -51.26 31.79 -16.63
N LYS L 38 -50.26 32.42 -16.01
CA LYS L 38 -49.05 31.67 -15.56
C LYS L 38 -49.47 30.63 -14.51
N ARG L 39 -50.35 31.02 -13.58
CA ARG L 39 -50.79 30.08 -12.51
C ARG L 39 -51.53 28.90 -13.15
N PHE L 40 -52.36 29.15 -14.16
CA PHE L 40 -53.13 28.09 -14.81
C PHE L 40 -52.21 26.98 -15.32
N LEU L 41 -51.06 27.34 -15.88
CA LEU L 41 -50.11 26.35 -16.39
C LEU L 41 -49.51 25.53 -15.26
N GLN L 42 -49.44 26.11 -14.07
CA GLN L 42 -48.96 25.40 -12.89
C GLN L 42 -49.92 24.29 -12.48
N ASP L 43 -51.22 24.56 -12.59
CA ASP L 43 -52.21 23.58 -12.16
C ASP L 43 -52.30 22.38 -13.08
N ILE L 44 -52.03 22.54 -14.38
CA ILE L 44 -52.07 21.43 -15.30
C ILE L 44 -50.66 20.93 -15.63
N ASP L 45 -49.67 21.37 -14.85
CA ASP L 45 -48.36 20.74 -14.71
C ASP L 45 -47.56 20.84 -16.01
N HIS L 46 -47.64 22.01 -16.62
CA HIS L 46 -46.82 22.34 -17.78
C HIS L 46 -45.39 22.57 -17.31
N ASN L 47 -44.43 22.22 -18.16
CA ASN L 47 -43.03 22.22 -17.72
C ASN L 47 -42.48 23.63 -17.59
N GLY L 48 -42.84 24.52 -18.50
CA GLY L 48 -42.28 25.86 -18.49
C GLY L 48 -43.25 26.91 -18.00
N TYR L 49 -44.00 26.60 -16.94
CA TYR L 49 -44.85 27.62 -16.34
C TYR L 49 -44.02 28.68 -15.68
N GLN L 50 -42.86 28.30 -15.13
CA GLN L 50 -41.98 29.21 -14.42
C GLN L 50 -41.31 30.21 -15.35
N THR L 51 -41.33 29.99 -16.65
CA THR L 51 -40.78 30.93 -17.61
C THR L 51 -41.85 31.79 -18.28
N PHE L 52 -43.13 31.62 -17.92
CA PHE L 52 -44.18 32.33 -18.62
C PHE L 52 -44.19 33.78 -18.15
N PRO L 53 -44.18 34.76 -19.05
CA PRO L 53 -43.96 36.15 -18.64
C PRO L 53 -45.21 36.80 -18.10
N THR L 54 -45.00 37.65 -17.10
CA THR L 54 -46.03 38.56 -16.63
C THR L 54 -45.92 39.92 -17.27
N ASP L 55 -44.94 40.10 -18.16
CA ASP L 55 -44.78 41.33 -18.93
C ASP L 55 -45.29 41.10 -20.33
N ILE L 56 -46.12 42.01 -20.82
CA ILE L 56 -46.70 41.86 -22.15
C ILE L 56 -45.66 42.23 -23.22
N THR L 57 -44.56 42.89 -22.80
CA THR L 57 -43.48 43.19 -23.73
C THR L 57 -42.77 41.92 -24.18
N ARG L 58 -42.47 41.02 -23.25
CA ARG L 58 -41.72 39.81 -23.55
C ARG L 58 -42.63 38.62 -23.79
N ILE L 59 -43.83 38.84 -24.34
CA ILE L 59 -44.76 37.75 -24.57
C ILE L 59 -44.40 36.99 -25.83
N ASN L 60 -43.63 37.63 -26.73
CA ASN L 60 -43.33 37.01 -28.00
C ASN L 60 -42.22 35.96 -27.84
N PRO L 61 -42.28 34.86 -28.59
CA PRO L 61 -41.36 33.73 -28.33
C PRO L 61 -39.90 33.97 -28.70
N TYR L 62 -39.51 35.16 -29.17
CA TYR L 62 -38.08 35.41 -29.32
C TYR L 62 -37.48 36.05 -28.08
N SER L 63 -38.31 36.45 -27.12
CA SER L 63 -37.81 37.11 -25.93
C SER L 63 -37.31 36.10 -24.90
N ALA L 64 -37.61 34.82 -25.11
CA ALA L 64 -37.14 33.78 -24.22
C ALA L 64 -35.67 33.47 -24.49
N LYS L 65 -34.93 33.18 -23.43
CA LYS L 65 -33.54 32.78 -23.56
C LYS L 65 -33.43 31.33 -24.01
N ASN L 66 -33.90 30.41 -23.19
CA ASN L 66 -33.91 28.99 -23.52
C ASN L 66 -35.32 28.44 -23.66
N SER L 67 -36.33 29.17 -23.21
CA SER L 67 -37.67 28.64 -23.11
C SER L 67 -38.57 29.02 -24.27
N SER L 68 -37.99 29.25 -25.46
CA SER L 68 -38.82 29.50 -26.63
C SER L 68 -39.54 28.24 -27.05
N SER L 69 -38.92 27.09 -26.81
CA SER L 69 -39.59 25.81 -27.06
C SER L 69 -40.71 25.57 -26.07
N ALA L 70 -40.60 26.13 -24.85
CA ALA L 70 -41.66 25.97 -23.87
C ALA L 70 -42.63 27.14 -23.87
N ARG L 71 -42.39 28.17 -24.66
CA ARG L 71 -43.33 29.28 -24.75
C ARG L 71 -44.44 28.97 -25.73
N THR L 72 -44.08 28.43 -26.91
CA THR L 72 -45.11 27.91 -27.81
C THR L 72 -45.71 26.62 -27.29
N ALA L 73 -44.99 25.88 -26.44
CA ALA L 73 -45.61 24.76 -25.74
C ALA L 73 -46.60 25.26 -24.69
N SER L 74 -46.37 26.47 -24.16
CA SER L 74 -47.37 27.10 -23.33
C SER L 74 -48.50 27.65 -24.18
N PHE L 75 -48.22 27.95 -25.45
CA PHE L 75 -49.24 28.50 -26.33
C PHE L 75 -50.06 27.40 -27.01
N LEU L 76 -49.53 26.18 -27.06
CA LEU L 76 -50.22 25.06 -27.69
C LEU L 76 -51.23 24.41 -26.75
N LYS L 77 -51.38 24.93 -25.55
CA LYS L 77 -52.33 24.38 -24.60
C LYS L 77 -53.55 25.29 -24.43
N LEU L 78 -53.35 26.60 -24.51
CA LEU L 78 -54.43 27.55 -24.24
C LEU L 78 -55.45 27.56 -25.38
N ALA L 79 -55.03 27.25 -26.59
CA ALA L 79 -55.96 27.22 -27.71
C ALA L 79 -56.79 25.94 -27.72
N GLN L 80 -56.47 24.97 -26.88
CA GLN L 80 -57.23 23.74 -26.85
C GLN L 80 -58.15 23.62 -25.64
N LEU L 81 -57.88 24.36 -24.57
CA LEU L 81 -58.55 24.07 -23.31
C LEU L 81 -59.39 25.24 -22.80
N THR L 82 -58.84 26.45 -22.79
CA THR L 82 -59.44 27.54 -22.05
C THR L 82 -60.46 28.34 -22.85
N PHE L 83 -60.91 27.85 -23.99
CA PHE L 83 -61.85 28.58 -24.82
C PHE L 83 -62.99 27.67 -25.26
N ASN L 84 -63.95 28.25 -25.99
CA ASN L 84 -65.02 27.46 -26.56
C ASN L 84 -64.68 26.96 -27.96
N GLU L 85 -64.54 27.87 -28.92
CA GLU L 85 -64.08 27.54 -30.26
C GLU L 85 -62.64 28.02 -30.32
N PRO L 86 -61.71 27.17 -30.75
CA PRO L 86 -60.27 27.45 -30.58
C PRO L 86 -59.83 28.68 -31.34
N PRO L 87 -59.18 29.62 -30.67
CA PRO L 87 -58.70 30.83 -31.33
C PRO L 87 -57.36 30.59 -32.01
N GLU L 88 -57.00 31.51 -32.89
CA GLU L 88 -55.74 31.47 -33.63
C GLU L 88 -54.73 32.31 -32.87
N LEU L 89 -53.86 31.66 -32.11
CA LEU L 89 -52.81 32.34 -31.36
C LEU L 89 -51.41 32.05 -31.88
N LEU L 90 -51.16 30.84 -32.39
CA LEU L 90 -49.86 30.54 -33.00
C LEU L 90 -49.68 31.26 -34.33
N GLY L 91 -50.78 31.63 -34.98
CA GLY L 91 -50.74 32.45 -36.17
C GLY L 91 -50.52 33.92 -35.92
N LEU L 92 -50.35 34.34 -34.67
CA LEU L 92 -50.10 35.74 -34.34
C LEU L 92 -48.74 35.98 -33.71
N ALA L 93 -48.05 34.94 -33.26
CA ALA L 93 -46.79 35.07 -32.55
C ALA L 93 -45.64 35.33 -33.52
N ILE L 94 -44.59 35.96 -33.01
CA ILE L 94 -43.41 36.27 -33.79
C ILE L 94 -42.34 35.28 -33.34
N ASN L 95 -42.25 34.16 -34.04
CA ASN L 95 -41.33 33.09 -33.69
C ASN L 95 -39.98 33.35 -34.33
N ARG L 96 -38.93 32.80 -33.73
CA ARG L 96 -37.65 32.84 -34.41
C ARG L 96 -37.61 31.81 -35.54
N THR L 97 -36.58 31.94 -36.37
CA THR L 97 -36.30 30.98 -37.43
C THR L 97 -34.84 31.09 -37.82
N ASN L 98 -34.36 30.05 -38.49
CA ASN L 98 -32.95 29.94 -38.84
C ASN L 98 -32.62 30.44 -40.23
N MET L 99 -33.57 31.08 -40.90
CA MET L 99 -33.39 31.49 -42.29
C MET L 99 -32.43 32.67 -42.36
N LYS L 100 -31.15 32.38 -42.54
CA LYS L 100 -30.13 33.41 -42.62
C LYS L 100 -30.24 34.16 -43.93
N TYR L 101 -29.98 35.46 -43.87
CA TYR L 101 -30.05 36.33 -45.02
C TYR L 101 -28.65 36.61 -45.55
N SER L 102 -28.57 37.54 -46.46
CA SER L 102 -27.28 37.98 -46.95
C SER L 102 -26.89 39.28 -46.27
N PRO L 103 -25.68 39.39 -45.70
CA PRO L 103 -24.69 38.31 -45.61
C PRO L 103 -24.90 37.33 -44.45
N SER L 104 -25.28 37.86 -43.27
CA SER L 104 -25.46 37.02 -42.09
C SER L 104 -26.65 37.47 -41.23
N THR L 105 -27.61 38.17 -41.82
CA THR L 105 -28.76 38.66 -41.06
C THR L 105 -29.70 37.51 -40.73
N SER L 106 -30.03 37.37 -39.45
CA SER L 106 -30.96 36.33 -39.02
C SER L 106 -32.39 36.75 -39.29
N ALA L 107 -33.34 35.89 -38.94
CA ALA L 107 -34.73 36.17 -39.29
C ALA L 107 -35.66 35.71 -38.17
N VAL L 108 -36.83 36.35 -38.14
CA VAL L 108 -37.95 35.93 -37.32
C VAL L 108 -39.14 35.70 -38.25
N VAL L 109 -40.12 34.95 -37.77
CA VAL L 109 -41.23 34.51 -38.60
C VAL L 109 -42.53 34.63 -37.81
N ARG L 110 -43.58 35.08 -38.48
CA ARG L 110 -44.94 35.17 -37.93
C ARG L 110 -45.82 34.40 -38.91
N GLY L 111 -46.00 33.10 -38.65
CA GLY L 111 -46.78 32.27 -39.54
C GLY L 111 -46.08 31.96 -40.85
N ALA L 112 -46.61 32.48 -41.95
CA ALA L 112 -46.06 32.26 -43.29
C ALA L 112 -45.48 33.54 -43.88
N GLU L 113 -44.83 34.35 -43.05
CA GLU L 113 -44.20 35.59 -43.50
C GLU L 113 -42.94 35.83 -42.68
N VAL L 114 -41.80 35.84 -43.35
CA VAL L 114 -40.50 35.86 -42.69
C VAL L 114 -39.94 37.26 -42.78
N PHE L 115 -39.45 37.78 -41.66
CA PHE L 115 -38.98 39.15 -41.57
C PHE L 115 -37.50 39.20 -41.28
N PRO L 116 -36.82 40.26 -41.72
CA PRO L 116 -35.45 40.48 -41.26
C PRO L 116 -35.41 40.87 -39.79
N ARG L 117 -34.48 40.24 -39.05
CA ARG L 117 -34.29 40.55 -37.64
C ARG L 117 -33.83 41.99 -37.44
N SER L 118 -33.10 42.53 -38.41
CA SER L 118 -32.61 43.90 -38.31
C SER L 118 -33.67 44.95 -38.58
N LEU L 119 -34.88 44.55 -39.00
CA LEU L 119 -35.96 45.51 -39.22
C LEU L 119 -37.02 45.50 -38.13
N LEU L 120 -36.74 44.90 -36.98
CA LEU L 120 -37.70 44.86 -35.88
C LEU L 120 -37.63 46.16 -35.07
N ARG L 121 -38.79 46.75 -34.80
CA ARG L 121 -38.85 47.86 -33.88
C ARG L 121 -38.89 47.34 -32.44
N THR L 122 -38.15 48.01 -31.56
CA THR L 122 -38.08 47.59 -30.17
C THR L 122 -38.17 48.74 -29.17
N HIS L 123 -38.06 49.98 -29.60
CA HIS L 123 -38.05 51.12 -28.68
C HIS L 123 -39.46 51.54 -28.31
N SER L 124 -40.25 51.93 -29.31
CA SER L 124 -41.64 52.35 -29.10
C SER L 124 -42.39 52.11 -30.39
N ILE L 125 -43.51 51.41 -30.30
CA ILE L 125 -44.25 50.95 -31.48
C ILE L 125 -45.16 52.09 -31.95
N PRO L 126 -44.96 52.62 -33.15
CA PRO L 126 -45.91 53.60 -33.69
C PRO L 126 -47.23 52.93 -34.03
N CYS L 127 -48.27 53.75 -34.06
CA CYS L 127 -49.61 53.22 -34.26
C CYS L 127 -50.47 54.28 -34.94
N CYS L 128 -51.62 53.84 -35.43
CA CYS L 128 -52.61 54.75 -35.99
C CYS L 128 -53.84 54.78 -35.10
N PRO L 129 -54.17 55.93 -34.48
CA PRO L 129 -55.36 55.98 -33.61
C PRO L 129 -56.68 55.88 -34.35
N LEU L 130 -56.68 55.90 -35.69
CA LEU L 130 -57.93 55.70 -36.42
C LEU L 130 -58.24 54.22 -36.56
N CYS L 131 -57.20 53.39 -36.60
CA CYS L 131 -57.40 51.95 -36.47
C CYS L 131 -57.64 51.55 -35.02
N LEU L 132 -57.21 52.40 -34.08
CA LEU L 132 -57.43 52.10 -32.67
C LEU L 132 -58.80 52.55 -32.19
N ARG L 133 -59.62 53.11 -33.07
CA ARG L 133 -61.00 53.43 -32.74
C ARG L 133 -62.01 52.71 -33.60
N GLU L 134 -61.73 52.52 -34.89
CA GLU L 134 -62.63 51.81 -35.79
C GLU L 134 -62.36 50.32 -35.83
N ASN L 135 -61.10 49.91 -36.02
CA ASN L 135 -60.77 48.51 -35.84
C ASN L 135 -60.52 48.19 -34.37
N GLY L 136 -59.86 49.10 -33.64
CA GLY L 136 -59.64 48.93 -32.22
C GLY L 136 -58.59 47.92 -31.84
N TYR L 137 -57.93 47.29 -32.80
CA TYR L 137 -56.89 46.31 -32.50
C TYR L 137 -55.63 46.74 -33.24
N ALA L 138 -54.52 46.09 -32.92
CA ALA L 138 -53.23 46.51 -33.43
C ALA L 138 -52.79 45.60 -34.58
N SER L 139 -52.59 46.22 -35.74
CA SER L 139 -52.05 45.54 -36.91
C SER L 139 -50.60 45.16 -36.66
N TYR L 140 -50.23 43.96 -37.11
CA TYR L 140 -48.92 43.40 -36.82
C TYR L 140 -47.79 44.10 -37.57
N LEU L 141 -48.13 44.90 -38.59
CA LEU L 141 -47.14 45.67 -39.34
C LEU L 141 -46.51 46.77 -38.51
N TRP L 142 -47.15 47.18 -37.42
CA TRP L 142 -46.67 48.24 -36.55
C TRP L 142 -45.40 47.85 -35.79
N HIS L 143 -45.08 46.56 -35.71
CA HIS L 143 -43.90 46.06 -35.03
C HIS L 143 -42.62 46.15 -35.85
N PHE L 144 -42.63 46.78 -37.02
CA PHE L 144 -41.49 46.69 -37.92
C PHE L 144 -41.15 48.04 -38.52
N GLN L 145 -39.84 48.28 -38.71
CA GLN L 145 -39.40 49.40 -39.52
C GLN L 145 -39.62 49.10 -40.99
N GLY L 146 -39.55 50.15 -41.81
CA GLY L 146 -39.90 50.05 -43.21
C GLY L 146 -41.35 50.42 -43.44
N TYR L 147 -42.19 50.07 -42.47
CA TYR L 147 -43.60 50.43 -42.44
C TYR L 147 -43.72 51.72 -41.64
N GLU L 148 -43.79 52.84 -42.33
CA GLU L 148 -43.88 54.13 -41.66
C GLU L 148 -45.28 54.72 -41.69
N TYR L 149 -46.04 54.52 -42.76
CA TYR L 149 -47.37 55.08 -42.90
C TYR L 149 -48.43 53.98 -42.85
N CYS L 150 -49.57 54.35 -42.27
CA CYS L 150 -50.73 53.46 -42.28
C CYS L 150 -51.32 53.41 -43.68
N HIS L 151 -51.37 52.19 -44.24
CA HIS L 151 -51.82 51.97 -45.61
C HIS L 151 -53.33 51.86 -45.74
N SER L 152 -54.10 52.13 -44.69
CA SER L 152 -55.54 52.01 -44.75
C SER L 152 -56.26 53.33 -44.62
N HIS L 153 -55.57 54.40 -44.24
CA HIS L 153 -56.18 55.72 -44.15
C HIS L 153 -55.35 56.81 -44.82
N ASN L 154 -54.14 56.49 -45.30
CA ASN L 154 -53.14 57.46 -45.76
C ASN L 154 -52.87 58.55 -44.73
N VAL L 155 -52.49 58.14 -43.52
CA VAL L 155 -52.21 59.06 -42.42
C VAL L 155 -50.99 58.50 -41.70
N PRO L 156 -50.08 59.35 -41.19
CA PRO L 156 -48.87 58.82 -40.54
C PRO L 156 -49.12 58.22 -39.16
N LEU L 157 -48.14 57.43 -38.71
CA LEU L 157 -48.21 56.75 -37.43
C LEU L 157 -47.58 57.61 -36.33
N ILE L 158 -48.24 57.65 -35.17
CA ILE L 158 -47.88 58.56 -34.09
C ILE L 158 -46.86 57.91 -33.17
N THR L 159 -45.94 58.72 -32.67
CA THR L 159 -44.96 58.29 -31.68
C THR L 159 -44.82 59.21 -30.48
N THR L 160 -45.29 60.46 -30.57
CA THR L 160 -45.21 61.39 -29.44
C THR L 160 -46.36 62.36 -29.51
N CYS L 161 -47.19 62.37 -28.46
CA CYS L 161 -48.42 63.15 -28.39
C CYS L 161 -48.13 64.62 -28.13
N SER L 162 -49.20 65.37 -27.87
CA SER L 162 -49.15 66.82 -27.83
C SER L 162 -48.51 67.36 -26.55
N CYS L 163 -48.44 66.56 -25.50
CA CYS L 163 -47.82 66.97 -24.25
C CYS L 163 -46.35 66.56 -24.16
N GLY L 164 -45.72 66.24 -25.28
CA GLY L 164 -44.37 65.74 -25.28
C GLY L 164 -44.22 64.29 -24.89
N LYS L 165 -45.32 63.61 -24.58
CA LYS L 165 -45.28 62.21 -24.18
C LYS L 165 -45.61 61.30 -25.34
N GLU L 166 -45.08 60.08 -25.27
CA GLU L 166 -45.25 59.08 -26.33
C GLU L 166 -46.61 58.40 -26.23
N PHE L 167 -46.77 57.34 -27.02
CA PHE L 167 -47.97 56.51 -26.99
C PHE L 167 -47.61 55.11 -27.45
N ASP L 168 -48.12 54.10 -26.74
CA ASP L 168 -47.95 52.71 -27.11
C ASP L 168 -49.19 51.93 -26.69
N TYR L 169 -49.60 50.95 -27.51
CA TYR L 169 -50.81 50.21 -27.19
C TYR L 169 -50.58 49.13 -26.15
N ARG L 170 -49.32 48.77 -25.89
CA ARG L 170 -49.05 47.75 -24.89
C ARG L 170 -49.11 48.30 -23.48
N VAL L 171 -49.12 49.63 -23.33
CA VAL L 171 -49.22 50.28 -22.02
C VAL L 171 -50.41 51.21 -21.92
N SER L 172 -51.01 51.64 -23.03
CA SER L 172 -52.15 52.55 -23.00
C SER L 172 -53.41 51.93 -23.60
N GLY L 173 -53.53 50.60 -23.55
CA GLY L 173 -54.74 49.93 -23.98
C GLY L 173 -54.95 49.96 -25.49
N LEU L 174 -56.20 49.78 -25.87
CA LEU L 174 -56.60 49.81 -27.28
C LEU L 174 -57.60 50.90 -27.61
N LYS L 175 -57.93 51.76 -26.64
CA LYS L 175 -58.87 52.84 -26.92
C LYS L 175 -58.19 54.02 -27.60
N GLY L 176 -57.02 54.41 -27.11
CA GLY L 176 -56.34 55.60 -27.56
C GLY L 176 -56.32 56.74 -26.56
N ILE L 177 -56.24 56.45 -25.28
CA ILE L 177 -56.26 57.48 -24.24
C ILE L 177 -54.91 57.52 -23.58
N CYS L 178 -54.19 58.62 -23.76
CA CYS L 178 -52.78 58.67 -23.41
C CYS L 178 -52.60 58.88 -21.90
N CYS L 179 -51.35 59.11 -21.50
CA CYS L 179 -51.01 59.14 -20.09
C CYS L 179 -51.10 60.54 -19.48
N LYS L 180 -50.34 61.50 -20.01
CA LYS L 180 -50.19 62.80 -19.36
C LYS L 180 -51.45 63.65 -19.52
N CYS L 181 -52.07 63.58 -20.68
CA CYS L 181 -53.23 64.40 -20.99
C CYS L 181 -54.55 63.67 -20.85
N LYS L 182 -54.53 62.32 -20.93
CA LYS L 182 -55.66 61.40 -21.09
C LYS L 182 -56.72 61.93 -22.07
N GLU L 183 -56.25 62.45 -23.20
CA GLU L 183 -57.05 63.06 -24.24
C GLU L 183 -57.03 62.19 -25.48
N PRO L 184 -57.88 62.47 -26.47
CA PRO L 184 -57.59 62.01 -27.82
C PRO L 184 -56.30 62.63 -28.34
N ILE L 185 -55.49 61.81 -29.00
CA ILE L 185 -54.18 62.25 -29.48
C ILE L 185 -54.36 63.03 -30.78
N THR L 186 -53.77 64.23 -30.83
CA THR L 186 -53.76 65.02 -32.05
C THR L 186 -52.86 64.36 -33.08
N LEU L 187 -53.37 64.26 -34.31
CA LEU L 187 -52.67 63.58 -35.39
C LEU L 187 -51.43 64.34 -35.82
N THR L 188 -50.58 63.64 -36.58
CA THR L 188 -49.34 64.22 -37.08
C THR L 188 -49.42 64.46 -38.59
N GLY L 193 -49.66 65.53 -47.68
CA GLY L 193 -49.74 64.12 -48.01
C GLY L 193 -48.65 63.66 -48.95
N HIS L 194 -48.14 62.45 -48.71
CA HIS L 194 -47.13 61.85 -49.56
C HIS L 194 -47.78 60.74 -50.40
N GLU L 195 -46.97 60.11 -51.23
CA GLU L 195 -47.37 58.88 -51.90
C GLU L 195 -46.28 57.82 -51.88
N ALA L 196 -45.01 58.24 -51.71
CA ALA L 196 -43.86 57.36 -51.93
C ALA L 196 -43.77 56.26 -50.90
N ALA L 197 -44.13 56.53 -49.64
CA ALA L 197 -44.24 55.50 -48.63
C ALA L 197 -45.63 54.87 -48.60
N CYS L 198 -46.63 55.57 -49.14
CA CYS L 198 -48.01 55.09 -49.11
C CYS L 198 -48.20 53.85 -49.98
N THR L 199 -47.49 53.77 -51.10
CA THR L 199 -47.66 52.65 -52.01
C THR L 199 -46.74 51.49 -51.62
N VAL L 200 -45.66 51.80 -50.90
CA VAL L 200 -44.81 50.74 -50.35
C VAL L 200 -45.54 50.01 -49.23
N SER L 201 -46.20 50.74 -48.33
CA SER L 201 -46.90 50.09 -47.23
C SER L 201 -48.17 49.40 -47.68
N ASN L 202 -48.70 49.77 -48.84
CA ASN L 202 -49.72 48.94 -49.47
C ASN L 202 -49.12 47.68 -50.07
N TRP L 203 -47.88 47.75 -50.54
CA TRP L 203 -47.15 46.58 -51.01
C TRP L 203 -46.58 45.79 -49.83
N LEU L 204 -46.14 46.48 -48.79
CA LEU L 204 -45.68 45.81 -47.57
C LEU L 204 -46.82 45.13 -46.83
N ALA L 205 -48.07 45.57 -47.04
CA ALA L 205 -49.21 44.92 -46.42
C ALA L 205 -49.47 43.54 -47.00
N GLY L 206 -49.37 43.39 -48.32
CA GLY L 206 -49.74 42.15 -48.98
C GLY L 206 -50.76 42.32 -50.08
N HIS L 207 -51.01 43.55 -50.55
CA HIS L 207 -51.88 43.79 -51.69
C HIS L 207 -51.05 44.02 -52.95
N GLU L 208 -51.74 44.18 -54.07
CA GLU L 208 -51.09 44.47 -55.34
C GLU L 208 -50.92 45.97 -55.51
N SER L 209 -49.68 46.44 -55.46
CA SER L 209 -49.34 47.82 -55.74
C SER L 209 -48.08 47.86 -56.61
N LYS L 210 -48.19 48.50 -57.75
CA LYS L 210 -47.19 48.79 -58.77
C LYS L 210 -46.29 49.93 -58.31
N PRO L 211 -45.04 50.04 -58.79
CA PRO L 211 -44.28 49.19 -59.71
C PRO L 211 -43.56 48.06 -58.98
N LEU L 212 -43.87 47.93 -57.72
CA LEU L 212 -43.32 46.88 -56.89
C LEU L 212 -43.93 45.53 -57.30
N PRO L 213 -43.10 44.51 -57.46
CA PRO L 213 -43.56 43.29 -58.16
C PRO L 213 -44.47 42.44 -57.29
N ASN L 214 -45.12 41.48 -57.94
CA ASN L 214 -46.02 40.56 -57.25
C ASN L 214 -45.17 39.45 -56.63
N LEU L 215 -44.53 39.77 -55.51
CA LEU L 215 -43.75 38.84 -54.72
C LEU L 215 -44.59 38.40 -53.52
N PRO L 216 -44.28 37.24 -52.93
CA PRO L 216 -45.00 36.85 -51.72
C PRO L 216 -44.54 37.65 -50.52
N LYS L 217 -45.29 37.49 -49.43
CA LYS L 217 -45.03 38.20 -48.18
C LYS L 217 -43.67 37.88 -47.59
N SER L 218 -43.10 36.71 -47.88
CA SER L 218 -41.73 36.45 -47.47
C SER L 218 -40.74 37.17 -48.36
N TYR L 219 -41.07 37.38 -49.63
CA TYR L 219 -40.14 37.97 -50.59
C TYR L 219 -40.38 39.45 -50.84
N ARG L 220 -41.56 39.98 -50.49
CA ARG L 220 -41.73 41.43 -50.47
C ARG L 220 -40.95 42.06 -49.33
N TRP L 221 -40.65 41.28 -48.29
CA TRP L 221 -39.89 41.81 -47.16
C TRP L 221 -38.43 41.45 -47.22
N GLY L 222 -38.00 40.68 -48.22
CA GLY L 222 -36.59 40.37 -48.38
C GLY L 222 -35.85 41.41 -49.17
N LEU L 223 -36.57 42.31 -49.82
CA LEU L 223 -35.93 43.33 -50.66
C LEU L 223 -35.57 44.58 -49.87
N VAL L 224 -36.33 44.88 -48.81
CA VAL L 224 -36.12 46.11 -48.06
C VAL L 224 -34.82 46.03 -47.25
N HIS L 225 -34.43 44.81 -46.88
CA HIS L 225 -33.09 44.63 -46.32
C HIS L 225 -32.02 44.79 -47.40
N TRP L 226 -32.32 44.33 -48.62
CA TRP L 226 -31.31 44.33 -49.67
C TRP L 226 -31.03 45.73 -50.19
N TRP L 227 -32.04 46.60 -50.21
CA TRP L 227 -31.84 47.94 -50.75
C TRP L 227 -31.13 48.85 -49.77
N MET L 228 -31.31 48.64 -48.47
CA MET L 228 -30.62 49.48 -47.49
C MET L 228 -29.12 49.20 -47.46
N GLY L 229 -28.69 48.03 -47.93
CA GLY L 229 -27.27 47.80 -48.11
C GLY L 229 -26.72 48.43 -49.37
N ILE L 230 -27.58 48.69 -50.34
CA ILE L 230 -27.15 49.35 -51.57
C ILE L 230 -26.88 50.82 -51.31
N LYS L 231 -27.87 51.54 -50.77
CA LYS L 231 -27.67 52.95 -50.47
C LYS L 231 -26.83 53.18 -49.23
N ASP L 232 -26.71 52.16 -48.36
CA ASP L 232 -25.88 52.19 -47.15
C ASP L 232 -26.30 53.32 -46.21
N SER L 233 -27.60 53.46 -46.02
CA SER L 233 -28.16 54.57 -45.24
C SER L 233 -29.56 54.19 -44.79
N GLU L 234 -30.26 55.15 -44.19
CA GLU L 234 -31.65 54.98 -43.81
C GLU L 234 -32.53 54.90 -45.05
N PHE L 235 -33.70 54.32 -44.86
CA PHE L 235 -34.51 53.85 -45.99
C PHE L 235 -35.27 55.00 -46.61
N ASP L 236 -34.95 55.30 -47.87
CA ASP L 236 -35.64 56.32 -48.66
C ASP L 236 -36.77 55.65 -49.43
N HIS L 237 -38.01 56.01 -49.07
CA HIS L 237 -39.18 55.45 -49.74
C HIS L 237 -39.32 55.95 -51.17
N PHE L 238 -38.73 57.10 -51.49
CA PHE L 238 -38.86 57.66 -52.83
C PHE L 238 -38.03 56.87 -53.84
N SER L 239 -36.78 56.56 -53.49
CA SER L 239 -35.91 55.85 -54.41
C SER L 239 -36.20 54.36 -54.49
N PHE L 240 -36.84 53.79 -53.46
CA PHE L 240 -37.16 52.37 -53.51
C PHE L 240 -38.31 52.10 -54.47
N VAL L 241 -39.19 53.09 -54.66
CA VAL L 241 -40.21 52.97 -55.69
C VAL L 241 -39.61 53.14 -57.07
N GLN L 242 -38.73 54.15 -57.22
CA GLN L 242 -38.26 54.51 -58.55
C GLN L 242 -37.16 53.56 -59.03
N PHE L 243 -36.61 52.75 -58.12
CA PHE L 243 -35.65 51.72 -58.52
C PHE L 243 -36.31 50.61 -59.33
N PHE L 244 -37.47 50.14 -58.87
CA PHE L 244 -38.24 49.13 -59.59
C PHE L 244 -39.02 49.70 -60.76
N SER L 245 -39.05 51.02 -60.91
CA SER L 245 -39.94 51.66 -61.86
C SER L 245 -39.53 51.44 -63.30
N ASN L 246 -38.27 51.10 -63.54
CA ASN L 246 -37.76 50.84 -64.88
C ASN L 246 -37.05 49.49 -64.94
N TRP L 247 -37.72 48.46 -64.47
CA TRP L 247 -37.25 47.10 -64.60
C TRP L 247 -37.30 46.67 -66.07
N PRO L 248 -36.24 46.02 -66.59
CA PRO L 248 -34.99 45.66 -65.91
C PRO L 248 -33.88 46.68 -66.07
N ARG L 249 -34.10 47.72 -66.88
CA ARG L 249 -32.99 48.61 -67.24
C ARG L 249 -32.65 49.62 -66.14
N SER L 250 -33.40 49.65 -65.04
CA SER L 250 -32.93 50.38 -63.87
C SER L 250 -32.11 49.47 -62.96
N PHE L 251 -32.51 48.20 -62.85
CA PHE L 251 -31.74 47.24 -62.09
C PHE L 251 -30.44 46.88 -62.80
N HIS L 252 -30.44 46.85 -64.12
CA HIS L 252 -29.19 46.63 -64.86
C HIS L 252 -28.28 47.84 -64.82
N SER L 253 -28.85 49.02 -64.55
CA SER L 253 -28.08 50.27 -64.63
C SER L 253 -27.05 50.36 -63.52
N ILE L 254 -27.29 49.70 -62.38
CA ILE L 254 -26.23 49.57 -61.39
C ILE L 254 -25.26 48.46 -61.82
N ILE L 255 -25.82 47.38 -62.40
CA ILE L 255 -25.05 46.18 -62.78
C ILE L 255 -23.96 46.48 -63.78
N GLU L 256 -24.28 47.20 -64.87
CA GLU L 256 -23.26 47.56 -65.85
C GLU L 256 -22.30 48.60 -65.30
N ASP L 257 -22.71 49.31 -64.24
CA ASP L 257 -21.81 50.24 -63.57
C ASP L 257 -21.05 49.58 -62.43
N GLU L 258 -21.54 48.45 -61.90
CA GLU L 258 -20.79 47.69 -60.91
C GLU L 258 -19.52 47.08 -61.52
N VAL L 259 -19.60 46.59 -62.76
CA VAL L 259 -18.41 46.03 -63.37
C VAL L 259 -17.42 47.13 -63.75
N GLU L 260 -17.88 48.29 -64.23
CA GLU L 260 -16.98 49.34 -64.69
C GLU L 260 -16.18 49.96 -63.56
N PHE L 261 -16.71 49.97 -62.35
CA PHE L 261 -15.92 50.40 -61.21
C PHE L 261 -14.93 49.31 -60.79
N ASN L 262 -15.26 48.05 -61.05
CA ASN L 262 -14.45 46.92 -60.58
C ASN L 262 -13.64 46.26 -61.69
N LEU L 263 -13.88 46.58 -62.95
CA LEU L 263 -12.94 46.21 -64.00
C LEU L 263 -11.68 47.06 -63.91
N GLU L 264 -11.83 48.36 -63.65
CA GLU L 264 -10.71 49.26 -63.50
C GLU L 264 -10.08 49.22 -62.12
N HIS L 265 -10.73 48.58 -61.15
CA HIS L 265 -10.20 48.52 -59.79
C HIS L 265 -10.37 47.11 -59.21
N THR L 270 -5.94 40.14 -66.42
CA THR L 270 -7.39 40.09 -66.40
C THR L 270 -7.89 38.69 -66.05
N SER L 271 -6.95 37.74 -65.95
CA SER L 271 -7.28 36.37 -65.59
C SER L 271 -7.29 36.15 -64.09
N GLU L 272 -6.52 36.92 -63.32
CA GLU L 272 -6.53 36.84 -61.87
C GLU L 272 -7.65 37.66 -61.24
N LEU L 273 -8.50 38.28 -62.07
CA LEU L 273 -9.76 38.82 -61.58
C LEU L 273 -10.63 37.69 -61.06
N ARG L 274 -11.37 37.98 -60.00
CA ARG L 274 -12.19 36.98 -59.35
C ARG L 274 -13.66 37.38 -59.43
N LEU L 275 -14.52 36.39 -59.19
CA LEU L 275 -15.95 36.68 -59.07
C LEU L 275 -16.23 37.47 -57.81
N LYS L 276 -15.40 37.29 -56.77
CA LYS L 276 -15.45 38.14 -55.59
C LYS L 276 -14.82 39.51 -55.83
N ASP L 277 -13.98 39.64 -56.86
CA ASP L 277 -13.32 40.91 -57.16
C ASP L 277 -14.03 41.72 -58.23
N LEU L 278 -14.94 41.11 -58.99
CA LEU L 278 -15.60 41.78 -60.10
C LEU L 278 -17.11 41.86 -59.95
N LEU L 279 -17.74 40.82 -59.39
CA LEU L 279 -19.18 40.77 -59.17
C LEU L 279 -19.48 40.33 -57.75
N GLY L 280 -18.74 40.89 -56.78
CA GLY L 280 -18.82 40.40 -55.43
C GLY L 280 -19.95 40.95 -54.59
N ARG L 281 -20.36 42.19 -54.84
CA ARG L 281 -21.44 42.78 -54.05
C ARG L 281 -22.81 42.34 -54.53
N LEU L 282 -22.98 42.23 -55.85
CA LEU L 282 -24.28 41.85 -56.41
C LEU L 282 -24.61 40.38 -56.16
N PHE L 283 -23.61 39.50 -56.18
CA PHE L 283 -23.88 38.07 -56.10
C PHE L 283 -23.94 37.58 -54.67
N PHE L 284 -22.90 37.90 -53.87
CA PHE L 284 -22.81 37.39 -52.50
C PHE L 284 -23.83 38.02 -51.56
N GLY L 285 -24.39 39.17 -51.93
CA GLY L 285 -25.42 39.78 -51.12
C GLY L 285 -26.82 39.51 -51.63
N SER L 286 -27.00 38.44 -52.42
CA SER L 286 -28.30 38.17 -53.02
C SER L 286 -28.65 36.69 -53.12
N ILE L 287 -27.97 35.79 -52.40
CA ILE L 287 -28.24 34.36 -52.58
C ILE L 287 -29.54 33.97 -51.90
N ARG L 288 -29.61 34.17 -50.59
CA ARG L 288 -30.79 33.83 -49.81
C ARG L 288 -31.32 35.11 -49.19
N LEU L 289 -32.42 35.62 -49.73
CA LEU L 289 -33.12 36.78 -49.19
C LEU L 289 -34.62 36.65 -49.44
N PRO L 290 -35.30 35.78 -48.68
CA PRO L 290 -34.91 34.81 -47.65
C PRO L 290 -34.38 33.47 -48.17
N GLU L 291 -34.87 33.00 -49.31
CA GLU L 291 -34.54 31.66 -49.78
C GLU L 291 -34.18 31.72 -51.25
N ARG L 292 -34.09 30.55 -51.87
CA ARG L 292 -33.62 30.38 -53.24
C ARG L 292 -34.74 30.07 -54.23
N ASN L 293 -35.88 30.72 -54.11
CA ASN L 293 -36.97 30.51 -55.06
C ASN L 293 -36.85 31.52 -56.19
N LEU L 294 -36.31 31.07 -57.34
CA LEU L 294 -36.08 31.99 -58.46
C LEU L 294 -37.36 32.42 -59.17
N GLN L 295 -38.51 31.86 -58.80
CA GLN L 295 -39.77 32.47 -59.23
C GLN L 295 -40.03 33.76 -58.44
N HIS L 296 -39.49 33.84 -57.22
CA HIS L 296 -39.78 34.95 -56.33
C HIS L 296 -38.56 35.54 -55.65
N ASN L 297 -37.36 35.02 -55.92
CA ASN L 297 -36.12 35.74 -55.66
C ASN L 297 -35.65 36.25 -57.00
N ILE L 298 -36.21 37.39 -57.43
CA ILE L 298 -35.99 37.91 -58.77
C ILE L 298 -34.62 38.53 -58.95
N ILE L 299 -33.90 38.80 -57.85
CA ILE L 299 -32.61 39.47 -57.92
C ILE L 299 -31.57 38.56 -58.55
N LEU L 300 -31.54 37.30 -58.14
CA LEU L 300 -30.58 36.35 -58.69
C LEU L 300 -30.89 35.98 -60.13
N GLY L 301 -32.16 35.77 -60.47
CA GLY L 301 -32.51 35.30 -61.80
C GLY L 301 -32.26 36.32 -62.89
N GLU L 302 -32.52 37.60 -62.61
CA GLU L 302 -32.19 38.68 -63.53
C GLU L 302 -30.69 38.89 -63.65
N LEU L 303 -29.95 38.71 -62.56
CA LEU L 303 -28.50 38.80 -62.63
C LEU L 303 -27.91 37.59 -63.34
N LEU L 304 -28.50 36.40 -63.12
CA LEU L 304 -28.13 35.23 -63.91
C LEU L 304 -28.48 35.39 -65.38
N CYS L 305 -29.64 35.98 -65.69
CA CYS L 305 -30.00 36.25 -67.08
C CYS L 305 -29.09 37.32 -67.69
N TYR L 306 -28.60 38.25 -66.86
CA TYR L 306 -27.54 39.15 -67.31
C TYR L 306 -26.26 38.38 -67.57
N LEU L 307 -25.94 37.42 -66.71
CA LEU L 307 -24.68 36.71 -66.79
C LEU L 307 -24.75 35.39 -67.56
N GLU L 308 -25.94 34.99 -68.02
CA GLU L 308 -26.01 33.89 -68.98
C GLU L 308 -25.69 34.39 -70.38
N ASN L 309 -26.11 35.62 -70.69
CA ASN L 309 -25.77 36.29 -71.93
C ASN L 309 -24.45 37.04 -71.84
N ARG L 310 -23.62 36.72 -70.83
CA ARG L 310 -22.30 37.31 -70.69
C ARG L 310 -21.29 36.23 -70.30
N LEU L 311 -21.66 34.94 -70.42
CA LEU L 311 -20.79 33.84 -70.03
C LEU L 311 -19.50 33.81 -70.83
N TRP L 312 -19.60 33.60 -72.14
CA TRP L 312 -18.42 33.60 -72.99
C TRP L 312 -18.38 34.79 -73.95
N GLN L 313 -18.92 35.93 -73.54
CA GLN L 313 -18.65 37.19 -74.19
C GLN L 313 -17.45 37.85 -73.53
N ASP L 314 -16.90 38.87 -74.22
CA ASP L 314 -15.65 39.55 -73.87
C ASP L 314 -14.51 38.55 -73.73
N LYS L 315 -14.43 37.65 -74.74
CA LYS L 315 -13.49 36.51 -74.78
C LYS L 315 -13.64 35.61 -73.55
N GLY L 316 -14.88 35.50 -73.05
CA GLY L 316 -15.12 34.78 -71.82
C GLY L 316 -14.54 35.48 -70.60
N LEU L 317 -14.94 36.73 -70.38
CA LEU L 317 -14.50 37.44 -69.18
C LEU L 317 -15.15 36.86 -67.93
N ILE L 318 -16.46 36.68 -67.97
CA ILE L 318 -17.19 36.22 -66.79
C ILE L 318 -16.95 34.73 -66.56
N ALA L 319 -16.62 33.99 -67.62
CA ALA L 319 -16.20 32.61 -67.48
C ALA L 319 -14.85 32.44 -66.80
N ASN L 320 -14.08 33.53 -66.66
CA ASN L 320 -12.75 33.49 -66.06
C ASN L 320 -12.71 34.18 -64.71
N LEU L 321 -13.75 34.04 -63.89
CA LEU L 321 -13.78 34.68 -62.58
C LEU L 321 -13.78 33.62 -61.48
N LYS L 322 -12.90 33.78 -60.50
CA LYS L 322 -12.48 32.66 -59.68
C LYS L 322 -13.35 32.48 -58.44
N MET L 323 -13.58 31.20 -58.10
CA MET L 323 -14.41 30.82 -56.97
C MET L 323 -13.65 29.80 -56.13
N ASN L 324 -13.97 29.77 -54.84
CA ASN L 324 -13.41 28.82 -53.90
C ASN L 324 -14.31 27.59 -53.80
N ALA L 325 -14.07 26.77 -52.78
CA ALA L 325 -14.99 25.70 -52.41
C ALA L 325 -15.97 26.12 -51.32
N LEU L 326 -15.63 27.12 -50.52
CA LEU L 326 -16.58 27.66 -49.53
C LEU L 326 -17.70 28.44 -50.21
N GLU L 327 -17.33 29.38 -51.07
CA GLU L 327 -18.29 30.21 -51.78
C GLU L 327 -18.96 29.49 -52.95
N ALA L 328 -18.55 28.26 -53.26
CA ALA L 328 -19.29 27.43 -54.20
C ALA L 328 -20.45 26.72 -53.52
N THR L 329 -20.31 26.41 -52.22
CA THR L 329 -21.43 25.88 -51.45
C THR L 329 -22.51 26.92 -51.21
N VAL L 330 -22.14 28.21 -51.23
CA VAL L 330 -23.13 29.28 -51.14
C VAL L 330 -23.99 29.30 -52.39
N MET L 331 -23.38 29.07 -53.56
CA MET L 331 -24.16 29.00 -54.79
C MET L 331 -24.92 27.68 -54.91
N LEU L 332 -24.21 26.55 -54.94
CA LEU L 332 -24.80 25.26 -55.27
C LEU L 332 -25.76 24.72 -54.21
N ASN L 333 -25.83 25.36 -53.04
CA ASN L 333 -26.69 24.98 -51.91
C ASN L 333 -26.39 23.54 -51.46
N CYS L 334 -25.12 23.33 -51.11
CA CYS L 334 -24.64 22.02 -50.69
C CYS L 334 -23.65 22.23 -49.54
N SER L 335 -22.93 21.17 -49.19
CA SER L 335 -21.94 21.19 -48.12
C SER L 335 -20.55 20.97 -48.69
N LEU L 336 -19.56 21.05 -47.81
CA LEU L 336 -18.17 20.84 -48.21
C LEU L 336 -17.82 19.39 -48.46
N ASP L 337 -18.65 18.45 -47.99
CA ASP L 337 -18.39 17.03 -48.23
C ASP L 337 -18.70 16.64 -49.67
N GLN L 338 -19.71 17.28 -50.28
CA GLN L 338 -20.03 16.98 -51.67
C GLN L 338 -19.06 17.67 -52.63
N ILE L 339 -18.38 18.72 -52.17
CA ILE L 339 -17.36 19.37 -53.00
C ILE L 339 -16.13 18.48 -53.11
N ALA L 340 -15.67 17.93 -51.99
CA ALA L 340 -14.53 17.02 -51.99
C ALA L 340 -14.86 15.68 -52.63
N SER L 341 -16.15 15.33 -52.70
CA SER L 341 -16.55 14.11 -53.40
C SER L 341 -16.42 14.27 -54.91
N MET L 342 -16.66 15.46 -55.44
CA MET L 342 -16.53 15.72 -56.87
C MET L 342 -15.08 15.94 -57.30
N VAL L 343 -14.14 15.98 -56.36
CA VAL L 343 -12.72 16.03 -56.69
C VAL L 343 -12.13 14.63 -56.86
N GLU L 344 -12.61 13.65 -56.09
CA GLU L 344 -12.15 12.27 -56.22
C GLU L 344 -12.63 11.65 -57.54
N GLN L 345 -13.91 11.82 -57.87
CA GLN L 345 -14.46 11.27 -59.09
C GLN L 345 -14.29 12.20 -60.30
N ARG L 346 -13.90 13.45 -60.05
CA ARG L 346 -13.51 14.42 -61.09
C ARG L 346 -14.65 14.74 -62.06
N ILE L 347 -15.78 15.19 -61.51
CA ILE L 347 -16.81 15.81 -62.33
C ILE L 347 -16.55 17.30 -62.46
N LEU L 348 -16.30 17.97 -61.32
CA LEU L 348 -15.88 19.36 -61.30
C LEU L 348 -14.37 19.41 -61.32
N LYS L 349 -13.81 20.30 -62.15
CA LYS L 349 -12.38 20.27 -62.39
C LYS L 349 -11.68 21.46 -61.75
N PRO L 350 -10.47 21.29 -61.21
CA PRO L 350 -9.61 22.41 -60.81
C PRO L 350 -9.14 23.20 -62.03
N LEU L 360 -7.27 18.50 -49.71
CA LEU L 360 -7.22 19.66 -50.59
C LEU L 360 -7.44 20.95 -49.80
N ASP L 361 -6.91 22.05 -50.32
CA ASP L 361 -7.15 23.36 -49.71
C ASP L 361 -8.56 23.82 -50.05
N VAL L 362 -9.34 24.14 -49.02
CA VAL L 362 -10.74 24.54 -49.24
C VAL L 362 -10.80 25.97 -49.79
N THR L 363 -9.90 26.85 -49.32
CA THR L 363 -9.84 28.22 -49.79
C THR L 363 -8.92 28.40 -50.99
N ASP L 364 -8.75 27.37 -51.82
CA ASP L 364 -7.88 27.42 -52.98
C ASP L 364 -8.65 27.99 -54.16
N TYR L 365 -7.97 28.81 -54.95
CA TYR L 365 -8.58 29.43 -56.13
C TYR L 365 -8.20 28.61 -57.35
N LEU L 366 -8.86 27.46 -57.51
CA LEU L 366 -8.72 26.65 -58.70
C LEU L 366 -10.03 26.46 -59.43
N PHE L 367 -11.10 27.15 -59.03
CA PHE L 367 -12.41 26.97 -59.63
C PHE L 367 -12.91 28.29 -60.19
N HIS L 368 -13.48 28.23 -61.39
CA HIS L 368 -13.87 29.42 -62.13
C HIS L 368 -15.38 29.42 -62.38
N PHE L 369 -15.89 30.59 -62.77
CA PHE L 369 -17.34 30.77 -62.90
C PHE L 369 -17.88 30.14 -64.18
N GLY L 370 -17.05 30.01 -65.20
CA GLY L 370 -17.46 29.26 -66.39
C GLY L 370 -17.49 27.76 -66.15
N ASP L 371 -16.94 27.31 -65.02
CA ASP L 371 -16.93 25.91 -64.65
C ASP L 371 -18.05 25.55 -63.69
N ILE L 372 -18.43 26.48 -62.81
CA ILE L 372 -19.43 26.19 -61.79
C ILE L 372 -20.84 26.25 -62.37
N PHE L 373 -21.11 27.24 -63.22
CA PHE L 373 -22.47 27.45 -63.73
C PHE L 373 -22.93 26.34 -64.66
N CYS L 374 -21.99 25.72 -65.39
CA CYS L 374 -22.32 24.55 -66.19
C CYS L 374 -22.57 23.30 -65.36
N LEU L 375 -21.98 23.22 -64.16
CA LEU L 375 -22.26 22.11 -63.27
C LEU L 375 -23.64 22.24 -62.62
N TRP L 376 -24.09 23.46 -62.38
CA TRP L 376 -25.39 23.66 -61.75
C TRP L 376 -26.52 23.37 -62.72
N LEU L 377 -26.29 23.53 -64.02
CA LEU L 377 -27.30 23.15 -64.98
C LEU L 377 -27.33 21.66 -65.25
N ALA L 378 -26.40 20.89 -64.68
CA ALA L 378 -26.24 19.47 -64.91
C ALA L 378 -26.52 18.61 -63.69
N GLU L 379 -26.08 19.04 -62.51
CA GLU L 379 -26.07 18.16 -61.34
C GLU L 379 -26.71 18.76 -60.09
N PHE L 380 -27.20 20.00 -60.14
CA PHE L 380 -27.62 20.62 -58.88
C PHE L 380 -28.91 21.41 -58.99
N GLN L 381 -29.86 21.02 -59.83
CA GLN L 381 -31.10 21.77 -59.84
C GLN L 381 -31.99 21.40 -58.65
N SER L 382 -33.14 22.06 -58.59
CA SER L 382 -34.17 21.78 -57.61
C SER L 382 -35.51 22.14 -58.25
N ASP L 383 -36.54 22.33 -57.42
CA ASP L 383 -37.80 22.84 -57.91
C ASP L 383 -37.91 24.35 -57.83
N GLU L 384 -37.01 25.01 -57.09
CA GLU L 384 -37.04 26.46 -56.96
C GLU L 384 -35.70 27.13 -57.25
N PHE L 385 -34.59 26.49 -56.89
CA PHE L 385 -33.26 26.99 -57.23
C PHE L 385 -32.84 26.25 -58.49
N ASN L 386 -33.44 26.64 -59.61
CA ASN L 386 -33.21 25.99 -60.89
C ASN L 386 -33.39 27.02 -62.00
N ARG L 387 -32.95 26.65 -63.20
CA ARG L 387 -33.00 27.57 -64.32
C ARG L 387 -34.40 27.77 -64.87
N SER L 388 -35.38 27.00 -64.40
CA SER L 388 -36.69 26.89 -65.04
C SER L 388 -37.63 28.06 -64.80
N PHE L 389 -37.12 29.21 -64.33
CA PHE L 389 -37.97 30.39 -64.20
C PHE L 389 -37.51 31.54 -65.08
N TYR L 390 -36.21 31.82 -65.13
CA TYR L 390 -35.69 32.95 -65.88
C TYR L 390 -35.29 32.59 -67.31
N VAL L 391 -35.93 31.57 -67.89
CA VAL L 391 -35.73 31.24 -69.30
C VAL L 391 -36.32 32.32 -70.19
N MET M 1 -20.70 24.17 -88.45
CA MET M 1 -21.98 23.49 -88.58
C MET M 1 -23.13 24.46 -88.34
N PHE M 2 -24.03 24.56 -89.32
CA PHE M 2 -25.18 25.45 -89.26
C PHE M 2 -26.44 24.62 -89.45
N LEU M 3 -27.34 24.67 -88.48
CA LEU M 3 -28.52 23.82 -88.46
C LEU M 3 -29.78 24.66 -88.43
N GLN M 4 -30.93 23.97 -88.49
CA GLN M 4 -32.25 24.60 -88.44
C GLN M 4 -33.05 23.93 -87.34
N ARG M 5 -33.79 24.73 -86.58
CA ARG M 5 -34.62 24.19 -85.52
C ARG M 5 -35.97 23.73 -86.09
N PRO M 6 -36.45 22.54 -85.73
CA PRO M 6 -37.82 22.15 -86.10
C PRO M 6 -38.88 22.84 -85.25
N LYS M 7 -40.14 22.40 -85.39
CA LYS M 7 -41.25 22.96 -84.62
C LYS M 7 -41.05 22.71 -83.13
N PRO M 8 -40.96 23.75 -82.31
CA PRO M 8 -40.68 23.54 -80.88
C PRO M 8 -41.91 23.10 -80.10
N TYR M 9 -41.65 22.25 -79.11
CA TYR M 9 -42.69 21.74 -78.22
C TYR M 9 -42.11 21.58 -76.82
N SER M 10 -42.88 22.01 -75.82
CA SER M 10 -42.44 21.93 -74.43
C SER M 10 -42.56 20.54 -73.84
N ASP M 11 -43.28 19.62 -74.50
CA ASP M 11 -43.46 18.26 -74.02
C ASP M 11 -42.72 17.23 -74.86
N GLU M 12 -41.74 17.64 -75.67
CA GLU M 12 -40.96 16.70 -76.45
C GLU M 12 -39.77 16.21 -75.62
N SER M 13 -39.48 14.91 -75.70
CA SER M 13 -38.35 14.35 -74.98
C SER M 13 -37.04 14.71 -75.67
N LEU M 14 -35.93 14.39 -74.99
CA LEU M 14 -34.61 14.74 -75.51
C LEU M 14 -34.21 13.82 -76.66
N GLU M 15 -34.54 12.53 -76.56
CA GLU M 15 -34.20 11.59 -77.61
C GLU M 15 -35.04 11.83 -78.87
N SER M 16 -36.24 12.37 -78.71
CA SER M 16 -37.07 12.71 -79.86
C SER M 16 -36.66 14.03 -80.49
N PHE M 17 -35.84 14.83 -79.82
CA PHE M 17 -35.45 16.12 -80.36
C PHE M 17 -34.38 15.97 -81.44
N PHE M 18 -33.37 15.12 -81.19
CA PHE M 18 -32.26 14.96 -82.14
C PHE M 18 -32.69 14.22 -83.40
N ILE M 19 -33.79 13.46 -83.36
CA ILE M 19 -34.26 12.79 -84.55
C ILE M 19 -34.91 13.79 -85.51
N ARG M 20 -35.67 14.74 -84.97
CA ARG M 20 -36.35 15.73 -85.80
C ARG M 20 -35.40 16.77 -86.37
N VAL M 21 -34.26 17.01 -85.72
CA VAL M 21 -33.26 17.92 -86.27
C VAL M 21 -32.56 17.28 -87.46
N ALA M 22 -32.23 15.98 -87.35
CA ALA M 22 -31.50 15.30 -88.40
C ALA M 22 -32.39 15.04 -89.62
N ASN M 23 -33.69 14.84 -89.40
CA ASN M 23 -34.59 14.64 -90.53
C ASN M 23 -34.89 15.94 -91.26
N LYS M 24 -34.85 17.07 -90.55
CA LYS M 24 -35.12 18.36 -91.18
C LYS M 24 -33.92 18.86 -91.98
N ASN M 25 -32.70 18.63 -91.47
CA ASN M 25 -31.49 19.15 -92.08
C ASN M 25 -30.87 18.18 -93.09
N GLY M 26 -31.58 17.12 -93.45
CA GLY M 26 -31.12 16.23 -94.50
C GLY M 26 -30.10 15.20 -94.09
N TYR M 27 -30.03 14.84 -92.82
CA TYR M 27 -29.13 13.79 -92.38
C TYR M 27 -29.77 12.42 -92.57
N GLY M 28 -28.94 11.39 -92.52
CA GLY M 28 -29.42 10.02 -92.70
C GLY M 28 -30.22 9.50 -91.53
N ASP M 29 -29.62 9.52 -90.35
CA ASP M 29 -30.29 9.05 -89.13
C ASP M 29 -29.75 9.86 -87.95
N VAL M 30 -30.01 9.38 -86.74
CA VAL M 30 -29.52 10.05 -85.53
C VAL M 30 -28.12 9.58 -85.15
N HIS M 31 -27.67 8.43 -85.66
CA HIS M 31 -26.33 7.96 -85.34
C HIS M 31 -25.28 8.75 -86.11
N ARG M 32 -25.58 9.13 -87.36
CA ARG M 32 -24.67 9.96 -88.13
C ARG M 32 -24.75 11.43 -87.77
N PHE M 33 -25.81 11.85 -87.08
CA PHE M 33 -25.93 13.22 -86.61
C PHE M 33 -25.12 13.46 -85.33
N LEU M 34 -25.11 12.49 -84.42
CA LEU M 34 -24.32 12.62 -83.20
C LEU M 34 -22.83 12.47 -83.47
N GLU M 35 -22.47 11.77 -84.56
CA GLU M 35 -21.07 11.66 -84.93
C GLU M 35 -20.54 12.97 -85.50
N ALA M 36 -21.35 13.66 -86.32
CA ALA M 36 -20.97 14.98 -86.80
C ALA M 36 -21.06 16.05 -85.73
N THR M 37 -21.88 15.83 -84.69
CA THR M 37 -21.92 16.75 -83.56
C THR M 37 -20.65 16.66 -82.73
N LYS M 38 -20.12 15.44 -82.58
CA LYS M 38 -18.85 15.25 -81.88
C LYS M 38 -17.67 15.84 -82.66
N ARG M 39 -17.77 15.87 -83.99
CA ARG M 39 -16.72 16.46 -84.81
C ARG M 39 -16.70 17.98 -84.67
N PHE M 40 -17.87 18.61 -84.49
CA PHE M 40 -17.91 20.06 -84.36
C PHE M 40 -17.41 20.52 -83.01
N LEU M 41 -17.61 19.71 -81.96
CA LEU M 41 -17.13 20.06 -80.63
C LEU M 41 -15.61 19.95 -80.51
N GLN M 42 -14.97 19.14 -81.35
CA GLN M 42 -13.52 19.04 -81.33
C GLN M 42 -12.87 20.28 -81.94
N ASP M 43 -13.51 20.87 -82.96
CA ASP M 43 -12.94 22.00 -83.66
C ASP M 43 -13.07 23.31 -82.89
N ILE M 44 -13.94 23.38 -81.89
CA ILE M 44 -14.20 24.61 -81.16
C ILE M 44 -13.56 24.59 -79.78
N ASP M 45 -12.64 23.64 -79.54
CA ASP M 45 -11.86 23.51 -78.30
C ASP M 45 -12.76 23.32 -77.08
N HIS M 46 -13.47 22.20 -77.07
CA HIS M 46 -14.30 21.83 -75.94
C HIS M 46 -13.53 20.87 -75.04
N ASN M 47 -13.84 20.90 -73.74
CA ASN M 47 -13.08 20.10 -72.79
C ASN M 47 -13.47 18.62 -72.82
N GLY M 48 -14.74 18.32 -73.08
CA GLY M 48 -15.23 16.96 -73.06
C GLY M 48 -15.76 16.48 -74.39
N TYR M 49 -15.05 16.79 -75.48
CA TYR M 49 -15.50 16.37 -76.81
C TYR M 49 -15.39 14.87 -77.00
N GLN M 50 -14.42 14.22 -76.36
CA GLN M 50 -14.22 12.79 -76.50
C GLN M 50 -15.23 11.96 -75.73
N THR M 51 -15.98 12.57 -74.81
CA THR M 51 -16.98 11.87 -74.01
C THR M 51 -18.39 12.01 -74.57
N PHE M 52 -18.56 12.70 -75.70
CA PHE M 52 -19.88 12.84 -76.30
C PHE M 52 -20.26 11.55 -77.01
N PRO M 53 -21.33 10.87 -76.62
CA PRO M 53 -21.65 9.58 -77.22
C PRO M 53 -22.33 9.73 -78.57
N THR M 54 -22.18 8.67 -79.38
CA THR M 54 -22.86 8.58 -80.67
C THR M 54 -24.17 7.80 -80.60
N ASP M 55 -24.56 7.34 -79.41
CA ASP M 55 -25.77 6.56 -79.23
C ASP M 55 -26.88 7.45 -78.69
N ILE M 56 -28.12 7.18 -79.12
CA ILE M 56 -29.26 7.92 -78.62
C ILE M 56 -29.69 7.44 -77.23
N THR M 57 -29.23 6.25 -76.82
CA THR M 57 -29.62 5.73 -75.51
C THR M 57 -28.92 6.49 -74.38
N ARG M 58 -27.62 6.74 -74.52
CA ARG M 58 -26.83 7.40 -73.49
C ARG M 58 -26.61 8.88 -73.78
N ILE M 59 -27.53 9.51 -74.51
CA ILE M 59 -27.39 10.94 -74.80
C ILE M 59 -27.84 11.78 -73.60
N ASN M 60 -28.57 11.18 -72.65
CA ASN M 60 -29.08 11.87 -71.48
C ASN M 60 -27.95 12.16 -70.49
N PRO M 61 -28.08 13.23 -69.68
CA PRO M 61 -27.03 13.55 -68.71
C PRO M 61 -26.89 12.56 -67.57
N TYR M 62 -27.91 11.76 -67.25
CA TYR M 62 -27.75 10.81 -66.16
C TYR M 62 -26.97 9.57 -66.57
N SER M 63 -26.82 9.32 -67.88
CA SER M 63 -26.04 8.17 -68.33
C SER M 63 -24.55 8.42 -68.23
N ALA M 64 -24.13 9.68 -68.17
CA ALA M 64 -22.71 10.00 -68.05
C ALA M 64 -22.24 9.75 -66.63
N LYS M 65 -21.08 9.10 -66.50
CA LYS M 65 -20.55 8.77 -65.17
C LYS M 65 -19.83 9.96 -64.55
N ASN M 66 -18.80 10.47 -65.22
CA ASN M 66 -18.04 11.61 -64.70
C ASN M 66 -18.10 12.84 -65.60
N SER M 67 -18.54 12.70 -66.84
CA SER M 67 -18.58 13.82 -67.78
C SER M 67 -19.96 14.48 -67.85
N SER M 68 -20.71 14.48 -66.75
CA SER M 68 -22.02 15.11 -66.74
C SER M 68 -21.90 16.63 -66.77
N SER M 69 -20.83 17.18 -66.21
CA SER M 69 -20.63 18.63 -66.24
C SER M 69 -20.26 19.11 -67.63
N ALA M 70 -19.51 18.30 -68.39
CA ALA M 70 -19.19 18.63 -69.77
C ALA M 70 -20.31 18.27 -70.73
N ARG M 71 -21.31 17.51 -70.27
CA ARG M 71 -22.42 17.12 -71.15
C ARG M 71 -23.35 18.29 -71.43
N THR M 72 -23.80 18.99 -70.38
CA THR M 72 -24.62 20.18 -70.57
C THR M 72 -23.80 21.38 -71.03
N ALA M 73 -22.50 21.39 -70.77
CA ALA M 73 -21.63 22.40 -71.36
C ALA M 73 -21.53 22.22 -72.87
N SER M 74 -21.62 20.98 -73.35
CA SER M 74 -21.75 20.74 -74.77
C SER M 74 -23.15 21.09 -75.25
N PHE M 75 -24.16 20.90 -74.40
CA PHE M 75 -25.53 21.21 -74.77
C PHE M 75 -25.79 22.71 -74.83
N LEU M 76 -25.13 23.47 -73.97
CA LEU M 76 -25.29 24.92 -73.97
C LEU M 76 -24.60 25.59 -75.15
N LYS M 77 -23.49 25.02 -75.63
CA LYS M 77 -22.75 25.61 -76.74
C LYS M 77 -23.49 25.39 -78.07
N LEU M 78 -24.21 24.28 -78.19
CA LEU M 78 -24.95 24.00 -79.43
C LEU M 78 -26.15 24.92 -79.57
N ALA M 79 -26.77 25.31 -78.45
CA ALA M 79 -27.95 26.15 -78.50
C ALA M 79 -27.63 27.61 -78.78
N GLN M 80 -26.37 28.02 -78.67
CA GLN M 80 -26.01 29.42 -78.83
C GLN M 80 -25.41 29.74 -80.19
N LEU M 81 -24.86 28.76 -80.90
CA LEU M 81 -24.12 29.04 -82.13
C LEU M 81 -24.65 28.26 -83.32
N THR M 82 -25.07 27.01 -83.13
CA THR M 82 -25.42 26.15 -84.25
C THR M 82 -26.82 26.37 -84.80
N PHE M 83 -27.56 27.35 -84.29
CA PHE M 83 -28.91 27.63 -84.75
C PHE M 83 -29.08 29.13 -85.00
N ASN M 84 -30.01 29.46 -85.91
CA ASN M 84 -30.30 30.86 -86.19
C ASN M 84 -31.04 31.52 -85.02
N GLU M 85 -31.88 30.76 -84.34
CA GLU M 85 -32.58 31.22 -83.14
C GLU M 85 -32.28 30.22 -82.03
N PRO M 86 -31.95 30.67 -80.83
CA PRO M 86 -31.52 29.75 -79.76
C PRO M 86 -32.66 28.88 -79.26
N PRO M 87 -32.49 27.55 -79.31
CA PRO M 87 -33.55 26.66 -78.83
C PRO M 87 -33.54 26.47 -77.32
N GLU M 88 -34.40 25.59 -76.83
CA GLU M 88 -34.45 25.22 -75.42
C GLU M 88 -34.18 23.73 -75.31
N LEU M 89 -32.94 23.37 -74.96
CA LEU M 89 -32.54 21.98 -74.85
C LEU M 89 -32.17 21.57 -73.43
N LEU M 90 -31.72 22.52 -72.60
CA LEU M 90 -31.36 22.19 -71.23
C LEU M 90 -32.59 21.88 -70.38
N GLY M 91 -33.74 22.47 -70.72
CA GLY M 91 -34.97 22.17 -70.03
C GLY M 91 -35.63 20.87 -70.45
N LEU M 92 -35.10 20.20 -71.47
CA LEU M 92 -35.64 18.93 -71.94
C LEU M 92 -34.78 17.74 -71.53
N ALA M 93 -33.61 17.97 -70.94
CA ALA M 93 -32.72 16.90 -70.54
C ALA M 93 -32.96 16.52 -69.09
N ILE M 94 -32.75 15.24 -68.78
CA ILE M 94 -32.96 14.69 -67.45
C ILE M 94 -31.64 14.85 -66.70
N ASN M 95 -31.59 15.82 -65.79
CA ASN M 95 -30.40 16.09 -65.00
C ASN M 95 -30.46 15.34 -63.67
N ARG M 96 -29.29 14.93 -63.18
CA ARG M 96 -29.22 14.33 -61.87
C ARG M 96 -29.28 15.42 -60.79
N THR M 97 -29.60 14.99 -59.57
CA THR M 97 -29.64 15.89 -58.43
C THR M 97 -29.37 15.11 -57.16
N ASN M 98 -29.08 15.84 -56.09
CA ASN M 98 -28.85 15.24 -54.78
C ASN M 98 -30.13 15.08 -53.97
N MET M 99 -31.30 15.24 -54.59
CA MET M 99 -32.55 15.20 -53.86
C MET M 99 -32.99 13.76 -53.63
N LYS M 100 -33.40 13.45 -52.40
CA LYS M 100 -33.78 12.10 -52.02
C LYS M 100 -35.24 12.09 -51.56
N TYR M 101 -35.82 10.90 -51.53
CA TYR M 101 -37.14 10.70 -50.97
C TYR M 101 -37.01 9.97 -49.63
N SER M 102 -38.14 9.64 -49.07
CA SER M 102 -38.09 8.98 -47.78
C SER M 102 -38.34 7.49 -47.94
N PRO M 103 -37.49 6.61 -47.37
CA PRO M 103 -36.30 6.97 -46.58
C PRO M 103 -35.04 7.23 -47.39
N SER M 104 -34.82 6.52 -48.50
CA SER M 104 -33.59 6.67 -49.25
C SER M 104 -33.78 6.62 -50.76
N THR M 105 -34.98 6.91 -51.26
CA THR M 105 -35.22 6.81 -52.70
C THR M 105 -34.67 8.05 -53.41
N SER M 106 -33.77 7.82 -54.36
CA SER M 106 -33.12 8.92 -55.07
C SER M 106 -34.06 9.49 -56.12
N ALA M 107 -33.71 10.66 -56.64
CA ALA M 107 -34.57 11.36 -57.57
C ALA M 107 -33.70 12.13 -58.56
N VAL M 108 -34.31 12.51 -59.69
CA VAL M 108 -33.66 13.33 -60.71
C VAL M 108 -34.57 14.50 -61.04
N VAL M 109 -34.13 15.32 -61.99
CA VAL M 109 -34.83 16.53 -62.36
C VAL M 109 -34.77 16.70 -63.88
N ARG M 110 -35.81 17.31 -64.46
CA ARG M 110 -35.86 17.66 -65.87
C ARG M 110 -36.59 19.00 -65.97
N GLY M 111 -35.83 20.09 -65.96
CA GLY M 111 -36.41 21.42 -66.02
C GLY M 111 -37.10 21.81 -64.72
N ALA M 112 -38.43 21.82 -64.74
CA ALA M 112 -39.26 22.19 -63.59
C ALA M 112 -40.03 21.01 -63.03
N GLU M 113 -39.54 19.79 -63.28
CA GLU M 113 -40.22 18.60 -62.78
C GLU M 113 -39.19 17.64 -62.20
N VAL M 114 -39.30 17.42 -60.89
CA VAL M 114 -38.37 16.57 -60.16
C VAL M 114 -38.86 15.13 -60.25
N PHE M 115 -38.22 14.33 -61.09
CA PHE M 115 -38.65 12.95 -61.29
C PHE M 115 -38.03 12.03 -60.24
N PRO M 116 -38.77 11.03 -59.78
CA PRO M 116 -38.14 9.96 -58.99
C PRO M 116 -37.22 9.13 -59.86
N ARG M 117 -36.04 8.84 -59.32
CA ARG M 117 -35.09 8.00 -60.03
C ARG M 117 -35.54 6.54 -60.07
N SER M 118 -36.25 6.09 -59.03
CA SER M 118 -36.68 4.70 -58.96
C SER M 118 -37.79 4.37 -59.95
N LEU M 119 -38.56 5.38 -60.38
CA LEU M 119 -39.63 5.18 -61.34
C LEU M 119 -39.17 5.35 -62.78
N LEU M 120 -37.86 5.42 -63.01
CA LEU M 120 -37.32 5.59 -64.36
C LEU M 120 -37.21 4.24 -65.05
N ARG M 121 -37.67 4.18 -66.30
CA ARG M 121 -37.56 2.96 -67.09
C ARG M 121 -36.19 2.86 -67.74
N THR M 122 -35.62 1.65 -67.73
CA THR M 122 -34.31 1.42 -68.31
C THR M 122 -34.23 0.17 -69.18
N HIS M 123 -35.27 -0.67 -69.20
CA HIS M 123 -35.25 -1.89 -70.00
C HIS M 123 -35.87 -1.67 -71.38
N SER M 124 -37.13 -1.25 -71.42
CA SER M 124 -37.82 -1.02 -72.68
C SER M 124 -38.74 0.18 -72.53
N ILE M 125 -38.70 1.07 -73.51
CA ILE M 125 -39.50 2.29 -73.48
C ILE M 125 -40.77 2.04 -74.29
N PRO M 126 -41.95 2.16 -73.68
CA PRO M 126 -43.20 2.06 -74.46
C PRO M 126 -43.51 3.37 -75.17
N CYS M 127 -44.38 3.27 -76.15
CA CYS M 127 -44.74 4.42 -76.99
C CYS M 127 -46.14 4.22 -77.53
N CYS M 128 -46.61 5.20 -78.29
CA CYS M 128 -47.91 5.09 -78.95
C CYS M 128 -47.76 5.34 -80.44
N PRO M 129 -48.37 4.52 -81.29
CA PRO M 129 -48.32 4.78 -82.75
C PRO M 129 -49.32 5.84 -83.20
N LEU M 130 -50.08 6.46 -82.28
CA LEU M 130 -51.03 7.48 -82.68
C LEU M 130 -50.45 8.88 -82.52
N CYS M 131 -49.80 9.15 -81.39
CA CYS M 131 -49.25 10.48 -81.15
C CYS M 131 -48.02 10.75 -82.01
N LEU M 132 -47.29 9.69 -82.39
CA LEU M 132 -46.13 9.85 -83.26
C LEU M 132 -46.51 10.15 -84.70
N ARG M 133 -47.78 9.99 -85.06
CA ARG M 133 -48.27 10.32 -86.39
C ARG M 133 -49.17 11.55 -86.42
N GLU M 134 -49.73 11.95 -85.27
CA GLU M 134 -50.56 13.14 -85.18
C GLU M 134 -49.79 14.35 -84.67
N ASN M 135 -49.10 14.21 -83.53
CA ASN M 135 -48.28 15.31 -83.03
C ASN M 135 -46.96 15.40 -83.78
N GLY M 136 -46.47 14.29 -84.31
CA GLY M 136 -45.22 14.26 -85.05
C GLY M 136 -43.98 14.11 -84.20
N TYR M 137 -44.13 13.92 -82.89
CA TYR M 137 -42.99 13.79 -81.99
C TYR M 137 -43.39 12.85 -80.86
N ALA M 138 -42.45 12.61 -79.95
CA ALA M 138 -42.65 11.69 -78.84
C ALA M 138 -42.77 12.46 -77.53
N SER M 139 -43.58 11.93 -76.63
CA SER M 139 -43.79 12.53 -75.31
C SER M 139 -42.64 12.17 -74.38
N TYR M 140 -42.37 13.08 -73.43
CA TYR M 140 -41.35 12.83 -72.42
C TYR M 140 -41.85 11.90 -71.32
N LEU M 141 -43.17 11.71 -71.22
CA LEU M 141 -43.78 10.86 -70.22
C LEU M 141 -43.67 9.37 -70.55
N TRP M 142 -43.13 9.02 -71.74
CA TRP M 142 -43.00 7.64 -72.15
C TRP M 142 -41.81 6.93 -71.53
N HIS M 143 -40.93 7.65 -70.82
CA HIS M 143 -39.73 7.07 -70.23
C HIS M 143 -39.88 6.69 -68.77
N PHE M 144 -41.09 6.74 -68.22
CA PHE M 144 -41.30 6.56 -66.78
C PHE M 144 -42.45 5.60 -66.52
N GLN M 145 -42.35 4.87 -65.41
CA GLN M 145 -43.44 4.03 -64.96
C GLN M 145 -44.54 4.88 -64.33
N GLY M 146 -45.78 4.46 -64.52
CA GLY M 146 -46.91 5.20 -64.00
C GLY M 146 -47.78 5.79 -65.10
N TYR M 147 -47.14 6.27 -66.17
CA TYR M 147 -47.84 6.75 -67.35
C TYR M 147 -48.09 5.55 -68.24
N GLU M 148 -48.98 4.66 -67.79
CA GLU M 148 -49.27 3.41 -68.47
C GLU M 148 -50.23 3.58 -69.64
N TYR M 149 -51.13 4.55 -69.56
CA TYR M 149 -52.07 4.80 -70.63
C TYR M 149 -51.74 6.12 -71.33
N CYS M 150 -52.09 6.19 -72.61
CA CYS M 150 -52.06 7.45 -73.31
C CYS M 150 -53.16 8.35 -72.78
N HIS M 151 -52.81 9.60 -72.46
CA HIS M 151 -53.57 10.44 -71.54
C HIS M 151 -54.88 10.98 -72.13
N SER M 152 -54.91 11.37 -73.39
CA SER M 152 -56.13 11.91 -74.00
C SER M 152 -56.77 10.99 -75.02
N HIS M 153 -56.57 9.67 -74.93
CA HIS M 153 -57.03 8.73 -75.94
C HIS M 153 -57.69 7.49 -75.37
N ASN M 154 -57.55 7.24 -74.06
CA ASN M 154 -58.04 6.05 -73.37
C ASN M 154 -57.51 4.76 -74.00
N VAL M 155 -56.21 4.75 -74.26
CA VAL M 155 -55.52 3.58 -74.83
C VAL M 155 -54.19 3.46 -74.08
N PRO M 156 -53.67 2.24 -73.85
CA PRO M 156 -52.31 2.13 -73.32
C PRO M 156 -51.25 2.36 -74.38
N LEU M 157 -50.00 2.34 -73.93
CA LEU M 157 -48.85 2.37 -74.83
C LEU M 157 -48.55 0.97 -75.33
N ILE M 158 -47.71 0.88 -76.37
CA ILE M 158 -47.36 -0.40 -76.98
C ILE M 158 -46.00 -0.83 -76.47
N THR M 159 -45.79 -2.14 -76.43
CA THR M 159 -44.50 -2.72 -76.05
C THR M 159 -43.98 -3.76 -77.02
N THR M 160 -44.85 -4.42 -77.78
CA THR M 160 -44.44 -5.49 -78.68
C THR M 160 -45.37 -5.48 -79.89
N CYS M 161 -44.79 -5.52 -81.09
CA CYS M 161 -45.58 -5.51 -82.31
C CYS M 161 -46.19 -6.88 -82.56
N SER M 162 -46.89 -7.00 -83.69
CA SER M 162 -47.70 -8.19 -83.95
C SER M 162 -46.86 -9.40 -84.35
N CYS M 163 -45.63 -9.19 -84.79
CA CYS M 163 -44.76 -10.30 -85.15
C CYS M 163 -43.73 -10.62 -84.07
N GLY M 164 -44.09 -10.45 -82.80
CA GLY M 164 -43.25 -10.85 -81.68
C GLY M 164 -42.14 -9.89 -81.33
N LYS M 165 -41.87 -8.88 -82.16
CA LYS M 165 -40.77 -7.96 -81.92
C LYS M 165 -41.28 -6.70 -81.26
N GLU M 166 -40.42 -6.09 -80.44
CA GLU M 166 -40.73 -4.83 -79.81
C GLU M 166 -40.46 -3.68 -80.77
N PHE M 167 -41.04 -2.52 -80.44
CA PHE M 167 -40.74 -1.27 -81.14
C PHE M 167 -40.23 -0.26 -80.13
N ASP M 168 -39.05 0.28 -80.38
CA ASP M 168 -38.50 1.41 -79.64
C ASP M 168 -38.31 2.55 -80.63
N TYR M 169 -38.91 3.70 -80.34
CA TYR M 169 -38.85 4.82 -81.27
C TYR M 169 -37.47 5.47 -81.33
N ARG M 170 -36.60 5.21 -80.33
CA ARG M 170 -35.28 5.83 -80.33
C ARG M 170 -34.36 5.21 -81.38
N VAL M 171 -34.56 3.93 -81.70
CA VAL M 171 -33.68 3.23 -82.63
C VAL M 171 -34.33 2.93 -83.97
N SER M 172 -35.63 3.19 -84.13
CA SER M 172 -36.33 2.87 -85.37
C SER M 172 -37.22 4.01 -85.86
N GLY M 173 -36.89 5.25 -85.51
CA GLY M 173 -37.60 6.40 -86.05
C GLY M 173 -38.82 6.80 -85.25
N LEU M 174 -39.35 7.97 -85.60
CA LEU M 174 -40.51 8.54 -84.92
C LEU M 174 -41.81 8.38 -85.68
N LYS M 175 -41.84 7.52 -86.71
CA LYS M 175 -43.08 7.29 -87.44
C LYS M 175 -43.94 6.25 -86.74
N GLY M 176 -43.34 5.14 -86.32
CA GLY M 176 -44.07 4.00 -85.83
C GLY M 176 -44.00 2.77 -86.71
N ILE M 177 -42.89 2.54 -87.40
CA ILE M 177 -42.71 1.39 -88.28
C ILE M 177 -41.76 0.42 -87.59
N CYS M 178 -42.26 -0.78 -87.27
CA CYS M 178 -41.49 -1.74 -86.50
C CYS M 178 -40.36 -2.34 -87.34
N CYS M 179 -39.49 -3.08 -86.65
CA CYS M 179 -38.23 -3.55 -87.23
C CYS M 179 -38.40 -4.74 -88.16
N LYS M 180 -39.14 -5.77 -87.74
CA LYS M 180 -39.15 -7.02 -88.48
C LYS M 180 -40.10 -6.96 -89.67
N CYS M 181 -41.40 -6.78 -89.42
CA CYS M 181 -42.40 -6.88 -90.47
C CYS M 181 -42.69 -5.54 -91.15
N LYS M 182 -41.96 -4.48 -90.79
CA LYS M 182 -42.05 -3.09 -91.27
C LYS M 182 -43.47 -2.56 -91.42
N GLU M 183 -44.34 -2.89 -90.47
CA GLU M 183 -45.73 -2.45 -90.45
C GLU M 183 -45.98 -1.53 -89.27
N PRO M 184 -46.98 -0.64 -89.38
CA PRO M 184 -47.45 0.06 -88.18
C PRO M 184 -48.03 -0.91 -87.17
N ILE M 185 -47.91 -0.57 -85.89
CA ILE M 185 -48.20 -1.52 -84.83
C ILE M 185 -49.68 -1.47 -84.51
N THR M 186 -50.32 -2.64 -84.53
CA THR M 186 -51.72 -2.75 -84.12
C THR M 186 -51.84 -2.57 -82.60
N LEU M 187 -52.81 -1.77 -82.17
CA LEU M 187 -53.05 -1.54 -80.75
C LEU M 187 -53.54 -2.82 -80.07
N THR M 188 -53.29 -2.89 -78.76
CA THR M 188 -53.68 -4.04 -77.96
C THR M 188 -55.00 -3.79 -77.25
N GLY M 193 -60.18 -0.40 -72.67
CA GLY M 193 -60.50 0.96 -72.28
C GLY M 193 -61.04 1.05 -70.86
N HIS M 194 -60.15 1.33 -69.91
CA HIS M 194 -60.50 1.44 -68.51
C HIS M 194 -60.62 2.91 -68.12
N GLU M 195 -60.80 3.16 -66.82
CA GLU M 195 -60.84 4.47 -66.21
C GLU M 195 -59.89 4.58 -65.02
N ALA M 196 -59.56 3.43 -64.40
CA ALA M 196 -58.75 3.40 -63.19
C ALA M 196 -57.35 3.93 -63.41
N ALA M 197 -56.80 3.77 -64.62
CA ALA M 197 -55.52 4.39 -64.93
C ALA M 197 -55.66 5.56 -65.90
N CYS M 198 -56.80 5.69 -66.59
CA CYS M 198 -57.06 6.91 -67.35
C CYS M 198 -57.25 8.11 -66.44
N THR M 199 -57.72 7.89 -65.21
CA THR M 199 -57.66 8.95 -64.20
C THR M 199 -56.21 9.22 -63.80
N VAL M 200 -55.40 8.17 -63.72
CA VAL M 200 -54.01 8.31 -63.32
C VAL M 200 -53.19 8.93 -64.44
N SER M 201 -53.37 8.48 -65.69
CA SER M 201 -52.58 8.98 -66.81
C SER M 201 -52.95 10.42 -67.14
N ASN M 202 -54.18 10.83 -66.85
CA ASN M 202 -54.53 12.24 -66.92
C ASN M 202 -53.88 13.03 -65.79
N TRP M 203 -53.75 12.43 -64.62
CA TRP M 203 -53.19 13.13 -63.46
C TRP M 203 -51.67 13.14 -63.48
N LEU M 204 -51.05 12.04 -63.92
CA LEU M 204 -49.60 12.02 -64.07
C LEU M 204 -49.12 12.74 -65.33
N ALA M 205 -50.04 13.18 -66.19
CA ALA M 205 -49.64 14.06 -67.26
C ALA M 205 -49.36 15.47 -66.76
N GLY M 206 -49.86 15.81 -65.57
CA GLY M 206 -49.80 17.17 -65.06
C GLY M 206 -51.13 17.88 -65.12
N HIS M 207 -52.22 17.15 -65.37
CA HIS M 207 -53.52 17.75 -65.59
C HIS M 207 -54.51 17.37 -64.50
N GLU M 208 -55.71 17.95 -64.59
CA GLU M 208 -56.71 17.83 -63.52
C GLU M 208 -57.59 16.62 -63.75
N SER M 209 -57.79 15.84 -62.69
CA SER M 209 -58.81 14.79 -62.64
C SER M 209 -59.28 14.70 -61.19
N LYS M 210 -60.57 14.70 -61.01
CA LYS M 210 -61.19 14.72 -59.69
C LYS M 210 -61.38 13.30 -59.18
N PRO M 211 -61.24 13.06 -57.86
CA PRO M 211 -60.94 14.01 -56.78
C PRO M 211 -59.46 14.26 -56.52
N LEU M 212 -58.60 13.93 -57.47
CA LEU M 212 -57.16 13.99 -57.24
C LEU M 212 -56.66 15.42 -57.32
N PRO M 213 -55.77 15.83 -56.41
CA PRO M 213 -55.61 17.27 -56.12
C PRO M 213 -54.82 18.01 -57.18
N ASN M 214 -54.86 19.34 -57.06
CA ASN M 214 -54.11 20.24 -57.92
C ASN M 214 -52.73 20.46 -57.31
N LEU M 215 -51.70 19.92 -57.95
CA LEU M 215 -50.34 19.94 -57.45
C LEU M 215 -49.40 20.26 -58.61
N PRO M 216 -48.14 20.62 -58.33
CA PRO M 216 -47.15 20.73 -59.40
C PRO M 216 -46.81 19.37 -60.00
N LYS M 217 -46.05 19.43 -61.10
CA LYS M 217 -45.63 18.23 -61.82
C LYS M 217 -44.74 17.33 -60.99
N SER M 218 -43.88 17.90 -60.13
CA SER M 218 -43.05 17.09 -59.26
C SER M 218 -43.87 16.42 -58.17
N TYR M 219 -44.80 17.15 -57.58
CA TYR M 219 -45.52 16.66 -56.41
C TYR M 219 -46.64 15.70 -56.76
N ARG M 220 -46.90 15.46 -58.05
CA ARG M 220 -47.81 14.38 -58.39
C ARG M 220 -47.06 13.07 -58.56
N TRP M 221 -45.79 13.12 -58.95
CA TRP M 221 -44.94 11.94 -58.90
C TRP M 221 -44.64 11.52 -57.48
N GLY M 222 -44.69 12.45 -56.52
CA GLY M 222 -44.38 12.11 -55.14
C GLY M 222 -45.41 11.19 -54.51
N LEU M 223 -46.67 11.29 -54.93
CA LEU M 223 -47.70 10.40 -54.42
C LEU M 223 -47.51 8.97 -54.92
N VAL M 224 -46.82 8.80 -56.05
CA VAL M 224 -46.80 7.49 -56.70
C VAL M 224 -45.81 6.56 -56.00
N HIS M 225 -44.62 7.07 -55.64
CA HIS M 225 -43.67 6.24 -54.91
C HIS M 225 -44.13 5.97 -53.49
N TRP M 226 -44.91 6.89 -52.92
CA TRP M 226 -45.47 6.69 -51.59
C TRP M 226 -46.54 5.61 -51.60
N TRP M 227 -47.45 5.65 -52.58
CA TRP M 227 -48.60 4.75 -52.58
C TRP M 227 -48.19 3.32 -52.90
N MET M 228 -47.05 3.12 -53.55
CA MET M 228 -46.54 1.77 -53.77
C MET M 228 -46.03 1.13 -52.48
N GLY M 229 -45.54 1.92 -51.53
CA GLY M 229 -45.16 1.38 -50.25
C GLY M 229 -46.35 1.08 -49.37
N ILE M 230 -47.52 1.62 -49.70
CA ILE M 230 -48.72 1.37 -48.91
C ILE M 230 -49.22 -0.05 -49.12
N LYS M 231 -49.35 -0.46 -50.38
CA LYS M 231 -49.69 -1.84 -50.70
C LYS M 231 -48.55 -2.83 -50.42
N ASP M 232 -47.30 -2.32 -50.32
CA ASP M 232 -46.08 -3.13 -50.34
C ASP M 232 -46.06 -4.02 -51.58
N SER M 233 -46.32 -3.41 -52.73
CA SER M 233 -46.31 -4.09 -54.02
C SER M 233 -46.05 -3.04 -55.09
N GLU M 234 -46.33 -3.41 -56.33
CA GLU M 234 -46.37 -2.42 -57.41
C GLU M 234 -47.62 -1.55 -57.28
N PHE M 235 -47.68 -0.52 -58.12
CA PHE M 235 -48.72 0.50 -58.00
C PHE M 235 -50.07 -0.08 -58.39
N ASP M 236 -51.08 0.20 -57.58
CA ASP M 236 -52.45 -0.19 -57.86
C ASP M 236 -53.25 1.08 -58.12
N HIS M 237 -53.90 1.14 -59.29
CA HIS M 237 -54.48 2.39 -59.77
C HIS M 237 -55.91 2.62 -59.31
N PHE M 238 -56.73 1.58 -59.21
CA PHE M 238 -58.12 1.81 -58.81
C PHE M 238 -58.21 2.08 -57.32
N SER M 239 -57.35 1.45 -56.53
CA SER M 239 -57.30 1.78 -55.11
C SER M 239 -56.62 3.12 -54.85
N PHE M 240 -55.94 3.68 -55.84
CA PHE M 240 -55.47 5.06 -55.73
C PHE M 240 -56.64 6.04 -55.83
N VAL M 241 -57.59 5.74 -56.70
CA VAL M 241 -58.74 6.62 -56.92
C VAL M 241 -59.65 6.62 -55.69
N GLN M 242 -59.97 5.43 -55.16
CA GLN M 242 -60.91 5.32 -54.05
C GLN M 242 -60.31 5.84 -52.75
N PHE M 243 -58.97 5.87 -52.66
CA PHE M 243 -58.31 6.32 -51.45
C PHE M 243 -58.46 7.83 -51.24
N PHE M 244 -58.52 8.59 -52.33
CA PHE M 244 -58.61 10.05 -52.21
C PHE M 244 -60.02 10.57 -52.42
N SER M 245 -61.01 9.68 -52.55
CA SER M 245 -62.39 10.12 -52.37
C SER M 245 -62.70 10.33 -50.90
N ASN M 246 -61.94 9.70 -50.02
CA ASN M 246 -62.01 9.92 -48.57
C ASN M 246 -60.77 10.65 -48.06
N TRP M 247 -60.25 11.61 -48.83
CA TRP M 247 -59.14 12.40 -48.32
C TRP M 247 -59.67 13.57 -47.49
N PRO M 248 -59.12 13.81 -46.29
CA PRO M 248 -58.01 13.09 -45.65
C PRO M 248 -58.45 11.96 -44.74
N ARG M 249 -59.75 11.66 -44.69
CA ARG M 249 -60.22 10.71 -43.69
C ARG M 249 -60.01 9.26 -44.08
N SER M 250 -59.41 8.98 -45.24
CA SER M 250 -58.83 7.67 -45.48
C SER M 250 -57.40 7.63 -44.98
N PHE M 251 -56.72 8.77 -44.97
CA PHE M 251 -55.43 8.85 -44.30
C PHE M 251 -55.60 8.95 -42.80
N HIS M 252 -56.68 9.60 -42.34
CA HIS M 252 -57.07 9.49 -40.95
C HIS M 252 -57.49 8.07 -40.60
N SER M 253 -57.98 7.32 -41.58
CA SER M 253 -58.28 5.91 -41.37
C SER M 253 -57.00 5.09 -41.23
N ILE M 254 -55.88 5.59 -41.72
CA ILE M 254 -54.63 4.84 -41.66
C ILE M 254 -53.93 5.04 -40.33
N ILE M 255 -53.82 6.28 -39.86
CA ILE M 255 -53.01 6.57 -38.67
C ILE M 255 -53.67 6.00 -37.42
N GLU M 256 -55.00 5.89 -37.43
CA GLU M 256 -55.70 5.19 -36.37
C GLU M 256 -55.31 3.72 -36.33
N ASP M 257 -55.11 3.11 -37.50
CA ASP M 257 -54.66 1.72 -37.55
C ASP M 257 -53.22 1.56 -37.08
N GLU M 258 -52.39 2.60 -37.26
CA GLU M 258 -50.95 2.41 -37.08
C GLU M 258 -50.51 2.68 -35.66
N VAL M 259 -51.16 3.61 -34.96
CA VAL M 259 -50.79 3.79 -33.56
C VAL M 259 -51.45 2.72 -32.70
N GLU M 260 -52.65 2.24 -33.07
CA GLU M 260 -53.34 1.28 -32.24
C GLU M 260 -52.77 -0.11 -32.40
N PHE M 261 -51.96 -0.35 -33.43
CA PHE M 261 -51.34 -1.65 -33.59
C PHE M 261 -50.06 -1.75 -32.76
N ASN M 262 -49.16 -0.77 -32.88
CA ASN M 262 -47.85 -0.90 -32.26
C ASN M 262 -47.90 -0.62 -30.77
N LEU M 263 -49.03 -0.12 -30.26
CA LEU M 263 -49.20 -0.09 -28.81
C LEU M 263 -49.53 -1.47 -28.28
N GLU M 264 -50.36 -2.23 -29.02
CA GLU M 264 -50.59 -3.63 -28.70
C GLU M 264 -49.30 -4.43 -28.80
N HIS M 265 -48.61 -4.28 -29.92
CA HIS M 265 -47.40 -5.03 -30.21
C HIS M 265 -46.14 -4.30 -29.77
N ALA M 266 -46.27 -3.44 -28.75
CA ALA M 266 -45.10 -2.89 -28.10
C ALA M 266 -44.38 -3.98 -27.34
N VAL M 267 -43.05 -4.02 -27.49
CA VAL M 267 -42.22 -4.98 -26.78
C VAL M 267 -41.69 -4.40 -25.48
N VAL M 268 -41.54 -3.08 -25.41
CA VAL M 268 -41.08 -2.36 -24.23
C VAL M 268 -42.28 -1.67 -23.59
N SER M 269 -42.04 -1.11 -22.41
CA SER M 269 -43.10 -0.41 -21.69
C SER M 269 -43.48 0.90 -22.39
N THR M 270 -44.61 1.47 -21.95
CA THR M 270 -45.18 2.63 -22.63
C THR M 270 -44.42 3.92 -22.34
N SER M 271 -43.51 3.90 -21.39
CA SER M 271 -42.59 5.01 -21.20
C SER M 271 -41.28 4.82 -21.95
N GLU M 272 -40.91 3.58 -22.24
CA GLU M 272 -39.71 3.28 -23.01
C GLU M 272 -39.97 3.19 -24.51
N LEU M 273 -41.16 3.59 -24.95
CA LEU M 273 -41.45 3.60 -26.37
C LEU M 273 -40.67 4.68 -27.09
N ARG M 274 -40.42 4.46 -28.37
CA ARG M 274 -39.63 5.32 -29.23
C ARG M 274 -40.47 5.78 -30.41
N LEU M 275 -40.04 6.86 -31.07
CA LEU M 275 -40.82 7.37 -32.19
C LEU M 275 -40.72 6.45 -33.40
N LYS M 276 -39.53 5.91 -33.67
CA LYS M 276 -39.34 4.92 -34.72
C LYS M 276 -40.05 3.58 -34.45
N ASP M 277 -40.48 3.32 -33.22
CA ASP M 277 -41.12 2.06 -32.88
C ASP M 277 -42.64 2.13 -32.91
N LEU M 278 -43.22 3.29 -32.68
CA LEU M 278 -44.66 3.46 -32.85
C LEU M 278 -45.01 3.96 -34.25
N LEU M 279 -44.33 4.98 -34.74
CA LEU M 279 -44.62 5.55 -36.06
C LEU M 279 -43.35 5.71 -36.88
N GLY M 280 -42.54 4.66 -36.96
CA GLY M 280 -41.36 4.70 -37.81
C GLY M 280 -41.64 4.53 -39.28
N ARG M 281 -42.84 4.05 -39.64
CA ARG M 281 -43.20 3.85 -41.03
C ARG M 281 -43.88 5.06 -41.63
N LEU M 282 -44.79 5.69 -40.88
CA LEU M 282 -45.55 6.81 -41.42
C LEU M 282 -44.75 8.10 -41.42
N PHE M 283 -44.12 8.42 -40.28
CA PHE M 283 -43.42 9.70 -40.14
C PHE M 283 -42.14 9.75 -40.96
N PHE M 284 -41.43 8.62 -41.04
CA PHE M 284 -40.19 8.57 -41.81
C PHE M 284 -40.42 8.23 -43.28
N GLY M 285 -41.67 8.21 -43.74
CA GLY M 285 -41.94 7.90 -45.13
C GLY M 285 -42.55 9.06 -45.91
N SER M 286 -42.55 10.25 -45.32
CA SER M 286 -43.21 11.39 -45.95
C SER M 286 -42.48 12.71 -45.77
N ILE M 287 -41.21 12.68 -45.36
CA ILE M 287 -40.51 13.92 -44.98
C ILE M 287 -40.21 14.77 -46.21
N ARG M 288 -39.40 14.25 -47.12
CA ARG M 288 -38.98 15.00 -48.30
C ARG M 288 -39.55 14.31 -49.54
N LEU M 289 -40.66 14.85 -50.05
CA LEU M 289 -41.29 14.33 -51.27
C LEU M 289 -41.64 15.48 -52.21
N PRO M 290 -40.64 16.06 -52.90
CA PRO M 290 -39.19 15.91 -52.81
C PRO M 290 -38.58 16.75 -51.70
N GLU M 291 -39.33 17.71 -51.18
CA GLU M 291 -38.86 18.60 -50.14
C GLU M 291 -39.86 18.57 -48.99
N ARG M 292 -39.63 19.44 -48.02
CA ARG M 292 -40.50 19.56 -46.85
C ARG M 292 -41.58 20.62 -47.03
N ASN M 293 -41.87 21.01 -48.26
CA ASN M 293 -42.90 22.01 -48.53
C ASN M 293 -44.25 21.40 -48.24
N LEU M 294 -44.79 21.68 -47.05
CA LEU M 294 -46.07 21.10 -46.65
C LEU M 294 -47.24 21.71 -47.41
N GLN M 295 -47.03 22.83 -48.12
CA GLN M 295 -48.07 23.37 -48.98
C GLN M 295 -48.33 22.48 -50.19
N HIS M 296 -47.33 21.70 -50.60
CA HIS M 296 -47.54 20.73 -51.67
C HIS M 296 -47.37 19.28 -51.23
N ASN M 297 -46.42 18.98 -50.35
CA ASN M 297 -46.35 17.68 -49.67
C ASN M 297 -47.48 17.65 -48.66
N ILE M 298 -48.68 17.26 -49.12
CA ILE M 298 -49.84 17.21 -48.24
C ILE M 298 -49.84 15.99 -47.33
N ILE M 299 -48.91 15.06 -47.52
CA ILE M 299 -48.90 13.85 -46.70
C ILE M 299 -48.39 14.15 -45.30
N LEU M 300 -47.19 14.73 -45.21
CA LEU M 300 -46.66 15.12 -43.92
C LEU M 300 -47.42 16.31 -43.33
N GLY M 301 -47.90 17.21 -44.20
CA GLY M 301 -48.62 18.38 -43.72
C GLY M 301 -49.95 18.05 -43.10
N GLU M 302 -50.53 16.91 -43.46
CA GLU M 302 -51.72 16.41 -42.78
C GLU M 302 -51.36 15.56 -41.56
N LEU M 303 -50.23 14.86 -41.68
CA LEU M 303 -49.69 13.97 -40.62
C LEU M 303 -49.38 14.82 -39.39
N LEU M 304 -48.86 16.03 -39.61
CA LEU M 304 -48.55 16.96 -38.48
C LEU M 304 -49.85 17.29 -37.74
N CYS M 305 -50.95 17.51 -38.48
CA CYS M 305 -52.25 17.84 -37.84
C CYS M 305 -52.68 16.67 -36.94
N TYR M 306 -52.56 15.43 -37.43
CA TYR M 306 -52.90 14.24 -36.59
C TYR M 306 -51.65 13.75 -35.84
N LEU M 307 -51.10 14.63 -34.99
CA LEU M 307 -49.90 14.39 -34.16
C LEU M 307 -49.90 15.55 -33.16
N GLU M 308 -50.10 16.78 -33.65
CA GLU M 308 -50.14 17.98 -32.79
C GLU M 308 -51.39 17.99 -31.88
N ASN M 309 -52.55 17.64 -32.44
CA ASN M 309 -53.86 17.68 -31.75
C ASN M 309 -53.95 16.68 -30.58
N ARG M 310 -53.43 15.46 -30.77
CA ARG M 310 -53.55 14.38 -29.75
C ARG M 310 -52.30 14.33 -28.86
N LEU M 311 -51.41 15.31 -28.96
CA LEU M 311 -50.16 15.24 -28.21
C LEU M 311 -50.41 14.88 -26.75
N TRP M 312 -51.11 15.74 -26.01
CA TRP M 312 -51.24 15.54 -24.58
C TRP M 312 -52.53 14.81 -24.21
N GLN M 313 -53.23 14.27 -25.19
CA GLN M 313 -54.22 13.25 -24.88
C GLN M 313 -53.50 11.96 -24.52
N ASP M 314 -54.18 11.16 -23.69
CA ASP M 314 -53.69 9.87 -23.20
C ASP M 314 -52.36 10.02 -22.47
N LYS M 315 -52.35 10.92 -21.47
CA LYS M 315 -51.24 11.13 -20.53
C LYS M 315 -49.98 11.60 -21.24
N GLY M 316 -50.15 12.25 -22.39
CA GLY M 316 -49.03 12.70 -23.21
C GLY M 316 -48.24 11.56 -23.80
N LEU M 317 -48.93 10.59 -24.40
CA LEU M 317 -48.26 9.42 -24.95
C LEU M 317 -47.44 9.76 -26.19
N ILE M 318 -48.05 10.49 -27.13
CA ILE M 318 -47.36 10.85 -28.37
C ILE M 318 -46.31 11.91 -28.09
N ALA M 319 -46.58 12.81 -27.16
CA ALA M 319 -45.65 13.89 -26.85
C ALA M 319 -44.46 13.45 -26.00
N ASN M 320 -44.39 12.17 -25.60
CA ASN M 320 -43.28 11.68 -24.79
C ASN M 320 -42.50 10.57 -25.46
N LEU M 321 -42.57 10.43 -26.77
CA LEU M 321 -41.86 9.37 -27.47
C LEU M 321 -40.37 9.71 -27.52
N LYS M 322 -39.53 8.74 -27.16
CA LYS M 322 -38.09 8.94 -27.16
C LYS M 322 -37.56 9.13 -28.57
N MET M 323 -36.53 9.94 -28.71
CA MET M 323 -35.88 10.20 -29.99
C MET M 323 -34.38 10.31 -29.78
N ASN M 324 -33.63 10.07 -30.85
CA ASN M 324 -32.17 10.21 -30.81
C ASN M 324 -31.78 11.66 -31.03
N ALA M 325 -30.48 11.92 -31.05
CA ALA M 325 -29.97 13.12 -31.69
C ALA M 325 -29.95 12.98 -33.20
N LEU M 326 -30.05 11.76 -33.71
CA LEU M 326 -30.13 11.51 -35.15
C LEU M 326 -31.44 12.01 -35.71
N GLU M 327 -32.55 11.41 -35.28
CA GLU M 327 -33.87 11.72 -35.80
C GLU M 327 -34.42 13.04 -35.30
N ALA M 328 -33.74 13.69 -34.36
CA ALA M 328 -34.02 15.09 -34.08
C ALA M 328 -33.62 15.97 -35.24
N THR M 329 -32.54 15.63 -35.93
CA THR M 329 -32.10 16.41 -37.08
C THR M 329 -32.95 16.18 -38.31
N VAL M 330 -33.62 15.02 -38.40
CA VAL M 330 -34.47 14.73 -39.55
C VAL M 330 -35.73 15.58 -39.49
N MET M 331 -36.28 15.76 -38.30
CA MET M 331 -37.54 16.50 -38.15
C MET M 331 -37.33 18.01 -38.24
N LEU M 332 -36.25 18.51 -37.64
CA LEU M 332 -36.00 19.96 -37.62
C LEU M 332 -35.46 20.49 -38.94
N ASN M 333 -35.01 19.61 -39.84
CA ASN M 333 -34.23 19.95 -41.04
C ASN M 333 -32.98 20.75 -40.64
N CYS M 334 -32.12 20.11 -39.87
CA CYS M 334 -30.87 20.70 -39.41
C CYS M 334 -29.78 19.64 -39.46
N SER M 335 -28.64 19.94 -38.85
CA SER M 335 -27.52 19.02 -38.75
C SER M 335 -27.30 18.63 -37.29
N LEU M 336 -26.40 17.67 -37.08
CA LEU M 336 -26.04 17.23 -35.74
C LEU M 336 -25.31 18.30 -34.95
N ASP M 337 -24.64 19.24 -35.61
CA ASP M 337 -23.92 20.30 -34.91
C ASP M 337 -24.87 21.29 -34.25
N GLN M 338 -26.05 21.49 -34.83
CA GLN M 338 -27.01 22.41 -34.23
C GLN M 338 -27.74 21.75 -33.06
N ILE M 339 -27.86 20.43 -33.07
CA ILE M 339 -28.28 19.72 -31.87
C ILE M 339 -27.21 19.81 -30.79
N ALA M 340 -25.94 19.60 -31.16
CA ALA M 340 -24.84 19.67 -30.20
C ALA M 340 -24.60 21.09 -29.69
N SER M 341 -25.07 22.11 -30.40
CA SER M 341 -24.99 23.48 -29.89
C SER M 341 -26.11 23.78 -28.91
N MET M 342 -27.26 23.12 -29.05
CA MET M 342 -28.40 23.37 -28.15
C MET M 342 -28.40 22.46 -26.93
N VAL M 343 -27.41 21.59 -26.77
CA VAL M 343 -27.23 20.83 -25.53
C VAL M 343 -26.21 21.51 -24.62
N GLU M 344 -25.26 22.26 -25.18
CA GLU M 344 -24.40 23.13 -24.39
C GLU M 344 -25.20 24.21 -23.70
N GLN M 345 -25.89 25.06 -24.46
CA GLN M 345 -26.57 26.21 -23.89
C GLN M 345 -27.99 25.91 -23.46
N ARG M 346 -28.50 24.73 -23.81
CA ARG M 346 -29.72 24.14 -23.28
C ARG M 346 -30.96 24.99 -23.59
N ILE M 347 -31.04 25.47 -24.82
CA ILE M 347 -32.36 25.75 -25.39
C ILE M 347 -33.12 24.45 -25.51
N LEU M 348 -32.43 23.40 -25.95
CA LEU M 348 -32.99 22.05 -26.05
C LEU M 348 -32.52 21.22 -24.87
N LYS M 349 -33.46 20.83 -24.05
CA LYS M 349 -33.24 20.05 -22.85
C LYS M 349 -32.78 18.65 -23.20
N PRO M 350 -31.67 18.15 -22.63
CA PRO M 350 -31.12 16.82 -22.93
C PRO M 350 -32.05 15.67 -22.51
N LEU M 360 -21.74 13.94 -25.85
CA LEU M 360 -23.06 13.31 -25.81
C LEU M 360 -23.14 12.14 -26.79
N ASP M 361 -23.86 11.09 -26.41
CA ASP M 361 -24.09 9.99 -27.33
C ASP M 361 -25.23 10.34 -28.28
N VAL M 362 -24.94 10.29 -29.58
CA VAL M 362 -25.93 10.66 -30.59
C VAL M 362 -27.03 9.61 -30.68
N THR M 363 -26.67 8.34 -30.54
CA THR M 363 -27.60 7.23 -30.74
C THR M 363 -28.27 6.77 -29.45
N ASP M 364 -28.10 7.51 -28.35
CA ASP M 364 -28.82 7.21 -27.12
C ASP M 364 -30.02 8.13 -27.01
N TYR M 365 -31.18 7.55 -26.70
CA TYR M 365 -32.47 8.23 -26.80
C TYR M 365 -32.61 9.17 -25.61
N LEU M 366 -32.40 10.46 -25.86
CA LEU M 366 -32.34 11.44 -24.80
C LEU M 366 -33.47 12.46 -24.85
N PHE M 367 -34.27 12.47 -25.89
CA PHE M 367 -35.17 13.58 -26.13
C PHE M 367 -36.60 13.06 -26.18
N HIS M 368 -37.56 13.98 -26.16
CA HIS M 368 -38.95 13.62 -26.29
C HIS M 368 -39.56 14.29 -27.52
N PHE M 369 -40.62 13.67 -28.03
CA PHE M 369 -41.19 14.12 -29.30
C PHE M 369 -41.91 15.46 -29.18
N GLY M 370 -42.66 15.68 -28.10
CA GLY M 370 -43.31 16.96 -27.92
C GLY M 370 -42.33 18.08 -27.64
N ASP M 371 -41.13 17.73 -27.19
CA ASP M 371 -40.04 18.69 -27.08
C ASP M 371 -39.48 19.06 -28.44
N ILE M 372 -39.35 18.09 -29.35
CA ILE M 372 -38.84 18.38 -30.68
C ILE M 372 -39.93 19.01 -31.54
N PHE M 373 -41.19 18.63 -31.31
CA PHE M 373 -42.29 19.19 -32.08
C PHE M 373 -42.51 20.67 -31.78
N CYS M 374 -42.42 21.07 -30.51
CA CYS M 374 -42.59 22.48 -30.15
C CYS M 374 -41.34 23.32 -30.44
N LEU M 375 -40.19 22.69 -30.64
CA LEU M 375 -39.00 23.43 -31.04
C LEU M 375 -39.08 23.86 -32.48
N TRP M 376 -39.66 23.01 -33.34
CA TRP M 376 -39.90 23.35 -34.73
C TRP M 376 -40.83 24.54 -34.88
N LEU M 377 -41.81 24.68 -33.99
CA LEU M 377 -42.79 25.73 -34.12
C LEU M 377 -42.32 27.08 -33.60
N ALA M 378 -41.14 27.14 -32.98
CA ALA M 378 -40.66 28.39 -32.41
C ALA M 378 -39.25 28.74 -32.82
N GLU M 379 -38.51 27.79 -33.41
CA GLU M 379 -37.10 28.00 -33.71
C GLU M 379 -36.68 27.50 -35.09
N PHE M 380 -37.49 26.67 -35.76
CA PHE M 380 -37.02 26.03 -36.98
C PHE M 380 -38.07 25.95 -38.08
N GLN M 381 -38.94 26.94 -38.23
CA GLN M 381 -39.85 26.91 -39.37
C GLN M 381 -39.16 27.45 -40.63
N SER M 382 -39.95 27.54 -41.70
CA SER M 382 -39.52 28.20 -42.93
C SER M 382 -40.78 28.70 -43.64
N ASP M 383 -40.58 29.31 -44.81
CA ASP M 383 -41.71 29.81 -45.58
C ASP M 383 -42.50 28.71 -46.30
N GLU M 384 -42.05 27.46 -46.21
CA GLU M 384 -42.73 26.33 -46.79
C GLU M 384 -43.02 25.25 -45.78
N PHE M 385 -42.08 24.98 -44.88
CA PHE M 385 -42.21 23.94 -43.86
C PHE M 385 -42.60 24.61 -42.55
N ASN M 386 -43.87 25.00 -42.46
CA ASN M 386 -44.42 25.63 -41.27
C ASN M 386 -45.85 25.16 -41.06
N ARG M 387 -46.42 25.51 -39.91
CA ARG M 387 -47.74 25.01 -39.56
C ARG M 387 -48.87 25.77 -40.24
N SER M 388 -48.58 26.85 -40.95
CA SER M 388 -49.66 27.73 -41.37
C SER M 388 -50.03 27.59 -42.84
N PHE M 389 -49.90 26.40 -43.43
CA PHE M 389 -50.50 26.15 -44.74
C PHE M 389 -51.66 25.16 -44.68
N TYR M 390 -51.57 24.13 -43.84
CA TYR M 390 -52.60 23.11 -43.75
C TYR M 390 -53.76 23.51 -42.85
N VAL M 391 -53.68 24.67 -42.23
CA VAL M 391 -54.74 25.10 -41.33
C VAL M 391 -55.73 25.97 -42.10
#